data_7EOR
#
_entry.id   7EOR
#
_cell.length_a   1.00
_cell.length_b   1.00
_cell.length_c   1.00
_cell.angle_alpha   90.00
_cell.angle_beta   90.00
_cell.angle_gamma   90.00
#
_symmetry.space_group_name_H-M   'P 1'
#
loop_
_entity.id
_entity.type
_entity.pdbx_description
1 polymer 'Glutamate receptor ionotropic, NMDA 2A'
2 polymer 'Glutamate receptor ionotropic, NMDA 1'
3 non-polymer 2-acetamido-2-deoxy-beta-D-glucopyranose
4 non-polymer 7-[(4-fluoranylphenoxy)methyl]-3-[(1~{R},2~{R})-2-(hydroxymethyl)cyclopropyl]-2-methyl-[1,3]thiazolo[3,2-a]pyrimidin-5-one
#
loop_
_entity_poly.entity_id
_entity_poly.type
_entity_poly.pdbx_seq_one_letter_code
_entity_poly.pdbx_strand_id
1 'polypeptide(L)'
;MGRVGYWTLLVLPALLVWRGPAPSAAAEKGPPALNIAVMLGHSHDVTERELRTLWGPEQAAGLPLDVNVVALLMNRTDPK
SLITHVCDLMSGARIHGLVFGDDTDQEAVAQMLDFISSHTFVPILGIHGGASMIMADKDPTSTFFQFGASIQQQATVMLK
IMQDYDWHVFSLVTTIFPGYREFISFVKTTVDNSFVGWDMQNVITLDTSFEDAKTQVQLKKIHSSVILLYCSKDEAVLIL
SEARSLGLTGYDFFWIVPSLVSGNTELIPKEFPSGLISVSYDDWDYSLEARVRDGIGILTTAASSMLEKFSYIPEAKASC
YGQMERPEVPMHTLHPFMVNVTWDGKDLSFTEEGYQVHPRLVVIVLNKDREWEKVGKWENHTLSLRHAVWPRYKSFSDCE
PDDNHLSIVTLEEAPFVIVEDIDPLTETCVRNTVPCRKFVKINNSTNEGMNVKKCCKGFCIDILKKLSRTVKFTYDLYLV
TNGKHGKKVNNVWNGMIGEVVYQRAVMAVGSLTINEERSEVVDFSVPFVETGISVMVSRSNGTVSPSAFLEPFSASVWVM
MFVMLLIVSAIAVFVFEYFSPVGYNRNLAKGKAPHGPSFTIGKAIWLLWGLVFNNSVPVQNPKGTTSKIMVSVWAFFAVI
FLASYTANLAAFMIQEEFVDQVTGLSDKKFQRPHDYSPPFRFGTVPNGSTERNIRNNYPYMHQYMTKFNQKGVEDALVSL
KTGKLDAFIYDAAVLNYKAGRDEGCKLVTIGSGYIFATTGYGIALQKGSPWKRQIDLALLQFVGDGEMEELETCWLTGIC
HNEKNEVMSSQLDIDNMAGVFYMLAAAMALSLITFIWEHLFYKSRAEAKRMKG
;
A,C
2 'polypeptide(L)'
;MSTMRLLTLALLFSCSVARAACDPKIVNIGAVLSTRKHEQMFREAVNQANKRHGSWKIQLNATSVTHKPNAIQMALSVCE
DLISSQVYAILVSHPPTPNDHFTPTPVSYTAGFYRIPVLGLTTRMSIYSDKSIHLSFLRTVPPYSHQSSVWFEMMRVYSW
NHIILLVSDDHEGRAAQKRLETLLEERESKAEKVLQFDPGTKNVTALLMEAKELEARVIILSASEDDAATVYRAAAMLNM
TGSGYVWLVGEREISGNALRYAPDGILGLQLINGKNESAHISDAVGVVAQAVHELLEKENITDPPRGCVGNTNIWKTGPL
FKRVLMSSKYADGVTGRVEFNEDGDRKFANYSIMNLQNRKLVQVGIYNGTHVIPNDRKIIWPGGETEKPRGYQMSTRLKI
VTIHQEPFVYVKPTLSDGTCKEEFTVNGDPVKKVICTGPNDTSPGSPRHTVPQCCYGFCIDLLIKLARTMNFTYEVHLVA
DGKFGTQERVNNSNKKEWNGMMGELLSGQADMIVAPLTINNERAQYIEFSKPFKYQGLTILVKKEIPRSTLDSFMQPFQS
TLWLLVGLSVHVVAVMLYLLDRFSPFGRFKVNSEEEEEDALTLSSAMWFSWGVLLNSGIGEGAPRSFSARILGMVWAGFA
MIIVASYTANLAAFLVLDRPEERITGINDPRLRNPSDKFIYATVKQSSVDIYFRRQVCLSTMYRHMEKHNYESAAEAIQA
VRDNKLHAFIWDSAVLEFEASQKCDLVTTGELFFRSGFGIGMRKDSPWKQNVSLSILKSHENGFMEDLDKTWVRYQECDS
RSNAPATLTFENMAGVFMLVAGGIVAGIFLIFIEIAYKRHKDARRKQ
;
B,D
#
loop_
_chem_comp.id
_chem_comp.type
_chem_comp.name
_chem_comp.formula
6RM non-polymer 7-[(4-fluoranylphenoxy)methyl]-3-[(1~{R},2~{R})-2-(hydroxymethyl)cyclopropyl]-2-methyl-[1,3]thiazolo[3,2-a]pyrimidin-5-one 'C18 H17 F N2 O3 S'
NAG D-saccharide, beta linking 2-acetamido-2-deoxy-beta-D-glucopyranose 'C8 H15 N O6'
#
# COMPACT_ATOMS: atom_id res chain seq x y z
N LEU A 34 -23.81 -40.56 51.71
CA LEU A 34 -24.21 -41.96 51.85
C LEU A 34 -25.07 -42.41 50.67
N ASN A 35 -26.38 -42.38 50.86
CA ASN A 35 -27.31 -42.79 49.82
C ASN A 35 -27.49 -41.67 48.81
N ILE A 36 -27.32 -41.99 47.53
CA ILE A 36 -27.43 -41.02 46.44
C ILE A 36 -28.53 -41.51 45.50
N ALA A 37 -29.52 -40.66 45.25
CA ALA A 37 -30.62 -40.99 44.38
C ALA A 37 -30.44 -40.34 43.02
N VAL A 38 -30.74 -41.09 41.96
CA VAL A 38 -30.60 -40.63 40.59
C VAL A 38 -31.98 -40.61 39.94
N MET A 39 -32.35 -39.46 39.38
CA MET A 39 -33.64 -39.29 38.71
C MET A 39 -33.40 -39.04 37.22
N LEU A 40 -34.08 -39.81 36.38
CA LEU A 40 -33.94 -39.70 34.94
C LEU A 40 -35.32 -39.72 34.29
N GLY A 41 -35.38 -39.25 33.06
CA GLY A 41 -36.62 -39.25 32.31
C GLY A 41 -36.96 -40.64 31.80
N HIS A 42 -37.98 -40.69 30.95
CA HIS A 42 -38.40 -41.96 30.37
C HIS A 42 -37.28 -42.56 29.53
N SER A 43 -36.93 -43.81 29.85
CA SER A 43 -35.78 -44.47 29.25
C SER A 43 -35.99 -45.98 29.40
N HIS A 44 -34.91 -46.74 29.20
CA HIS A 44 -34.96 -48.19 29.35
C HIS A 44 -35.36 -48.56 30.79
N ASP A 45 -35.61 -49.85 30.99
CA ASP A 45 -36.18 -50.33 32.23
C ASP A 45 -35.30 -49.94 33.43
N VAL A 46 -35.97 -49.67 34.56
CA VAL A 46 -35.30 -49.14 35.74
C VAL A 46 -34.29 -50.13 36.29
N THR A 47 -34.51 -51.44 36.07
CA THR A 47 -33.58 -52.43 36.59
C THR A 47 -32.19 -52.27 35.97
N GLU A 48 -32.13 -52.04 34.65
CA GLU A 48 -30.84 -51.86 33.99
C GLU A 48 -30.13 -50.60 34.50
N ARG A 49 -30.88 -49.52 34.69
CA ARG A 49 -30.27 -48.30 35.19
C ARG A 49 -29.76 -48.48 36.62
N GLU A 50 -30.52 -49.19 37.46
CA GLU A 50 -30.06 -49.48 38.82
C GLU A 50 -28.80 -50.34 38.79
N LEU A 51 -28.75 -51.33 37.90
CA LEU A 51 -27.54 -52.15 37.78
C LEU A 51 -26.35 -51.32 37.33
N ARG A 52 -26.56 -50.41 36.37
CA ARG A 52 -25.48 -49.54 35.91
C ARG A 52 -24.98 -48.65 37.04
N THR A 53 -25.89 -48.09 37.83
CA THR A 53 -25.49 -47.24 38.95
C THR A 53 -24.72 -48.05 40.00
N LEU A 54 -25.18 -49.27 40.28
CA LEU A 54 -24.48 -50.10 41.26
C LEU A 54 -23.12 -50.56 40.77
N TRP A 55 -22.95 -50.68 39.44
CA TRP A 55 -21.67 -51.11 38.89
C TRP A 55 -20.55 -50.12 39.16
N GLY A 56 -20.86 -48.89 39.53
CA GLY A 56 -19.87 -47.89 39.82
C GLY A 56 -18.93 -48.28 40.93
N PRO A 57 -19.44 -48.39 42.16
CA PRO A 57 -18.59 -48.83 43.27
C PRO A 57 -18.03 -50.22 43.10
N GLU A 58 -18.70 -51.09 42.34
CA GLU A 58 -18.21 -52.46 42.14
C GLU A 58 -16.89 -52.48 41.39
N GLN A 59 -16.76 -51.61 40.37
CA GLN A 59 -15.54 -51.61 39.57
C GLN A 59 -14.32 -51.19 40.39
N ALA A 60 -14.43 -50.08 41.10
CA ALA A 60 -13.32 -49.55 41.90
C ALA A 60 -13.88 -48.58 42.92
N ALA A 61 -12.98 -47.84 43.58
CA ALA A 61 -13.34 -46.85 44.58
C ALA A 61 -14.17 -47.45 45.72
N GLY A 62 -13.68 -48.56 46.26
CA GLY A 62 -14.32 -49.21 47.39
C GLY A 62 -14.35 -48.31 48.62
N LEU A 63 -15.55 -48.06 49.14
CA LEU A 63 -15.72 -47.17 50.28
C LEU A 63 -16.62 -47.83 51.32
N PRO A 64 -16.30 -47.69 52.60
CA PRO A 64 -17.17 -48.29 53.64
C PRO A 64 -18.54 -47.67 53.70
N LEU A 65 -18.74 -46.46 53.17
CA LEU A 65 -20.05 -45.84 53.17
C LEU A 65 -21.02 -46.63 52.31
N ASP A 66 -22.27 -46.73 52.79
CA ASP A 66 -23.30 -47.48 52.08
C ASP A 66 -23.85 -46.60 50.95
N VAL A 67 -23.77 -47.12 49.73
CA VAL A 67 -24.25 -46.40 48.55
C VAL A 67 -25.54 -47.08 48.10
N ASN A 68 -26.67 -46.37 48.24
CA ASN A 68 -27.97 -46.86 47.82
C ASN A 68 -28.54 -45.90 46.79
N VAL A 69 -29.08 -46.46 45.71
CA VAL A 69 -29.63 -45.68 44.60
C VAL A 69 -31.11 -45.97 44.47
N VAL A 70 -31.90 -44.91 44.31
CA VAL A 70 -33.35 -45.00 44.14
C VAL A 70 -33.68 -44.30 42.84
N ALA A 71 -33.84 -45.07 41.76
CA ALA A 71 -34.14 -44.52 40.45
C ALA A 71 -35.65 -44.44 40.25
N LEU A 72 -36.10 -43.32 39.69
CA LEU A 72 -37.51 -43.07 39.44
C LEU A 72 -37.71 -42.62 38.01
N LEU A 73 -38.83 -43.03 37.42
CA LEU A 73 -39.19 -42.67 36.06
C LEU A 73 -40.59 -42.07 36.05
N MET A 74 -40.74 -40.92 35.41
CA MET A 74 -42.03 -40.24 35.36
C MET A 74 -42.03 -39.26 34.19
N ASN A 75 -43.20 -39.12 33.56
CA ASN A 75 -43.34 -38.16 32.46
C ASN A 75 -43.46 -36.74 32.99
N ARG A 76 -44.13 -36.55 34.13
CA ARG A 76 -44.42 -35.22 34.62
C ARG A 76 -43.17 -34.54 35.16
N THR A 77 -43.07 -33.23 34.92
CA THR A 77 -41.98 -32.41 35.42
C THR A 77 -42.52 -31.15 36.09
N ASP A 78 -43.67 -31.26 36.73
CA ASP A 78 -44.29 -30.10 37.37
C ASP A 78 -43.46 -29.63 38.56
N PRO A 79 -43.49 -28.33 38.87
CA PRO A 79 -42.71 -27.83 40.00
C PRO A 79 -43.16 -28.39 41.34
N LYS A 80 -44.47 -28.39 41.59
CA LYS A 80 -44.98 -28.94 42.85
C LYS A 80 -44.71 -30.44 42.96
N SER A 81 -44.85 -31.17 41.85
CA SER A 81 -44.54 -32.59 41.86
C SER A 81 -43.06 -32.81 42.14
N LEU A 82 -42.19 -31.99 41.56
CA LEU A 82 -40.77 -32.11 41.82
C LEU A 82 -40.44 -31.82 43.28
N ILE A 83 -41.10 -30.81 43.86
CA ILE A 83 -40.88 -30.49 45.27
C ILE A 83 -41.31 -31.65 46.16
N THR A 84 -42.47 -32.23 45.87
CA THR A 84 -42.94 -33.37 46.65
C THR A 84 -42.00 -34.56 46.51
N HIS A 85 -41.52 -34.81 45.29
CA HIS A 85 -40.62 -35.94 45.07
C HIS A 85 -39.29 -35.76 45.79
N VAL A 86 -38.72 -34.55 45.74
CA VAL A 86 -37.45 -34.33 46.43
C VAL A 86 -37.64 -34.37 47.94
N CYS A 87 -38.79 -33.90 48.45
CA CYS A 87 -39.07 -34.03 49.87
C CYS A 87 -39.17 -35.49 50.28
N ASP A 88 -39.84 -36.31 49.47
CA ASP A 88 -39.92 -37.73 49.77
C ASP A 88 -38.54 -38.38 49.73
N LEU A 89 -37.71 -37.99 48.76
CA LEU A 89 -36.37 -38.57 48.66
C LEU A 89 -35.51 -38.19 49.85
N MET A 90 -35.57 -36.93 50.29
CA MET A 90 -34.76 -36.52 51.43
C MET A 90 -35.29 -37.07 52.74
N SER A 91 -36.61 -37.30 52.83
CA SER A 91 -37.17 -37.88 54.04
C SER A 91 -36.85 -39.37 54.14
N GLY A 92 -36.94 -40.09 53.03
CA GLY A 92 -36.67 -41.51 53.03
C GLY A 92 -35.22 -41.85 52.74
N ALA A 93 -34.58 -42.57 53.66
CA ALA A 93 -33.20 -43.03 53.58
C ALA A 93 -32.18 -41.89 53.63
N ARG A 94 -32.63 -40.65 53.74
CA ARG A 94 -31.75 -39.48 53.89
C ARG A 94 -30.77 -39.38 52.72
N ILE A 95 -31.35 -39.15 51.53
CA ILE A 95 -30.54 -39.00 50.32
C ILE A 95 -29.66 -37.77 50.44
N HIS A 96 -28.36 -37.96 50.22
CA HIS A 96 -27.39 -36.87 50.32
C HIS A 96 -26.94 -36.34 48.96
N GLY A 97 -27.59 -36.76 47.88
CA GLY A 97 -27.21 -36.28 46.56
C GLY A 97 -28.26 -36.56 45.50
N LEU A 98 -28.59 -35.54 44.71
CA LEU A 98 -29.59 -35.65 43.66
C LEU A 98 -29.02 -35.18 42.34
N VAL A 99 -29.20 -36.01 41.30
CA VAL A 99 -28.82 -35.66 39.94
C VAL A 99 -30.04 -35.87 39.05
N PHE A 100 -30.45 -34.81 38.35
CA PHE A 100 -31.67 -34.82 37.55
C PHE A 100 -31.30 -34.72 36.08
N GLY A 101 -31.20 -35.88 35.43
CA GLY A 101 -31.01 -35.91 33.98
C GLY A 101 -32.32 -36.07 33.24
N ASP A 102 -32.85 -34.96 32.75
CA ASP A 102 -34.16 -34.94 32.10
C ASP A 102 -34.02 -34.53 30.64
N ASP A 103 -34.84 -35.13 29.77
CA ASP A 103 -34.84 -34.81 28.35
C ASP A 103 -35.73 -33.62 28.02
N THR A 104 -36.40 -33.03 29.01
CA THR A 104 -37.26 -31.88 28.76
C THR A 104 -36.43 -30.69 28.30
N ASP A 105 -36.95 -29.95 27.32
CA ASP A 105 -36.26 -28.81 26.74
C ASP A 105 -36.50 -27.52 27.50
N GLN A 106 -37.28 -27.56 28.59
CA GLN A 106 -37.54 -26.36 29.37
C GLN A 106 -36.27 -25.86 30.03
N GLU A 107 -36.07 -24.54 30.02
CA GLU A 107 -34.88 -23.92 30.56
C GLU A 107 -34.99 -23.60 32.05
N ALA A 108 -36.17 -23.77 32.64
CA ALA A 108 -36.39 -23.47 34.06
C ALA A 108 -36.12 -24.66 34.97
N VAL A 109 -35.74 -25.80 34.41
CA VAL A 109 -35.50 -26.99 35.23
C VAL A 109 -34.34 -26.74 36.20
N ALA A 110 -33.26 -26.13 35.71
CA ALA A 110 -32.15 -25.80 36.58
C ALA A 110 -32.55 -24.80 37.66
N GLN A 111 -33.35 -23.80 37.29
CA GLN A 111 -33.78 -22.79 38.24
C GLN A 111 -34.75 -23.32 39.28
N MET A 112 -35.44 -24.43 38.99
CA MET A 112 -36.40 -24.97 39.93
C MET A 112 -35.75 -25.53 41.19
N LEU A 113 -34.46 -25.85 41.14
CA LEU A 113 -33.77 -26.49 42.26
C LEU A 113 -33.00 -25.50 43.14
N ASP A 114 -33.15 -24.20 42.91
CA ASP A 114 -32.42 -23.23 43.71
C ASP A 114 -32.83 -23.27 45.17
N PHE A 115 -34.14 -23.42 45.43
CA PHE A 115 -34.60 -23.52 46.81
C PHE A 115 -34.05 -24.76 47.50
N ILE A 116 -34.06 -25.90 46.80
CA ILE A 116 -33.53 -27.13 47.36
C ILE A 116 -32.05 -26.97 47.68
N SER A 117 -31.29 -26.40 46.74
CA SER A 117 -29.86 -26.23 46.95
C SER A 117 -29.56 -25.27 48.10
N SER A 118 -30.33 -24.19 48.23
CA SER A 118 -30.06 -23.18 49.25
C SER A 118 -30.67 -23.51 50.61
N HIS A 119 -31.56 -24.49 50.70
CA HIS A 119 -32.18 -24.84 51.97
C HIS A 119 -31.76 -26.20 52.50
N THR A 120 -31.76 -27.24 51.67
CA THR A 120 -31.42 -28.58 52.13
C THR A 120 -29.93 -28.87 52.13
N PHE A 121 -29.11 -27.97 51.55
CA PHE A 121 -27.65 -28.11 51.51
C PHE A 121 -27.23 -29.45 50.91
N VAL A 122 -27.91 -29.85 49.83
CA VAL A 122 -27.59 -31.10 49.14
C VAL A 122 -26.92 -30.77 47.82
N PRO A 123 -25.85 -31.46 47.44
CA PRO A 123 -25.23 -31.22 46.13
C PRO A 123 -26.22 -31.51 45.00
N ILE A 124 -26.14 -30.70 43.95
CA ILE A 124 -27.05 -30.77 42.82
C ILE A 124 -26.24 -31.04 41.55
N LEU A 125 -26.63 -32.09 40.82
CA LEU A 125 -25.98 -32.45 39.57
C LEU A 125 -27.05 -32.62 38.50
N GLY A 126 -26.60 -32.77 37.26
CA GLY A 126 -27.51 -32.95 36.14
C GLY A 126 -26.76 -33.36 34.90
N ILE A 127 -27.52 -33.85 33.92
CA ILE A 127 -26.96 -34.33 32.66
C ILE A 127 -27.52 -33.52 31.50
N HIS A 128 -28.83 -33.59 31.32
CA HIS A 128 -29.53 -32.89 30.24
C HIS A 128 -30.59 -31.97 30.81
N GLY A 129 -31.38 -31.38 29.92
CA GLY A 129 -32.45 -30.51 30.37
C GLY A 129 -31.91 -29.18 30.84
N GLY A 130 -32.25 -28.81 32.08
CA GLY A 130 -31.77 -27.56 32.64
C GLY A 130 -30.27 -27.51 32.80
N ALA A 131 -29.65 -28.66 33.12
CA ALA A 131 -28.21 -28.73 33.31
C ALA A 131 -27.43 -28.74 32.00
N SER A 132 -28.10 -28.94 30.86
CA SER A 132 -27.40 -28.95 29.58
C SER A 132 -26.78 -27.60 29.29
N MET A 133 -27.52 -26.52 29.54
CA MET A 133 -27.01 -25.16 29.40
C MET A 133 -27.11 -24.46 30.75
N ILE A 134 -26.00 -23.89 31.21
CA ILE A 134 -25.91 -23.23 32.51
C ILE A 134 -25.63 -21.76 32.28
N MET A 135 -26.53 -20.91 32.78
CA MET A 135 -26.32 -19.46 32.70
C MET A 135 -26.76 -18.73 33.96
N ALA A 136 -27.18 -19.45 35.01
CA ALA A 136 -27.72 -18.82 36.21
C ALA A 136 -26.59 -18.58 37.21
N ASP A 137 -26.37 -17.31 37.56
CA ASP A 137 -25.38 -16.93 38.56
C ASP A 137 -26.11 -16.30 39.74
N LYS A 138 -25.83 -16.81 40.93
CA LYS A 138 -26.50 -16.34 42.14
C LYS A 138 -25.52 -16.45 43.31
N ASP A 139 -26.05 -16.39 44.53
CA ASP A 139 -25.22 -16.49 45.72
C ASP A 139 -24.58 -17.87 45.81
N PRO A 140 -23.39 -17.97 46.41
CA PRO A 140 -22.69 -19.26 46.46
C PRO A 140 -23.31 -20.25 47.42
N THR A 141 -24.43 -19.89 48.04
CA THR A 141 -25.14 -20.80 48.94
C THR A 141 -25.76 -21.98 48.22
N SER A 142 -25.91 -21.91 46.90
CA SER A 142 -26.46 -22.99 46.10
C SER A 142 -25.38 -24.01 45.77
N THR A 143 -25.80 -25.24 45.50
CA THR A 143 -24.91 -26.35 45.21
C THR A 143 -25.03 -26.81 43.76
N PHE A 144 -25.18 -25.85 42.84
CA PHE A 144 -25.29 -26.18 41.42
C PHE A 144 -23.91 -26.42 40.83
N PHE A 145 -23.71 -27.60 40.24
CA PHE A 145 -22.47 -27.96 39.56
C PHE A 145 -22.85 -28.76 38.32
N GLN A 146 -22.99 -28.07 37.19
CA GLN A 146 -23.39 -28.69 35.94
C GLN A 146 -22.17 -29.06 35.11
N PHE A 147 -22.37 -30.03 34.22
CA PHE A 147 -21.33 -30.47 33.30
C PHE A 147 -21.38 -29.74 31.97
N GLY A 148 -22.29 -28.77 31.81
CA GLY A 148 -22.38 -28.02 30.58
C GLY A 148 -21.24 -27.04 30.40
N ALA A 149 -21.12 -26.54 29.17
CA ALA A 149 -20.06 -25.60 28.84
C ALA A 149 -20.32 -24.25 29.51
N SER A 150 -19.27 -23.68 30.10
CA SER A 150 -19.38 -22.35 30.69
C SER A 150 -19.63 -21.32 29.60
N ILE A 151 -20.46 -20.32 29.92
CA ILE A 151 -20.84 -19.32 28.93
C ILE A 151 -19.65 -18.45 28.55
N GLN A 152 -18.80 -18.12 29.52
CA GLN A 152 -17.61 -17.32 29.23
C GLN A 152 -16.52 -18.17 28.57
N GLN A 153 -16.41 -19.43 28.96
CA GLN A 153 -15.34 -20.29 28.46
C GLN A 153 -15.51 -20.64 26.99
N GLN A 154 -16.73 -20.51 26.45
CA GLN A 154 -16.96 -20.84 25.05
C GLN A 154 -16.20 -19.88 24.12
N ALA A 155 -16.05 -18.63 24.54
CA ALA A 155 -15.35 -17.65 23.72
C ALA A 155 -13.87 -18.01 23.55
N THR A 156 -13.28 -18.66 24.57
CA THR A 156 -11.89 -19.08 24.45
C THR A 156 -11.72 -20.06 23.30
N VAL A 157 -12.59 -21.05 23.20
CA VAL A 157 -12.53 -22.01 22.10
C VAL A 157 -12.89 -21.32 20.78
N MET A 158 -13.87 -20.41 20.82
CA MET A 158 -14.27 -19.70 19.61
C MET A 158 -13.13 -18.87 19.03
N LEU A 159 -12.25 -18.35 19.88
CA LEU A 159 -11.09 -17.62 19.41
C LEU A 159 -9.91 -18.53 19.09
N LYS A 160 -9.77 -19.65 19.80
CA LYS A 160 -8.67 -20.57 19.52
C LYS A 160 -8.86 -21.27 18.18
N ILE A 161 -10.10 -21.56 17.79
CA ILE A 161 -10.32 -22.15 16.47
C ILE A 161 -9.97 -21.14 15.37
N MET A 162 -10.28 -19.86 15.60
CA MET A 162 -9.87 -18.82 14.65
C MET A 162 -8.35 -18.73 14.58
N GLN A 163 -7.68 -18.82 15.72
CA GLN A 163 -6.22 -18.81 15.73
C GLN A 163 -5.64 -19.98 14.96
N ASP A 164 -6.23 -21.17 15.16
CA ASP A 164 -5.74 -22.36 14.46
C ASP A 164 -5.98 -22.25 12.95
N TYR A 165 -7.10 -21.64 12.56
CA TYR A 165 -7.45 -21.50 11.15
C TYR A 165 -6.80 -20.29 10.49
N ASP A 166 -5.99 -19.52 11.23
CA ASP A 166 -5.22 -18.41 10.69
C ASP A 166 -6.11 -17.34 10.07
N TRP A 167 -6.95 -16.74 10.91
CA TRP A 167 -7.76 -15.58 10.53
C TRP A 167 -7.80 -14.64 11.74
N HIS A 168 -6.98 -13.60 11.70
CA HIS A 168 -6.84 -12.68 12.82
C HIS A 168 -7.84 -11.51 12.78
N VAL A 169 -8.65 -11.42 11.75
CA VAL A 169 -9.63 -10.35 11.63
C VAL A 169 -10.97 -10.87 12.15
N PHE A 170 -11.69 -10.01 12.87
CA PHE A 170 -12.97 -10.36 13.46
C PHE A 170 -13.99 -9.26 13.23
N SER A 171 -15.26 -9.64 13.27
CA SER A 171 -16.37 -8.70 13.18
C SER A 171 -17.37 -9.08 14.26
N LEU A 172 -17.28 -8.40 15.41
CA LEU A 172 -18.09 -8.74 16.58
C LEU A 172 -19.48 -8.12 16.41
N VAL A 173 -20.47 -8.95 16.11
CA VAL A 173 -21.84 -8.52 15.95
C VAL A 173 -22.66 -9.09 17.10
N THR A 174 -23.27 -8.21 17.89
CA THR A 174 -24.08 -8.60 19.04
C THR A 174 -25.48 -8.03 18.90
N THR A 175 -26.30 -8.27 19.92
CA THR A 175 -27.69 -7.81 19.94
C THR A 175 -28.02 -7.36 21.36
N ILE A 176 -29.25 -6.86 21.55
CA ILE A 176 -29.70 -6.42 22.87
C ILE A 176 -30.06 -7.60 23.78
N PHE A 177 -29.95 -8.83 23.28
CA PHE A 177 -30.27 -9.99 24.09
C PHE A 177 -29.33 -10.07 25.30
N PRO A 178 -29.84 -10.40 26.48
CA PRO A 178 -28.99 -10.39 27.67
C PRO A 178 -27.91 -11.47 27.62
N GLY A 179 -26.83 -11.22 28.35
CA GLY A 179 -25.72 -12.16 28.40
C GLY A 179 -24.70 -11.97 27.30
N TYR A 180 -24.74 -10.85 26.60
CA TYR A 180 -23.78 -10.56 25.54
C TYR A 180 -22.89 -9.36 25.82
N ARG A 181 -23.28 -8.46 26.71
CA ARG A 181 -22.36 -7.42 27.15
C ARG A 181 -21.16 -8.03 27.86
N GLU A 182 -21.38 -9.10 28.63
CA GLU A 182 -20.26 -9.84 29.22
C GLU A 182 -19.38 -10.44 28.13
N PHE A 183 -19.98 -10.92 27.04
CA PHE A 183 -19.20 -11.43 25.91
C PHE A 183 -18.33 -10.33 25.32
N ILE A 184 -18.92 -9.14 25.13
CA ILE A 184 -18.16 -8.02 24.56
C ILE A 184 -17.01 -7.64 25.47
N SER A 185 -17.28 -7.55 26.78
CA SER A 185 -16.21 -7.20 27.72
C SER A 185 -15.11 -8.25 27.72
N PHE A 186 -15.49 -9.54 27.69
CA PHE A 186 -14.49 -10.60 27.71
C PHE A 186 -13.63 -10.58 26.44
N VAL A 187 -14.26 -10.40 25.28
CA VAL A 187 -13.47 -10.40 24.05
C VAL A 187 -12.57 -9.17 23.97
N LYS A 188 -13.06 -8.01 24.43
CA LYS A 188 -12.21 -6.83 24.47
C LYS A 188 -11.03 -7.03 25.40
N THR A 189 -11.27 -7.63 26.58
CA THR A 189 -10.18 -7.88 27.51
C THR A 189 -9.16 -8.86 26.94
N THR A 190 -9.63 -9.91 26.27
CA THR A 190 -8.72 -10.93 25.76
C THR A 190 -8.01 -10.50 24.48
N VAL A 191 -8.53 -9.50 23.76
CA VAL A 191 -7.77 -8.98 22.62
C VAL A 191 -6.85 -7.83 23.03
N ASP A 192 -7.18 -7.11 24.09
CA ASP A 192 -6.25 -6.09 24.60
C ASP A 192 -5.04 -6.72 25.25
N ASN A 193 -5.21 -7.86 25.91
CA ASN A 193 -4.11 -8.57 26.57
C ASN A 193 -3.42 -9.56 25.65
N SER A 194 -3.88 -9.71 24.41
CA SER A 194 -3.29 -10.64 23.48
C SER A 194 -2.08 -10.02 22.78
N PHE A 195 -1.04 -10.82 22.60
CA PHE A 195 0.17 -10.40 21.91
C PHE A 195 0.24 -10.92 20.48
N VAL A 196 -0.81 -11.58 19.99
CA VAL A 196 -0.80 -12.10 18.64
C VAL A 196 -0.88 -10.96 17.63
N GLY A 197 -1.72 -9.96 17.90
CA GLY A 197 -1.89 -8.86 16.98
C GLY A 197 -3.16 -8.97 16.15
N TRP A 198 -4.27 -9.33 16.79
CA TRP A 198 -5.52 -9.51 16.09
C TRP A 198 -6.01 -8.18 15.52
N ASP A 199 -6.51 -8.21 14.29
CA ASP A 199 -7.07 -7.02 13.65
C ASP A 199 -8.54 -6.91 14.07
N MET A 200 -8.74 -6.34 15.25
CA MET A 200 -10.07 -6.20 15.85
C MET A 200 -10.81 -5.08 15.14
N GLN A 201 -11.59 -5.41 14.12
CA GLN A 201 -12.36 -4.42 13.39
C GLN A 201 -13.47 -3.87 14.28
N ASN A 202 -13.89 -2.64 13.98
CA ASN A 202 -14.89 -1.96 14.80
C ASN A 202 -16.18 -2.78 14.86
N VAL A 203 -16.72 -2.93 16.08
CA VAL A 203 -17.88 -3.78 16.27
C VAL A 203 -19.14 -3.09 15.75
N ILE A 204 -20.15 -3.90 15.45
CA ILE A 204 -21.47 -3.42 15.03
C ILE A 204 -22.47 -4.06 15.97
N THR A 205 -23.14 -3.24 16.77
CA THR A 205 -24.10 -3.71 17.76
C THR A 205 -25.52 -3.49 17.23
N LEU A 206 -26.16 -4.58 16.79
CA LEU A 206 -27.54 -4.48 16.34
C LEU A 206 -28.46 -4.24 17.53
N ASP A 207 -29.49 -3.41 17.31
CA ASP A 207 -30.39 -3.03 18.39
C ASP A 207 -31.53 -4.04 18.56
N THR A 208 -32.33 -4.24 17.52
CA THR A 208 -33.44 -5.17 17.57
C THR A 208 -33.81 -5.58 16.15
N SER A 209 -34.58 -6.65 16.05
CA SER A 209 -35.01 -7.17 14.76
C SER A 209 -36.30 -6.47 14.34
N PHE A 210 -36.88 -6.93 13.23
CA PHE A 210 -38.12 -6.37 12.67
C PHE A 210 -37.99 -4.86 12.39
N GLU A 211 -36.82 -4.44 11.90
CA GLU A 211 -36.60 -3.04 11.54
C GLU A 211 -36.75 -2.81 10.04
N ASP A 212 -35.99 -3.55 9.23
CA ASP A 212 -35.99 -3.51 7.78
C ASP A 212 -35.51 -2.17 7.21
N ALA A 213 -35.13 -1.23 8.06
CA ALA A 213 -34.63 0.07 7.59
C ALA A 213 -33.28 0.44 8.20
N LYS A 214 -33.05 0.09 9.47
CA LYS A 214 -31.78 0.40 10.13
C LYS A 214 -30.81 -0.78 10.15
N THR A 215 -31.31 -2.01 10.00
CA THR A 215 -30.42 -3.16 9.99
C THR A 215 -29.44 -3.10 8.81
N GLN A 216 -29.93 -2.72 7.63
CA GLN A 216 -29.04 -2.57 6.48
C GLN A 216 -28.02 -1.47 6.71
N VAL A 217 -28.45 -0.36 7.33
CA VAL A 217 -27.54 0.74 7.62
C VAL A 217 -26.43 0.27 8.56
N GLN A 218 -26.80 -0.51 9.59
CA GLN A 218 -25.79 -1.02 10.52
C GLN A 218 -24.86 -2.03 9.87
N LEU A 219 -25.40 -2.90 9.01
CA LEU A 219 -24.62 -3.99 8.44
C LEU A 219 -23.89 -3.63 7.16
N LYS A 220 -24.09 -2.43 6.61
CA LYS A 220 -23.39 -2.05 5.40
C LYS A 220 -21.91 -1.79 5.62
N LYS A 221 -21.45 -1.75 6.87
CA LYS A 221 -20.06 -1.42 7.19
C LYS A 221 -19.17 -2.65 7.27
N ILE A 222 -19.68 -3.83 6.93
CA ILE A 222 -18.88 -5.05 7.01
C ILE A 222 -17.88 -5.07 5.86
N HIS A 223 -16.62 -5.37 6.19
CA HIS A 223 -15.58 -5.51 5.17
C HIS A 223 -14.66 -6.68 5.44
N SER A 224 -14.92 -7.48 6.47
CA SER A 224 -14.09 -8.62 6.82
C SER A 224 -14.68 -9.90 6.21
N SER A 225 -14.11 -11.04 6.58
CA SER A 225 -14.55 -12.33 6.08
C SER A 225 -15.22 -13.20 7.14
N VAL A 226 -15.08 -12.87 8.41
CA VAL A 226 -15.66 -13.64 9.51
C VAL A 226 -16.62 -12.73 10.27
N ILE A 227 -17.85 -13.19 10.43
CA ILE A 227 -18.89 -12.43 11.11
C ILE A 227 -19.50 -13.31 12.20
N LEU A 228 -19.57 -12.77 13.42
CA LEU A 228 -20.19 -13.47 14.54
C LEU A 228 -21.68 -13.15 14.61
N LEU A 229 -22.40 -13.93 15.42
CA LEU A 229 -23.84 -13.75 15.58
C LEU A 229 -24.23 -14.19 16.98
N TYR A 230 -24.80 -13.27 17.77
CA TYR A 230 -25.26 -13.54 19.12
C TYR A 230 -26.74 -13.16 19.20
N CYS A 231 -27.61 -14.11 18.92
CA CYS A 231 -29.05 -13.89 18.96
C CYS A 231 -29.73 -15.18 19.40
N SER A 232 -31.05 -15.24 19.23
CA SER A 232 -31.81 -16.45 19.49
C SER A 232 -31.97 -17.24 18.20
N LYS A 233 -32.67 -18.37 18.28
CA LYS A 233 -32.86 -19.21 17.09
C LYS A 233 -33.71 -18.50 16.05
N ASP A 234 -34.87 -17.98 16.46
CA ASP A 234 -35.75 -17.30 15.51
C ASP A 234 -35.11 -16.04 14.97
N GLU A 235 -34.43 -15.27 15.82
CA GLU A 235 -33.76 -14.06 15.36
C GLU A 235 -32.63 -14.37 14.39
N ALA A 236 -31.88 -15.44 14.66
CA ALA A 236 -30.82 -15.84 13.74
C ALA A 236 -31.40 -16.28 12.39
N VAL A 237 -32.50 -17.04 12.42
CA VAL A 237 -33.14 -17.45 11.17
C VAL A 237 -33.60 -16.22 10.39
N LEU A 238 -34.21 -15.26 11.08
CA LEU A 238 -34.70 -14.06 10.41
C LEU A 238 -33.55 -13.25 9.82
N ILE A 239 -32.46 -13.07 10.57
CA ILE A 239 -31.36 -12.26 10.08
C ILE A 239 -30.66 -12.95 8.91
N LEU A 240 -30.55 -14.29 8.96
CA LEU A 240 -29.96 -15.01 7.83
C LEU A 240 -30.86 -14.94 6.60
N SER A 241 -32.17 -15.01 6.79
CA SER A 241 -33.09 -14.86 5.66
C SER A 241 -32.97 -13.47 5.05
N GLU A 242 -32.84 -12.44 5.89
CA GLU A 242 -32.63 -11.08 5.38
C GLU A 242 -31.31 -10.98 4.63
N ALA A 243 -30.24 -11.56 5.18
CA ALA A 243 -28.94 -11.51 4.54
C ALA A 243 -28.94 -12.27 3.21
N ARG A 244 -29.81 -13.27 3.07
CA ARG A 244 -29.94 -13.96 1.78
C ARG A 244 -30.35 -12.99 0.68
N SER A 245 -31.31 -12.11 0.98
CA SER A 245 -31.70 -11.08 0.01
C SER A 245 -30.68 -9.95 -0.06
N LEU A 246 -29.96 -9.69 1.05
CA LEU A 246 -28.98 -8.62 1.07
C LEU A 246 -27.62 -9.05 0.51
N GLY A 247 -27.46 -10.32 0.14
CA GLY A 247 -26.22 -10.77 -0.44
C GLY A 247 -25.07 -10.95 0.53
N LEU A 248 -25.37 -11.13 1.81
CA LEU A 248 -24.33 -11.36 2.82
C LEU A 248 -24.05 -12.84 3.06
N THR A 249 -24.68 -13.74 2.31
CA THR A 249 -24.50 -15.17 2.45
C THR A 249 -23.58 -15.74 1.38
N GLY A 250 -22.54 -14.99 1.00
CA GLY A 250 -21.64 -15.44 -0.04
C GLY A 250 -20.76 -16.59 0.40
N TYR A 251 -20.07 -17.16 -0.59
CA TYR A 251 -19.20 -18.31 -0.36
C TYR A 251 -17.88 -17.95 0.30
N ASP A 252 -17.58 -16.66 0.46
CA ASP A 252 -16.33 -16.23 1.07
C ASP A 252 -16.46 -15.83 2.53
N PHE A 253 -17.65 -15.42 2.97
CA PHE A 253 -17.85 -14.99 4.34
C PHE A 253 -17.87 -16.20 5.28
N PHE A 254 -17.57 -15.93 6.56
CA PHE A 254 -17.55 -16.95 7.59
C PHE A 254 -18.53 -16.58 8.69
N TRP A 255 -19.19 -17.59 9.25
CA TRP A 255 -20.18 -17.38 10.31
C TRP A 255 -19.88 -18.31 11.46
N ILE A 256 -19.75 -17.75 12.66
CA ILE A 256 -19.54 -18.51 13.89
C ILE A 256 -20.76 -18.33 14.77
N VAL A 257 -21.34 -19.43 15.21
CA VAL A 257 -22.58 -19.42 15.99
C VAL A 257 -22.33 -20.18 17.29
N PRO A 258 -22.70 -19.62 18.44
CA PRO A 258 -22.51 -20.34 19.71
C PRO A 258 -23.51 -21.47 19.89
N SER A 259 -23.48 -22.11 21.05
CA SER A 259 -24.36 -23.25 21.33
C SER A 259 -25.80 -22.83 21.60
N LEU A 260 -26.07 -21.54 21.82
CA LEU A 260 -27.42 -21.11 22.14
C LEU A 260 -28.36 -21.28 20.95
N VAL A 261 -27.93 -20.81 19.77
CA VAL A 261 -28.78 -20.91 18.59
C VAL A 261 -28.91 -22.35 18.12
N SER A 262 -27.80 -23.10 18.15
CA SER A 262 -27.81 -24.49 17.69
C SER A 262 -28.74 -25.34 18.54
N GLY A 263 -28.43 -25.49 19.82
CA GLY A 263 -29.27 -26.29 20.70
C GLY A 263 -29.33 -27.73 20.23
N ASN A 264 -30.56 -28.25 20.11
CA ASN A 264 -30.75 -29.60 19.64
C ASN A 264 -30.32 -29.73 18.18
N THR A 265 -29.71 -30.87 17.84
CA THR A 265 -29.13 -31.10 16.53
C THR A 265 -30.04 -31.92 15.61
N GLU A 266 -31.36 -31.78 15.76
CA GLU A 266 -32.30 -32.48 14.89
C GLU A 266 -33.16 -31.56 14.05
N LEU A 267 -33.22 -30.26 14.35
CA LEU A 267 -33.98 -29.29 13.58
C LEU A 267 -32.98 -28.42 12.81
N ILE A 268 -33.08 -28.45 11.48
CA ILE A 268 -32.20 -27.68 10.62
C ILE A 268 -33.07 -26.80 9.72
N PRO A 269 -33.26 -25.54 10.07
CA PRO A 269 -34.03 -24.64 9.20
C PRO A 269 -33.32 -24.43 7.88
N LYS A 270 -34.11 -24.18 6.83
CA LYS A 270 -33.57 -23.98 5.49
C LYS A 270 -32.81 -22.67 5.36
N GLU A 271 -32.91 -21.77 6.34
CA GLU A 271 -32.23 -20.48 6.27
C GLU A 271 -30.79 -20.56 6.78
N PHE A 272 -30.34 -21.73 7.24
CA PHE A 272 -28.97 -21.87 7.71
C PHE A 272 -28.07 -22.29 6.55
N PRO A 273 -27.13 -21.46 6.12
CA PRO A 273 -26.23 -21.86 5.04
C PRO A 273 -25.26 -22.93 5.50
N SER A 274 -24.81 -23.74 4.53
CA SER A 274 -23.84 -24.78 4.82
C SER A 274 -22.47 -24.17 5.15
N GLY A 275 -21.63 -24.98 5.78
CA GLY A 275 -20.31 -24.53 6.17
C GLY A 275 -20.27 -23.73 7.46
N LEU A 276 -21.40 -23.58 8.14
CA LEU A 276 -21.43 -22.83 9.39
C LEU A 276 -20.63 -23.56 10.47
N ILE A 277 -19.92 -22.79 11.29
CA ILE A 277 -19.07 -23.32 12.35
C ILE A 277 -19.77 -23.04 13.68
N SER A 278 -19.98 -24.09 14.47
CA SER A 278 -20.63 -23.97 15.77
C SER A 278 -19.92 -24.86 16.78
N VAL A 279 -20.02 -24.47 18.05
CA VAL A 279 -19.44 -25.21 19.15
C VAL A 279 -20.52 -25.42 20.20
N SER A 280 -20.61 -26.64 20.72
CA SER A 280 -21.64 -26.98 21.70
C SER A 280 -21.13 -28.15 22.54
N TYR A 281 -21.99 -28.65 23.42
CA TYR A 281 -21.68 -29.77 24.31
C TYR A 281 -22.62 -30.92 23.94
N ASP A 282 -22.20 -31.73 22.98
CA ASP A 282 -23.02 -32.82 22.47
C ASP A 282 -22.56 -34.15 23.06
N ASP A 283 -23.45 -35.14 22.99
CA ASP A 283 -23.23 -36.46 23.56
C ASP A 283 -23.07 -37.53 22.48
N TRP A 284 -22.36 -37.20 21.40
CA TRP A 284 -22.13 -38.17 20.33
C TRP A 284 -21.37 -39.39 20.84
N ASP A 285 -20.34 -39.17 21.65
CA ASP A 285 -19.49 -40.25 22.15
C ASP A 285 -19.78 -40.58 23.61
N TYR A 286 -19.94 -39.59 24.47
CA TYR A 286 -20.20 -39.81 25.88
C TYR A 286 -21.68 -40.09 26.10
N SER A 287 -21.97 -41.17 26.82
CA SER A 287 -23.34 -41.59 27.03
C SER A 287 -23.87 -41.08 28.38
N LEU A 288 -25.20 -41.12 28.50
CA LEU A 288 -25.84 -40.69 29.75
C LEU A 288 -25.42 -41.58 30.92
N GLU A 289 -25.32 -42.89 30.69
CA GLU A 289 -24.87 -43.78 31.74
C GLU A 289 -23.43 -43.47 32.16
N ALA A 290 -22.56 -43.19 31.19
CA ALA A 290 -21.19 -42.82 31.51
C ALA A 290 -21.13 -41.52 32.31
N ARG A 291 -21.95 -40.54 31.93
CA ARG A 291 -21.98 -39.28 32.69
C ARG A 291 -22.50 -39.49 34.10
N VAL A 292 -23.51 -40.35 34.27
CA VAL A 292 -24.02 -40.66 35.59
C VAL A 292 -22.94 -41.34 36.43
N ARG A 293 -22.21 -42.27 35.83
CA ARG A 293 -21.10 -42.93 36.55
C ARG A 293 -20.04 -41.92 36.97
N ASP A 294 -19.70 -40.99 36.06
CA ASP A 294 -18.72 -39.97 36.39
C ASP A 294 -19.20 -39.08 37.54
N GLY A 295 -20.47 -38.70 37.51
CA GLY A 295 -21.02 -37.90 38.60
C GLY A 295 -21.01 -38.63 39.92
N ILE A 296 -21.35 -39.93 39.91
CA ILE A 296 -21.31 -40.73 41.12
C ILE A 296 -19.89 -40.83 41.65
N GLY A 297 -18.92 -41.02 40.76
CA GLY A 297 -17.53 -41.06 41.18
C GLY A 297 -17.07 -39.74 41.78
N ILE A 298 -17.49 -38.62 41.18
CA ILE A 298 -17.15 -37.31 41.71
C ILE A 298 -17.75 -37.12 43.10
N LEU A 299 -19.01 -37.54 43.27
CA LEU A 299 -19.66 -37.41 44.57
C LEU A 299 -18.97 -38.27 45.63
N THR A 300 -18.58 -39.49 45.25
CA THR A 300 -17.89 -40.36 46.20
C THR A 300 -16.53 -39.79 46.57
N THR A 301 -15.80 -39.22 45.60
CA THR A 301 -14.51 -38.60 45.90
C THR A 301 -14.70 -37.40 46.82
N ALA A 302 -15.74 -36.60 46.59
CA ALA A 302 -16.02 -35.47 47.47
C ALA A 302 -16.35 -35.93 48.88
N ALA A 303 -17.14 -37.01 49.01
CA ALA A 303 -17.44 -37.55 50.33
C ALA A 303 -16.19 -38.05 51.02
N SER A 304 -15.30 -38.72 50.28
CA SER A 304 -14.05 -39.20 50.86
C SER A 304 -13.18 -38.04 51.33
N SER A 305 -13.11 -36.97 50.53
CA SER A 305 -12.36 -35.79 50.94
C SER A 305 -12.98 -35.14 52.19
N MET A 306 -14.31 -35.09 52.26
CA MET A 306 -14.97 -34.55 53.44
C MET A 306 -14.66 -35.39 54.67
N LEU A 307 -14.59 -36.71 54.51
CA LEU A 307 -14.29 -37.60 55.62
C LEU A 307 -12.86 -37.47 56.14
N GLU A 308 -12.00 -36.73 55.44
CA GLU A 308 -10.62 -36.54 55.90
C GLU A 308 -10.52 -35.50 57.01
N LYS A 309 -11.06 -34.31 56.77
CA LYS A 309 -10.99 -33.23 57.76
C LYS A 309 -12.07 -33.34 58.84
N PHE A 310 -13.06 -34.21 58.65
CA PHE A 310 -14.13 -34.39 59.63
C PHE A 310 -14.32 -35.88 59.87
N SER A 311 -15.36 -36.23 60.61
CA SER A 311 -15.63 -37.63 60.93
C SER A 311 -17.10 -38.01 60.79
N TYR A 312 -17.99 -37.10 60.42
CA TYR A 312 -19.40 -37.39 60.29
C TYR A 312 -19.95 -36.73 59.04
N ILE A 313 -21.00 -37.33 58.49
CA ILE A 313 -21.69 -36.81 57.32
C ILE A 313 -22.90 -36.02 57.78
N PRO A 314 -22.99 -34.73 57.48
CA PRO A 314 -24.14 -33.94 57.93
C PRO A 314 -25.43 -34.38 57.27
N GLU A 315 -26.54 -34.18 57.98
CA GLU A 315 -27.86 -34.53 57.51
C GLU A 315 -28.71 -33.27 57.33
N ALA A 316 -29.65 -33.34 56.40
CA ALA A 316 -30.54 -32.22 56.11
C ALA A 316 -31.68 -32.19 57.12
N LYS A 317 -32.68 -31.37 56.86
CA LYS A 317 -33.82 -31.25 57.75
C LYS A 317 -34.62 -32.56 57.76
N ALA A 318 -35.13 -32.92 58.95
CA ALA A 318 -35.88 -34.16 59.10
C ALA A 318 -37.24 -34.08 58.42
N SER A 319 -37.88 -32.91 58.45
CA SER A 319 -39.22 -32.76 57.88
C SER A 319 -39.23 -31.58 56.92
N CYS A 320 -40.09 -31.68 55.92
CA CYS A 320 -40.23 -30.63 54.91
C CYS A 320 -41.27 -29.59 55.28
N TYR A 321 -41.99 -29.77 56.38
CA TYR A 321 -43.08 -28.89 56.76
C TYR A 321 -42.83 -28.09 58.03
N GLY A 322 -41.73 -28.34 58.73
CA GLY A 322 -41.44 -27.64 59.97
C GLY A 322 -40.16 -26.82 59.86
N GLN A 323 -40.18 -25.65 60.50
CA GLN A 323 -39.02 -24.75 60.55
C GLN A 323 -38.82 -24.38 62.01
N MET A 324 -38.06 -25.21 62.73
CA MET A 324 -37.80 -25.00 64.15
C MET A 324 -36.45 -24.36 64.44
N GLU A 325 -35.67 -24.04 63.41
CA GLU A 325 -34.36 -23.45 63.62
C GLU A 325 -33.99 -22.61 62.41
N ARG A 326 -33.02 -21.72 62.60
CA ARG A 326 -32.53 -20.88 61.52
C ARG A 326 -31.72 -21.73 60.55
N PRO A 327 -32.05 -21.74 59.26
CA PRO A 327 -31.30 -22.57 58.31
C PRO A 327 -29.91 -22.04 58.02
N GLU A 328 -29.01 -22.17 58.98
CA GLU A 328 -27.62 -21.76 58.82
C GLU A 328 -26.81 -22.90 58.20
N VAL A 329 -25.52 -22.65 57.99
CA VAL A 329 -24.64 -23.67 57.43
C VAL A 329 -23.40 -23.79 58.32
N PRO A 330 -23.50 -24.50 59.44
CA PRO A 330 -22.33 -24.71 60.31
C PRO A 330 -21.57 -26.01 60.07
N MET A 331 -22.03 -26.87 59.16
CA MET A 331 -21.43 -28.18 58.95
C MET A 331 -20.26 -28.15 57.98
N HIS A 332 -19.95 -26.99 57.39
CA HIS A 332 -18.85 -26.85 56.42
C HIS A 332 -19.04 -27.81 55.24
N THR A 333 -20.06 -27.49 54.44
CA THR A 333 -20.47 -28.34 53.33
C THR A 333 -19.40 -28.38 52.25
N LEU A 334 -19.69 -29.13 51.19
CA LEU A 334 -18.74 -29.38 50.10
C LEU A 334 -18.60 -28.22 49.13
N HIS A 335 -19.08 -27.02 49.50
CA HIS A 335 -18.94 -25.87 48.61
C HIS A 335 -17.50 -25.56 48.25
N PRO A 336 -16.55 -25.48 49.19
CA PRO A 336 -15.16 -25.22 48.81
C PRO A 336 -14.35 -26.48 48.51
N PHE A 337 -14.95 -27.66 48.56
CA PHE A 337 -14.23 -28.92 48.37
C PHE A 337 -14.36 -29.46 46.95
N MET A 338 -14.91 -28.68 46.03
CA MET A 338 -15.09 -29.11 44.65
C MET A 338 -13.86 -28.90 43.78
N VAL A 339 -12.79 -28.34 44.34
CA VAL A 339 -11.59 -28.03 43.55
C VAL A 339 -10.66 -29.24 43.46
N ASN A 340 -10.51 -29.99 44.54
CA ASN A 340 -9.54 -31.08 44.63
C ASN A 340 -10.20 -32.44 44.41
N VAL A 341 -11.18 -32.52 43.53
CA VAL A 341 -11.89 -33.77 43.26
C VAL A 341 -11.45 -34.28 41.89
N THR A 342 -10.89 -35.49 41.87
CA THR A 342 -10.45 -36.15 40.64
C THR A 342 -11.03 -37.55 40.59
N TRP A 343 -11.47 -37.95 39.40
CA TRP A 343 -12.09 -39.27 39.23
C TRP A 343 -11.61 -39.89 37.94
N ASP A 344 -11.27 -41.19 38.01
CA ASP A 344 -10.81 -41.96 36.85
C ASP A 344 -9.59 -41.32 36.20
N GLY A 345 -8.71 -40.73 37.00
CA GLY A 345 -7.52 -40.10 36.46
C GLY A 345 -7.75 -38.87 35.61
N LYS A 346 -8.97 -38.33 35.62
CA LYS A 346 -9.32 -37.14 34.84
C LYS A 346 -9.61 -35.99 35.80
N ASP A 347 -8.97 -34.85 35.54
CA ASP A 347 -9.15 -33.68 36.38
C ASP A 347 -10.52 -33.04 36.11
N LEU A 348 -11.52 -33.44 36.90
CA LEU A 348 -12.89 -32.92 36.78
C LEU A 348 -13.16 -32.05 38.00
N SER A 349 -12.80 -30.78 37.90
CA SER A 349 -12.97 -29.82 38.98
C SER A 349 -14.03 -28.79 38.60
N PHE A 350 -14.42 -27.99 39.59
CA PHE A 350 -15.42 -26.94 39.42
C PHE A 350 -14.89 -25.64 39.99
N THR A 351 -15.18 -24.54 39.30
CA THR A 351 -14.74 -23.22 39.73
C THR A 351 -15.66 -22.72 40.83
N GLU A 352 -15.49 -21.44 41.23
CA GLU A 352 -16.34 -20.86 42.26
C GLU A 352 -17.79 -20.76 41.81
N GLU A 353 -18.02 -20.62 40.51
CA GLU A 353 -19.36 -20.53 39.96
C GLU A 353 -19.91 -21.89 39.52
N GLY A 354 -19.17 -22.97 39.75
CA GLY A 354 -19.60 -24.29 39.35
C GLY A 354 -19.30 -24.66 37.91
N TYR A 355 -18.58 -23.81 37.19
CA TYR A 355 -18.22 -24.10 35.81
C TYR A 355 -17.19 -25.22 35.75
N GLN A 356 -17.32 -26.09 34.75
CA GLN A 356 -16.39 -27.21 34.59
C GLN A 356 -15.04 -26.69 34.09
N VAL A 357 -13.97 -27.14 34.74
CA VAL A 357 -12.63 -26.68 34.38
C VAL A 357 -12.23 -27.26 33.03
N HIS A 358 -12.57 -28.52 32.76
CA HIS A 358 -12.19 -29.19 31.53
C HIS A 358 -13.44 -29.77 30.87
N PRO A 359 -14.22 -28.94 30.18
CA PRO A 359 -15.38 -29.45 29.45
C PRO A 359 -14.96 -30.11 28.15
N ARG A 360 -15.96 -30.53 27.37
CA ARG A 360 -15.71 -31.24 26.12
C ARG A 360 -15.63 -30.28 24.93
N LEU A 361 -16.68 -29.48 24.72
CA LEU A 361 -16.73 -28.50 23.63
C LEU A 361 -16.53 -29.16 22.27
N VAL A 362 -17.48 -30.04 21.92
CA VAL A 362 -17.43 -30.71 20.62
C VAL A 362 -17.80 -29.70 19.54
N VAL A 363 -16.97 -29.62 18.51
CA VAL A 363 -17.17 -28.69 17.40
C VAL A 363 -18.01 -29.37 16.34
N ILE A 364 -19.08 -28.70 15.91
CA ILE A 364 -20.01 -29.22 14.90
C ILE A 364 -20.05 -28.25 13.74
N VAL A 365 -19.97 -28.77 12.52
CA VAL A 365 -20.00 -27.97 11.31
C VAL A 365 -21.15 -28.46 10.44
N LEU A 366 -21.98 -27.52 9.98
CA LEU A 366 -23.13 -27.86 9.15
C LEU A 366 -22.66 -28.19 7.73
N ASN A 367 -22.85 -29.44 7.33
CA ASN A 367 -22.44 -29.89 6.01
C ASN A 367 -23.51 -29.54 4.97
N LYS A 368 -23.17 -29.77 3.70
CA LYS A 368 -24.09 -29.46 2.61
C LYS A 368 -25.34 -30.33 2.64
N ASP A 369 -25.32 -31.46 3.34
CA ASP A 369 -26.47 -32.33 3.45
C ASP A 369 -27.32 -32.04 4.68
N ARG A 370 -27.12 -30.88 5.31
CA ARG A 370 -27.89 -30.43 6.47
C ARG A 370 -27.75 -31.41 7.64
N GLU A 371 -26.50 -31.57 8.10
CA GLU A 371 -26.22 -32.38 9.27
C GLU A 371 -24.97 -31.84 9.95
N TRP A 372 -24.80 -32.20 11.22
CA TRP A 372 -23.68 -31.74 12.02
C TRP A 372 -22.64 -32.85 12.14
N GLU A 373 -21.37 -32.51 11.90
CA GLU A 373 -20.27 -33.45 11.94
C GLU A 373 -19.23 -32.98 12.94
N LYS A 374 -18.72 -33.91 13.74
CA LYS A 374 -17.68 -33.58 14.71
C LYS A 374 -16.37 -33.28 14.00
N VAL A 375 -15.71 -32.21 14.42
CA VAL A 375 -14.46 -31.79 13.81
C VAL A 375 -13.38 -31.66 14.88
N GLY A 376 -13.65 -30.88 15.92
CA GLY A 376 -12.66 -30.59 16.94
C GLY A 376 -13.08 -31.09 18.31
N LYS A 377 -12.09 -31.48 19.10
CA LYS A 377 -12.30 -31.90 20.48
C LYS A 377 -11.41 -31.06 21.39
N TRP A 378 -11.95 -30.65 22.53
CA TRP A 378 -11.28 -29.73 23.45
C TRP A 378 -11.23 -30.34 24.85
N GLU A 379 -10.81 -31.59 24.92
CA GLU A 379 -10.78 -32.31 26.20
C GLU A 379 -9.37 -32.37 26.81
N ASN A 380 -8.36 -32.61 25.98
CA ASN A 380 -7.01 -32.87 26.49
C ASN A 380 -6.27 -31.56 26.74
N HIS A 381 -6.02 -31.26 28.02
CA HIS A 381 -5.17 -30.13 28.43
C HIS A 381 -5.67 -28.81 27.86
N THR A 382 -7.00 -28.69 27.72
CA THR A 382 -7.65 -27.50 27.18
C THR A 382 -7.06 -27.12 25.82
N LEU A 383 -6.77 -28.14 25.01
CA LEU A 383 -6.21 -27.97 23.68
C LEU A 383 -7.13 -28.63 22.66
N SER A 384 -7.29 -27.97 21.51
CA SER A 384 -8.20 -28.44 20.47
C SER A 384 -7.44 -28.68 19.18
N LEU A 385 -7.84 -29.74 18.47
CA LEU A 385 -7.28 -30.08 17.18
C LEU A 385 -8.41 -30.32 16.19
N ARG A 386 -8.15 -30.01 14.93
CA ARG A 386 -9.17 -30.09 13.89
C ARG A 386 -8.70 -30.99 12.75
N HIS A 387 -9.67 -31.49 11.98
CA HIS A 387 -9.38 -32.34 10.84
C HIS A 387 -8.93 -31.55 9.61
N ALA A 388 -8.95 -30.22 9.67
CA ALA A 388 -8.49 -29.35 8.60
C ALA A 388 -9.27 -29.58 7.31
N VAL A 389 -10.58 -29.36 7.40
CA VAL A 389 -11.48 -29.45 6.25
C VAL A 389 -12.01 -28.04 5.98
N TRP A 390 -11.34 -27.33 5.07
CA TRP A 390 -11.68 -25.95 4.78
C TRP A 390 -12.85 -25.81 3.81
N PRO A 391 -12.82 -26.46 2.61
CA PRO A 391 -13.89 -26.20 1.64
C PRO A 391 -15.23 -26.80 2.04
N ARG A 392 -16.15 -25.93 2.46
CA ARG A 392 -17.51 -26.34 2.80
C ARG A 392 -18.56 -25.46 2.14
N TYR A 393 -18.17 -24.59 1.22
CA TYR A 393 -19.08 -23.65 0.55
C TYR A 393 -19.46 -24.22 -0.80
N LYS A 394 -20.72 -24.62 -0.95
CA LYS A 394 -21.22 -25.16 -2.21
C LYS A 394 -22.74 -25.16 -2.18
N SER A 395 -23.35 -24.72 -3.30
CA SER A 395 -24.80 -24.78 -3.49
C SER A 395 -25.54 -24.01 -2.41
N PHE A 396 -25.32 -22.70 -2.38
CA PHE A 396 -26.03 -21.80 -1.48
C PHE A 396 -27.21 -21.13 -2.17
N SER A 397 -26.96 -20.43 -3.27
CA SER A 397 -28.00 -19.78 -4.05
C SER A 397 -28.00 -20.22 -5.51
N ASP A 398 -27.30 -21.31 -5.83
CA ASP A 398 -27.20 -21.83 -7.19
C ASP A 398 -26.63 -20.80 -8.16
N CYS A 399 -25.80 -19.89 -7.65
CA CYS A 399 -25.18 -18.85 -8.46
C CYS A 399 -23.78 -18.60 -7.93
N GLU A 400 -23.10 -17.61 -8.54
CA GLU A 400 -21.74 -17.17 -8.25
C GLU A 400 -20.80 -18.32 -7.89
N PRO A 401 -20.47 -19.19 -8.85
CA PRO A 401 -19.54 -20.29 -8.53
C PRO A 401 -18.11 -19.79 -8.38
N ASP A 402 -17.80 -19.23 -7.21
CA ASP A 402 -16.48 -18.65 -6.98
C ASP A 402 -15.40 -19.72 -7.00
N ASP A 403 -14.24 -19.36 -7.56
CA ASP A 403 -13.09 -20.26 -7.61
C ASP A 403 -11.80 -19.52 -7.29
N ASN A 404 -11.88 -18.52 -6.41
CA ASN A 404 -10.72 -17.69 -6.08
C ASN A 404 -9.70 -18.43 -5.23
N HIS A 405 -10.04 -19.60 -4.69
CA HIS A 405 -9.12 -20.38 -3.86
C HIS A 405 -8.12 -21.11 -4.77
N LEU A 406 -7.23 -20.33 -5.36
CA LEU A 406 -6.24 -20.87 -6.28
C LEU A 406 -5.11 -21.52 -5.48
N SER A 407 -4.94 -22.82 -5.66
CA SER A 407 -3.89 -23.55 -4.96
C SER A 407 -2.51 -23.11 -5.45
N ILE A 408 -1.59 -22.95 -4.50
CA ILE A 408 -0.23 -22.54 -4.80
C ILE A 408 0.71 -23.67 -4.38
N VAL A 409 1.51 -24.15 -5.32
CA VAL A 409 2.44 -25.24 -5.09
C VAL A 409 3.84 -24.66 -4.97
N THR A 410 4.58 -25.10 -3.96
CA THR A 410 5.92 -24.60 -3.69
C THR A 410 6.89 -25.76 -3.60
N LEU A 411 8.17 -25.47 -3.87
CA LEU A 411 9.23 -26.46 -3.83
C LEU A 411 10.25 -26.06 -2.77
N GLU A 412 10.72 -27.05 -2.02
CA GLU A 412 11.72 -26.81 -0.97
C GLU A 412 13.04 -26.39 -1.62
N GLU A 413 13.35 -25.11 -1.55
CA GLU A 413 14.58 -24.55 -2.13
C GLU A 413 15.14 -23.55 -1.10
N ALA A 414 16.01 -24.03 -0.23
CA ALA A 414 16.50 -23.23 0.88
C ALA A 414 17.11 -21.88 0.47
N PRO A 415 17.91 -21.77 -0.59
CA PRO A 415 18.39 -20.42 -0.98
C PRO A 415 17.26 -19.45 -1.29
N PHE A 416 16.13 -19.92 -1.80
CA PHE A 416 15.02 -19.05 -2.15
C PHE A 416 13.83 -19.19 -1.21
N VAL A 417 13.31 -20.41 -1.04
CA VAL A 417 12.15 -20.66 -0.19
C VAL A 417 12.57 -21.68 0.85
N ILE A 418 12.86 -21.22 2.07
CA ILE A 418 13.32 -22.06 3.16
C ILE A 418 12.21 -22.13 4.21
N VAL A 419 11.88 -23.35 4.64
CA VAL A 419 10.88 -23.57 5.66
C VAL A 419 11.56 -24.12 6.91
N GLU A 420 10.90 -23.94 8.06
CA GLU A 420 11.42 -24.41 9.33
C GLU A 420 10.26 -24.68 10.26
N ASP A 421 10.57 -25.12 11.47
CA ASP A 421 9.56 -25.39 12.48
C ASP A 421 9.03 -24.09 13.07
N ILE A 422 8.12 -24.20 14.02
CA ILE A 422 7.50 -23.06 14.68
C ILE A 422 7.88 -23.09 16.15
N ASP A 423 8.48 -22.01 16.62
CA ASP A 423 8.78 -21.88 18.05
C ASP A 423 7.47 -21.81 18.84
N PRO A 424 7.40 -22.48 19.99
CA PRO A 424 6.15 -22.45 20.77
C PRO A 424 5.91 -21.12 21.44
N LEU A 425 4.94 -20.35 20.91
CA LEU A 425 4.53 -19.09 21.55
C LEU A 425 3.03 -18.86 21.42
N THR A 426 2.25 -19.92 21.23
CA THR A 426 0.80 -19.83 21.00
C THR A 426 0.49 -18.95 19.78
N GLU A 427 1.31 -19.07 18.74
CA GLU A 427 1.11 -18.34 17.50
C GLU A 427 1.46 -19.25 16.33
N THR A 428 0.95 -18.87 15.15
CA THR A 428 1.23 -19.58 13.90
C THR A 428 2.13 -18.78 12.97
N CYS A 429 1.75 -17.55 12.66
CA CYS A 429 2.57 -16.65 11.87
C CYS A 429 3.23 -15.63 12.77
N VAL A 430 4.50 -15.33 12.49
CA VAL A 430 5.27 -14.43 13.34
C VAL A 430 4.92 -12.98 13.00
N ARG A 431 5.16 -12.57 11.75
CA ARG A 431 4.82 -11.22 11.34
C ARG A 431 3.93 -11.22 10.11
N ASN A 432 4.43 -11.73 8.98
CA ASN A 432 3.66 -11.70 7.75
C ASN A 432 3.76 -12.98 6.94
N THR A 433 4.37 -14.03 7.47
CA THR A 433 4.56 -15.27 6.71
C THR A 433 3.21 -15.94 6.42
N VAL A 434 3.07 -16.42 5.20
CA VAL A 434 1.89 -17.23 4.84
C VAL A 434 1.98 -18.58 5.52
N PRO A 435 0.90 -19.12 6.07
CA PRO A 435 0.96 -20.45 6.69
C PRO A 435 1.21 -21.53 5.64
N CYS A 436 2.29 -22.29 5.84
CA CYS A 436 2.67 -23.39 4.95
C CYS A 436 2.19 -24.70 5.58
N ARG A 437 1.32 -25.40 4.87
CA ARG A 437 0.80 -26.69 5.33
C ARG A 437 1.55 -27.79 4.58
N LYS A 438 2.40 -28.52 5.30
CA LYS A 438 3.24 -29.57 4.73
C LYS A 438 2.75 -30.93 5.18
N PHE A 439 2.63 -31.86 4.23
CA PHE A 439 2.26 -33.23 4.55
C PHE A 439 3.48 -33.98 5.07
N VAL A 440 3.33 -34.61 6.23
CA VAL A 440 4.43 -35.33 6.89
C VAL A 440 4.02 -36.78 7.04
N LYS A 441 4.89 -37.69 6.62
CA LYS A 441 4.64 -39.12 6.75
C LYS A 441 5.08 -39.59 8.13
N ILE A 442 4.32 -40.56 8.67
CA ILE A 442 4.59 -41.04 10.03
C ILE A 442 5.88 -41.84 10.08
N ASN A 443 5.95 -42.93 9.32
CA ASN A 443 7.12 -43.79 9.29
C ASN A 443 7.28 -44.34 7.88
N ASN A 444 8.14 -45.35 7.75
CA ASN A 444 8.44 -45.95 6.46
C ASN A 444 7.47 -47.06 6.07
N SER A 445 6.46 -47.34 6.90
CA SER A 445 5.52 -48.42 6.64
C SER A 445 4.15 -47.88 6.26
N THR A 446 3.55 -47.04 7.10
CA THR A 446 2.24 -46.48 6.79
C THR A 446 2.38 -45.28 5.85
N ASN A 447 1.26 -44.90 5.24
CA ASN A 447 1.21 -43.81 4.27
C ASN A 447 0.04 -42.89 4.61
N GLU A 448 0.30 -41.90 5.47
CA GLU A 448 -0.68 -40.88 5.80
C GLU A 448 0.00 -39.53 5.85
N GLY A 449 -0.59 -38.52 5.22
CA GLY A 449 -0.03 -37.19 5.21
C GLY A 449 -0.51 -36.35 6.37
N MET A 450 0.33 -36.21 7.40
CA MET A 450 -0.04 -35.42 8.57
C MET A 450 -0.03 -33.94 8.20
N ASN A 451 -1.10 -33.23 8.58
CA ASN A 451 -1.26 -31.82 8.27
C ASN A 451 -0.69 -31.01 9.43
N VAL A 452 0.58 -30.61 9.29
CA VAL A 452 1.28 -29.84 10.32
C VAL A 452 1.70 -28.51 9.72
N LYS A 453 1.32 -27.42 10.37
CA LYS A 453 1.73 -26.10 9.93
C LYS A 453 3.20 -25.86 10.26
N LYS A 454 3.90 -25.21 9.33
CA LYS A 454 5.31 -24.88 9.51
C LYS A 454 5.56 -23.45 9.03
N CYS A 455 6.36 -22.72 9.78
CA CYS A 455 6.72 -21.36 9.39
C CYS A 455 7.62 -21.39 8.15
N CYS A 456 7.41 -20.42 7.26
CA CYS A 456 8.13 -20.40 5.99
C CYS A 456 8.38 -18.95 5.58
N LYS A 457 9.63 -18.66 5.21
CA LYS A 457 10.03 -17.35 4.70
C LYS A 457 10.77 -17.55 3.39
N GLY A 458 10.49 -16.67 2.43
CA GLY A 458 11.16 -16.78 1.13
C GLY A 458 10.88 -15.58 0.26
N PHE A 459 11.74 -15.42 -0.76
CA PHE A 459 11.55 -14.35 -1.73
C PHE A 459 10.27 -14.54 -2.52
N CYS A 460 9.97 -15.79 -2.91
CA CYS A 460 8.73 -16.07 -3.62
C CYS A 460 7.51 -15.75 -2.76
N ILE A 461 7.62 -15.94 -1.45
CA ILE A 461 6.53 -15.58 -0.55
C ILE A 461 6.27 -14.08 -0.61
N ASP A 462 7.34 -13.28 -0.59
CA ASP A 462 7.19 -11.83 -0.71
C ASP A 462 6.60 -11.45 -2.06
N ILE A 463 7.03 -12.12 -3.13
CA ILE A 463 6.47 -11.85 -4.45
C ILE A 463 4.97 -12.12 -4.47
N LEU A 464 4.56 -13.26 -3.90
CA LEU A 464 3.14 -13.59 -3.85
C LEU A 464 2.36 -12.60 -3.01
N LYS A 465 2.93 -12.16 -1.88
CA LYS A 465 2.25 -11.18 -1.05
C LYS A 465 2.08 -9.86 -1.79
N LYS A 466 3.11 -9.42 -2.51
CA LYS A 466 2.99 -8.19 -3.29
C LYS A 466 1.97 -8.32 -4.40
N LEU A 467 1.93 -9.48 -5.07
CA LEU A 467 0.97 -9.69 -6.15
C LEU A 467 -0.46 -9.79 -5.62
N SER A 468 -0.63 -10.23 -4.38
CA SER A 468 -1.97 -10.36 -3.80
C SER A 468 -2.66 -9.01 -3.69
N ARG A 469 -1.92 -7.98 -3.28
CA ARG A 469 -2.51 -6.65 -3.13
C ARG A 469 -2.95 -6.06 -4.47
N THR A 470 -2.39 -6.54 -5.58
CA THR A 470 -2.77 -6.05 -6.90
C THR A 470 -3.87 -6.89 -7.54
N VAL A 471 -3.83 -8.22 -7.37
CA VAL A 471 -4.88 -9.06 -7.94
C VAL A 471 -6.14 -9.08 -7.07
N LYS A 472 -6.01 -8.76 -5.79
CA LYS A 472 -7.14 -8.74 -4.86
C LYS A 472 -7.83 -10.10 -4.77
N PHE A 473 -7.03 -11.14 -4.54
CA PHE A 473 -7.55 -12.48 -4.34
C PHE A 473 -6.67 -13.22 -3.35
N THR A 474 -7.24 -14.24 -2.73
CA THR A 474 -6.54 -15.04 -1.73
C THR A 474 -5.84 -16.22 -2.39
N TYR A 475 -4.72 -16.63 -1.79
CA TYR A 475 -3.93 -17.74 -2.29
C TYR A 475 -3.49 -18.59 -1.10
N ASP A 476 -3.97 -19.83 -1.05
CA ASP A 476 -3.59 -20.77 0.01
C ASP A 476 -2.45 -21.65 -0.49
N LEU A 477 -1.33 -21.64 0.23
CA LEU A 477 -0.17 -22.43 -0.17
C LEU A 477 -0.44 -23.91 0.02
N TYR A 478 0.10 -24.73 -0.89
CA TYR A 478 -0.06 -26.18 -0.86
C TYR A 478 1.29 -26.81 -1.17
N LEU A 479 2.06 -27.09 -0.11
CA LEU A 479 3.37 -27.70 -0.29
C LEU A 479 3.23 -29.16 -0.69
N VAL A 480 4.19 -29.65 -1.48
CA VAL A 480 4.18 -31.01 -1.97
C VAL A 480 5.52 -31.67 -1.65
N THR A 481 5.51 -33.00 -1.64
CA THR A 481 6.70 -33.78 -1.35
C THR A 481 7.01 -34.85 -2.38
N ASN A 482 6.07 -35.18 -3.27
CA ASN A 482 6.29 -36.20 -4.29
C ASN A 482 7.17 -35.63 -5.39
N GLY A 483 8.44 -36.02 -5.41
CA GLY A 483 9.38 -35.54 -6.39
C GLY A 483 9.92 -34.17 -6.06
N LYS A 484 10.90 -33.74 -6.85
CA LYS A 484 11.53 -32.44 -6.68
C LYS A 484 11.25 -31.51 -7.86
N HIS A 485 11.60 -31.93 -9.07
CA HIS A 485 11.33 -31.14 -10.27
C HIS A 485 10.41 -31.86 -11.23
N GLY A 486 10.74 -33.10 -11.61
CA GLY A 486 9.92 -33.85 -12.54
C GLY A 486 10.68 -34.36 -13.75
N LYS A 487 10.36 -35.56 -14.20
CA LYS A 487 11.02 -36.17 -15.34
C LYS A 487 9.95 -36.80 -16.23
N LYS A 488 10.40 -37.57 -17.21
CA LYS A 488 9.50 -38.29 -18.13
C LYS A 488 9.85 -39.78 -18.03
N VAL A 489 9.24 -40.46 -17.07
CA VAL A 489 9.47 -41.89 -16.85
C VAL A 489 8.29 -42.62 -17.49
N ASN A 490 8.48 -43.03 -18.75
CA ASN A 490 7.44 -43.70 -19.53
C ASN A 490 6.19 -42.83 -19.64
N ASN A 491 6.38 -41.59 -20.06
CA ASN A 491 5.28 -40.63 -20.26
C ASN A 491 4.48 -40.44 -18.96
N VAL A 492 5.21 -40.29 -17.85
CA VAL A 492 4.61 -40.02 -16.55
C VAL A 492 5.26 -38.77 -15.98
N TRP A 493 4.43 -37.82 -15.54
CA TRP A 493 4.90 -36.56 -14.99
C TRP A 493 4.88 -36.61 -13.48
N ASN A 494 5.95 -36.13 -12.86
CA ASN A 494 6.10 -36.11 -11.40
C ASN A 494 6.53 -34.72 -10.96
N GLY A 495 6.65 -34.53 -9.65
CA GLY A 495 7.06 -33.25 -9.12
C GLY A 495 5.94 -32.22 -9.17
N MET A 496 6.35 -30.95 -9.04
CA MET A 496 5.39 -29.85 -9.09
C MET A 496 4.74 -29.74 -10.46
N ILE A 497 5.53 -29.91 -11.53
CA ILE A 497 4.97 -29.88 -12.88
C ILE A 497 3.98 -31.02 -13.06
N GLY A 498 4.35 -32.22 -12.60
CA GLY A 498 3.44 -33.35 -12.68
C GLY A 498 2.16 -33.16 -11.91
N GLU A 499 2.23 -32.54 -10.73
CA GLU A 499 1.03 -32.26 -9.95
C GLU A 499 0.15 -31.21 -10.63
N VAL A 500 0.76 -30.19 -11.24
CA VAL A 500 -0.02 -29.13 -11.88
C VAL A 500 -0.54 -29.53 -13.26
N VAL A 501 0.01 -30.57 -13.88
CA VAL A 501 -0.43 -30.97 -15.21
C VAL A 501 -1.83 -31.57 -15.15
N TYR A 502 -2.12 -32.35 -14.11
CA TYR A 502 -3.35 -33.15 -14.04
C TYR A 502 -4.50 -32.40 -13.37
N GLN A 503 -4.53 -31.07 -13.48
CA GLN A 503 -5.63 -30.25 -12.96
C GLN A 503 -5.79 -30.43 -11.44
N ARG A 504 -4.66 -30.61 -10.76
CA ARG A 504 -4.64 -30.72 -9.31
C ARG A 504 -4.26 -29.42 -8.61
N ALA A 505 -3.96 -28.36 -9.37
CA ALA A 505 -3.61 -27.06 -8.82
C ALA A 505 -3.93 -26.00 -9.86
N VAL A 506 -3.53 -24.76 -9.56
CA VAL A 506 -3.78 -23.65 -10.47
C VAL A 506 -2.46 -23.00 -10.86
N MET A 507 -1.71 -22.51 -9.87
CA MET A 507 -0.48 -21.80 -10.09
C MET A 507 0.66 -22.48 -9.35
N ALA A 508 1.81 -22.58 -10.00
CA ALA A 508 3.01 -23.17 -9.43
C ALA A 508 4.07 -22.09 -9.23
N VAL A 509 4.59 -21.98 -8.01
CA VAL A 509 5.58 -20.98 -7.66
C VAL A 509 6.83 -21.70 -7.16
N GLY A 510 7.98 -21.36 -7.73
CA GLY A 510 9.23 -21.97 -7.34
C GLY A 510 10.34 -21.74 -8.34
N SER A 511 11.37 -22.60 -8.30
CA SER A 511 12.51 -22.51 -9.21
C SER A 511 12.31 -23.58 -10.29
N LEU A 512 11.62 -23.20 -11.36
CA LEU A 512 11.33 -24.09 -12.48
C LEU A 512 11.88 -23.45 -13.75
N THR A 513 13.09 -23.84 -14.14
CA THR A 513 13.72 -23.27 -15.33
C THR A 513 12.88 -23.55 -16.57
N ILE A 514 12.81 -22.56 -17.45
CA ILE A 514 12.00 -22.68 -18.66
C ILE A 514 12.68 -23.66 -19.61
N ASN A 515 11.95 -24.72 -19.99
CA ASN A 515 12.47 -25.73 -20.90
C ASN A 515 11.41 -26.09 -21.92
N GLU A 516 11.86 -26.54 -23.10
CA GLU A 516 10.93 -26.96 -24.13
C GLU A 516 10.16 -28.19 -23.70
N GLU A 517 10.81 -29.13 -23.02
CA GLU A 517 10.16 -30.37 -22.58
C GLU A 517 9.10 -30.12 -21.52
N ARG A 518 9.05 -28.93 -20.93
CA ARG A 518 8.01 -28.59 -19.96
C ARG A 518 7.00 -27.58 -20.47
N SER A 519 7.30 -26.85 -21.54
CA SER A 519 6.42 -25.78 -22.02
C SER A 519 5.21 -26.30 -22.76
N GLU A 520 5.24 -27.54 -23.25
CA GLU A 520 4.11 -28.08 -24.00
C GLU A 520 2.98 -28.58 -23.10
N VAL A 521 3.23 -28.73 -21.80
CA VAL A 521 2.21 -29.19 -20.87
C VAL A 521 1.79 -28.13 -19.87
N VAL A 522 2.56 -27.05 -19.71
CA VAL A 522 2.23 -25.99 -18.77
C VAL A 522 2.82 -24.68 -19.30
N ASP A 523 2.09 -23.59 -19.07
CA ASP A 523 2.52 -22.28 -19.52
C ASP A 523 3.39 -21.61 -18.45
N PHE A 524 4.00 -20.49 -18.83
CA PHE A 524 4.83 -19.71 -17.92
C PHE A 524 4.61 -18.23 -18.19
N SER A 525 4.90 -17.41 -17.18
CA SER A 525 4.75 -15.97 -17.26
C SER A 525 6.09 -15.34 -17.63
N VAL A 526 6.13 -14.02 -17.62
CA VAL A 526 7.37 -13.30 -17.93
C VAL A 526 8.37 -13.52 -16.81
N PRO A 527 9.58 -13.99 -17.08
CA PRO A 527 10.56 -14.21 -16.01
C PRO A 527 10.94 -12.90 -15.33
N PHE A 528 11.18 -12.99 -14.03
CA PHE A 528 11.58 -11.83 -13.23
C PHE A 528 13.00 -11.91 -12.72
N VAL A 529 13.57 -13.11 -12.62
CA VAL A 529 14.94 -13.31 -12.17
C VAL A 529 15.69 -14.08 -13.26
N GLU A 530 16.88 -13.60 -13.60
CA GLU A 530 17.71 -14.22 -14.63
C GLU A 530 18.78 -15.08 -13.97
N THR A 531 19.01 -16.26 -14.53
CA THR A 531 20.00 -17.20 -14.01
C THR A 531 20.56 -18.00 -15.18
N GLY A 532 21.30 -19.06 -14.86
CA GLY A 532 21.89 -19.88 -15.89
C GLY A 532 22.62 -21.05 -15.28
N ILE A 533 23.44 -21.69 -16.12
CA ILE A 533 24.26 -22.83 -15.69
C ILE A 533 25.71 -22.35 -15.55
N SER A 534 26.34 -22.75 -14.45
CA SER A 534 27.70 -22.32 -14.16
C SER A 534 28.34 -23.33 -13.22
N VAL A 535 29.66 -23.20 -13.07
CA VAL A 535 30.44 -24.07 -12.19
C VAL A 535 31.21 -23.20 -11.21
N MET A 536 31.57 -23.81 -10.08
CA MET A 536 32.32 -23.14 -9.02
C MET A 536 33.56 -23.94 -8.70
N VAL A 537 34.72 -23.29 -8.78
CA VAL A 537 36.01 -23.94 -8.54
C VAL A 537 36.76 -23.13 -7.49
N SER A 538 37.31 -23.81 -6.50
CA SER A 538 38.09 -23.15 -5.46
C SER A 538 39.44 -22.70 -6.02
N ARG A 539 40.09 -21.81 -5.27
CA ARG A 539 41.40 -21.29 -5.65
C ARG A 539 42.54 -22.16 -5.13
N SER A 540 42.56 -22.42 -3.84
CA SER A 540 43.60 -23.25 -3.23
C SER A 540 43.04 -24.05 -2.06
N SER A 556 56.75 4.85 -26.18
CA SER A 556 57.95 4.97 -27.00
C SER A 556 59.13 5.47 -26.17
N VAL A 557 59.10 5.18 -24.87
CA VAL A 557 60.19 5.60 -23.98
C VAL A 557 61.47 4.84 -24.30
N TRP A 558 61.37 3.56 -24.68
CA TRP A 558 62.55 2.75 -24.94
C TRP A 558 63.32 3.29 -26.14
N VAL A 559 62.63 3.53 -27.26
CA VAL A 559 63.31 4.08 -28.43
C VAL A 559 63.78 5.50 -28.15
N MET A 560 63.02 6.27 -27.37
CA MET A 560 63.43 7.63 -27.04
C MET A 560 64.76 7.63 -26.28
N MET A 561 64.90 6.78 -25.27
CA MET A 561 66.16 6.72 -24.54
C MET A 561 67.27 6.11 -25.39
N PHE A 562 66.94 5.16 -26.27
CA PHE A 562 67.95 4.60 -27.15
C PHE A 562 68.53 5.64 -28.10
N VAL A 563 67.69 6.52 -28.64
CA VAL A 563 68.19 7.58 -29.52
C VAL A 563 68.77 8.76 -28.74
N MET A 564 68.38 8.94 -27.48
CA MET A 564 68.96 10.01 -26.67
C MET A 564 70.36 9.66 -26.16
N LEU A 565 70.60 8.39 -25.83
CA LEU A 565 71.93 8.00 -25.35
C LEU A 565 72.97 8.18 -26.44
N LEU A 566 72.62 7.89 -27.70
CA LEU A 566 73.55 8.11 -28.79
C LEU A 566 73.90 9.59 -28.93
N ILE A 567 72.92 10.48 -28.78
CA ILE A 567 73.17 11.91 -28.89
C ILE A 567 74.04 12.38 -27.73
N VAL A 568 73.75 11.94 -26.51
CA VAL A 568 74.52 12.38 -25.35
C VAL A 568 75.89 11.71 -25.25
N SER A 569 76.11 10.64 -26.01
CA SER A 569 77.43 10.02 -26.08
C SER A 569 78.37 10.73 -27.03
N ALA A 570 77.91 11.78 -27.71
CA ALA A 570 78.74 12.60 -28.57
C ALA A 570 78.62 14.09 -28.32
N ILE A 571 77.55 14.54 -27.65
CA ILE A 571 77.38 15.98 -27.40
C ILE A 571 78.53 16.52 -26.56
N ALA A 572 79.16 15.68 -25.74
CA ALA A 572 80.34 16.07 -24.99
C ALA A 572 81.64 15.64 -25.65
N VAL A 573 81.60 14.57 -26.46
CA VAL A 573 82.79 14.13 -27.18
C VAL A 573 83.23 15.20 -28.18
N PHE A 574 82.26 15.82 -28.87
CA PHE A 574 82.60 16.90 -29.80
C PHE A 574 83.28 18.07 -29.08
N VAL A 575 82.76 18.44 -27.90
CA VAL A 575 83.35 19.52 -27.13
C VAL A 575 84.76 19.15 -26.68
N PHE A 576 84.94 17.92 -26.21
CA PHE A 576 86.26 17.48 -25.76
C PHE A 576 87.25 17.47 -26.92
N GLU A 577 86.82 17.03 -28.10
CA GLU A 577 87.69 17.04 -29.27
C GLU A 577 88.04 18.47 -29.68
N TYR A 578 87.08 19.38 -29.58
CA TYR A 578 87.36 20.79 -29.90
C TYR A 578 88.32 21.40 -28.89
N PHE A 579 88.30 20.92 -27.64
CA PHE A 579 89.21 21.42 -26.62
C PHE A 579 90.60 20.79 -26.70
N SER A 580 90.75 19.68 -27.44
CA SER A 580 92.04 19.01 -27.52
C SER A 580 93.14 19.88 -28.11
N PRO A 581 92.94 20.60 -29.23
CA PRO A 581 94.07 21.40 -29.71
C PRO A 581 94.04 22.83 -29.19
N SER A 598 92.88 14.37 -21.15
CA SER A 598 91.92 13.96 -22.16
C SER A 598 92.43 12.78 -22.98
N PHE A 599 91.55 11.83 -23.25
CA PHE A 599 91.91 10.65 -24.02
C PHE A 599 90.67 10.19 -24.79
N THR A 600 90.70 8.96 -25.28
CA THR A 600 89.72 8.50 -26.26
C THR A 600 88.39 8.19 -25.60
N ILE A 601 87.51 7.50 -26.33
CA ILE A 601 86.10 7.34 -25.96
C ILE A 601 85.92 6.70 -24.59
N GLY A 602 86.99 6.17 -23.99
CA GLY A 602 86.88 5.62 -22.65
C GLY A 602 86.43 6.65 -21.63
N LYS A 603 86.91 7.89 -21.77
CA LYS A 603 86.50 8.96 -20.86
C LYS A 603 85.01 9.23 -20.97
N ALA A 604 84.48 9.25 -22.21
CA ALA A 604 83.06 9.47 -22.39
C ALA A 604 82.24 8.36 -21.76
N ILE A 605 82.67 7.11 -21.92
CA ILE A 605 81.96 5.99 -21.33
C ILE A 605 81.98 6.08 -19.81
N TRP A 606 83.14 6.40 -19.24
CA TRP A 606 83.25 6.54 -17.79
C TRP A 606 82.34 7.64 -17.27
N LEU A 607 82.34 8.80 -17.94
CA LEU A 607 81.50 9.91 -17.51
C LEU A 607 80.01 9.57 -17.64
N LEU A 608 79.63 8.91 -18.73
CA LEU A 608 78.23 8.56 -18.93
C LEU A 608 77.74 7.58 -17.87
N TRP A 609 78.56 6.56 -17.56
CA TRP A 609 78.12 5.56 -16.60
C TRP A 609 78.34 5.99 -15.15
N GLY A 610 79.11 7.04 -14.90
CA GLY A 610 79.17 7.61 -13.57
C GLY A 610 78.23 8.77 -13.34
N LEU A 611 77.62 9.28 -14.41
CA LEU A 611 76.66 10.37 -14.29
C LEU A 611 75.41 9.92 -13.53
N VAL A 612 74.95 8.70 -13.78
CA VAL A 612 73.76 8.19 -13.11
C VAL A 612 74.05 7.99 -11.62
N PHE A 613 72.99 8.13 -10.81
CA PHE A 613 73.06 7.99 -9.35
C PHE A 613 74.05 9.02 -8.83
N ASN A 614 75.14 8.63 -8.16
CA ASN A 614 76.11 9.59 -7.64
C ASN A 614 77.31 9.69 -8.56
N THR A 625 87.66 22.25 -15.98
CA THR A 625 86.65 22.18 -17.03
C THR A 625 85.36 22.86 -16.58
N THR A 626 84.99 23.92 -17.30
CA THR A 626 83.78 24.68 -17.00
C THR A 626 82.58 24.21 -17.79
N SER A 627 82.73 23.17 -18.61
CA SER A 627 81.63 22.63 -19.40
C SER A 627 80.85 21.55 -18.68
N LYS A 628 81.21 21.21 -17.45
CA LYS A 628 80.53 20.16 -16.71
C LYS A 628 79.25 20.64 -16.03
N ILE A 629 78.99 21.95 -16.02
CA ILE A 629 77.73 22.43 -15.45
C ILE A 629 76.55 22.01 -16.31
N MET A 630 76.71 22.09 -17.64
CA MET A 630 75.63 21.72 -18.55
C MET A 630 75.31 20.24 -18.52
N VAL A 631 76.25 19.39 -18.10
CA VAL A 631 75.95 17.99 -17.94
C VAL A 631 75.51 17.67 -16.51
N SER A 632 75.96 18.46 -15.52
CA SER A 632 75.48 18.27 -14.16
C SER A 632 74.00 18.61 -14.03
N VAL A 633 73.56 19.68 -14.72
CA VAL A 633 72.14 20.02 -14.69
C VAL A 633 71.31 18.93 -15.37
N TRP A 634 71.83 18.36 -16.46
CA TRP A 634 71.15 17.26 -17.13
C TRP A 634 71.10 16.04 -16.24
N ALA A 635 72.17 15.78 -15.48
CA ALA A 635 72.17 14.67 -14.53
C ALA A 635 71.12 14.87 -13.45
N PHE A 636 71.00 16.09 -12.93
CA PHE A 636 69.98 16.38 -11.92
C PHE A 636 68.58 16.20 -12.50
N PHE A 637 68.37 16.66 -13.74
CA PHE A 637 67.07 16.48 -14.38
C PHE A 637 66.76 15.00 -14.59
N ALA A 638 67.76 14.21 -14.96
CA ALA A 638 67.56 12.78 -15.14
C ALA A 638 67.25 12.09 -13.81
N VAL A 639 67.90 12.55 -12.73
CA VAL A 639 67.60 12.00 -11.40
C VAL A 639 66.15 12.31 -11.03
N ILE A 640 65.70 13.54 -11.29
CA ILE A 640 64.30 13.90 -11.04
C ILE A 640 63.37 13.03 -11.86
N PHE A 641 63.71 12.81 -13.14
CA PHE A 641 62.87 12.01 -14.02
C PHE A 641 62.78 10.57 -13.53
N LEU A 642 63.90 9.98 -13.11
CA LEU A 642 63.86 8.60 -12.65
C LEU A 642 63.14 8.48 -11.30
N ALA A 643 63.27 9.49 -10.43
CA ALA A 643 62.49 9.49 -9.20
C ALA A 643 61.00 9.55 -9.49
N SER A 644 60.60 10.40 -10.44
CA SER A 644 59.20 10.49 -10.83
C SER A 644 58.71 9.18 -11.43
N TYR A 645 59.55 8.53 -12.25
CA TYR A 645 59.17 7.24 -12.82
C TYR A 645 58.99 6.18 -11.75
N THR A 646 59.89 6.14 -10.77
CA THR A 646 59.75 5.18 -9.67
C THR A 646 58.50 5.45 -8.86
N ALA A 647 58.20 6.73 -8.59
CA ALA A 647 56.98 7.06 -7.86
C ALA A 647 55.74 6.65 -8.64
N ASN A 648 55.73 6.89 -9.96
CA ASN A 648 54.60 6.49 -10.78
C ASN A 648 54.43 4.98 -10.79
N LEU A 649 55.53 4.24 -10.89
CA LEU A 649 55.44 2.78 -10.85
C LEU A 649 54.92 2.29 -9.50
N ALA A 650 55.39 2.89 -8.41
CA ALA A 650 54.90 2.50 -7.08
C ALA A 650 53.41 2.79 -6.94
N ALA A 651 52.95 3.94 -7.42
CA ALA A 651 51.54 4.27 -7.39
C ALA A 651 50.70 3.38 -8.31
N PHE A 652 51.25 2.92 -9.42
CA PHE A 652 50.52 2.02 -10.31
C PHE A 652 50.46 0.60 -9.77
N MET A 653 51.48 0.16 -9.03
CA MET A 653 51.52 -1.20 -8.50
C MET A 653 50.48 -1.45 -7.42
N ILE A 654 49.82 -0.40 -6.90
CA ILE A 654 48.80 -0.58 -5.87
C ILE A 654 47.44 -0.91 -6.45
N GLN A 655 47.28 -0.83 -7.77
CA GLN A 655 46.00 -1.12 -8.40
C GLN A 655 46.18 -2.04 -9.61
N ASP A 660 43.92 -17.86 -15.67
CA ASP A 660 43.74 -18.27 -14.29
C ASP A 660 43.09 -19.65 -14.21
N GLN A 661 41.79 -19.71 -14.50
CA GLN A 661 41.06 -20.97 -14.50
C GLN A 661 40.43 -21.23 -15.87
N VAL A 662 39.60 -22.27 -15.95
CA VAL A 662 38.94 -22.59 -17.21
C VAL A 662 38.03 -21.45 -17.64
N THR A 663 38.02 -21.17 -18.94
CA THR A 663 37.23 -20.08 -19.49
C THR A 663 35.76 -20.43 -19.67
N GLY A 664 35.39 -21.70 -19.54
CA GLY A 664 34.00 -22.09 -19.72
C GLY A 664 33.90 -23.57 -20.08
N LEU A 665 32.84 -23.88 -20.82
CA LEU A 665 32.57 -25.25 -21.25
C LEU A 665 33.18 -25.58 -22.60
N SER A 666 33.93 -24.65 -23.19
CA SER A 666 34.56 -24.86 -24.50
C SER A 666 36.03 -25.25 -24.37
N ASP A 667 36.38 -26.01 -23.34
CA ASP A 667 37.75 -26.45 -23.12
C ASP A 667 37.86 -27.94 -23.36
N LYS A 668 39.00 -28.36 -23.91
CA LYS A 668 39.22 -29.77 -24.23
C LYS A 668 39.25 -30.65 -23.00
N LYS A 669 39.54 -30.07 -21.82
CA LYS A 669 39.62 -30.87 -20.60
C LYS A 669 38.28 -31.51 -20.26
N PHE A 670 37.17 -30.78 -20.47
CA PHE A 670 35.86 -31.36 -20.23
C PHE A 670 35.59 -32.53 -21.15
N GLN A 671 35.95 -32.41 -22.43
CA GLN A 671 35.73 -33.50 -23.37
C GLN A 671 36.59 -34.72 -23.02
N ARG A 672 37.85 -34.48 -22.63
CA ARG A 672 38.80 -35.55 -22.32
C ARG A 672 39.38 -35.32 -20.94
N PRO A 673 38.65 -35.70 -19.89
CA PRO A 673 39.17 -35.52 -18.52
C PRO A 673 40.28 -36.48 -18.15
N HIS A 674 40.52 -37.52 -18.96
CA HIS A 674 41.56 -38.51 -18.67
C HIS A 674 42.93 -38.11 -19.20
N ASP A 675 43.05 -36.95 -19.84
CA ASP A 675 44.36 -36.52 -20.34
C ASP A 675 45.34 -36.28 -19.19
N TYR A 676 44.88 -35.67 -18.10
CA TYR A 676 45.71 -35.43 -16.94
C TYR A 676 45.60 -36.57 -15.95
N SER A 677 46.66 -36.73 -15.15
CA SER A 677 46.66 -37.80 -14.13
C SER A 677 45.53 -37.65 -13.11
N PRO A 678 45.26 -36.47 -12.54
CA PRO A 678 44.10 -36.35 -11.65
C PRO A 678 42.82 -36.23 -12.45
N PRO A 679 41.91 -37.20 -12.32
CA PRO A 679 40.65 -37.13 -13.06
C PRO A 679 39.78 -35.98 -12.57
N PHE A 680 39.04 -35.38 -13.51
CA PHE A 680 38.12 -34.31 -13.14
C PHE A 680 36.89 -34.88 -12.47
N ARG A 681 36.50 -34.29 -11.35
CA ARG A 681 35.37 -34.76 -10.54
C ARG A 681 34.23 -33.77 -10.69
N PHE A 682 33.33 -34.06 -11.63
CA PHE A 682 32.16 -33.23 -11.90
C PHE A 682 30.90 -34.05 -11.70
N GLY A 683 29.85 -33.40 -11.19
CA GLY A 683 28.60 -34.08 -10.96
C GLY A 683 27.53 -33.10 -10.55
N THR A 684 26.31 -33.63 -10.42
CA THR A 684 25.16 -32.83 -10.04
C THR A 684 24.11 -33.76 -9.43
N VAL A 685 23.15 -33.16 -8.74
CA VAL A 685 22.08 -33.94 -8.12
C VAL A 685 21.20 -34.57 -9.20
N PRO A 686 20.71 -35.79 -9.01
CA PRO A 686 19.87 -36.41 -10.04
C PRO A 686 18.45 -35.86 -10.00
N ASN A 687 17.69 -36.22 -11.04
CA ASN A 687 16.29 -35.82 -11.19
C ASN A 687 16.12 -34.31 -11.18
N GLY A 688 17.10 -33.59 -11.73
CA GLY A 688 17.07 -32.14 -11.81
C GLY A 688 16.58 -31.64 -13.14
N SER A 689 16.99 -30.42 -13.49
CA SER A 689 16.62 -29.81 -14.76
C SER A 689 17.79 -29.58 -15.69
N THR A 690 18.99 -29.30 -15.15
CA THR A 690 20.15 -29.08 -16.00
C THR A 690 20.68 -30.36 -16.62
N GLU A 691 20.36 -31.52 -16.03
CA GLU A 691 20.83 -32.78 -16.58
C GLU A 691 20.26 -33.03 -17.97
N ARG A 692 18.96 -32.75 -18.15
CA ARG A 692 18.35 -32.94 -19.47
C ARG A 692 18.92 -31.95 -20.49
N ASN A 693 19.19 -30.72 -20.06
CA ASN A 693 19.80 -29.74 -20.96
C ASN A 693 21.19 -30.18 -21.39
N ILE A 694 21.97 -30.72 -20.45
CA ILE A 694 23.29 -31.24 -20.79
C ILE A 694 23.17 -32.43 -21.74
N ARG A 695 22.19 -33.31 -21.49
CA ARG A 695 21.99 -34.46 -22.36
C ARG A 695 21.64 -34.02 -23.79
N ASN A 696 20.81 -32.98 -23.93
CA ASN A 696 20.45 -32.49 -25.25
C ASN A 696 21.63 -31.87 -25.99
N ASN A 697 22.72 -31.58 -25.29
CA ASN A 697 23.92 -31.00 -25.91
C ASN A 697 25.14 -31.90 -25.81
N TYR A 698 25.41 -32.48 -24.64
CA TYR A 698 26.55 -33.37 -24.43
C TYR A 698 26.06 -34.66 -23.81
N PRO A 699 25.52 -35.57 -24.62
CA PRO A 699 24.99 -36.83 -24.06
C PRO A 699 26.07 -37.78 -23.54
N TYR A 700 27.33 -37.54 -23.85
CA TYR A 700 28.42 -38.42 -23.43
C TYR A 700 28.93 -38.11 -22.04
N MET A 701 28.42 -37.06 -21.38
CA MET A 701 28.88 -36.68 -20.05
C MET A 701 28.23 -37.50 -18.94
N HIS A 702 27.21 -38.30 -19.26
CA HIS A 702 26.55 -39.09 -18.23
C HIS A 702 27.47 -40.14 -17.62
N GLN A 703 28.41 -40.67 -18.42
CA GLN A 703 29.35 -41.66 -17.90
C GLN A 703 30.17 -41.11 -16.75
N TYR A 704 30.46 -39.80 -16.75
CA TYR A 704 31.16 -39.17 -15.65
C TYR A 704 30.22 -38.59 -14.60
N MET A 705 29.02 -38.17 -15.01
CA MET A 705 28.06 -37.65 -14.04
C MET A 705 27.60 -38.72 -13.07
N THR A 706 27.38 -39.94 -13.57
CA THR A 706 26.87 -41.02 -12.72
C THR A 706 27.86 -41.40 -11.62
N LYS A 707 29.16 -41.26 -11.87
CA LYS A 707 30.16 -41.66 -10.89
C LYS A 707 30.36 -40.62 -9.79
N PHE A 708 29.76 -39.44 -9.92
CA PHE A 708 29.92 -38.37 -8.92
C PHE A 708 28.58 -37.78 -8.51
N ASN A 709 27.50 -38.57 -8.60
CA ASN A 709 26.20 -38.09 -8.17
C ASN A 709 26.14 -37.98 -6.64
N GLN A 710 25.36 -37.02 -6.17
CA GLN A 710 25.16 -36.78 -4.75
C GLN A 710 23.67 -36.87 -4.41
N LYS A 711 23.36 -36.66 -3.13
CA LYS A 711 21.99 -36.69 -2.64
C LYS A 711 21.57 -35.35 -2.06
N GLY A 712 22.29 -34.27 -2.39
CA GLY A 712 21.96 -32.96 -1.87
C GLY A 712 22.89 -31.88 -2.35
N VAL A 713 22.38 -30.65 -2.47
CA VAL A 713 23.21 -29.54 -2.93
C VAL A 713 24.27 -29.19 -1.89
N GLU A 714 23.93 -29.33 -0.60
CA GLU A 714 24.89 -29.01 0.46
C GLU A 714 26.05 -30.01 0.51
N ASP A 715 25.87 -31.20 -0.04
CA ASP A 715 26.95 -32.18 -0.04
C ASP A 715 28.10 -31.76 -0.95
N ALA A 716 27.81 -30.96 -1.98
CA ALA A 716 28.87 -30.52 -2.89
C ALA A 716 29.90 -29.65 -2.17
N LEU A 717 29.43 -28.79 -1.27
CA LEU A 717 30.35 -27.92 -0.54
C LEU A 717 31.32 -28.72 0.31
N VAL A 718 30.82 -29.69 1.08
CA VAL A 718 31.70 -30.48 1.93
C VAL A 718 32.58 -31.41 1.08
N SER A 719 32.07 -31.89 -0.05
CA SER A 719 32.91 -32.70 -0.94
C SER A 719 34.06 -31.88 -1.49
N LEU A 720 33.80 -30.64 -1.90
CA LEU A 720 34.87 -29.77 -2.40
C LEU A 720 35.85 -29.41 -1.30
N LYS A 721 35.35 -29.17 -0.09
CA LYS A 721 36.24 -28.86 1.03
C LYS A 721 37.14 -30.04 1.36
N THR A 722 36.60 -31.25 1.33
CA THR A 722 37.36 -32.47 1.60
C THR A 722 38.08 -33.01 0.36
N GLY A 723 37.90 -32.36 -0.79
CA GLY A 723 38.55 -32.81 -2.01
C GLY A 723 37.84 -33.92 -2.75
N LYS A 724 36.63 -34.31 -2.32
CA LYS A 724 35.91 -35.37 -3.00
C LYS A 724 35.39 -34.93 -4.37
N LEU A 725 35.33 -33.64 -4.64
CA LEU A 725 34.88 -33.12 -5.92
C LEU A 725 35.76 -31.94 -6.32
N ASP A 726 35.77 -31.65 -7.63
CA ASP A 726 36.52 -30.53 -8.17
C ASP A 726 35.66 -29.32 -8.45
N ALA A 727 34.47 -29.50 -9.01
CA ALA A 727 33.56 -28.41 -9.30
C ALA A 727 32.13 -28.90 -9.18
N PHE A 728 31.21 -27.96 -8.98
CA PHE A 728 29.79 -28.25 -8.84
C PHE A 728 29.03 -27.65 -10.03
N ILE A 729 28.20 -28.46 -10.66
CA ILE A 729 27.38 -28.02 -11.79
C ILE A 729 25.95 -27.87 -11.28
N TYR A 730 25.46 -26.64 -11.24
CA TYR A 730 24.13 -26.36 -10.73
C TYR A 730 23.71 -24.97 -11.20
N ASP A 731 22.54 -24.53 -10.76
CA ASP A 731 22.02 -23.23 -11.15
C ASP A 731 22.90 -22.11 -10.64
N ALA A 732 22.99 -21.02 -11.42
CA ALA A 732 23.88 -19.92 -11.07
C ALA A 732 23.41 -19.19 -9.82
N ALA A 733 22.09 -19.08 -9.63
CA ALA A 733 21.56 -18.35 -8.48
C ALA A 733 21.96 -19.02 -7.17
N VAL A 734 21.89 -20.35 -7.12
CA VAL A 734 22.30 -21.06 -5.90
C VAL A 734 23.79 -20.89 -5.66
N LEU A 735 24.60 -20.96 -6.72
CA LEU A 735 26.03 -20.77 -6.59
C LEU A 735 26.40 -19.38 -6.10
N ASN A 736 25.67 -18.34 -6.54
CA ASN A 736 25.94 -16.99 -6.05
C ASN A 736 25.68 -16.90 -4.54
N TYR A 737 24.58 -17.49 -4.08
CA TYR A 737 24.29 -17.50 -2.64
C TYR A 737 25.35 -18.27 -1.87
N LYS A 738 25.78 -19.42 -2.41
CA LYS A 738 26.81 -20.21 -1.74
C LYS A 738 28.12 -19.43 -1.63
N ALA A 739 28.49 -18.73 -2.71
CA ALA A 739 29.72 -17.93 -2.68
C ALA A 739 29.58 -16.77 -1.70
N GLY A 740 28.41 -16.13 -1.66
CA GLY A 740 28.19 -15.02 -0.74
C GLY A 740 28.17 -15.41 0.73
N ARG A 741 27.65 -16.59 1.05
CA ARG A 741 27.60 -17.07 2.42
C ARG A 741 28.75 -17.99 2.78
N ASP A 742 29.73 -18.15 1.88
CA ASP A 742 30.86 -19.01 2.16
C ASP A 742 31.76 -18.39 3.23
N GLU A 743 32.31 -19.23 4.10
CA GLU A 743 33.21 -18.78 5.14
C GLU A 743 34.61 -18.61 4.56
N GLY A 744 35.17 -17.42 4.69
CA GLY A 744 36.48 -17.12 4.15
C GLY A 744 36.50 -16.69 2.70
N CYS A 745 35.35 -16.70 2.02
CA CYS A 745 35.24 -16.29 0.62
C CYS A 745 36.15 -17.11 -0.29
N LYS A 746 36.40 -18.37 0.07
CA LYS A 746 37.22 -19.23 -0.79
C LYS A 746 36.46 -19.71 -2.01
N LEU A 747 35.14 -19.81 -1.92
CA LEU A 747 34.32 -20.24 -3.05
C LEU A 747 33.86 -19.04 -3.86
N VAL A 748 34.05 -19.12 -5.18
CA VAL A 748 33.69 -18.03 -6.07
C VAL A 748 33.29 -18.61 -7.43
N THR A 749 32.34 -17.97 -8.09
CA THR A 749 31.90 -18.42 -9.41
C THR A 749 33.02 -18.24 -10.42
N ILE A 750 33.01 -19.08 -11.45
CA ILE A 750 34.06 -19.07 -12.46
C ILE A 750 33.96 -17.79 -13.28
N GLY A 751 35.10 -17.12 -13.47
CA GLY A 751 35.14 -15.92 -14.26
C GLY A 751 34.36 -14.77 -13.62
N SER A 752 33.93 -13.84 -14.47
CA SER A 752 33.11 -12.71 -14.05
C SER A 752 31.62 -13.03 -14.18
N GLY A 753 31.20 -14.14 -13.59
CA GLY A 753 29.81 -14.56 -13.67
C GLY A 753 29.41 -15.01 -15.04
N TYR A 754 30.10 -16.02 -15.58
CA TYR A 754 29.77 -16.54 -16.90
C TYR A 754 28.42 -17.25 -16.88
N ILE A 755 27.55 -16.87 -17.81
CA ILE A 755 26.21 -17.43 -17.91
C ILE A 755 26.01 -17.98 -19.31
N PHE A 756 25.58 -19.22 -19.41
CA PHE A 756 25.28 -19.87 -20.69
C PHE A 756 23.87 -20.43 -20.62
N ALA A 757 23.11 -20.27 -21.70
CA ALA A 757 21.73 -20.75 -21.79
C ALA A 757 20.91 -20.20 -20.62
N THR A 758 20.73 -18.87 -20.66
CA THR A 758 20.13 -18.15 -19.55
C THR A 758 18.76 -18.72 -19.18
N THR A 759 17.81 -18.63 -20.10
CA THR A 759 16.43 -19.12 -19.95
C THR A 759 15.92 -18.92 -18.52
N GLY A 760 15.92 -17.66 -18.10
CA GLY A 760 15.52 -17.35 -16.74
C GLY A 760 14.10 -17.81 -16.44
N TYR A 761 13.91 -18.32 -15.22
CA TYR A 761 12.63 -18.88 -14.82
C TYR A 761 11.70 -17.79 -14.26
N GLY A 762 10.45 -18.17 -14.07
CA GLY A 762 9.46 -17.27 -13.53
C GLY A 762 8.30 -18.02 -12.92
N ILE A 763 7.18 -17.33 -12.79
CA ILE A 763 5.98 -17.91 -12.22
C ILE A 763 5.27 -18.76 -13.27
N ALA A 764 5.00 -20.01 -12.95
CA ALA A 764 4.33 -20.92 -13.86
C ALA A 764 2.82 -20.79 -13.71
N LEU A 765 2.11 -21.22 -14.76
CA LEU A 765 0.65 -21.18 -14.77
C LEU A 765 0.12 -22.27 -15.68
N GLN A 766 -0.96 -22.91 -15.27
CA GLN A 766 -1.50 -24.05 -16.00
C GLN A 766 -2.13 -23.60 -17.32
N LYS A 767 -2.25 -24.56 -18.24
CA LYS A 767 -2.82 -24.28 -19.55
C LYS A 767 -4.29 -23.84 -19.42
N GLY A 768 -4.66 -22.85 -20.22
CA GLY A 768 -6.03 -22.40 -20.27
C GLY A 768 -6.45 -21.45 -19.15
N SER A 769 -5.53 -21.09 -18.27
CA SER A 769 -5.87 -20.19 -17.17
C SER A 769 -5.95 -18.76 -17.68
N PRO A 770 -7.07 -18.07 -17.48
CA PRO A 770 -7.17 -16.68 -17.95
C PRO A 770 -6.45 -15.66 -17.07
N TRP A 771 -5.78 -16.10 -16.01
CA TRP A 771 -5.11 -15.18 -15.10
C TRP A 771 -3.72 -14.76 -15.58
N LYS A 772 -3.25 -15.30 -16.71
CA LYS A 772 -1.93 -14.93 -17.22
C LYS A 772 -1.88 -13.46 -17.59
N ARG A 773 -2.91 -12.97 -18.28
CA ARG A 773 -2.95 -11.56 -18.67
C ARG A 773 -3.06 -10.64 -17.47
N GLN A 774 -3.58 -11.13 -16.34
CA GLN A 774 -3.67 -10.34 -15.13
C GLN A 774 -2.38 -10.37 -14.31
N ILE A 775 -1.64 -11.48 -14.38
CA ILE A 775 -0.44 -11.61 -13.55
C ILE A 775 0.81 -11.07 -14.25
N ASP A 776 0.91 -11.23 -15.57
CA ASP A 776 2.11 -10.76 -16.28
C ASP A 776 2.23 -9.24 -16.21
N LEU A 777 1.12 -8.54 -16.37
CA LEU A 777 1.15 -7.08 -16.30
C LEU A 777 1.56 -6.61 -14.90
N ALA A 778 1.01 -7.25 -13.86
CA ALA A 778 1.37 -6.88 -12.50
C ALA A 778 2.84 -7.14 -12.23
N LEU A 779 3.35 -8.29 -12.68
CA LEU A 779 4.76 -8.61 -12.47
C LEU A 779 5.67 -7.63 -13.21
N LEU A 780 5.29 -7.27 -14.45
CA LEU A 780 6.07 -6.30 -15.21
C LEU A 780 6.06 -4.94 -14.54
N GLN A 781 4.90 -4.52 -14.01
CA GLN A 781 4.82 -3.25 -13.29
C GLN A 781 5.69 -3.27 -12.04
N PHE A 782 5.68 -4.38 -11.31
CA PHE A 782 6.54 -4.50 -10.14
C PHE A 782 8.01 -4.43 -10.51
N VAL A 783 8.40 -5.10 -11.60
CA VAL A 783 9.79 -5.06 -12.03
C VAL A 783 10.19 -3.65 -12.45
N GLY A 784 9.35 -2.97 -13.22
CA GLY A 784 9.69 -1.65 -13.72
C GLY A 784 9.59 -0.53 -12.72
N ASP A 785 8.80 -0.71 -11.65
CA ASP A 785 8.60 0.34 -10.67
C ASP A 785 9.63 0.32 -9.55
N GLY A 786 10.50 -0.68 -9.51
CA GLY A 786 11.56 -0.74 -8.53
C GLY A 786 11.31 -1.66 -7.34
N GLU A 787 10.24 -2.45 -7.35
CA GLU A 787 10.02 -3.39 -6.26
C GLU A 787 11.11 -4.46 -6.21
N MET A 788 11.56 -4.92 -7.38
CA MET A 788 12.64 -5.90 -7.41
C MET A 788 13.94 -5.32 -6.86
N GLU A 789 14.23 -4.06 -7.21
CA GLU A 789 15.49 -3.45 -6.78
C GLU A 789 15.54 -3.29 -5.26
N GLU A 790 14.45 -2.85 -4.64
CA GLU A 790 14.45 -2.66 -3.19
C GLU A 790 14.43 -3.99 -2.45
N LEU A 791 13.77 -5.00 -3.02
CA LEU A 791 13.73 -6.32 -2.40
C LEU A 791 14.98 -7.15 -2.67
N GLU A 792 15.85 -6.69 -3.58
CA GLU A 792 17.08 -7.42 -3.87
C GLU A 792 17.98 -7.48 -2.64
N THR A 793 18.10 -6.36 -1.92
CA THR A 793 18.95 -6.32 -0.73
C THR A 793 18.38 -7.17 0.41
N CYS A 794 17.09 -7.47 0.39
CA CYS A 794 16.49 -8.27 1.44
C CYS A 794 17.06 -9.69 1.47
N TRP A 795 17.23 -10.29 0.29
CA TRP A 795 17.70 -11.66 0.19
C TRP A 795 19.03 -11.81 -0.54
N LEU A 796 19.20 -11.15 -1.68
CA LEU A 796 20.41 -11.27 -2.48
C LEU A 796 21.53 -10.48 -1.81
N THR A 797 22.15 -11.11 -0.81
CA THR A 797 23.25 -10.53 -0.06
C THR A 797 24.50 -11.34 -0.31
N GLY A 798 25.59 -10.67 -0.68
CA GLY A 798 26.84 -11.34 -0.94
C GLY A 798 28.02 -10.41 -0.75
N ILE A 799 29.18 -11.00 -0.52
CA ILE A 799 30.42 -10.26 -0.30
C ILE A 799 31.20 -10.26 -1.60
N CYS A 800 31.55 -9.07 -2.09
CA CYS A 800 32.30 -8.94 -3.33
C CYS A 800 33.51 -8.03 -3.15
N ASP A 815 55.58 -10.04 -12.97
CA ASP A 815 55.69 -10.13 -11.52
C ASP A 815 57.10 -9.75 -11.08
N ASN A 816 57.25 -9.42 -9.79
CA ASN A 816 58.55 -9.04 -9.26
C ASN A 816 59.55 -10.19 -9.37
N MET A 817 59.12 -11.41 -9.04
CA MET A 817 60.01 -12.57 -9.14
C MET A 817 60.44 -12.81 -10.58
N ALA A 818 59.50 -12.71 -11.52
CA ALA A 818 59.85 -12.90 -12.93
C ALA A 818 60.82 -11.82 -13.40
N GLY A 819 60.59 -10.57 -13.00
CA GLY A 819 61.51 -9.51 -13.37
C GLY A 819 62.90 -9.71 -12.81
N VAL A 820 62.98 -10.12 -11.54
CA VAL A 820 64.28 -10.38 -10.92
C VAL A 820 64.99 -11.53 -11.63
N PHE A 821 64.25 -12.59 -11.96
CA PHE A 821 64.85 -13.72 -12.66
C PHE A 821 65.36 -13.31 -14.04
N TYR A 822 64.57 -12.52 -14.78
CA TYR A 822 64.98 -12.06 -16.09
C TYR A 822 66.22 -11.17 -16.00
N MET A 823 66.25 -10.26 -15.03
CA MET A 823 67.40 -9.40 -14.86
C MET A 823 68.65 -10.19 -14.50
N LEU A 824 68.51 -11.19 -13.62
CA LEU A 824 69.64 -12.03 -13.26
C LEU A 824 70.15 -12.82 -14.46
N ALA A 825 69.23 -13.35 -15.26
CA ALA A 825 69.63 -14.09 -16.46
C ALA A 825 70.35 -13.18 -17.45
N ALA A 826 69.85 -11.96 -17.63
CA ALA A 826 70.52 -11.00 -18.53
C ALA A 826 71.91 -10.64 -18.01
N ALA A 827 72.04 -10.43 -16.70
CA ALA A 827 73.34 -10.12 -16.13
C ALA A 827 74.32 -11.28 -16.30
N MET A 828 73.84 -12.51 -16.09
CA MET A 828 74.70 -13.68 -16.28
C MET A 828 75.13 -13.81 -17.74
N ALA A 829 74.21 -13.58 -18.67
CA ALA A 829 74.55 -13.64 -20.09
C ALA A 829 75.58 -12.58 -20.45
N LEU A 830 75.41 -11.35 -19.95
CA LEU A 830 76.38 -10.31 -20.21
C LEU A 830 77.75 -10.66 -19.63
N SER A 831 77.77 -11.19 -18.41
CA SER A 831 79.03 -11.57 -17.79
C SER A 831 79.74 -12.66 -18.58
N LEU A 832 79.00 -13.68 -19.02
CA LEU A 832 79.62 -14.78 -19.75
C LEU A 832 80.11 -14.32 -21.13
N ILE A 833 79.33 -13.49 -21.81
CA ILE A 833 79.77 -13.02 -23.13
C ILE A 833 80.97 -12.10 -22.99
N THR A 834 81.03 -11.30 -21.91
CA THR A 834 82.21 -10.45 -21.68
C THR A 834 83.43 -11.30 -21.37
N PHE A 835 83.26 -12.37 -20.58
CA PHE A 835 84.38 -13.25 -20.28
C PHE A 835 84.87 -13.96 -21.55
N ILE A 836 83.95 -14.39 -22.41
CA ILE A 836 84.35 -15.01 -23.66
C ILE A 836 85.09 -14.01 -24.55
N TRP A 837 84.58 -12.79 -24.65
CA TRP A 837 85.21 -11.76 -25.45
C TRP A 837 86.31 -11.05 -24.67
N LYS B 25 -68.71 -1.12 -22.50
CA LYS B 25 -68.62 -2.56 -22.69
C LYS B 25 -68.07 -2.90 -24.07
N ILE B 26 -68.46 -2.12 -25.06
CA ILE B 26 -68.03 -2.35 -26.44
C ILE B 26 -66.60 -1.84 -26.62
N VAL B 27 -65.72 -2.71 -27.09
CA VAL B 27 -64.33 -2.37 -27.36
C VAL B 27 -64.09 -2.56 -28.85
N ASN B 28 -63.59 -1.51 -29.51
CA ASN B 28 -63.36 -1.53 -30.95
C ASN B 28 -61.91 -1.87 -31.25
N ILE B 29 -61.69 -2.75 -32.21
CA ILE B 29 -60.36 -3.13 -32.67
C ILE B 29 -60.24 -2.74 -34.14
N GLY B 30 -59.20 -1.98 -34.46
CA GLY B 30 -59.04 -1.46 -35.80
C GLY B 30 -57.93 -2.11 -36.60
N ALA B 31 -58.03 -2.04 -37.92
CA ALA B 31 -57.01 -2.62 -38.80
C ALA B 31 -57.07 -1.90 -40.14
N VAL B 32 -55.91 -1.69 -40.75
CA VAL B 32 -55.80 -1.04 -42.05
C VAL B 32 -55.42 -2.13 -43.05
N LEU B 33 -56.43 -2.68 -43.74
CA LEU B 33 -56.23 -3.76 -44.67
C LEU B 33 -56.90 -3.43 -46.00
N SER B 34 -56.39 -4.01 -47.07
CA SER B 34 -56.87 -3.70 -48.42
C SER B 34 -57.98 -4.66 -48.87
N THR B 35 -57.68 -5.96 -48.91
CA THR B 35 -58.65 -6.93 -49.40
C THR B 35 -59.77 -7.15 -48.38
N ARG B 36 -60.98 -7.36 -48.90
CA ARG B 36 -62.12 -7.61 -48.03
C ARG B 36 -62.07 -8.98 -47.39
N LYS B 37 -61.31 -9.92 -47.97
CA LYS B 37 -61.14 -11.23 -47.35
C LYS B 37 -60.43 -11.11 -46.01
N HIS B 38 -59.45 -10.21 -45.91
CA HIS B 38 -58.78 -9.97 -44.64
C HIS B 38 -59.75 -9.43 -43.60
N GLU B 39 -60.62 -8.50 -44.00
CA GLU B 39 -61.62 -7.99 -43.07
C GLU B 39 -62.57 -9.09 -42.62
N GLN B 40 -63.01 -9.93 -43.55
CA GLN B 40 -63.92 -11.02 -43.20
C GLN B 40 -63.27 -12.00 -42.24
N MET B 41 -62.00 -12.37 -42.49
CA MET B 41 -61.32 -13.30 -41.60
C MET B 41 -61.04 -12.66 -40.25
N PHE B 42 -60.77 -11.36 -40.20
CA PHE B 42 -60.61 -10.68 -38.92
C PHE B 42 -61.92 -10.68 -38.13
N ARG B 43 -63.04 -10.45 -38.80
CA ARG B 43 -64.33 -10.51 -38.14
C ARG B 43 -64.61 -11.91 -37.61
N GLU B 44 -64.31 -12.93 -38.41
CA GLU B 44 -64.49 -14.31 -37.94
C GLU B 44 -63.60 -14.61 -36.75
N ALA B 45 -62.35 -14.13 -36.78
CA ALA B 45 -61.43 -14.38 -35.68
C ALA B 45 -61.89 -13.71 -34.40
N VAL B 46 -62.35 -12.46 -34.48
CA VAL B 46 -62.81 -11.77 -33.28
C VAL B 46 -64.10 -12.41 -32.75
N ASN B 47 -64.97 -12.87 -33.66
CA ASN B 47 -66.17 -13.58 -33.21
C ASN B 47 -65.81 -14.86 -32.49
N GLN B 48 -64.84 -15.62 -33.03
CA GLN B 48 -64.40 -16.84 -32.36
C GLN B 48 -63.76 -16.54 -31.01
N ALA B 49 -62.99 -15.45 -30.93
CA ALA B 49 -62.38 -15.06 -29.66
C ALA B 49 -63.45 -14.71 -28.64
N ASN B 50 -64.51 -14.02 -29.07
CA ASN B 50 -65.64 -13.77 -28.18
C ASN B 50 -66.30 -15.07 -27.73
N LYS B 51 -66.45 -16.02 -28.67
CA LYS B 51 -67.01 -17.32 -28.31
C LYS B 51 -66.09 -18.07 -27.35
N ARG B 52 -64.78 -18.01 -27.59
CA ARG B 52 -63.82 -18.71 -26.75
C ARG B 52 -63.42 -17.90 -25.51
N HIS B 53 -63.92 -16.68 -25.36
CA HIS B 53 -63.62 -15.82 -24.22
C HIS B 53 -62.12 -15.60 -24.08
N TRP B 56 -68.50 -13.40 -21.68
CA TRP B 56 -69.93 -13.68 -21.72
C TRP B 56 -70.64 -12.75 -22.70
N LYS B 57 -70.86 -11.51 -22.28
CA LYS B 57 -71.50 -10.53 -23.13
C LYS B 57 -70.55 -10.10 -24.25
N ILE B 58 -71.15 -9.62 -25.34
CA ILE B 58 -70.36 -9.17 -26.49
C ILE B 58 -69.62 -7.89 -26.11
N GLN B 59 -68.30 -7.89 -26.36
CA GLN B 59 -67.47 -6.75 -26.00
C GLN B 59 -66.50 -6.32 -27.10
N LEU B 60 -66.50 -6.98 -28.26
CA LEU B 60 -65.56 -6.69 -29.33
C LEU B 60 -66.31 -6.26 -30.58
N ASN B 61 -65.82 -5.19 -31.22
CA ASN B 61 -66.39 -4.68 -32.46
C ASN B 61 -65.28 -4.54 -33.49
N ALA B 62 -65.60 -4.86 -34.74
CA ALA B 62 -64.64 -4.87 -35.83
C ALA B 62 -64.87 -3.65 -36.71
N THR B 63 -63.79 -2.92 -37.01
CA THR B 63 -63.86 -1.76 -37.89
C THR B 63 -62.54 -1.66 -38.63
N SER B 64 -62.58 -1.69 -39.96
CA SER B 64 -61.39 -1.68 -40.79
C SER B 64 -61.48 -0.59 -41.84
N VAL B 65 -60.31 -0.14 -42.32
CA VAL B 65 -60.22 0.88 -43.34
C VAL B 65 -59.26 0.39 -44.42
N THR B 66 -59.38 0.97 -45.61
CA THR B 66 -58.59 0.56 -46.76
C THR B 66 -57.35 1.42 -46.90
N HIS B 67 -56.30 0.83 -47.48
CA HIS B 67 -55.08 1.56 -47.78
C HIS B 67 -55.28 2.49 -48.97
N LYS B 68 -54.45 3.52 -49.03
CA LYS B 68 -54.50 4.50 -50.10
C LYS B 68 -53.11 4.74 -50.66
N PRO B 69 -53.00 5.06 -51.94
CA PRO B 69 -51.67 5.34 -52.53
C PRO B 69 -51.07 6.65 -52.03
N ASN B 70 -51.84 7.50 -51.36
CA ASN B 70 -51.32 8.77 -50.88
C ASN B 70 -50.35 8.55 -49.72
N ALA B 71 -49.82 9.66 -49.20
CA ALA B 71 -48.86 9.64 -48.10
C ALA B 71 -49.39 10.29 -46.83
N ILE B 72 -49.84 11.53 -46.93
CA ILE B 72 -50.32 12.27 -45.75
C ILE B 72 -51.84 12.24 -45.72
N GLN B 73 -52.46 12.21 -46.90
CA GLN B 73 -53.92 12.15 -46.96
C GLN B 73 -54.45 10.88 -46.35
N MET B 74 -53.83 9.74 -46.66
CA MET B 74 -54.25 8.47 -46.07
C MET B 74 -54.04 8.47 -44.56
N ALA B 75 -52.92 9.03 -44.09
CA ALA B 75 -52.68 9.11 -42.67
C ALA B 75 -53.74 9.95 -41.96
N LEU B 76 -54.09 11.10 -42.55
CA LEU B 76 -55.13 11.93 -41.96
C LEU B 76 -56.47 11.20 -41.94
N SER B 77 -56.80 10.51 -43.03
CA SER B 77 -58.08 9.80 -43.09
C SER B 77 -58.14 8.70 -42.04
N VAL B 78 -57.07 7.90 -41.92
CA VAL B 78 -57.09 6.79 -40.97
C VAL B 78 -57.08 7.30 -39.54
N CYS B 79 -56.35 8.39 -39.27
CA CYS B 79 -56.37 8.95 -37.92
C CYS B 79 -57.74 9.49 -37.56
N GLU B 80 -58.40 10.17 -38.51
CA GLU B 80 -59.75 10.68 -38.24
C GLU B 80 -60.73 9.55 -38.01
N ASP B 81 -60.64 8.47 -38.79
CA ASP B 81 -61.54 7.34 -38.65
C ASP B 81 -61.21 6.47 -37.44
N LEU B 82 -59.99 6.55 -36.91
CA LEU B 82 -59.55 5.71 -35.81
C LEU B 82 -59.73 6.35 -34.45
N ILE B 83 -59.30 7.61 -34.30
CA ILE B 83 -59.39 8.28 -33.00
C ILE B 83 -60.85 8.46 -32.58
N SER B 84 -61.72 8.76 -33.54
CA SER B 84 -63.14 8.97 -33.27
C SER B 84 -63.92 7.67 -33.15
N SER B 85 -63.24 6.53 -33.01
CA SER B 85 -63.91 5.23 -32.92
C SER B 85 -63.57 4.45 -31.67
N GLN B 86 -62.74 4.99 -30.77
CA GLN B 86 -62.38 4.36 -29.50
C GLN B 86 -61.78 2.97 -29.73
N VAL B 87 -60.62 2.96 -30.38
CA VAL B 87 -59.92 1.73 -30.73
C VAL B 87 -58.73 1.55 -29.81
N TYR B 88 -58.57 0.34 -29.26
CA TYR B 88 -57.49 0.01 -28.34
C TYR B 88 -56.33 -0.71 -29.01
N ALA B 89 -56.60 -1.60 -29.96
CA ALA B 89 -55.56 -2.42 -30.57
C ALA B 89 -55.48 -2.12 -32.06
N ILE B 90 -54.26 -2.08 -32.58
CA ILE B 90 -53.99 -1.78 -33.99
C ILE B 90 -53.25 -2.96 -34.59
N LEU B 91 -53.75 -3.46 -35.72
CA LEU B 91 -53.15 -4.58 -36.44
C LEU B 91 -53.04 -4.20 -37.92
N VAL B 92 -51.87 -3.70 -38.32
CA VAL B 92 -51.63 -3.26 -39.69
C VAL B 92 -50.44 -4.01 -40.26
N SER B 93 -50.62 -4.60 -41.43
CA SER B 93 -49.51 -5.25 -42.12
C SER B 93 -48.54 -4.21 -42.65
N HIS B 94 -47.25 -4.55 -42.63
CA HIS B 94 -46.23 -3.60 -43.09
C HIS B 94 -46.39 -3.22 -44.56
N PRO B 95 -46.50 -4.16 -45.52
CA PRO B 95 -46.68 -3.75 -46.90
C PRO B 95 -48.15 -3.73 -47.29
N PRO B 96 -48.59 -2.72 -48.04
CA PRO B 96 -49.93 -2.76 -48.64
C PRO B 96 -49.98 -3.50 -49.96
N THR B 97 -48.84 -3.69 -50.61
CA THR B 97 -48.71 -4.40 -51.88
C THR B 97 -47.63 -5.47 -51.72
N PRO B 98 -47.39 -6.32 -52.72
CA PRO B 98 -46.28 -7.28 -52.60
C PRO B 98 -44.93 -6.63 -52.34
N ASN B 99 -44.69 -5.43 -52.88
CA ASN B 99 -43.42 -4.74 -52.68
C ASN B 99 -43.63 -3.24 -52.81
N ASP B 100 -43.52 -2.53 -51.70
CA ASP B 100 -43.61 -1.07 -51.70
C ASP B 100 -42.94 -0.53 -50.44
N HIS B 101 -42.69 0.77 -50.43
CA HIS B 101 -42.05 1.45 -49.33
C HIS B 101 -43.04 2.07 -48.35
N PHE B 102 -44.34 1.80 -48.52
CA PHE B 102 -45.38 2.39 -47.68
C PHE B 102 -45.36 1.72 -46.30
N THR B 103 -44.37 2.09 -45.51
CA THR B 103 -44.25 1.56 -44.16
C THR B 103 -45.37 2.10 -43.28
N PRO B 104 -45.85 1.29 -42.31
CA PRO B 104 -46.90 1.72 -41.39
C PRO B 104 -46.40 2.63 -40.26
N THR B 105 -45.61 3.63 -40.62
CA THR B 105 -45.12 4.62 -39.67
C THR B 105 -46.17 5.69 -39.37
N PRO B 106 -46.85 6.28 -40.38
CA PRO B 106 -47.83 7.33 -40.04
C PRO B 106 -48.98 6.85 -39.16
N VAL B 107 -49.44 5.61 -39.36
CA VAL B 107 -50.54 5.11 -38.53
C VAL B 107 -50.08 4.97 -37.07
N SER B 108 -48.88 4.43 -36.86
CA SER B 108 -48.35 4.29 -35.50
C SER B 108 -48.15 5.67 -34.86
N TYR B 109 -47.61 6.62 -35.62
CA TYR B 109 -47.37 7.94 -35.06
C TYR B 109 -48.67 8.66 -34.72
N THR B 110 -49.71 8.49 -35.55
CA THR B 110 -51.01 9.08 -35.23
C THR B 110 -51.62 8.41 -33.99
N ALA B 111 -51.47 7.09 -33.88
CA ALA B 111 -52.00 6.38 -32.72
C ALA B 111 -51.18 6.65 -31.46
N GLY B 112 -49.98 7.18 -31.59
CA GLY B 112 -49.13 7.45 -30.45
C GLY B 112 -49.44 8.73 -29.70
N PHE B 113 -50.41 9.51 -30.18
CA PHE B 113 -50.78 10.74 -29.49
C PHE B 113 -51.33 10.44 -28.09
N TYR B 114 -52.16 9.40 -27.98
CA TYR B 114 -52.69 8.96 -26.69
C TYR B 114 -51.97 7.73 -26.16
N ARG B 115 -50.84 7.35 -26.77
CA ARG B 115 -50.08 6.15 -26.40
C ARG B 115 -50.97 4.91 -26.47
N ILE B 116 -51.47 4.65 -27.68
CA ILE B 116 -52.33 3.49 -27.95
C ILE B 116 -51.45 2.32 -28.34
N PRO B 117 -51.58 1.17 -27.68
CA PRO B 117 -50.75 0.00 -28.04
C PRO B 117 -51.02 -0.44 -29.48
N VAL B 118 -49.94 -0.72 -30.21
CA VAL B 118 -50.00 -1.12 -31.60
C VAL B 118 -49.16 -2.38 -31.77
N LEU B 119 -49.71 -3.39 -32.44
CA LEU B 119 -49.02 -4.62 -32.74
C LEU B 119 -48.84 -4.75 -34.24
N GLY B 120 -47.59 -4.92 -34.68
CA GLY B 120 -47.32 -5.04 -36.10
C GLY B 120 -47.54 -6.46 -36.60
N LEU B 121 -48.15 -6.57 -37.78
CA LEU B 121 -48.45 -7.87 -38.36
C LEU B 121 -47.23 -8.46 -39.05
N THR B 122 -46.67 -7.72 -40.01
CA THR B 122 -45.51 -8.18 -40.78
C THR B 122 -44.38 -7.15 -40.80
N THR B 123 -44.33 -6.27 -39.80
CA THR B 123 -43.27 -5.27 -39.74
C THR B 123 -41.95 -5.94 -39.39
N ARG B 124 -40.91 -5.62 -40.16
CA ARG B 124 -39.59 -6.21 -39.96
C ARG B 124 -38.45 -5.22 -39.98
N MET B 125 -38.67 -3.99 -40.44
CA MET B 125 -37.60 -2.99 -40.46
C MET B 125 -37.24 -2.57 -39.05
N SER B 126 -35.96 -2.31 -38.82
CA SER B 126 -35.47 -1.99 -37.48
C SER B 126 -35.87 -0.59 -37.01
N ILE B 127 -36.58 0.18 -37.84
CA ILE B 127 -37.02 1.50 -37.43
C ILE B 127 -37.94 1.41 -36.22
N TYR B 128 -38.79 0.37 -36.17
CA TYR B 128 -39.68 0.16 -35.04
C TYR B 128 -39.02 -0.60 -33.90
N SER B 129 -37.78 -1.04 -34.06
CA SER B 129 -37.16 -1.90 -33.06
C SER B 129 -36.80 -1.13 -31.79
N ASP B 130 -36.23 0.06 -31.94
CA ASP B 130 -35.79 0.82 -30.78
C ASP B 130 -36.99 1.33 -29.99
N LYS B 131 -36.91 1.21 -28.66
CA LYS B 131 -37.97 1.63 -27.77
C LYS B 131 -37.88 3.10 -27.39
N SER B 132 -36.77 3.77 -27.71
CA SER B 132 -36.62 5.18 -27.36
C SER B 132 -37.62 6.04 -28.12
N ILE B 133 -37.80 5.78 -29.41
CA ILE B 133 -38.73 6.55 -30.23
C ILE B 133 -40.13 5.97 -30.17
N HIS B 134 -40.25 4.66 -30.36
CA HIS B 134 -41.55 4.00 -30.34
C HIS B 134 -41.92 3.61 -28.91
N LEU B 135 -43.09 4.06 -28.47
CA LEU B 135 -43.53 3.87 -27.09
C LEU B 135 -44.42 2.65 -26.93
N SER B 136 -45.45 2.50 -27.75
CA SER B 136 -46.41 1.40 -27.63
C SER B 136 -46.67 0.77 -28.99
N PHE B 137 -45.60 0.48 -29.74
CA PHE B 137 -45.71 -0.09 -31.08
C PHE B 137 -44.82 -1.33 -31.14
N LEU B 138 -45.43 -2.50 -31.02
CA LEU B 138 -44.73 -3.77 -31.03
C LEU B 138 -45.04 -4.52 -32.33
N ARG B 139 -44.51 -5.74 -32.43
CA ARG B 139 -44.66 -6.56 -33.62
C ARG B 139 -45.06 -7.97 -33.22
N THR B 140 -45.72 -8.67 -34.15
CA THR B 140 -46.04 -10.08 -33.98
C THR B 140 -45.05 -11.00 -34.68
N VAL B 141 -44.01 -10.45 -35.30
CA VAL B 141 -43.01 -11.26 -35.99
C VAL B 141 -41.63 -10.78 -35.57
N PRO B 142 -40.65 -11.67 -35.55
CA PRO B 142 -39.29 -11.28 -35.16
C PRO B 142 -38.67 -10.37 -36.20
N PRO B 143 -37.81 -9.45 -35.79
CA PRO B 143 -37.14 -8.56 -36.77
C PRO B 143 -35.91 -9.20 -37.38
N TYR B 144 -35.17 -8.42 -38.18
CA TYR B 144 -33.93 -8.90 -38.77
C TYR B 144 -32.81 -9.04 -37.75
N SER B 145 -33.01 -8.55 -36.53
CA SER B 145 -31.96 -8.65 -35.51
C SER B 145 -31.69 -10.10 -35.15
N HIS B 146 -32.71 -10.96 -35.24
CA HIS B 146 -32.53 -12.37 -34.96
C HIS B 146 -31.58 -13.04 -35.95
N GLN B 147 -31.43 -12.48 -37.15
CA GLN B 147 -30.44 -13.00 -38.09
C GLN B 147 -29.03 -12.81 -37.55
N SER B 148 -28.80 -11.74 -36.77
CA SER B 148 -27.51 -11.56 -36.14
C SER B 148 -27.27 -12.61 -35.07
N SER B 149 -28.30 -12.97 -34.31
CA SER B 149 -28.15 -13.96 -33.25
C SER B 149 -27.97 -15.36 -33.83
N VAL B 150 -28.64 -15.66 -34.94
CA VAL B 150 -28.54 -16.99 -35.54
C VAL B 150 -27.15 -17.26 -36.09
N TRP B 151 -26.35 -16.22 -36.31
CA TRP B 151 -24.97 -16.45 -36.74
C TRP B 151 -24.18 -17.20 -35.69
N PHE B 152 -24.45 -16.92 -34.41
CA PHE B 152 -23.80 -17.67 -33.34
C PHE B 152 -24.18 -19.14 -33.38
N GLU B 153 -25.46 -19.43 -33.63
CA GLU B 153 -25.89 -20.81 -33.77
C GLU B 153 -25.21 -21.49 -34.96
N MET B 154 -25.04 -20.77 -36.07
CA MET B 154 -24.31 -21.34 -37.20
C MET B 154 -22.86 -21.60 -36.84
N MET B 155 -22.20 -20.65 -36.15
CA MET B 155 -20.79 -20.79 -35.84
C MET B 155 -20.53 -21.91 -34.85
N ARG B 156 -21.39 -22.08 -33.84
CA ARG B 156 -21.19 -23.14 -32.85
C ARG B 156 -21.33 -24.52 -33.47
N VAL B 157 -21.97 -24.63 -34.64
CA VAL B 157 -22.08 -25.89 -35.36
C VAL B 157 -20.95 -26.08 -36.34
N TYR B 158 -20.61 -25.03 -37.10
CA TYR B 158 -19.52 -25.12 -38.06
C TYR B 158 -18.14 -24.97 -37.44
N SER B 159 -18.07 -24.57 -36.16
CA SER B 159 -16.80 -24.44 -35.43
C SER B 159 -15.84 -23.49 -36.13
N TRP B 160 -16.27 -22.25 -36.30
CA TRP B 160 -15.46 -21.19 -36.89
C TRP B 160 -15.23 -20.08 -35.88
N ASN B 161 -14.23 -19.24 -36.16
CA ASN B 161 -13.89 -18.15 -35.26
C ASN B 161 -13.61 -16.82 -35.96
N HIS B 162 -13.78 -16.73 -37.27
CA HIS B 162 -13.51 -15.51 -38.02
C HIS B 162 -14.77 -15.07 -38.77
N ILE B 163 -15.09 -13.78 -38.67
CA ILE B 163 -16.27 -13.21 -39.31
C ILE B 163 -15.89 -11.90 -39.96
N ILE B 164 -16.27 -11.72 -41.23
CA ILE B 164 -16.11 -10.47 -41.94
C ILE B 164 -17.50 -9.95 -42.31
N LEU B 165 -17.77 -8.70 -41.96
CA LEU B 165 -19.09 -8.13 -42.10
C LEU B 165 -19.17 -7.20 -43.30
N LEU B 166 -20.19 -7.39 -44.14
CA LEU B 166 -20.48 -6.53 -45.28
C LEU B 166 -21.89 -5.99 -45.07
N VAL B 167 -22.00 -4.89 -44.33
CA VAL B 167 -23.28 -4.33 -43.92
C VAL B 167 -23.36 -2.89 -44.43
N SER B 168 -24.53 -2.51 -44.96
CA SER B 168 -24.74 -1.17 -45.46
C SER B 168 -24.89 -0.20 -44.29
N ASP B 169 -25.03 1.09 -44.63
CA ASP B 169 -25.13 2.17 -43.65
C ASP B 169 -26.60 2.56 -43.52
N ASP B 170 -27.24 2.08 -42.45
CA ASP B 170 -28.63 2.40 -42.15
C ASP B 170 -28.88 2.09 -40.68
N HIS B 171 -30.09 2.40 -40.22
CA HIS B 171 -30.46 2.11 -38.83
C HIS B 171 -30.45 0.61 -38.58
N GLU B 172 -30.96 -0.17 -39.53
CA GLU B 172 -30.92 -1.63 -39.40
C GLU B 172 -29.49 -2.14 -39.32
N GLY B 173 -28.60 -1.60 -40.17
CA GLY B 173 -27.21 -2.01 -40.12
C GLY B 173 -26.53 -1.66 -38.82
N ARG B 174 -26.78 -0.45 -38.31
CA ARG B 174 -26.20 -0.06 -37.03
C ARG B 174 -26.71 -0.94 -35.89
N ALA B 175 -28.02 -1.22 -35.88
CA ALA B 175 -28.58 -2.08 -34.83
C ALA B 175 -27.99 -3.48 -34.91
N ALA B 176 -27.86 -4.03 -36.12
CA ALA B 176 -27.27 -5.36 -36.28
C ALA B 176 -25.82 -5.38 -35.82
N GLN B 177 -25.05 -4.35 -36.16
CA GLN B 177 -23.67 -4.28 -35.73
C GLN B 177 -23.56 -4.22 -34.22
N LYS B 178 -24.39 -3.38 -33.58
CA LYS B 178 -24.34 -3.25 -32.13
C LYS B 178 -24.73 -4.57 -31.45
N ARG B 179 -25.80 -5.20 -31.94
CA ARG B 179 -26.23 -6.47 -31.35
C ARG B 179 -25.16 -7.55 -31.51
N LEU B 180 -24.57 -7.64 -32.70
CA LEU B 180 -23.53 -8.65 -32.94
C LEU B 180 -22.31 -8.41 -32.06
N GLU B 181 -21.90 -7.14 -31.91
CA GLU B 181 -20.77 -6.84 -31.03
C GLU B 181 -21.09 -7.21 -29.58
N THR B 182 -22.30 -6.88 -29.12
CA THR B 182 -22.67 -7.21 -27.74
C THR B 182 -22.70 -8.71 -27.50
N LEU B 183 -23.23 -9.48 -28.47
CA LEU B 183 -23.30 -10.93 -28.28
C LEU B 183 -22.00 -11.64 -28.59
N LEU B 184 -21.05 -10.98 -29.24
CA LEU B 184 -19.76 -11.59 -29.58
C LEU B 184 -18.66 -11.24 -28.60
N GLU B 185 -18.74 -10.09 -27.92
CA GLU B 185 -17.69 -9.70 -26.98
C GLU B 185 -17.57 -10.65 -25.80
N GLU B 186 -18.61 -11.44 -25.52
CA GLU B 186 -18.59 -12.37 -24.39
C GLU B 186 -18.01 -13.73 -24.74
N ARG B 187 -17.71 -13.99 -26.01
CA ARG B 187 -17.15 -15.27 -26.45
C ARG B 187 -15.65 -15.20 -26.70
N GLU B 188 -14.99 -14.14 -26.26
CA GLU B 188 -13.55 -13.91 -26.42
C GLU B 188 -13.14 -13.82 -27.89
N SER B 189 -14.06 -13.55 -28.79
CA SER B 189 -13.76 -13.41 -30.20
C SER B 189 -14.06 -11.98 -30.65
N LYS B 190 -13.19 -11.46 -31.52
CA LYS B 190 -13.31 -10.09 -32.03
C LYS B 190 -13.38 -10.12 -33.55
N ALA B 191 -14.26 -9.28 -34.10
CA ALA B 191 -14.37 -9.16 -35.55
C ALA B 191 -13.09 -8.60 -36.14
N GLU B 192 -12.70 -9.12 -37.31
CA GLU B 192 -11.46 -8.69 -37.94
C GLU B 192 -11.61 -7.32 -38.60
N LYS B 193 -12.49 -7.22 -39.58
CA LYS B 193 -12.71 -5.96 -40.29
C LYS B 193 -14.20 -5.74 -40.49
N VAL B 194 -14.60 -4.47 -40.47
CA VAL B 194 -15.98 -4.06 -40.70
C VAL B 194 -15.97 -3.08 -41.87
N LEU B 195 -16.79 -3.36 -42.89
CA LEU B 195 -16.87 -2.53 -44.08
C LEU B 195 -18.26 -1.95 -44.22
N GLN B 196 -18.34 -0.75 -44.79
CA GLN B 196 -19.58 -0.02 -44.93
C GLN B 196 -19.96 0.11 -46.40
N PHE B 197 -21.23 -0.12 -46.70
CA PHE B 197 -21.76 0.00 -48.06
C PHE B 197 -22.59 1.26 -48.15
N ASP B 198 -22.11 2.24 -48.90
CA ASP B 198 -22.87 3.46 -49.13
C ASP B 198 -23.95 3.21 -50.17
N PRO B 199 -25.21 3.49 -49.88
CA PRO B 199 -26.27 3.24 -50.88
C PRO B 199 -26.07 4.09 -52.12
N GLY B 200 -26.39 3.50 -53.27
CA GLY B 200 -26.24 4.17 -54.55
C GLY B 200 -24.89 3.96 -55.22
N THR B 201 -23.88 3.47 -54.51
CA THR B 201 -22.59 3.26 -55.11
C THR B 201 -22.61 2.06 -56.05
N LYS B 202 -21.78 2.12 -57.09
CA LYS B 202 -21.69 1.06 -58.08
C LYS B 202 -20.34 0.37 -58.09
N ASN B 203 -19.24 1.14 -58.06
CA ASN B 203 -17.89 0.59 -58.09
C ASN B 203 -17.38 0.53 -56.65
N VAL B 204 -17.51 -0.64 -56.02
CA VAL B 204 -17.08 -0.84 -54.65
C VAL B 204 -16.05 -1.97 -54.59
N THR B 205 -15.27 -2.11 -55.68
CA THR B 205 -14.30 -3.20 -55.76
C THR B 205 -13.17 -3.05 -54.73
N ALA B 206 -12.96 -1.86 -54.19
CA ALA B 206 -11.92 -1.67 -53.20
C ALA B 206 -12.19 -2.50 -51.95
N LEU B 207 -13.43 -2.52 -51.48
CA LEU B 207 -13.77 -3.31 -50.30
C LEU B 207 -13.60 -4.80 -50.57
N LEU B 208 -13.98 -5.26 -51.77
CA LEU B 208 -13.79 -6.67 -52.11
C LEU B 208 -12.31 -7.02 -52.17
N MET B 209 -11.48 -6.12 -52.71
CA MET B 209 -10.04 -6.36 -52.72
C MET B 209 -9.48 -6.41 -51.30
N GLU B 210 -9.96 -5.54 -50.41
CA GLU B 210 -9.52 -5.57 -49.02
C GLU B 210 -9.92 -6.87 -48.35
N ALA B 211 -11.13 -7.35 -48.63
CA ALA B 211 -11.56 -8.63 -48.07
C ALA B 211 -10.72 -9.79 -48.62
N LYS B 212 -10.37 -9.72 -49.91
CA LYS B 212 -9.51 -10.74 -50.51
C LYS B 212 -8.13 -10.73 -49.86
N GLU B 213 -7.63 -9.55 -49.53
CA GLU B 213 -6.30 -9.41 -48.91
C GLU B 213 -6.27 -9.81 -47.44
N LEU B 214 -7.32 -10.47 -46.94
CA LEU B 214 -7.38 -10.94 -45.57
C LEU B 214 -7.26 -12.45 -45.54
N GLU B 215 -6.60 -12.98 -44.49
CA GLU B 215 -6.40 -14.42 -44.39
C GLU B 215 -7.72 -15.16 -44.22
N ALA B 216 -8.65 -14.59 -43.45
CA ALA B 216 -9.94 -15.23 -43.24
C ALA B 216 -10.80 -15.12 -44.49
N ARG B 217 -11.59 -16.15 -44.75
CA ARG B 217 -12.44 -16.24 -45.94
C ARG B 217 -13.87 -16.57 -45.56
N VAL B 218 -14.40 -15.91 -44.54
CA VAL B 218 -15.79 -16.04 -44.12
C VAL B 218 -16.48 -14.71 -44.40
N ILE B 219 -17.56 -14.75 -45.18
CA ILE B 219 -18.23 -13.55 -45.65
C ILE B 219 -19.64 -13.51 -45.06
N ILE B 220 -19.97 -12.40 -44.41
CA ILE B 220 -21.31 -12.14 -43.89
C ILE B 220 -21.82 -10.86 -44.53
N LEU B 221 -23.00 -10.93 -45.14
CA LEU B 221 -23.56 -9.80 -45.87
C LEU B 221 -24.99 -9.56 -45.40
N SER B 222 -25.34 -8.28 -45.26
CA SER B 222 -26.70 -7.88 -44.88
C SER B 222 -26.94 -6.48 -45.44
N ALA B 223 -27.66 -6.40 -46.55
CA ALA B 223 -27.91 -5.14 -47.22
C ALA B 223 -29.23 -5.23 -47.97
N SER B 224 -29.48 -4.27 -48.85
CA SER B 224 -30.71 -4.22 -49.63
C SER B 224 -30.54 -5.03 -50.91
N GLU B 225 -31.62 -5.13 -51.70
CA GLU B 225 -31.58 -5.92 -52.93
C GLU B 225 -30.61 -5.31 -53.95
N ASP B 226 -30.66 -3.99 -54.12
CA ASP B 226 -29.76 -3.34 -55.07
C ASP B 226 -28.31 -3.48 -54.66
N ASP B 227 -28.02 -3.32 -53.37
CA ASP B 227 -26.65 -3.49 -52.88
C ASP B 227 -26.18 -4.93 -53.07
N ALA B 228 -27.05 -5.89 -52.80
CA ALA B 228 -26.69 -7.29 -53.00
C ALA B 228 -26.41 -7.58 -54.47
N ALA B 229 -27.23 -7.05 -55.37
CA ALA B 229 -26.99 -7.23 -56.79
C ALA B 229 -25.69 -6.60 -57.23
N THR B 230 -25.39 -5.40 -56.71
CA THR B 230 -24.13 -4.74 -57.05
C THR B 230 -22.94 -5.54 -56.57
N VAL B 231 -23.02 -6.10 -55.35
CA VAL B 231 -21.93 -6.92 -54.83
C VAL B 231 -21.77 -8.18 -55.66
N TYR B 232 -22.88 -8.83 -56.04
CA TYR B 232 -22.82 -10.06 -56.82
C TYR B 232 -22.25 -9.81 -58.21
N ARG B 233 -22.55 -8.64 -58.80
CA ARG B 233 -22.00 -8.33 -60.11
C ARG B 233 -20.48 -8.30 -60.10
N ALA B 234 -19.89 -7.70 -59.07
CA ALA B 234 -18.43 -7.68 -58.94
C ALA B 234 -17.88 -9.05 -58.55
N ALA B 235 -18.59 -9.77 -57.67
CA ALA B 235 -18.12 -11.08 -57.23
C ALA B 235 -18.18 -12.12 -58.35
N ALA B 236 -19.00 -11.87 -59.39
CA ALA B 236 -19.01 -12.78 -60.53
C ALA B 236 -17.68 -12.79 -61.25
N MET B 237 -17.14 -11.60 -61.55
CA MET B 237 -15.83 -11.54 -62.20
C MET B 237 -14.71 -11.84 -61.21
N LEU B 238 -14.79 -11.31 -59.99
CA LEU B 238 -13.73 -11.53 -59.02
C LEU B 238 -13.77 -12.96 -58.48
N ASN B 239 -12.62 -13.42 -57.98
CA ASN B 239 -12.51 -14.78 -57.43
C ASN B 239 -12.94 -14.76 -55.95
N MET B 240 -14.23 -14.51 -55.76
CA MET B 240 -14.82 -14.47 -54.43
C MET B 240 -15.78 -15.62 -54.16
N THR B 241 -16.06 -16.47 -55.16
CA THR B 241 -16.98 -17.58 -54.99
C THR B 241 -16.46 -18.89 -55.58
N GLY B 242 -15.19 -18.94 -56.00
CA GLY B 242 -14.63 -20.15 -56.57
C GLY B 242 -14.58 -21.31 -55.59
N SER B 243 -13.74 -21.19 -54.57
CA SER B 243 -13.63 -22.23 -53.56
C SER B 243 -13.08 -21.61 -52.28
N GLY B 244 -13.36 -22.27 -51.16
CA GLY B 244 -12.87 -21.81 -49.88
C GLY B 244 -13.58 -20.59 -49.33
N TYR B 245 -14.79 -20.31 -49.78
CA TYR B 245 -15.57 -19.17 -49.31
C TYR B 245 -16.96 -19.62 -48.94
N VAL B 246 -17.56 -18.92 -47.97
CA VAL B 246 -18.91 -19.20 -47.50
C VAL B 246 -19.70 -17.89 -47.54
N TRP B 247 -20.90 -17.95 -48.11
CA TRP B 247 -21.76 -16.77 -48.27
C TRP B 247 -23.01 -16.97 -47.41
N LEU B 248 -23.02 -16.35 -46.24
CA LEU B 248 -24.17 -16.37 -45.35
C LEU B 248 -24.86 -15.01 -45.44
N VAL B 249 -26.08 -14.99 -45.96
CA VAL B 249 -26.82 -13.75 -46.19
C VAL B 249 -28.18 -13.85 -45.50
N GLY B 250 -28.89 -12.74 -45.47
CA GLY B 250 -30.16 -12.63 -44.79
C GLY B 250 -31.34 -12.95 -45.70
N GLU B 251 -32.53 -12.57 -45.21
CA GLU B 251 -33.76 -12.86 -45.93
C GLU B 251 -33.89 -12.03 -47.21
N ARG B 252 -33.45 -10.76 -47.16
CA ARG B 252 -33.65 -9.85 -48.28
C ARG B 252 -32.89 -10.26 -49.53
N GLU B 253 -31.93 -11.18 -49.43
CA GLU B 253 -31.13 -11.60 -50.57
C GLU B 253 -31.57 -12.96 -51.09
N ILE B 254 -32.77 -13.42 -50.73
CA ILE B 254 -33.30 -14.68 -51.23
C ILE B 254 -34.58 -14.40 -52.00
N SER B 255 -34.65 -13.22 -52.61
CA SER B 255 -35.83 -12.82 -53.37
C SER B 255 -35.42 -11.79 -54.40
N GLY B 256 -36.31 -11.57 -55.38
CA GLY B 256 -36.03 -10.58 -56.41
C GLY B 256 -34.91 -11.02 -57.33
N ASN B 257 -34.12 -10.04 -57.78
CA ASN B 257 -33.00 -10.32 -58.67
C ASN B 257 -31.87 -11.08 -57.98
N ALA B 258 -31.90 -11.14 -56.64
CA ALA B 258 -30.86 -11.87 -55.92
C ALA B 258 -30.88 -13.35 -56.26
N LEU B 259 -32.08 -13.92 -56.40
CA LEU B 259 -32.19 -15.35 -56.73
C LEU B 259 -31.58 -15.64 -58.09
N ARG B 260 -31.82 -14.78 -59.08
CA ARG B 260 -31.33 -15.02 -60.43
C ARG B 260 -29.90 -14.55 -60.65
N TYR B 261 -29.34 -13.74 -59.74
CA TYR B 261 -27.95 -13.31 -59.85
C TYR B 261 -27.10 -13.80 -58.68
N ALA B 262 -27.56 -14.82 -57.95
CA ALA B 262 -26.80 -15.34 -56.82
C ALA B 262 -26.14 -16.65 -57.19
N PRO B 263 -24.84 -16.79 -56.98
CA PRO B 263 -24.18 -18.06 -57.28
C PRO B 263 -24.65 -19.17 -56.35
N ASP B 264 -24.55 -20.41 -56.85
CA ASP B 264 -25.00 -21.56 -56.09
C ASP B 264 -24.11 -21.78 -54.87
N GLY B 265 -24.65 -22.51 -53.89
CA GLY B 265 -23.97 -22.79 -52.65
C GLY B 265 -24.22 -21.80 -51.54
N ILE B 266 -24.98 -20.74 -51.80
CA ILE B 266 -25.28 -19.74 -50.78
C ILE B 266 -26.30 -20.29 -49.80
N LEU B 267 -26.00 -20.20 -48.51
CA LEU B 267 -26.89 -20.66 -47.46
C LEU B 267 -27.80 -19.52 -47.05
N GLY B 268 -29.08 -19.61 -47.42
CA GLY B 268 -30.05 -18.59 -47.10
C GLY B 268 -30.75 -18.84 -45.78
N LEU B 269 -31.57 -17.87 -45.38
CA LEU B 269 -32.32 -17.94 -44.13
C LEU B 269 -33.76 -17.54 -44.40
N GLN B 270 -34.69 -18.32 -43.85
CA GLN B 270 -36.12 -18.02 -43.95
C GLN B 270 -36.80 -18.42 -42.65
N LEU B 271 -37.98 -17.85 -42.43
CA LEU B 271 -38.78 -18.11 -41.24
C LEU B 271 -40.04 -18.86 -41.64
N ILE B 272 -40.29 -19.99 -40.97
CA ILE B 272 -41.46 -20.80 -41.27
C ILE B 272 -42.70 -20.13 -40.69
N ASN B 273 -43.81 -20.24 -41.41
CA ASN B 273 -45.11 -19.70 -41.01
C ASN B 273 -45.07 -18.18 -40.83
N GLY B 274 -44.09 -17.52 -41.44
CA GLY B 274 -43.94 -16.07 -41.36
C GLY B 274 -44.50 -15.30 -42.54
N LYS B 275 -45.28 -15.95 -43.40
CA LYS B 275 -45.83 -15.30 -44.58
C LYS B 275 -47.35 -15.28 -44.63
N ASN B 276 -48.02 -16.22 -43.96
CA ASN B 276 -49.48 -16.30 -44.03
C ASN B 276 -50.10 -15.14 -43.24
N GLU B 277 -50.67 -14.18 -43.97
CA GLU B 277 -51.33 -13.05 -43.32
C GLU B 277 -52.52 -13.52 -42.48
N SER B 278 -53.25 -14.52 -42.96
CA SER B 278 -54.36 -15.06 -42.18
C SER B 278 -53.88 -15.66 -40.87
N ALA B 279 -52.78 -16.41 -40.91
CA ALA B 279 -52.21 -16.98 -39.69
C ALA B 279 -51.74 -15.89 -38.74
N HIS B 280 -51.11 -14.84 -39.29
CA HIS B 280 -50.66 -13.74 -38.44
C HIS B 280 -51.83 -13.04 -37.77
N ILE B 281 -52.91 -12.81 -38.53
CA ILE B 281 -54.09 -12.16 -37.97
C ILE B 281 -54.72 -13.04 -36.90
N SER B 282 -54.80 -14.35 -37.14
CA SER B 282 -55.36 -15.26 -36.15
C SER B 282 -54.53 -15.25 -34.87
N ASP B 283 -53.19 -15.27 -35.00
CA ASP B 283 -52.34 -15.23 -33.82
C ASP B 283 -52.50 -13.92 -33.06
N ALA B 284 -52.59 -12.80 -33.79
CA ALA B 284 -52.79 -11.51 -33.14
C ALA B 284 -54.12 -11.46 -32.40
N VAL B 285 -55.18 -11.99 -33.01
CA VAL B 285 -56.49 -12.01 -32.35
C VAL B 285 -56.43 -12.88 -31.11
N GLY B 286 -55.77 -14.04 -31.19
CA GLY B 286 -55.63 -14.89 -30.02
C GLY B 286 -54.87 -14.21 -28.90
N VAL B 287 -53.81 -13.46 -29.25
CA VAL B 287 -53.05 -12.74 -28.23
C VAL B 287 -53.91 -11.65 -27.58
N VAL B 288 -54.64 -10.89 -28.39
CA VAL B 288 -55.45 -9.79 -27.86
C VAL B 288 -56.67 -10.29 -27.11
N ALA B 289 -57.09 -11.54 -27.34
CA ALA B 289 -58.25 -12.08 -26.63
C ALA B 289 -58.01 -12.12 -25.13
N GLN B 290 -56.84 -12.59 -24.70
CA GLN B 290 -56.54 -12.62 -23.28
C GLN B 290 -56.39 -11.20 -22.72
N ALA B 291 -55.79 -10.29 -23.49
CA ALA B 291 -55.59 -8.93 -23.02
C ALA B 291 -56.91 -8.20 -22.82
N VAL B 292 -57.89 -8.44 -23.69
CA VAL B 292 -59.19 -7.79 -23.54
C VAL B 292 -59.84 -8.19 -22.22
N HIS B 293 -59.80 -9.49 -21.90
CA HIS B 293 -60.35 -9.96 -20.63
C HIS B 293 -59.56 -9.51 -19.42
N GLU B 294 -58.23 -9.42 -19.53
CA GLU B 294 -57.41 -8.98 -18.41
C GLU B 294 -57.42 -7.47 -18.22
N LEU B 295 -57.91 -6.70 -19.20
CA LEU B 295 -57.98 -5.26 -19.06
C LEU B 295 -58.91 -4.87 -17.91
N LEU B 296 -60.06 -5.53 -17.81
CA LEU B 296 -61.04 -5.20 -16.77
C LEU B 296 -60.66 -5.72 -15.40
N GLU B 297 -59.63 -6.57 -15.30
CA GLU B 297 -59.21 -7.08 -14.00
C GLU B 297 -58.67 -5.96 -13.11
N LYS B 298 -57.87 -5.08 -13.69
CA LYS B 298 -57.29 -3.97 -12.92
C LYS B 298 -58.29 -2.82 -12.83
N GLU B 299 -58.18 -2.07 -11.73
CA GLU B 299 -59.04 -0.93 -11.49
C GLU B 299 -58.43 0.33 -12.13
N ASN B 300 -58.99 1.49 -11.81
CA ASN B 300 -58.50 2.77 -12.33
C ASN B 300 -58.53 2.79 -13.87
N ILE B 301 -59.59 2.25 -14.45
CA ILE B 301 -59.75 2.20 -15.89
C ILE B 301 -60.53 3.43 -16.34
N THR B 302 -60.04 4.10 -17.38
CA THR B 302 -60.66 5.30 -17.90
C THR B 302 -61.37 5.01 -19.22
N ASP B 303 -62.42 5.79 -19.48
CA ASP B 303 -63.19 5.61 -20.70
C ASP B 303 -62.36 6.01 -21.92
N PRO B 304 -62.52 5.33 -23.05
CA PRO B 304 -61.75 5.70 -24.23
C PRO B 304 -62.18 7.05 -24.75
N PRO B 305 -61.27 7.82 -25.34
CA PRO B 305 -61.65 9.14 -25.88
C PRO B 305 -62.48 8.99 -27.15
N ARG B 306 -63.59 9.72 -27.20
CA ARG B 306 -64.47 9.70 -28.37
C ARG B 306 -64.13 10.83 -29.34
N GLY B 307 -64.18 12.07 -28.86
CA GLY B 307 -63.88 13.21 -29.71
C GLY B 307 -62.38 13.41 -29.85
N CYS B 308 -61.91 13.45 -31.11
CA CYS B 308 -60.49 13.69 -31.36
C CYS B 308 -60.08 15.08 -30.88
N VAL B 309 -60.93 16.07 -31.11
CA VAL B 309 -60.64 17.44 -30.68
C VAL B 309 -61.31 17.68 -29.33
N GLY B 310 -60.54 18.19 -28.38
CA GLY B 310 -61.04 18.47 -27.04
C GLY B 310 -60.43 17.62 -25.94
N ASN B 311 -59.47 16.76 -26.26
CA ASN B 311 -58.85 15.88 -25.26
C ASN B 311 -57.38 15.69 -25.62
N THR B 312 -56.50 16.10 -24.72
CA THR B 312 -55.06 15.92 -24.87
C THR B 312 -54.46 15.20 -23.67
N ASN B 313 -55.24 14.36 -23.00
CA ASN B 313 -54.80 13.68 -21.80
C ASN B 313 -53.94 12.46 -22.17
N ILE B 314 -53.40 11.81 -21.15
CA ILE B 314 -52.54 10.63 -21.30
C ILE B 314 -53.17 9.48 -20.54
N TRP B 315 -53.26 8.32 -21.18
CA TRP B 315 -53.82 7.14 -20.53
C TRP B 315 -53.02 6.78 -19.28
N LYS B 316 -53.74 6.53 -18.18
CA LYS B 316 -53.08 6.15 -16.94
C LYS B 316 -52.56 4.71 -17.01
N THR B 317 -53.20 3.87 -17.83
CA THR B 317 -52.84 2.47 -17.96
C THR B 317 -51.99 2.19 -19.19
N GLY B 318 -51.33 3.21 -19.74
CA GLY B 318 -50.48 3.05 -20.89
C GLY B 318 -49.37 2.05 -20.65
N PRO B 319 -48.43 2.38 -19.75
CA PRO B 319 -47.39 1.40 -19.40
C PRO B 319 -47.95 0.14 -18.76
N LEU B 320 -49.13 0.22 -18.12
CA LEU B 320 -49.73 -0.97 -17.55
C LEU B 320 -50.09 -2.00 -18.61
N PHE B 321 -50.58 -1.54 -19.76
CA PHE B 321 -50.88 -2.46 -20.85
C PHE B 321 -49.62 -3.19 -21.32
N LYS B 322 -48.52 -2.45 -21.46
CA LYS B 322 -47.26 -3.08 -21.86
C LYS B 322 -46.76 -4.06 -20.82
N ARG B 323 -46.89 -3.70 -19.54
CA ARG B 323 -46.47 -4.62 -18.48
C ARG B 323 -47.30 -5.90 -18.50
N VAL B 324 -48.62 -5.77 -18.70
CA VAL B 324 -49.48 -6.94 -18.76
C VAL B 324 -49.13 -7.81 -19.96
N LEU B 325 -48.90 -7.19 -21.12
CA LEU B 325 -48.55 -7.95 -22.31
C LEU B 325 -47.21 -8.67 -22.14
N MET B 326 -46.23 -8.00 -21.52
CA MET B 326 -44.94 -8.63 -21.30
C MET B 326 -45.02 -9.77 -20.29
N SER B 327 -45.84 -9.61 -19.24
CA SER B 327 -45.99 -10.64 -18.23
C SER B 327 -46.94 -11.76 -18.66
N SER B 328 -47.63 -11.61 -19.78
CA SER B 328 -48.54 -12.64 -20.26
C SER B 328 -47.79 -13.74 -21.00
N LYS B 329 -48.31 -14.95 -20.90
CA LYS B 329 -47.73 -16.11 -21.57
C LYS B 329 -48.78 -16.77 -22.44
N TYR B 330 -48.38 -17.16 -23.64
CA TYR B 330 -49.27 -17.79 -24.61
C TYR B 330 -48.69 -19.13 -25.04
N ALA B 331 -49.51 -20.17 -25.01
CA ALA B 331 -49.10 -21.52 -25.40
C ALA B 331 -49.94 -22.07 -26.53
N ASP B 332 -50.73 -21.24 -27.21
CA ASP B 332 -51.58 -21.68 -28.31
C ASP B 332 -51.42 -20.74 -29.50
N GLY B 333 -51.64 -21.28 -30.68
CA GLY B 333 -51.54 -20.49 -31.90
C GLY B 333 -51.05 -21.36 -33.05
N VAL B 334 -51.17 -20.79 -34.25
CA VAL B 334 -50.73 -21.50 -35.46
C VAL B 334 -49.23 -21.72 -35.43
N THR B 335 -48.48 -20.67 -35.09
CA THR B 335 -47.02 -20.79 -35.00
C THR B 335 -46.62 -21.65 -33.80
N GLY B 336 -47.28 -21.46 -32.66
CA GLY B 336 -46.95 -22.20 -31.47
C GLY B 336 -46.85 -21.32 -30.24
N ARG B 337 -45.89 -21.61 -29.37
CA ARG B 337 -45.70 -20.80 -28.18
C ARG B 337 -45.18 -19.42 -28.55
N VAL B 338 -45.78 -18.38 -27.96
CA VAL B 338 -45.43 -16.99 -28.24
C VAL B 338 -45.00 -16.35 -26.93
N GLU B 339 -43.79 -15.78 -26.92
CA GLU B 339 -43.26 -15.08 -25.77
C GLU B 339 -42.72 -13.72 -26.20
N PHE B 340 -42.88 -12.73 -25.34
CA PHE B 340 -42.46 -11.36 -25.63
C PHE B 340 -41.22 -11.02 -24.81
N ASN B 341 -40.20 -10.52 -25.49
CA ASN B 341 -38.96 -10.09 -24.83
C ASN B 341 -39.07 -8.59 -24.51
N GLU B 342 -37.96 -8.00 -24.07
CA GLU B 342 -37.98 -6.57 -23.75
C GLU B 342 -38.27 -5.72 -24.99
N ASP B 343 -37.85 -6.18 -26.16
CA ASP B 343 -38.15 -5.44 -27.39
C ASP B 343 -39.61 -5.50 -27.78
N GLY B 344 -40.34 -6.51 -27.28
CA GLY B 344 -41.75 -6.64 -27.60
C GLY B 344 -42.08 -7.55 -28.76
N ASP B 345 -41.11 -8.33 -29.24
CA ASP B 345 -41.31 -9.24 -30.37
C ASP B 345 -41.31 -10.69 -29.87
N ARG B 346 -41.42 -11.61 -30.81
CA ARG B 346 -41.43 -13.03 -30.48
C ARG B 346 -40.08 -13.46 -29.93
N LYS B 347 -40.10 -14.46 -29.06
CA LYS B 347 -38.91 -14.99 -28.41
C LYS B 347 -38.70 -16.44 -28.82
N PHE B 348 -37.45 -16.78 -29.13
CA PHE B 348 -37.07 -18.12 -29.57
C PHE B 348 -37.87 -18.54 -30.81
N ALA B 349 -37.74 -17.74 -31.85
CA ALA B 349 -38.41 -18.03 -33.11
C ALA B 349 -37.69 -19.17 -33.84
N ASN B 350 -38.43 -19.86 -34.69
CA ASN B 350 -37.88 -20.96 -35.45
C ASN B 350 -37.14 -20.45 -36.69
N TYR B 351 -35.97 -21.03 -36.96
CA TYR B 351 -35.15 -20.64 -38.09
C TYR B 351 -35.00 -21.82 -39.05
N SER B 352 -34.92 -21.50 -40.34
CA SER B 352 -34.77 -22.51 -41.38
C SER B 352 -33.63 -22.09 -42.31
N ILE B 353 -32.82 -23.06 -42.71
CA ILE B 353 -31.71 -22.84 -43.64
C ILE B 353 -32.17 -23.23 -45.03
N MET B 354 -32.04 -22.29 -45.97
CA MET B 354 -32.46 -22.50 -47.36
C MET B 354 -31.21 -22.50 -48.23
N ASN B 355 -30.62 -23.68 -48.42
CA ASN B 355 -29.45 -23.81 -49.26
C ASN B 355 -29.81 -23.57 -50.72
N LEU B 356 -28.88 -22.95 -51.46
CA LEU B 356 -29.06 -22.66 -52.87
C LEU B 356 -28.28 -23.68 -53.68
N GLN B 357 -28.99 -24.62 -54.30
CA GLN B 357 -28.38 -25.68 -55.10
C GLN B 357 -28.99 -25.64 -56.49
N ASN B 358 -28.18 -25.29 -57.48
CA ASN B 358 -28.63 -25.15 -58.87
C ASN B 358 -29.80 -24.18 -58.97
N ARG B 359 -29.68 -23.06 -58.26
CA ARG B 359 -30.70 -22.02 -58.21
C ARG B 359 -32.04 -22.58 -57.72
N LYS B 360 -31.98 -23.49 -56.76
CA LYS B 360 -33.17 -24.08 -56.15
C LYS B 360 -33.01 -24.07 -54.63
N LEU B 361 -34.06 -23.67 -53.93
CA LEU B 361 -34.03 -23.61 -52.47
C LEU B 361 -34.12 -25.02 -51.89
N VAL B 362 -33.22 -25.34 -50.97
CA VAL B 362 -33.17 -26.64 -50.31
C VAL B 362 -33.14 -26.42 -48.81
N GLN B 363 -34.03 -27.10 -48.08
CA GLN B 363 -34.07 -27.00 -46.63
C GLN B 363 -33.03 -27.92 -46.02
N VAL B 364 -32.18 -27.37 -45.15
CA VAL B 364 -31.08 -28.14 -44.56
C VAL B 364 -31.18 -28.11 -43.03
N GLY B 365 -31.11 -26.92 -42.45
CA GLY B 365 -31.05 -26.77 -41.00
C GLY B 365 -32.31 -26.14 -40.44
N ILE B 366 -32.77 -26.68 -39.31
CA ILE B 366 -33.91 -26.14 -38.58
C ILE B 366 -33.47 -25.89 -37.15
N TYR B 367 -33.69 -24.67 -36.66
CA TYR B 367 -33.28 -24.26 -35.33
C TYR B 367 -34.47 -23.75 -34.56
N ASN B 368 -34.65 -24.25 -33.33
CA ASN B 368 -35.68 -23.77 -32.42
C ASN B 368 -35.15 -22.79 -31.39
N GLY B 369 -33.89 -22.38 -31.51
CA GLY B 369 -33.29 -21.47 -30.57
C GLY B 369 -32.10 -22.08 -29.85
N THR B 370 -32.23 -23.34 -29.45
CA THR B 370 -31.15 -24.08 -28.80
C THR B 370 -30.86 -25.41 -29.48
N HIS B 371 -31.88 -26.10 -29.98
CA HIS B 371 -31.68 -27.40 -30.60
C HIS B 371 -31.28 -27.24 -32.07
N VAL B 372 -30.54 -28.24 -32.56
CA VAL B 372 -30.07 -28.27 -33.95
C VAL B 372 -30.67 -29.50 -34.60
N ILE B 373 -31.40 -29.31 -35.69
CA ILE B 373 -32.02 -30.42 -36.42
C ILE B 373 -31.63 -30.30 -37.90
N PRO B 374 -30.46 -30.79 -38.29
CA PRO B 374 -30.08 -30.73 -39.70
C PRO B 374 -30.72 -31.84 -40.51
N ASN B 375 -31.11 -31.50 -41.74
CA ASN B 375 -31.69 -32.48 -42.65
C ASN B 375 -30.62 -33.43 -43.16
N ASP B 376 -31.05 -34.63 -43.55
CA ASP B 376 -30.13 -35.66 -44.02
C ASP B 376 -29.50 -35.31 -45.36
N ARG B 377 -30.03 -34.33 -46.09
CA ARG B 377 -29.43 -33.94 -47.36
C ARG B 377 -28.05 -33.32 -47.14
N LYS B 378 -27.10 -33.70 -48.00
CA LYS B 378 -25.75 -33.18 -47.89
C LYS B 378 -25.72 -31.71 -48.26
N ILE B 379 -24.91 -30.94 -47.55
CA ILE B 379 -24.75 -29.51 -47.81
C ILE B 379 -23.83 -29.33 -49.00
N ILE B 380 -24.28 -28.58 -50.00
CA ILE B 380 -23.51 -28.31 -51.20
C ILE B 380 -22.90 -26.93 -51.07
N TRP B 381 -21.59 -26.88 -50.85
CA TRP B 381 -20.89 -25.62 -50.74
C TRP B 381 -20.71 -25.00 -52.12
N PRO B 382 -20.52 -23.67 -52.18
CA PRO B 382 -20.26 -23.03 -53.49
C PRO B 382 -19.03 -23.58 -54.19
N GLY B 383 -18.02 -24.00 -53.45
CA GLY B 383 -16.85 -24.61 -54.06
C GLY B 383 -17.14 -26.00 -54.58
N GLY B 384 -16.19 -26.51 -55.37
CA GLY B 384 -16.35 -27.84 -55.95
C GLY B 384 -16.39 -28.93 -54.90
N GLU B 385 -15.50 -28.85 -53.91
CA GLU B 385 -15.47 -29.86 -52.86
C GLU B 385 -16.66 -29.70 -51.92
N THR B 386 -17.23 -30.83 -51.50
CA THR B 386 -18.36 -30.85 -50.59
C THR B 386 -17.95 -30.79 -49.13
N GLU B 387 -16.66 -30.80 -48.82
CA GLU B 387 -16.21 -30.72 -47.45
C GLU B 387 -16.36 -29.29 -46.92
N LYS B 388 -16.41 -29.18 -45.60
CA LYS B 388 -16.56 -27.88 -44.96
C LYS B 388 -15.31 -27.04 -45.19
N PRO B 389 -15.43 -25.82 -45.72
CA PRO B 389 -14.25 -24.99 -45.94
C PRO B 389 -13.64 -24.51 -44.63
N ARG B 390 -12.35 -24.19 -44.69
CA ARG B 390 -11.61 -23.69 -43.55
C ARG B 390 -11.35 -22.20 -43.72
N GLY B 391 -11.66 -21.43 -42.68
CA GLY B 391 -11.46 -19.99 -42.73
C GLY B 391 -10.10 -19.58 -42.22
N TYR B 392 -9.07 -20.38 -42.50
CA TYR B 392 -7.70 -20.11 -42.08
C TYR B 392 -6.78 -20.35 -43.28
N GLN B 393 -6.47 -19.28 -44.00
CA GLN B 393 -5.58 -19.33 -45.16
C GLN B 393 -4.41 -18.40 -44.90
N MET B 394 -3.36 -18.94 -44.29
CA MET B 394 -2.18 -18.15 -43.96
C MET B 394 -1.39 -17.87 -45.23
N SER B 395 -1.31 -16.60 -45.61
CA SER B 395 -0.55 -16.21 -46.79
C SER B 395 0.95 -16.23 -46.55
N THR B 396 1.37 -16.31 -45.28
CA THR B 396 2.79 -16.37 -44.89
C THR B 396 3.58 -15.16 -45.37
N ARG B 397 2.91 -14.07 -45.74
CA ARG B 397 3.59 -12.85 -46.15
C ARG B 397 3.68 -11.90 -44.96
N LEU B 398 4.43 -12.34 -43.95
CA LEU B 398 4.57 -11.60 -42.70
C LEU B 398 5.51 -10.42 -42.92
N LYS B 399 4.93 -9.24 -43.14
CA LYS B 399 5.74 -8.03 -43.29
C LYS B 399 6.33 -7.63 -41.94
N ILE B 400 7.63 -7.37 -41.94
CA ILE B 400 8.37 -7.04 -40.71
C ILE B 400 9.08 -5.72 -40.92
N VAL B 401 8.94 -4.80 -39.96
CA VAL B 401 9.60 -3.51 -39.97
C VAL B 401 10.59 -3.48 -38.82
N THR B 402 11.83 -3.11 -39.12
CA THR B 402 12.91 -3.09 -38.14
C THR B 402 13.42 -1.66 -37.98
N ILE B 403 13.56 -1.22 -36.73
CA ILE B 403 14.08 0.11 -36.45
C ILE B 403 15.55 0.16 -36.81
N HIS B 404 15.99 1.29 -37.38
CA HIS B 404 17.37 1.47 -37.79
C HIS B 404 18.25 1.69 -36.56
N GLN B 405 18.87 0.61 -36.08
CA GLN B 405 19.80 0.67 -34.96
C GLN B 405 21.17 0.23 -35.44
N GLU B 406 22.18 1.07 -35.20
CA GLU B 406 23.52 0.77 -35.68
C GLU B 406 24.09 -0.53 -35.12
N PRO B 407 24.05 -0.80 -33.81
CA PRO B 407 24.65 -2.05 -33.31
C PRO B 407 23.83 -3.30 -33.60
N PHE B 408 22.60 -3.16 -34.09
CA PHE B 408 21.73 -4.30 -34.33
C PHE B 408 21.49 -4.59 -35.81
N VAL B 409 21.40 -3.56 -36.65
CA VAL B 409 21.18 -3.75 -38.08
C VAL B 409 22.08 -2.78 -38.83
N TYR B 410 23.00 -3.32 -39.64
CA TYR B 410 23.85 -2.49 -40.49
C TYR B 410 23.10 -2.14 -41.76
N VAL B 411 22.73 -0.87 -41.91
CA VAL B 411 21.98 -0.38 -43.06
C VAL B 411 22.93 0.41 -43.96
N LYS B 412 23.15 -0.09 -45.16
CA LYS B 412 24.02 0.55 -46.15
C LYS B 412 23.33 0.56 -47.50
N PRO B 413 23.63 1.56 -48.33
CA PRO B 413 23.03 1.59 -49.68
C PRO B 413 23.46 0.40 -50.51
N THR B 414 22.53 -0.08 -51.33
CA THR B 414 22.80 -1.24 -52.18
C THR B 414 23.57 -0.81 -53.44
N LEU B 415 24.21 -1.79 -54.07
CA LEU B 415 24.96 -1.53 -55.28
C LEU B 415 24.01 -1.26 -56.45
N SER B 416 24.52 -0.52 -57.44
CA SER B 416 23.71 -0.14 -58.59
C SER B 416 23.48 -1.30 -59.56
N ASP B 417 24.23 -2.40 -59.43
CA ASP B 417 24.06 -3.51 -60.36
C ASP B 417 22.72 -4.21 -60.16
N GLY B 418 22.16 -4.14 -58.96
CA GLY B 418 20.88 -4.77 -58.68
C GLY B 418 20.87 -5.58 -57.41
N THR B 419 22.04 -5.93 -56.90
CA THR B 419 22.15 -6.70 -55.67
C THR B 419 23.06 -6.02 -54.67
N CYS B 420 23.36 -6.69 -53.56
CA CYS B 420 24.20 -6.15 -52.51
C CYS B 420 25.47 -6.99 -52.39
N LYS B 421 26.59 -6.31 -52.12
CA LYS B 421 27.87 -7.00 -52.00
C LYS B 421 27.88 -7.91 -50.77
N GLU B 422 28.59 -9.03 -50.89
CA GLU B 422 28.69 -10.02 -49.83
C GLU B 422 30.09 -9.94 -49.22
N GLU B 423 30.14 -9.73 -47.91
CA GLU B 423 31.39 -9.66 -47.17
C GLU B 423 31.58 -10.92 -46.32
N PHE B 424 32.70 -10.97 -45.60
CA PHE B 424 33.03 -12.10 -44.76
C PHE B 424 33.50 -11.62 -43.40
N THR B 425 33.32 -12.46 -42.39
CA THR B 425 33.73 -12.14 -41.03
C THR B 425 35.17 -12.58 -40.81
N VAL B 426 35.62 -12.54 -39.55
CA VAL B 426 36.99 -12.95 -39.23
C VAL B 426 37.17 -14.45 -39.45
N ASN B 427 36.11 -15.22 -39.29
CA ASN B 427 36.17 -16.67 -39.49
C ASN B 427 36.01 -17.08 -40.95
N GLY B 428 35.77 -16.14 -41.85
CA GLY B 428 35.60 -16.43 -43.26
C GLY B 428 34.22 -16.87 -43.68
N ASP B 429 33.29 -16.98 -42.73
CA ASP B 429 31.93 -17.38 -43.09
C ASP B 429 31.23 -16.25 -43.83
N PRO B 430 30.41 -16.56 -44.83
CA PRO B 430 29.68 -15.50 -45.54
C PRO B 430 28.68 -14.80 -44.64
N VAL B 431 28.48 -13.51 -44.91
CA VAL B 431 27.54 -12.69 -44.16
C VAL B 431 26.22 -12.68 -44.92
N LYS B 432 25.24 -13.44 -44.42
CA LYS B 432 23.94 -13.49 -45.07
C LYS B 432 23.21 -12.17 -44.89
N LYS B 433 22.44 -11.79 -45.92
CA LYS B 433 21.72 -10.53 -45.91
C LYS B 433 20.45 -10.65 -46.73
N VAL B 434 19.49 -9.77 -46.46
CA VAL B 434 18.21 -9.75 -47.14
C VAL B 434 17.97 -8.36 -47.70
N ILE B 435 17.19 -8.28 -48.78
CA ILE B 435 16.85 -7.00 -49.37
C ILE B 435 15.86 -6.28 -48.48
N CYS B 436 16.13 -5.01 -48.20
CA CYS B 436 15.30 -4.19 -47.31
C CYS B 436 14.83 -2.95 -48.06
N THR B 437 13.56 -2.60 -47.86
CA THR B 437 12.95 -1.44 -48.50
C THR B 437 12.61 -0.39 -47.45
N GLY B 438 13.08 0.83 -47.69
CA GLY B 438 12.84 1.92 -46.76
C GLY B 438 13.18 3.28 -47.35
N PRO B 439 12.79 4.34 -46.67
CA PRO B 439 13.09 5.69 -47.16
C PRO B 439 14.59 5.99 -47.11
N ASN B 440 15.01 6.88 -48.01
CA ASN B 440 16.41 7.27 -48.14
C ASN B 440 16.72 8.57 -47.40
N ASP B 441 15.98 9.63 -47.69
CA ASP B 441 16.24 10.91 -47.05
C ASP B 441 15.97 10.85 -45.54
N THR B 442 14.84 10.27 -45.14
CA THR B 442 14.46 10.13 -43.74
C THR B 442 14.49 11.49 -43.02
N SER B 443 14.01 12.53 -43.71
CA SER B 443 14.01 13.87 -43.16
C SER B 443 12.63 14.50 -43.33
N PRO B 444 12.19 15.32 -42.38
CA PRO B 444 10.89 15.99 -42.53
C PRO B 444 10.90 16.97 -43.69
N GLY B 445 9.73 17.10 -44.32
CA GLY B 445 9.60 18.00 -45.47
C GLY B 445 10.45 17.59 -46.66
N SER B 446 10.61 16.29 -46.89
CA SER B 446 11.38 15.78 -47.99
C SER B 446 10.64 14.62 -48.63
N PRO B 447 10.79 14.42 -49.95
CA PRO B 447 10.13 13.27 -50.59
C PRO B 447 10.80 11.96 -50.22
N ARG B 448 10.11 11.16 -49.40
CA ARG B 448 10.65 9.88 -48.93
C ARG B 448 10.31 8.80 -49.95
N HIS B 449 11.11 8.76 -51.01
CA HIS B 449 10.92 7.75 -52.05
C HIS B 449 11.27 6.37 -51.53
N THR B 450 10.46 5.39 -51.91
CA THR B 450 10.67 4.00 -51.49
C THR B 450 11.72 3.38 -52.39
N VAL B 451 12.96 3.31 -51.91
CA VAL B 451 14.08 2.75 -52.64
C VAL B 451 14.62 1.57 -51.85
N PRO B 452 14.77 0.40 -52.44
CA PRO B 452 15.31 -0.75 -51.70
C PRO B 452 16.73 -0.49 -51.24
N GLN B 453 17.06 -1.00 -50.06
CA GLN B 453 18.38 -0.84 -49.46
C GLN B 453 18.92 -2.21 -49.06
N CYS B 454 20.12 -2.22 -48.49
CA CYS B 454 20.78 -3.43 -48.04
C CYS B 454 20.99 -3.33 -46.53
N CYS B 455 20.20 -4.08 -45.77
CA CYS B 455 20.28 -4.06 -44.31
C CYS B 455 20.49 -5.48 -43.80
N TYR B 456 21.33 -5.61 -42.78
CA TYR B 456 21.63 -6.90 -42.18
C TYR B 456 22.12 -6.67 -40.76
N GLY B 457 22.05 -7.73 -39.95
CA GLY B 457 22.51 -7.61 -38.57
C GLY B 457 22.09 -8.81 -37.74
N PHE B 458 21.90 -8.55 -36.44
CA PHE B 458 21.61 -9.61 -35.49
C PHE B 458 20.26 -10.26 -35.79
N CYS B 459 19.24 -9.45 -36.10
CA CYS B 459 17.90 -9.98 -36.33
C CYS B 459 17.80 -10.73 -37.64
N ILE B 460 18.69 -10.48 -38.60
CA ILE B 460 18.65 -11.19 -39.88
C ILE B 460 18.92 -12.67 -39.66
N ASP B 461 19.87 -13.00 -38.80
CA ASP B 461 20.15 -14.41 -38.51
C ASP B 461 18.95 -15.08 -37.85
N LEU B 462 18.28 -14.37 -36.93
CA LEU B 462 17.10 -14.93 -36.30
C LEU B 462 15.98 -15.16 -37.32
N LEU B 463 15.80 -14.20 -38.24
CA LEU B 463 14.79 -14.38 -39.29
C LEU B 463 15.12 -15.57 -40.18
N ILE B 464 16.40 -15.75 -40.52
CA ILE B 464 16.79 -16.89 -41.34
C ILE B 464 16.55 -18.20 -40.60
N LYS B 465 16.85 -18.24 -39.30
CA LYS B 465 16.58 -19.43 -38.51
C LYS B 465 15.08 -19.73 -38.46
N LEU B 466 14.26 -18.68 -38.30
CA LEU B 466 12.82 -18.87 -38.30
C LEU B 466 12.33 -19.41 -39.64
N ALA B 467 12.89 -18.89 -40.75
CA ALA B 467 12.53 -19.39 -42.07
C ALA B 467 12.93 -20.84 -42.24
N ARG B 468 14.10 -21.22 -41.72
CA ARG B 468 14.53 -22.61 -41.80
C ARG B 468 13.59 -23.51 -40.98
N THR B 469 13.19 -23.06 -39.80
CA THR B 469 12.35 -23.90 -38.95
C THR B 469 10.94 -24.04 -39.51
N MET B 470 10.33 -22.93 -39.92
CA MET B 470 8.99 -22.94 -40.50
C MET B 470 8.96 -22.05 -41.74
N ASN B 471 8.04 -22.35 -42.65
CA ASN B 471 7.91 -21.62 -43.90
C ASN B 471 7.52 -20.18 -43.66
N PHE B 472 8.46 -19.25 -43.85
CA PHE B 472 8.24 -17.83 -43.64
C PHE B 472 8.76 -17.04 -44.83
N THR B 473 8.05 -15.97 -45.17
CA THR B 473 8.50 -15.00 -46.18
C THR B 473 8.52 -13.63 -45.54
N TYR B 474 9.63 -12.91 -45.71
CA TYR B 474 9.87 -11.66 -45.00
C TYR B 474 9.87 -10.50 -45.99
N GLU B 475 9.15 -9.43 -45.64
CA GLU B 475 9.19 -8.16 -46.36
C GLU B 475 9.78 -7.14 -45.39
N VAL B 476 11.07 -6.86 -45.54
CA VAL B 476 11.79 -6.04 -44.57
C VAL B 476 11.48 -4.57 -44.81
N HIS B 477 10.55 -4.03 -44.04
CA HIS B 477 10.21 -2.62 -44.09
C HIS B 477 11.06 -1.83 -43.11
N LEU B 478 11.05 -0.50 -43.28
CA LEU B 478 11.78 0.40 -42.40
C LEU B 478 10.80 1.32 -41.69
N VAL B 479 11.31 1.99 -40.65
CA VAL B 479 10.48 2.89 -39.85
C VAL B 479 10.10 4.12 -40.69
N ALA B 480 8.84 4.54 -40.58
CA ALA B 480 8.35 5.64 -41.40
C ALA B 480 9.00 6.96 -41.01
N ASP B 481 9.06 7.25 -39.71
CA ASP B 481 9.60 8.52 -39.22
C ASP B 481 11.02 8.39 -38.68
N GLY B 482 11.26 7.40 -37.82
CA GLY B 482 12.58 7.21 -37.25
C GLY B 482 12.56 6.99 -35.76
N LYS B 483 11.37 6.86 -35.18
CA LYS B 483 11.20 6.67 -33.74
C LYS B 483 10.37 5.42 -33.49
N PHE B 484 10.56 4.86 -32.29
CA PHE B 484 9.79 3.68 -31.90
C PHE B 484 8.30 3.98 -31.84
N GLY B 485 7.93 5.13 -31.28
CA GLY B 485 6.54 5.52 -31.21
C GLY B 485 5.93 5.39 -29.84
N THR B 486 5.20 6.41 -29.41
CA THR B 486 4.53 6.42 -28.12
C THR B 486 3.14 7.04 -28.31
N GLN B 487 2.49 7.36 -27.19
CA GLN B 487 1.16 7.97 -27.24
C GLN B 487 1.26 9.40 -27.77
N GLU B 488 0.40 9.73 -28.72
CA GLU B 488 0.37 11.06 -29.33
C GLU B 488 -0.95 11.74 -28.99
N ARG B 489 -0.87 12.98 -28.52
CA ARG B 489 -2.03 13.76 -28.11
C ARG B 489 -1.94 15.12 -28.82
N VAL B 490 -2.48 15.20 -30.03
CA VAL B 490 -2.42 16.40 -30.85
C VAL B 490 -3.64 16.43 -31.76
N ASN B 491 -3.86 17.59 -32.39
CA ASN B 491 -4.89 17.85 -33.40
C ASN B 491 -6.31 17.89 -32.83
N ASN B 492 -6.49 17.64 -31.53
CA ASN B 492 -7.81 17.72 -30.92
C ASN B 492 -7.62 17.85 -29.41
N SER B 493 -8.73 17.73 -28.67
CA SER B 493 -8.67 17.82 -27.22
C SER B 493 -8.14 16.53 -26.60
N ASN B 494 -8.49 15.38 -27.18
CA ASN B 494 -8.12 14.10 -26.57
C ASN B 494 -8.11 13.02 -27.64
N LYS B 495 -6.94 12.45 -27.90
CA LYS B 495 -6.82 11.27 -28.75
C LYS B 495 -5.53 10.54 -28.40
N LYS B 496 -5.51 9.25 -28.68
CA LYS B 496 -4.33 8.42 -28.44
C LYS B 496 -4.15 7.46 -29.61
N GLU B 497 -3.12 7.70 -30.42
CA GLU B 497 -2.75 6.81 -31.51
C GLU B 497 -1.28 6.50 -31.42
N TRP B 498 -0.94 5.21 -31.44
CA TRP B 498 0.46 4.80 -31.39
C TRP B 498 1.19 5.23 -32.65
N ASN B 499 2.44 5.63 -32.50
CA ASN B 499 3.31 6.02 -33.59
C ASN B 499 4.33 4.92 -33.86
N GLY B 500 5.20 5.17 -34.83
CA GLY B 500 6.33 4.29 -35.09
C GLY B 500 5.92 2.87 -35.39
N MET B 501 6.70 1.93 -34.84
CA MET B 501 6.51 0.51 -35.14
C MET B 501 5.20 -0.01 -34.58
N MET B 502 4.85 0.37 -33.34
CA MET B 502 3.59 -0.08 -32.76
C MET B 502 2.40 0.46 -33.55
N GLY B 503 2.47 1.73 -33.97
CA GLY B 503 1.41 2.29 -34.79
C GLY B 503 1.29 1.60 -36.13
N GLU B 504 2.43 1.29 -36.76
CA GLU B 504 2.38 0.56 -38.03
C GLU B 504 1.77 -0.82 -37.85
N LEU B 505 2.12 -1.51 -36.76
CA LEU B 505 1.55 -2.83 -36.49
C LEU B 505 0.04 -2.73 -36.26
N LEU B 506 -0.40 -1.73 -35.50
CA LEU B 506 -1.82 -1.59 -35.22
C LEU B 506 -2.60 -1.16 -36.46
N SER B 507 -1.97 -0.43 -37.37
CA SER B 507 -2.64 0.02 -38.58
C SER B 507 -2.72 -1.06 -39.66
N GLY B 508 -2.11 -2.22 -39.43
CA GLY B 508 -2.12 -3.29 -40.40
C GLY B 508 -0.97 -3.27 -41.39
N GLN B 509 -0.10 -2.26 -41.35
CA GLN B 509 1.04 -2.20 -42.25
C GLN B 509 2.09 -3.25 -41.93
N ALA B 510 2.05 -3.84 -40.73
CA ALA B 510 2.99 -4.87 -40.34
C ALA B 510 2.30 -5.83 -39.38
N ASP B 511 2.86 -7.04 -39.30
CA ASP B 511 2.32 -8.08 -38.43
C ASP B 511 3.31 -8.62 -37.42
N MET B 512 4.58 -8.78 -37.80
CA MET B 512 5.61 -9.31 -36.92
C MET B 512 6.68 -8.25 -36.69
N ILE B 513 7.04 -8.03 -35.43
CA ILE B 513 8.04 -7.05 -35.05
C ILE B 513 9.30 -7.81 -34.61
N VAL B 514 10.39 -7.61 -35.35
CA VAL B 514 11.68 -8.22 -35.03
C VAL B 514 12.70 -7.08 -34.98
N ALA B 515 12.91 -6.53 -33.79
CA ALA B 515 13.81 -5.40 -33.60
C ALA B 515 14.18 -5.33 -32.13
N PRO B 516 15.28 -4.64 -31.79
CA PRO B 516 15.63 -4.49 -30.37
C PRO B 516 14.67 -3.56 -29.64
N LEU B 517 13.47 -4.06 -29.35
CA LEU B 517 12.43 -3.30 -28.68
C LEU B 517 12.33 -3.75 -27.23
N THR B 518 12.32 -2.79 -26.30
CA THR B 518 12.25 -3.10 -24.89
C THR B 518 10.83 -3.54 -24.51
N ILE B 519 10.65 -3.85 -23.23
CA ILE B 519 9.38 -4.32 -22.70
C ILE B 519 8.89 -3.30 -21.69
N ASN B 520 7.68 -2.77 -21.91
CA ASN B 520 7.05 -1.81 -21.02
C ASN B 520 5.62 -2.26 -20.75
N ASN B 521 5.08 -1.79 -19.62
CA ASN B 521 3.71 -2.16 -19.25
C ASN B 521 2.71 -1.63 -20.27
N GLU B 522 2.88 -0.38 -20.72
CA GLU B 522 1.96 0.19 -21.69
C GLU B 522 2.02 -0.57 -23.01
N ARG B 523 3.23 -0.93 -23.45
CA ARG B 523 3.37 -1.70 -24.69
C ARG B 523 2.76 -3.09 -24.53
N ALA B 524 2.93 -3.72 -23.37
CA ALA B 524 2.37 -5.04 -23.14
C ALA B 524 0.86 -5.03 -23.03
N GLN B 525 0.26 -3.90 -22.62
CA GLN B 525 -1.19 -3.81 -22.54
C GLN B 525 -1.85 -3.87 -23.92
N TYR B 526 -1.09 -3.63 -24.99
CA TYR B 526 -1.64 -3.65 -26.34
C TYR B 526 -0.91 -4.59 -27.28
N ILE B 527 0.40 -4.77 -27.13
CA ILE B 527 1.20 -5.61 -28.01
C ILE B 527 1.83 -6.72 -27.16
N GLU B 528 1.63 -7.97 -27.59
CA GLU B 528 2.19 -9.11 -26.88
C GLU B 528 3.67 -9.27 -27.22
N PHE B 529 4.46 -9.59 -26.20
CA PHE B 529 5.90 -9.76 -26.34
C PHE B 529 6.28 -11.21 -26.10
N SER B 530 7.23 -11.70 -26.89
CA SER B 530 7.71 -13.08 -26.76
C SER B 530 8.80 -13.15 -25.69
N LYS B 531 9.51 -14.27 -25.63
CA LYS B 531 10.57 -14.43 -24.65
C LYS B 531 11.71 -13.48 -24.96
N PRO B 532 12.34 -12.89 -23.93
CA PRO B 532 13.42 -11.94 -24.18
C PRO B 532 14.66 -12.61 -24.74
N PHE B 533 15.45 -11.83 -25.47
CA PHE B 533 16.72 -12.32 -26.02
C PHE B 533 17.82 -12.27 -24.97
N LYS B 534 18.12 -11.07 -24.47
CA LYS B 534 19.16 -10.88 -23.47
C LYS B 534 18.66 -9.93 -22.40
N TYR B 535 19.25 -10.05 -21.21
CA TYR B 535 18.87 -9.24 -20.06
C TYR B 535 19.87 -8.08 -19.94
N GLN B 536 19.41 -6.87 -20.23
CA GLN B 536 20.25 -5.68 -20.20
C GLN B 536 19.49 -4.53 -19.55
N GLY B 537 20.22 -3.50 -19.16
CA GLY B 537 19.68 -2.34 -18.51
C GLY B 537 20.10 -1.06 -19.22
N LEU B 538 20.06 0.03 -18.47
CA LEU B 538 20.41 1.36 -18.98
C LEU B 538 21.65 1.87 -18.27
N THR B 539 22.59 2.41 -19.05
CA THR B 539 23.84 2.92 -18.52
C THR B 539 24.06 4.34 -19.04
N ILE B 540 25.05 5.02 -18.46
CA ILE B 540 25.37 6.40 -18.79
C ILE B 540 26.63 6.41 -19.66
N LEU B 541 26.58 7.17 -20.75
CA LEU B 541 27.70 7.29 -21.68
C LEU B 541 28.37 8.64 -21.49
N VAL B 542 29.69 8.61 -21.28
CA VAL B 542 30.49 9.82 -21.09
C VAL B 542 31.68 9.76 -22.04
N LYS B 543 31.94 10.86 -22.73
CA LYS B 543 33.06 10.94 -23.64
C LYS B 543 34.38 10.81 -22.88
N LYS B 544 35.36 10.20 -23.53
CA LYS B 544 36.67 10.02 -22.89
C LYS B 544 37.32 11.36 -22.61
N GLU B 545 37.98 11.45 -21.45
CA GLU B 545 38.69 12.66 -21.03
C GLU B 545 40.19 12.38 -21.01
N ILE B 546 40.94 13.22 -21.71
CA ILE B 546 42.40 13.07 -21.77
C ILE B 546 42.99 13.43 -20.42
N PRO B 547 44.09 12.80 -19.99
CA PRO B 547 44.73 13.10 -18.71
C PRO B 547 45.47 14.44 -18.73
N GLN B 556 55.38 22.74 -15.63
CA GLN B 556 55.19 22.37 -14.23
C GLN B 556 54.16 23.28 -13.57
N PRO B 557 52.88 22.91 -13.67
CA PRO B 557 51.81 23.71 -13.05
C PRO B 557 51.65 23.51 -11.56
N PHE B 558 52.59 22.84 -10.90
CA PHE B 558 52.51 22.58 -9.46
C PHE B 558 52.99 23.83 -8.72
N GLN B 559 52.05 24.76 -8.53
CA GLN B 559 52.31 26.03 -7.84
C GLN B 559 53.44 26.80 -8.52
N SER B 560 53.15 27.21 -9.76
CA SER B 560 54.17 27.86 -10.58
C SER B 560 54.68 29.16 -9.95
N THR B 561 53.86 29.80 -9.11
CA THR B 561 54.30 31.03 -8.45
C THR B 561 55.39 30.79 -7.43
N LEU B 562 55.47 29.58 -6.85
CA LEU B 562 56.45 29.28 -5.82
C LEU B 562 57.72 28.65 -6.37
N TRP B 563 57.81 28.39 -7.67
CA TRP B 563 59.02 27.81 -8.23
C TRP B 563 60.16 28.82 -8.27
N LEU B 564 59.85 30.11 -8.40
CA LEU B 564 60.88 31.15 -8.34
C LEU B 564 61.52 31.23 -6.96
N LEU B 565 60.81 30.80 -5.91
CA LEU B 565 61.39 30.83 -4.57
C LEU B 565 62.58 29.90 -4.47
N VAL B 566 62.52 28.73 -5.11
CA VAL B 566 63.65 27.80 -5.10
C VAL B 566 64.86 28.43 -5.77
N GLY B 567 64.66 29.08 -6.91
CA GLY B 567 65.76 29.74 -7.59
C GLY B 567 66.35 30.86 -6.75
N LEU B 568 65.50 31.67 -6.12
CA LEU B 568 65.99 32.73 -5.25
C LEU B 568 66.79 32.16 -4.08
N SER B 569 66.31 31.05 -3.51
CA SER B 569 67.01 30.42 -2.38
C SER B 569 68.37 29.88 -2.81
N VAL B 570 68.45 29.26 -3.98
CA VAL B 570 69.71 28.65 -4.42
C VAL B 570 70.65 29.73 -4.94
N HIS B 571 70.11 30.93 -5.22
CA HIS B 571 70.94 32.04 -5.64
C HIS B 571 71.47 32.90 -4.50
N VAL B 572 70.69 33.08 -3.43
CA VAL B 572 71.15 33.94 -2.34
C VAL B 572 72.31 33.32 -1.58
N VAL B 573 72.39 31.98 -1.55
CA VAL B 573 73.47 31.32 -0.82
C VAL B 573 74.82 31.54 -1.51
N ALA B 574 74.80 31.82 -2.82
CA ALA B 574 76.04 31.98 -3.56
C ALA B 574 76.86 33.16 -3.07
N VAL B 575 76.21 34.31 -2.88
CA VAL B 575 76.93 35.51 -2.44
C VAL B 575 77.43 35.33 -1.01
N MET B 576 76.63 34.68 -0.17
CA MET B 576 77.07 34.39 1.20
C MET B 576 78.30 33.48 1.21
N LEU B 577 78.30 32.46 0.35
CA LEU B 577 79.45 31.57 0.25
C LEU B 577 80.68 32.32 -0.25
N TYR B 578 80.50 33.21 -1.24
CA TYR B 578 81.64 34.00 -1.73
C TYR B 578 82.19 34.91 -0.64
N LEU B 579 81.30 35.56 0.11
CA LEU B 579 81.76 36.42 1.21
C LEU B 579 82.49 35.61 2.28
N LEU B 580 81.98 34.43 2.61
CA LEU B 580 82.63 33.59 3.60
C LEU B 580 84.02 33.15 3.12
N ASP B 581 84.13 32.80 1.83
CA ASP B 581 85.42 32.42 1.28
C ASP B 581 86.40 33.60 1.29
N ARG B 582 85.92 34.80 0.96
CA ARG B 582 86.77 35.98 0.98
C ARG B 582 87.19 36.39 2.39
N PHE B 583 86.36 36.11 3.40
CA PHE B 583 86.69 36.41 4.79
C PHE B 583 87.34 35.22 5.48
N SER B 584 88.01 34.37 4.71
CA SER B 584 88.72 33.19 5.25
C SER B 584 87.78 32.29 6.04
N LEU B 601 87.68 30.67 -7.09
CA LEU B 601 87.14 30.95 -5.77
C LEU B 601 86.76 32.43 -5.66
N THR B 602 86.92 33.15 -6.77
CA THR B 602 86.67 34.59 -6.83
C THR B 602 85.43 34.95 -7.63
N LEU B 603 85.31 34.45 -8.86
CA LEU B 603 84.21 34.84 -9.74
C LEU B 603 83.23 33.69 -10.00
N SER B 604 83.72 32.57 -10.51
CA SER B 604 82.84 31.46 -10.89
C SER B 604 83.30 30.09 -10.41
N SER B 605 84.56 29.92 -10.00
CA SER B 605 85.04 28.61 -9.58
C SER B 605 84.33 28.15 -8.32
N ALA B 606 84.13 29.05 -7.35
CA ALA B 606 83.43 28.69 -6.12
C ALA B 606 81.99 28.30 -6.40
N MET B 607 81.31 29.05 -7.28
CA MET B 607 79.93 28.72 -7.63
C MET B 607 79.85 27.37 -8.34
N TRP B 608 80.79 27.10 -9.25
CA TRP B 608 80.80 25.82 -9.93
C TRP B 608 81.05 24.67 -8.96
N PHE B 609 81.98 24.86 -8.01
CA PHE B 609 82.24 23.84 -7.01
C PHE B 609 81.02 23.60 -6.13
N SER B 610 80.33 24.67 -5.74
CA SER B 610 79.12 24.52 -4.93
C SER B 610 78.05 23.75 -5.69
N TRP B 611 77.84 24.09 -6.96
CA TRP B 611 76.84 23.37 -7.75
C TRP B 611 77.25 21.90 -7.93
N GLY B 612 78.54 21.63 -8.12
CA GLY B 612 78.98 20.26 -8.26
C GLY B 612 78.78 19.44 -7.01
N VAL B 613 79.12 20.01 -5.85
CA VAL B 613 78.93 19.27 -4.59
C VAL B 613 77.46 19.17 -4.23
N LEU B 614 76.61 20.09 -4.72
CA LEU B 614 75.18 19.94 -4.53
C LEU B 614 74.61 18.85 -5.43
N LEU B 615 75.17 18.68 -6.62
CA LEU B 615 74.73 17.64 -7.55
C LEU B 615 75.11 16.26 -7.01
N SER B 626 87.31 23.22 7.29
CA SER B 626 86.83 24.41 7.97
C SER B 626 85.50 24.15 8.65
N PHE B 627 85.31 24.79 9.82
CA PHE B 627 84.04 24.64 10.55
C PHE B 627 82.87 25.19 9.76
N SER B 628 83.06 26.35 9.11
CA SER B 628 81.99 26.95 8.32
C SER B 628 81.65 26.08 7.12
N ALA B 629 82.66 25.48 6.48
CA ALA B 629 82.41 24.64 5.31
C ALA B 629 81.56 23.43 5.67
N ARG B 630 81.81 22.83 6.83
CA ARG B 630 81.01 21.69 7.27
C ARG B 630 79.55 22.09 7.48
N ILE B 631 79.32 23.26 8.09
CA ILE B 631 77.95 23.73 8.29
C ILE B 631 77.28 24.02 6.95
N LEU B 632 78.02 24.59 6.00
CA LEU B 632 77.46 24.84 4.68
C LEU B 632 77.09 23.55 3.98
N GLY B 633 77.95 22.53 4.07
CA GLY B 633 77.61 21.23 3.51
C GLY B 633 76.39 20.62 4.17
N MET B 634 76.30 20.74 5.49
CA MET B 634 75.14 20.20 6.20
C MET B 634 73.85 20.89 5.77
N VAL B 635 73.87 22.22 5.65
CA VAL B 635 72.65 22.92 5.26
C VAL B 635 72.31 22.66 3.81
N TRP B 636 73.31 22.49 2.94
CA TRP B 636 73.01 22.11 1.56
C TRP B 636 72.39 20.73 1.48
N ALA B 637 72.90 19.78 2.27
CA ALA B 637 72.29 18.45 2.31
C ALA B 637 70.87 18.51 2.83
N GLY B 638 70.63 19.32 3.86
CA GLY B 638 69.27 19.49 4.37
C GLY B 638 68.34 20.10 3.34
N PHE B 639 68.83 21.10 2.60
CA PHE B 639 68.04 21.70 1.53
C PHE B 639 67.69 20.66 0.46
N ALA B 640 68.67 19.85 0.06
CA ALA B 640 68.40 18.82 -0.95
C ALA B 640 67.38 17.80 -0.45
N MET B 641 67.51 17.38 0.81
CA MET B 641 66.56 16.42 1.38
C MET B 641 65.16 17.01 1.43
N ILE B 642 65.04 18.27 1.86
CA ILE B 642 63.73 18.91 1.92
C ILE B 642 63.13 19.03 0.53
N ILE B 643 63.95 19.40 -0.47
CA ILE B 643 63.46 19.56 -1.83
C ILE B 643 62.95 18.23 -2.37
N VAL B 644 63.72 17.16 -2.19
CA VAL B 644 63.29 15.88 -2.74
C VAL B 644 62.07 15.34 -2.00
N ALA B 645 62.00 15.54 -0.67
CA ALA B 645 60.83 15.10 0.07
C ALA B 645 59.59 15.87 -0.36
N SER B 646 59.71 17.19 -0.56
CA SER B 646 58.58 17.99 -1.01
C SER B 646 58.15 17.58 -2.41
N TYR B 647 59.10 17.30 -3.30
CA TYR B 647 58.75 16.86 -4.65
C TYR B 647 58.00 15.53 -4.61
N THR B 648 58.49 14.58 -3.80
CA THR B 648 57.80 13.30 -3.70
C THR B 648 56.40 13.45 -3.12
N ALA B 649 56.26 14.29 -2.07
CA ALA B 649 54.96 14.51 -1.47
C ALA B 649 53.99 15.16 -2.45
N ASN B 650 54.47 16.16 -3.20
CA ASN B 650 53.62 16.83 -4.18
C ASN B 650 53.19 15.87 -5.28
N LEU B 651 54.11 15.04 -5.76
CA LEU B 651 53.76 14.07 -6.80
C LEU B 651 52.72 13.07 -6.29
N ALA B 652 52.93 12.56 -5.07
CA ALA B 652 51.99 11.61 -4.49
C ALA B 652 50.61 12.23 -4.29
N ALA B 653 50.57 13.48 -3.82
CA ALA B 653 49.28 14.14 -3.62
C ALA B 653 48.58 14.40 -4.95
N PHE B 654 49.33 14.88 -5.95
CA PHE B 654 48.72 15.21 -7.23
C PHE B 654 48.27 13.98 -8.00
N LEU B 655 48.93 12.84 -7.80
CA LEU B 655 48.53 11.63 -8.52
C LEU B 655 47.15 11.14 -8.08
N VAL B 656 46.68 11.53 -6.90
CA VAL B 656 45.40 11.03 -6.40
C VAL B 656 44.36 12.15 -6.35
N LEU B 657 44.80 13.39 -6.18
CA LEU B 657 43.85 14.49 -6.11
C LEU B 657 43.30 14.87 -7.48
N ASP B 658 44.12 14.74 -8.53
CA ASP B 658 43.72 15.09 -9.89
C ASP B 658 44.13 13.99 -10.84
N ARG B 659 43.41 13.91 -11.97
CA ARG B 659 43.66 12.91 -13.00
C ARG B 659 43.62 11.49 -12.44
N PRO B 660 42.50 11.08 -11.83
CA PRO B 660 42.35 9.74 -11.25
C PRO B 660 41.99 8.69 -12.29
N ARG B 663 34.13 11.45 -10.75
CA ARG B 663 33.63 10.60 -11.81
C ARG B 663 32.12 10.73 -11.96
N ILE B 664 31.51 9.77 -12.63
CA ILE B 664 30.07 9.75 -12.87
C ILE B 664 29.51 8.48 -12.23
N THR B 665 28.50 8.64 -11.37
CA THR B 665 27.88 7.53 -10.68
C THR B 665 26.54 7.14 -11.29
N GLY B 666 25.63 8.08 -11.47
CA GLY B 666 24.34 7.80 -12.07
C GLY B 666 23.20 8.58 -11.44
N ILE B 667 22.06 7.89 -11.22
CA ILE B 667 20.89 8.55 -10.64
C ILE B 667 21.17 8.99 -9.22
N ASN B 668 21.97 8.22 -8.47
CA ASN B 668 22.28 8.56 -7.09
C ASN B 668 23.05 9.87 -6.98
N ASP B 669 23.66 10.34 -8.06
CA ASP B 669 24.37 11.61 -8.05
C ASP B 669 23.36 12.75 -7.91
N PRO B 670 23.45 13.59 -6.88
CA PRO B 670 22.47 14.67 -6.71
C PRO B 670 22.48 15.70 -7.82
N ARG B 671 23.57 15.81 -8.59
CA ARG B 671 23.62 16.81 -9.66
C ARG B 671 22.64 16.53 -10.78
N LEU B 672 22.24 15.26 -10.96
CA LEU B 672 21.25 14.95 -12.00
C LEU B 672 19.88 15.52 -11.64
N ARG B 673 19.51 15.47 -10.35
CA ARG B 673 18.23 16.02 -9.93
C ARG B 673 18.17 17.53 -10.07
N ASN B 674 19.33 18.20 -10.11
CA ASN B 674 19.40 19.65 -10.29
C ASN B 674 20.40 19.94 -11.41
N PRO B 675 20.01 19.68 -12.66
CA PRO B 675 20.96 19.86 -13.77
C PRO B 675 20.99 21.28 -14.30
N SER B 676 22.18 21.87 -14.37
CA SER B 676 22.36 23.20 -14.91
C SER B 676 22.66 23.11 -16.40
N ASP B 677 23.06 24.24 -17.00
CA ASP B 677 23.37 24.26 -18.42
C ASP B 677 24.76 23.71 -18.73
N LYS B 678 25.60 23.50 -17.71
CA LYS B 678 26.93 22.95 -17.96
C LYS B 678 26.84 21.52 -18.48
N PHE B 679 25.94 20.71 -17.92
CA PHE B 679 25.71 19.34 -18.36
C PHE B 679 24.37 19.25 -19.04
N ILE B 680 24.34 18.64 -20.23
CA ILE B 680 23.13 18.51 -21.03
C ILE B 680 22.78 17.03 -21.10
N TYR B 681 21.59 16.68 -20.63
CA TYR B 681 21.09 15.31 -20.71
C TYR B 681 20.04 15.23 -21.81
N ALA B 682 20.24 14.32 -22.76
CA ALA B 682 19.34 14.22 -23.90
C ALA B 682 19.25 12.76 -24.35
N THR B 683 18.17 12.45 -25.06
CA THR B 683 17.95 11.13 -25.62
C THR B 683 17.12 11.29 -26.89
N VAL B 684 16.55 10.18 -27.37
CA VAL B 684 15.71 10.17 -28.56
C VAL B 684 14.25 10.15 -28.11
N LYS B 685 13.44 10.99 -28.74
CA LYS B 685 12.03 11.09 -28.36
C LYS B 685 11.27 9.83 -28.76
N GLN B 686 10.15 9.60 -28.09
CA GLN B 686 9.27 8.46 -28.32
C GLN B 686 10.04 7.14 -28.15
N SER B 687 10.59 6.97 -26.96
CA SER B 687 11.35 5.77 -26.61
C SER B 687 10.96 5.32 -25.21
N SER B 688 11.53 4.20 -24.77
CA SER B 688 11.24 3.68 -23.45
C SER B 688 11.81 4.57 -22.35
N VAL B 689 12.85 5.35 -22.67
CA VAL B 689 13.44 6.23 -21.66
C VAL B 689 12.45 7.30 -21.23
N ASP B 690 11.68 7.85 -22.18
CA ASP B 690 10.67 8.84 -21.85
C ASP B 690 9.59 8.25 -20.95
N ILE B 691 9.15 7.03 -21.26
CA ILE B 691 8.13 6.38 -20.44
C ILE B 691 8.67 6.11 -19.04
N TYR B 692 9.91 5.65 -18.93
CA TYR B 692 10.50 5.39 -17.62
C TYR B 692 10.62 6.68 -16.82
N PHE B 693 11.05 7.77 -17.45
CA PHE B 693 11.16 9.04 -16.75
C PHE B 693 9.80 9.55 -16.30
N ARG B 694 8.78 9.41 -17.15
CA ARG B 694 7.43 9.84 -16.78
C ARG B 694 6.88 9.02 -15.62
N ARG B 695 7.11 7.71 -15.63
CA ARG B 695 6.56 6.86 -14.58
C ARG B 695 7.31 7.04 -13.27
N GLN B 696 8.63 7.19 -13.33
CA GLN B 696 9.44 7.27 -12.12
C GLN B 696 9.17 8.57 -11.37
N VAL B 697 9.08 8.48 -10.05
CA VAL B 697 8.84 9.64 -9.21
C VAL B 697 10.18 10.26 -8.81
N CYS B 698 10.11 11.49 -8.30
CA CYS B 698 11.28 12.23 -7.81
C CYS B 698 12.29 12.51 -8.93
N LEU B 699 11.81 12.54 -10.18
CA LEU B 699 12.67 12.84 -11.32
C LEU B 699 12.01 13.79 -12.31
N SER B 700 11.06 14.62 -11.86
CA SER B 700 10.37 15.53 -12.77
C SER B 700 11.29 16.62 -13.29
N THR B 701 12.40 16.89 -12.62
CA THR B 701 13.33 17.93 -13.08
C THR B 701 14.04 17.56 -14.36
N MET B 702 14.07 16.27 -14.71
CA MET B 702 14.72 15.85 -15.96
C MET B 702 14.02 16.43 -17.18
N TYR B 703 12.69 16.47 -17.16
CA TYR B 703 11.92 17.00 -18.29
C TYR B 703 12.13 18.49 -18.49
N ARG B 704 12.70 19.19 -17.52
CA ARG B 704 13.03 20.60 -17.73
C ARG B 704 14.11 20.80 -18.78
N HIS B 705 14.91 19.78 -19.05
CA HIS B 705 15.94 19.82 -20.08
C HIS B 705 15.74 18.80 -21.18
N MET B 706 15.06 17.68 -20.90
CA MET B 706 14.82 16.67 -21.94
C MET B 706 13.92 17.21 -23.04
N GLU B 707 12.88 17.96 -22.67
CA GLU B 707 11.91 18.46 -23.65
C GLU B 707 12.47 19.58 -24.52
N LYS B 708 13.75 19.93 -24.44
CA LYS B 708 14.31 20.99 -25.26
C LYS B 708 15.65 20.65 -25.90
N HIS B 709 16.27 19.52 -25.55
CA HIS B 709 17.56 19.14 -26.12
C HIS B 709 17.55 17.72 -26.70
N ASN B 710 16.42 17.02 -26.66
CA ASN B 710 16.36 15.67 -27.18
C ASN B 710 16.51 15.66 -28.70
N TYR B 711 17.13 14.60 -29.21
CA TYR B 711 17.34 14.39 -30.64
C TYR B 711 16.33 13.36 -31.16
N GLU B 712 16.47 13.01 -32.43
CA GLU B 712 15.56 12.08 -33.07
C GLU B 712 16.21 10.78 -33.53
N SER B 713 17.52 10.70 -33.59
CA SER B 713 18.20 9.50 -34.06
C SER B 713 19.43 9.23 -33.21
N ALA B 714 19.66 7.95 -32.90
CA ALA B 714 20.87 7.58 -32.16
C ALA B 714 22.12 7.86 -32.98
N ALA B 715 22.02 7.75 -34.31
CA ALA B 715 23.18 8.02 -35.16
C ALA B 715 23.66 9.46 -35.02
N GLU B 716 22.73 10.42 -35.06
CA GLU B 716 23.11 11.81 -34.87
C GLU B 716 23.40 12.13 -33.42
N ALA B 717 22.77 11.40 -32.48
CA ALA B 717 23.09 11.59 -31.07
C ALA B 717 24.53 11.23 -30.78
N ILE B 718 25.04 10.17 -31.41
CA ILE B 718 26.44 9.79 -31.24
C ILE B 718 27.36 10.89 -31.74
N GLN B 719 27.04 11.46 -32.92
CA GLN B 719 27.85 12.57 -33.43
C GLN B 719 27.82 13.76 -32.47
N ALA B 720 26.64 14.10 -31.96
CA ALA B 720 26.51 15.24 -31.06
C ALA B 720 27.30 15.02 -29.77
N VAL B 721 27.24 13.80 -29.21
CA VAL B 721 27.99 13.53 -28.00
C VAL B 721 29.49 13.42 -28.28
N ARG B 722 29.87 13.18 -29.54
CA ARG B 722 31.28 13.15 -29.88
C ARG B 722 31.86 14.54 -30.14
N ASP B 723 31.02 15.50 -30.57
CA ASP B 723 31.49 16.87 -30.80
C ASP B 723 31.21 17.77 -29.60
N ASN B 724 31.17 17.19 -28.39
CA ASN B 724 31.05 17.92 -27.13
C ASN B 724 29.74 18.68 -27.00
N LYS B 725 28.74 18.37 -27.83
CA LYS B 725 27.44 19.01 -27.68
C LYS B 725 26.67 18.45 -26.49
N LEU B 726 26.74 17.14 -26.29
CA LEU B 726 26.06 16.47 -25.18
C LEU B 726 27.09 15.95 -24.19
N HIS B 727 26.88 16.27 -22.92
CA HIS B 727 27.77 15.80 -21.85
C HIS B 727 27.36 14.45 -21.29
N ALA B 728 26.19 13.93 -21.68
CA ALA B 728 25.73 12.64 -21.20
C ALA B 728 24.72 12.08 -22.20
N PHE B 729 24.50 10.76 -22.11
CA PHE B 729 23.56 10.08 -22.98
C PHE B 729 23.06 8.83 -22.29
N ILE B 730 21.75 8.60 -22.37
CA ILE B 730 21.10 7.48 -21.71
C ILE B 730 20.46 6.61 -22.77
N TRP B 731 20.79 5.32 -22.77
CA TRP B 731 20.25 4.36 -23.72
C TRP B 731 20.52 2.96 -23.18
N ASP B 732 20.24 1.94 -24.00
CA ASP B 732 20.44 0.57 -23.58
C ASP B 732 21.92 0.28 -23.35
N SER B 733 22.19 -0.60 -22.38
CA SER B 733 23.57 -0.94 -22.04
C SER B 733 24.28 -1.63 -23.20
N ALA B 734 23.58 -2.53 -23.90
CA ALA B 734 24.20 -3.27 -25.00
C ALA B 734 24.63 -2.34 -26.12
N VAL B 735 23.79 -1.36 -26.46
CA VAL B 735 24.12 -0.42 -27.52
C VAL B 735 25.36 0.38 -27.16
N LEU B 736 25.43 0.89 -25.92
CA LEU B 736 26.58 1.66 -25.49
C LEU B 736 27.84 0.81 -25.46
N GLU B 737 27.73 -0.45 -25.02
CA GLU B 737 28.88 -1.34 -25.01
C GLU B 737 29.38 -1.60 -26.42
N PHE B 738 28.46 -1.84 -27.37
CA PHE B 738 28.87 -2.04 -28.75
C PHE B 738 29.53 -0.80 -29.33
N GLU B 739 28.98 0.37 -29.03
CA GLU B 739 29.58 1.61 -29.52
C GLU B 739 30.97 1.82 -28.94
N ALA B 740 31.16 1.53 -27.65
CA ALA B 740 32.46 1.67 -27.04
C ALA B 740 33.45 0.65 -27.58
N SER B 741 32.98 -0.55 -27.92
CA SER B 741 33.87 -1.55 -28.50
C SER B 741 34.29 -1.17 -29.92
N GLN B 742 33.36 -0.64 -30.71
CA GLN B 742 33.68 -0.28 -32.10
C GLN B 742 34.51 1.00 -32.16
N LYS B 743 33.94 2.10 -31.68
CA LYS B 743 34.62 3.39 -31.69
C LYS B 743 35.36 3.58 -30.37
N CYS B 744 36.55 4.17 -30.44
CA CYS B 744 37.47 4.26 -29.31
C CYS B 744 37.56 5.68 -28.78
N ASP B 745 36.43 6.38 -28.72
CA ASP B 745 36.38 7.73 -28.16
C ASP B 745 35.18 7.89 -27.23
N LEU B 746 34.82 6.83 -26.51
CA LEU B 746 33.69 6.87 -25.59
C LEU B 746 33.84 5.73 -24.59
N VAL B 747 33.46 5.99 -23.34
CA VAL B 747 33.54 5.01 -22.27
C VAL B 747 32.24 5.03 -21.48
N THR B 748 31.76 3.84 -21.12
CA THR B 748 30.56 3.73 -20.31
C THR B 748 30.90 3.95 -18.83
N THR B 749 29.86 4.23 -18.04
CA THR B 749 30.03 4.49 -16.62
C THR B 749 28.71 4.19 -15.91
N GLY B 750 28.79 4.11 -14.59
CA GLY B 750 27.61 3.86 -13.78
C GLY B 750 27.23 2.39 -13.76
N GLU B 751 26.01 2.15 -13.26
CA GLU B 751 25.48 0.80 -13.12
C GLU B 751 24.15 0.71 -13.85
N LEU B 752 23.78 -0.51 -14.22
CA LEU B 752 22.56 -0.74 -14.98
C LEU B 752 21.33 -0.37 -14.16
N PHE B 753 20.40 0.34 -14.80
CA PHE B 753 19.14 0.72 -14.17
C PHE B 753 17.99 0.37 -15.09
N PHE B 754 16.84 0.04 -14.48
CA PHE B 754 15.64 -0.37 -15.21
C PHE B 754 15.96 -1.51 -16.17
N ARG B 755 16.56 -2.57 -15.63
CA ARG B 755 17.01 -3.70 -16.42
C ARG B 755 15.81 -4.47 -16.96
N SER B 756 15.53 -4.29 -18.24
CA SER B 756 14.45 -5.00 -18.92
C SER B 756 14.96 -5.56 -20.24
N GLY B 757 14.60 -6.82 -20.52
CA GLY B 757 15.04 -7.45 -21.74
C GLY B 757 14.25 -7.03 -22.95
N PHE B 758 14.71 -7.49 -24.12
CA PHE B 758 14.05 -7.20 -25.38
C PHE B 758 12.89 -8.18 -25.58
N GLY B 759 12.33 -8.20 -26.78
CA GLY B 759 11.23 -9.10 -27.07
C GLY B 759 10.80 -8.96 -28.50
N ILE B 760 9.91 -9.87 -28.90
CA ILE B 760 9.36 -9.88 -30.26
C ILE B 760 7.92 -9.38 -30.19
N GLY B 761 7.65 -8.29 -30.88
CA GLY B 761 6.30 -7.75 -30.90
C GLY B 761 5.38 -8.57 -31.79
N MET B 762 4.18 -8.85 -31.29
CA MET B 762 3.20 -9.64 -32.01
C MET B 762 1.83 -9.00 -31.80
N ARG B 763 0.78 -9.74 -32.17
CA ARG B 763 -0.59 -9.30 -31.99
C ARG B 763 -1.38 -10.39 -31.28
N LYS B 764 -2.43 -9.97 -30.57
CA LYS B 764 -3.22 -10.88 -29.75
C LYS B 764 -3.91 -11.98 -30.54
N ASP B 765 -4.21 -11.74 -31.83
CA ASP B 765 -4.85 -12.75 -32.66
C ASP B 765 -3.86 -13.55 -33.49
N SER B 766 -2.56 -13.30 -33.37
CA SER B 766 -1.58 -14.03 -34.15
C SER B 766 -1.41 -15.44 -33.61
N PRO B 767 -1.60 -16.48 -34.43
CA PRO B 767 -1.42 -17.86 -33.96
C PRO B 767 0.01 -18.36 -33.95
N TRP B 768 1.00 -17.47 -34.10
CA TRP B 768 2.40 -17.86 -34.15
C TRP B 768 3.11 -17.64 -32.82
N LYS B 769 2.42 -17.86 -31.70
CA LYS B 769 3.02 -17.65 -30.39
C LYS B 769 3.93 -18.81 -30.00
N GLN B 770 3.36 -20.03 -29.94
CA GLN B 770 4.14 -21.19 -29.54
C GLN B 770 5.25 -21.51 -30.52
N ASN B 771 4.97 -21.38 -31.82
CA ASN B 771 5.98 -21.70 -32.83
C ASN B 771 7.17 -20.75 -32.78
N VAL B 772 6.99 -19.54 -32.25
CA VAL B 772 8.10 -18.61 -32.08
C VAL B 772 8.79 -18.83 -30.73
N SER B 773 8.00 -19.07 -29.68
CA SER B 773 8.59 -19.31 -28.36
C SER B 773 9.48 -20.55 -28.36
N LEU B 774 9.04 -21.62 -29.03
CA LEU B 774 9.84 -22.83 -29.10
C LEU B 774 11.13 -22.58 -29.88
N SER B 775 11.05 -21.79 -30.95
CA SER B 775 12.26 -21.44 -31.71
C SER B 775 13.23 -20.63 -30.85
N ILE B 776 12.71 -19.69 -30.07
CA ILE B 776 13.57 -18.91 -29.18
CA ILE B 776 13.57 -18.91 -29.18
C ILE B 776 14.24 -19.80 -28.15
N LEU B 777 13.47 -20.73 -27.57
CA LEU B 777 14.05 -21.65 -26.59
C LEU B 777 15.12 -22.53 -27.23
N LYS B 778 14.88 -23.00 -28.46
CA LYS B 778 15.88 -23.78 -29.17
C LYS B 778 17.15 -22.98 -29.40
N SER B 779 17.01 -21.72 -29.82
CA SER B 779 18.18 -20.88 -30.04
C SER B 779 18.94 -20.65 -28.75
N HIS B 780 18.22 -20.46 -27.64
CA HIS B 780 18.87 -20.21 -26.36
C HIS B 780 19.60 -21.45 -25.85
N GLU B 781 18.95 -22.61 -25.88
CA GLU B 781 19.51 -23.80 -25.25
C GLU B 781 20.41 -24.62 -26.18
N ASN B 782 20.46 -24.32 -27.47
CA ASN B 782 21.29 -25.05 -28.41
C ASN B 782 22.57 -24.30 -28.78
N GLY B 783 22.87 -23.20 -28.09
CA GLY B 783 24.08 -22.45 -28.34
C GLY B 783 24.03 -21.48 -29.50
N PHE B 784 22.88 -21.36 -30.17
CA PHE B 784 22.77 -20.40 -31.27
C PHE B 784 22.95 -18.98 -30.77
N MET B 785 22.33 -18.65 -29.63
CA MET B 785 22.53 -17.32 -29.06
C MET B 785 23.97 -17.10 -28.64
N GLU B 786 24.62 -18.12 -28.09
CA GLU B 786 26.03 -18.01 -27.74
C GLU B 786 26.89 -17.78 -28.96
N ASP B 787 26.61 -18.49 -30.06
CA ASP B 787 27.38 -18.27 -31.29
C ASP B 787 27.16 -16.87 -31.84
N LEU B 788 25.91 -16.39 -31.81
CA LEU B 788 25.63 -15.03 -32.27
C LEU B 788 26.37 -14.00 -31.43
N ASP B 789 26.39 -14.20 -30.11
CA ASP B 789 27.13 -13.29 -29.25
C ASP B 789 28.62 -13.31 -29.57
N LYS B 790 29.19 -14.51 -29.68
CA LYS B 790 30.62 -14.62 -29.97
C LYS B 790 30.97 -14.01 -31.32
N THR B 791 30.05 -14.05 -32.28
CA THR B 791 30.28 -13.43 -33.58
C THR B 791 29.88 -11.95 -33.61
N TRP B 792 29.27 -11.43 -32.53
CA TRP B 792 28.87 -10.03 -32.54
C TRP B 792 29.22 -9.30 -31.24
N VAL B 793 30.01 -9.89 -30.34
CA VAL B 793 30.46 -9.22 -29.13
C VAL B 793 31.95 -9.47 -28.96
N ARG B 794 32.58 -8.61 -28.16
CA ARG B 794 34.01 -8.72 -27.83
C ARG B 794 34.86 -8.68 -29.11
N TYR B 795 34.68 -7.63 -29.90
CA TYR B 795 35.47 -7.47 -31.12
C TYR B 795 36.95 -7.28 -30.79
N GLN B 796 37.24 -6.49 -29.77
CA GLN B 796 38.62 -6.27 -29.34
C GLN B 796 38.83 -6.73 -27.90
N THR B 809 56.62 9.30 -23.82
CA THR B 809 55.27 8.74 -23.85
C THR B 809 54.31 9.60 -23.05
N PHE B 810 54.56 9.73 -21.75
CA PHE B 810 53.72 10.53 -20.88
C PHE B 810 53.96 12.02 -21.14
N GLU B 811 53.10 12.85 -20.54
CA GLU B 811 53.22 14.30 -20.72
C GLU B 811 54.54 14.80 -20.15
N ASN B 812 54.92 14.34 -18.97
CA ASN B 812 56.20 14.73 -18.39
C ASN B 812 57.36 14.21 -19.22
N MET B 813 57.27 12.96 -19.70
CA MET B 813 58.32 12.41 -20.54
C MET B 813 58.44 13.18 -21.85
N ALA B 814 57.31 13.52 -22.47
CA ALA B 814 57.34 14.31 -23.69
C ALA B 814 57.93 15.69 -23.45
N GLY B 815 57.58 16.32 -22.33
CA GLY B 815 58.16 17.62 -22.01
C GLY B 815 59.66 17.56 -21.81
N VAL B 816 60.13 16.53 -21.10
CA VAL B 816 61.58 16.36 -20.89
C VAL B 816 62.28 16.12 -22.22
N PHE B 817 61.69 15.28 -23.08
CA PHE B 817 62.26 15.00 -24.39
C PHE B 817 62.34 16.24 -25.26
N MET B 818 61.30 17.08 -25.26
CA MET B 818 61.35 18.33 -26.00
C MET B 818 62.33 19.34 -25.40
N LEU B 819 62.47 19.36 -24.07
CA LEU B 819 63.33 20.33 -23.41
C LEU B 819 64.81 20.01 -23.53
N VAL B 820 65.19 18.73 -23.50
CA VAL B 820 66.61 18.39 -23.50
C VAL B 820 67.26 18.77 -24.82
N ALA B 821 66.54 18.61 -25.93
CA ALA B 821 67.10 18.98 -27.24
C ALA B 821 67.37 20.47 -27.31
N GLY B 822 66.40 21.29 -26.90
CA GLY B 822 66.61 22.73 -26.86
C GLY B 822 67.73 23.12 -25.92
N GLY B 823 67.82 22.43 -24.77
CA GLY B 823 68.87 22.73 -23.82
C GLY B 823 70.26 22.47 -24.38
N ILE B 824 70.45 21.31 -25.02
CA ILE B 824 71.75 20.99 -25.57
C ILE B 824 72.07 21.89 -26.77
N VAL B 825 71.06 22.24 -27.57
CA VAL B 825 71.29 23.15 -28.69
C VAL B 825 71.74 24.51 -28.19
N ALA B 826 71.09 25.03 -27.16
CA ALA B 826 71.51 26.30 -26.57
C ALA B 826 72.89 26.19 -25.94
N GLY B 827 73.17 25.07 -25.27
CA GLY B 827 74.45 24.90 -24.60
C GLY B 827 75.62 24.82 -25.57
N ILE B 828 75.42 24.23 -26.75
CA ILE B 828 76.48 24.19 -27.74
C ILE B 828 76.91 25.59 -28.14
N PHE B 829 75.92 26.45 -28.47
CA PHE B 829 76.22 27.82 -28.84
C PHE B 829 76.82 28.59 -27.67
N LEU B 830 76.32 28.33 -26.45
CA LEU B 830 76.87 29.01 -25.28
C LEU B 830 78.33 28.66 -25.07
N ILE B 831 78.69 27.38 -25.23
CA ILE B 831 80.09 26.97 -25.11
C ILE B 831 80.92 27.59 -26.22
N PHE B 832 80.40 27.60 -27.46
CA PHE B 832 81.16 28.16 -28.57
C PHE B 832 81.44 29.65 -28.37
N ILE B 833 80.47 30.41 -27.88
CA ILE B 833 80.70 31.83 -27.64
C ILE B 833 81.53 32.07 -26.38
N GLU B 834 81.41 31.20 -25.36
CA GLU B 834 82.16 31.37 -24.14
C GLU B 834 83.64 31.09 -24.35
N ILE B 835 83.98 30.14 -25.23
CA ILE B 835 85.39 29.89 -25.55
C ILE B 835 86.01 31.14 -26.15
N ALA B 836 85.32 31.76 -27.11
CA ALA B 836 85.83 32.98 -27.72
C ALA B 836 85.93 34.12 -26.71
N TYR B 837 84.92 34.25 -25.84
CA TYR B 837 84.98 35.30 -24.82
C TYR B 837 86.15 35.10 -23.87
N LYS B 838 86.39 33.86 -23.44
CA LYS B 838 87.52 33.60 -22.55
C LYS B 838 88.84 33.86 -23.25
N ARG B 839 88.95 33.48 -24.52
CA ARG B 839 90.18 33.75 -25.27
C ARG B 839 90.43 35.24 -25.40
N HIS B 840 89.38 36.01 -25.70
CA HIS B 840 89.53 37.46 -25.82
C HIS B 840 89.91 38.08 -24.47
N LYS B 841 89.30 37.62 -23.39
CA LYS B 841 89.63 38.15 -22.07
C LYS B 841 91.08 37.83 -21.70
N ASP B 842 91.53 36.61 -22.00
CA ASP B 842 92.92 36.24 -21.71
C ASP B 842 93.89 37.06 -22.57
N ALA B 843 93.52 37.32 -23.83
CA ALA B 843 94.40 38.11 -24.69
C ALA B 843 94.55 39.54 -24.17
N ARG B 844 93.47 40.13 -23.68
CA ARG B 844 93.52 41.48 -23.14
C ARG B 844 94.27 41.52 -21.81
N LEU C 34 -38.52 32.65 -48.28
CA LEU C 34 -39.28 33.89 -48.38
C LEU C 34 -40.11 34.15 -47.11
N ASN C 35 -41.37 33.73 -47.15
CA ASN C 35 -42.26 33.91 -46.01
C ASN C 35 -42.05 32.79 -45.00
N ILE C 36 -41.82 33.16 -43.74
CA ILE C 36 -41.58 32.21 -42.67
C ILE C 36 -42.65 32.41 -41.61
N ALA C 37 -43.36 31.34 -41.27
CA ALA C 37 -44.42 31.39 -40.28
C ALA C 37 -43.94 30.82 -38.95
N VAL C 38 -44.33 31.47 -37.86
CA VAL C 38 -43.94 31.07 -36.51
C VAL C 38 -45.20 30.71 -35.74
N MET C 39 -45.21 29.51 -35.15
CA MET C 39 -46.33 29.03 -34.35
C MET C 39 -45.89 28.87 -32.90
N LEU C 40 -46.65 29.46 -31.98
CA LEU C 40 -46.33 29.42 -30.56
C LEU C 40 -47.59 29.10 -29.78
N GLY C 41 -47.40 28.64 -28.54
CA GLY C 41 -48.51 28.36 -27.67
C GLY C 41 -49.12 29.62 -27.11
N HIS C 42 -50.03 29.43 -26.13
CA HIS C 42 -50.68 30.56 -25.49
C HIS C 42 -49.66 31.43 -24.78
N SER C 43 -49.66 32.71 -25.13
CA SER C 43 -48.66 33.66 -24.66
C SER C 43 -49.25 35.07 -24.76
N HIS C 44 -48.39 36.08 -24.68
CA HIS C 44 -48.81 37.46 -24.80
C HIS C 44 -49.44 37.70 -26.17
N ASP C 45 -50.03 38.89 -26.33
CA ASP C 45 -50.83 39.20 -27.50
C ASP C 45 -50.03 39.02 -28.79
N VAL C 46 -50.72 38.59 -29.84
CA VAL C 46 -50.06 38.23 -31.10
C VAL C 46 -49.39 39.44 -31.74
N THR C 47 -49.90 40.64 -31.47
CA THR C 47 -49.31 41.83 -32.06
C THR C 47 -47.87 42.03 -31.60
N GLU C 48 -47.61 41.84 -30.30
CA GLU C 48 -46.26 42.00 -29.78
C GLU C 48 -45.32 40.96 -30.36
N ARG C 49 -45.79 39.72 -30.49
CA ARG C 49 -44.95 38.67 -31.08
C ARG C 49 -44.65 38.97 -32.55
N GLU C 50 -45.65 39.45 -33.30
CA GLU C 50 -45.41 39.83 -34.69
C GLU C 50 -44.41 40.97 -34.79
N LEU C 51 -44.52 41.96 -33.90
CA LEU C 51 -43.55 43.05 -33.90
C LEU C 51 -42.16 42.55 -33.58
N ARG C 52 -42.03 41.64 -32.61
CA ARG C 52 -40.72 41.08 -32.29
C ARG C 52 -40.14 40.32 -33.47
N THR C 53 -40.96 39.54 -34.16
CA THR C 53 -40.48 38.81 -35.34
C THR C 53 -40.04 39.76 -36.44
N LEU C 54 -40.82 40.83 -36.66
CA LEU C 54 -40.46 41.79 -37.70
C LEU C 54 -39.21 42.59 -37.34
N TRP C 55 -38.94 42.76 -36.04
CA TRP C 55 -37.76 43.51 -35.62
C TRP C 55 -36.46 42.83 -36.02
N GLY C 56 -36.50 41.55 -36.38
CA GLY C 56 -35.31 40.82 -36.78
C GLY C 56 -34.63 41.44 -37.98
N PRO C 57 -35.28 41.39 -39.14
CA PRO C 57 -34.70 42.02 -40.34
C PRO C 57 -34.48 43.51 -40.20
N GLU C 58 -35.27 44.19 -39.37
CA GLU C 58 -35.11 45.63 -39.21
C GLU C 58 -33.77 45.99 -38.58
N GLN C 59 -33.31 45.21 -37.61
CA GLN C 59 -32.06 45.53 -36.93
C GLN C 59 -30.87 45.42 -37.88
N ALA C 60 -30.77 44.30 -38.60
CA ALA C 60 -29.64 44.07 -39.51
C ALA C 60 -30.05 42.97 -40.48
N ALA C 61 -29.07 42.48 -41.25
CA ALA C 61 -29.26 41.40 -42.21
C ALA C 61 -30.34 41.77 -43.24
N GLY C 62 -30.19 42.96 -43.83
CA GLY C 62 -31.09 43.40 -44.88
C GLY C 62 -31.02 42.51 -46.10
N LEU C 63 -32.16 41.97 -46.51
CA LEU C 63 -32.22 41.04 -47.63
C LEU C 63 -33.36 41.43 -48.56
N PRO C 64 -33.14 41.38 -49.87
CA PRO C 64 -34.22 41.72 -50.82
C PRO C 64 -35.41 40.77 -50.75
N LEU C 65 -35.23 39.57 -50.21
CA LEU C 65 -36.35 38.64 -50.09
C LEU C 65 -37.41 39.17 -49.13
N ASP C 66 -38.67 38.97 -49.48
CA ASP C 66 -39.79 39.43 -48.66
C ASP C 66 -39.99 38.47 -47.49
N VAL C 67 -39.91 38.99 -46.27
CA VAL C 67 -40.07 38.18 -45.07
C VAL C 67 -41.45 38.51 -44.49
N ASN C 68 -42.34 37.53 -44.48
CA ASN C 68 -43.67 37.67 -43.93
C ASN C 68 -43.87 36.64 -42.84
N VAL C 69 -44.45 37.07 -41.71
CA VAL C 69 -44.66 36.20 -40.56
C VAL C 69 -46.15 36.12 -40.27
N VAL C 70 -46.62 34.89 -40.03
CA VAL C 70 -48.01 34.61 -39.71
C VAL C 70 -48.02 33.87 -38.38
N ALA C 71 -48.25 34.60 -37.29
CA ALA C 71 -48.26 34.00 -35.97
C ALA C 71 -49.67 33.53 -35.60
N LEU C 72 -49.75 32.34 -35.03
CA LEU C 72 -51.02 31.74 -34.63
C LEU C 72 -50.94 31.29 -33.19
N LEU C 73 -52.04 31.44 -32.46
CA LEU C 73 -52.14 31.03 -31.07
C LEU C 73 -53.36 30.13 -30.91
N MET C 74 -53.16 28.98 -30.27
CA MET C 74 -54.25 28.03 -30.08
C MET C 74 -53.87 27.06 -28.97
N ASN C 75 -54.89 26.63 -28.21
CA ASN C 75 -54.67 25.65 -27.16
C ASN C 75 -54.51 24.24 -27.71
N ARG C 76 -55.22 23.91 -28.78
CA ARG C 76 -55.25 22.54 -29.28
C ARG C 76 -53.92 22.17 -29.93
N THR C 77 -53.49 20.92 -29.70
CA THR C 77 -52.29 20.37 -30.29
C THR C 77 -52.56 19.01 -30.91
N ASP C 78 -53.76 18.82 -31.45
CA ASP C 78 -54.15 17.53 -32.02
C ASP C 78 -53.34 17.27 -33.29
N PRO C 79 -53.08 15.99 -33.61
CA PRO C 79 -52.31 15.67 -34.82
C PRO C 79 -53.02 16.08 -36.10
N LYS C 80 -54.30 15.75 -36.23
CA LYS C 80 -55.05 16.13 -37.42
C LYS C 80 -55.18 17.64 -37.53
N SER C 81 -55.41 18.33 -36.40
CA SER C 81 -55.47 19.78 -36.42
C SER C 81 -54.13 20.37 -36.84
N LEU C 82 -53.02 19.80 -36.35
CA LEU C 82 -51.70 20.27 -36.75
C LEU C 82 -51.47 20.06 -38.25
N ILE C 83 -51.90 18.92 -38.77
CA ILE C 83 -51.75 18.65 -40.21
C ILE C 83 -52.55 19.66 -41.02
N THR C 84 -53.79 19.92 -40.62
CA THR C 84 -54.60 20.90 -41.33
C THR C 84 -53.98 22.29 -41.27
N HIS C 85 -53.46 22.67 -40.10
CA HIS C 85 -52.87 23.99 -39.95
C HIS C 85 -51.61 24.14 -40.80
N VAL C 86 -50.74 23.12 -40.82
CA VAL C 86 -49.54 23.22 -41.64
C VAL C 86 -49.89 23.20 -43.12
N CYS C 87 -50.92 22.44 -43.51
CA CYS C 87 -51.36 22.48 -44.90
C CYS C 87 -51.86 23.87 -45.29
N ASP C 88 -52.63 24.50 -44.40
CA ASP C 88 -53.11 25.85 -44.66
C ASP C 88 -51.93 26.83 -44.74
N LEU C 89 -50.94 26.67 -43.88
CA LEU C 89 -49.78 27.56 -43.89
C LEU C 89 -48.98 27.41 -45.18
N MET C 90 -48.74 26.17 -45.62
CA MET C 90 -47.97 25.99 -46.85
C MET C 90 -48.77 26.40 -48.08
N SER C 91 -50.09 26.21 -48.06
CA SER C 91 -50.91 26.62 -49.20
C SER C 91 -51.00 28.14 -49.30
N GLY C 92 -51.11 28.82 -48.16
CA GLY C 92 -51.22 30.26 -48.15
C GLY C 92 -49.90 30.97 -48.05
N ALA C 93 -49.58 31.79 -49.06
CA ALA C 93 -48.36 32.58 -49.17
C ALA C 93 -47.10 31.73 -49.33
N ARG C 94 -47.23 30.40 -49.40
CA ARG C 94 -46.11 29.50 -49.64
C ARG C 94 -45.02 29.67 -48.57
N ILE C 95 -45.40 29.34 -47.34
CA ILE C 95 -44.46 29.42 -46.22
C ILE C 95 -43.32 28.44 -46.44
N HIS C 96 -42.09 28.93 -46.36
CA HIS C 96 -40.89 28.14 -46.58
C HIS C 96 -40.20 27.74 -45.28
N GLY C 97 -40.79 28.01 -44.13
CA GLY C 97 -40.18 27.66 -42.87
C GLY C 97 -41.14 27.68 -41.69
N LEU C 98 -41.12 26.62 -40.89
CA LEU C 98 -42.00 26.49 -39.74
C LEU C 98 -41.19 26.20 -38.49
N VAL C 99 -41.46 26.96 -37.42
CA VAL C 99 -40.87 26.74 -36.12
C VAL C 99 -42.00 26.64 -35.10
N PHE C 100 -42.05 25.53 -34.38
CA PHE C 100 -43.15 25.24 -33.45
C PHE C 100 -42.61 25.26 -32.03
N GLY C 101 -42.73 26.42 -31.37
CA GLY C 101 -42.41 26.53 -29.96
C GLY C 101 -43.63 26.35 -29.09
N ASP C 102 -43.82 25.15 -28.56
CA ASP C 102 -45.01 24.81 -27.79
C ASP C 102 -44.62 24.45 -26.35
N ASP C 103 -45.48 24.84 -25.41
CA ASP C 103 -45.26 24.54 -24.00
C ASP C 103 -45.78 23.17 -23.60
N THR C 104 -46.37 22.42 -24.53
CA THR C 104 -46.88 21.09 -24.22
C THR C 104 -45.74 20.15 -23.85
N ASP C 105 -45.98 19.33 -22.83
CA ASP C 105 -44.96 18.39 -22.35
C ASP C 105 -44.95 17.07 -23.10
N GLN C 106 -45.81 16.91 -24.10
CA GLN C 106 -45.85 15.66 -24.86
C GLN C 106 -44.57 15.51 -25.66
N GLU C 107 -44.05 14.27 -25.69
CA GLU C 107 -42.79 13.98 -26.38
C GLU C 107 -42.99 13.60 -27.84
N ALA C 108 -44.22 13.50 -28.32
CA ALA C 108 -44.49 13.14 -29.70
C ALA C 108 -44.65 14.35 -30.61
N VAL C 109 -44.51 15.56 -30.08
CA VAL C 109 -44.67 16.76 -30.91
C VAL C 109 -43.59 16.81 -31.98
N ALA C 110 -42.35 16.50 -31.62
CA ALA C 110 -41.28 16.46 -32.61
C ALA C 110 -41.53 15.37 -33.64
N GLN C 111 -42.00 14.21 -33.22
CA GLN C 111 -42.24 13.10 -34.13
C GLN C 111 -43.42 13.36 -35.05
N MET C 112 -44.34 14.25 -34.68
CA MET C 112 -45.50 14.52 -35.52
C MET C 112 -45.14 15.23 -36.83
N LEU C 113 -43.96 15.85 -36.91
CA LEU C 113 -43.57 16.64 -38.07
C LEU C 113 -42.68 15.88 -39.04
N ASP C 114 -42.47 14.58 -38.81
CA ASP C 114 -41.60 13.81 -39.70
C ASP C 114 -42.18 13.74 -41.12
N PHE C 115 -43.50 13.54 -41.23
CA PHE C 115 -44.12 13.50 -42.55
C PHE C 115 -43.98 14.83 -43.27
N ILE C 116 -44.20 15.93 -42.55
CA ILE C 116 -44.07 17.26 -43.16
C ILE C 116 -42.65 17.48 -43.64
N SER C 117 -41.67 17.13 -42.81
CA SER C 117 -40.27 17.31 -43.17
C SER C 117 -39.87 16.45 -44.37
N SER C 118 -40.35 15.21 -44.42
CA SER C 118 -39.96 14.29 -45.48
C SER C 118 -40.75 14.47 -46.77
N HIS C 119 -41.88 15.18 -46.73
CA HIS C 119 -42.71 15.36 -47.92
C HIS C 119 -42.67 16.78 -48.49
N THR C 120 -42.83 17.80 -47.65
CA THR C 120 -42.85 19.17 -48.14
C THR C 120 -41.46 19.79 -48.26
N PHE C 121 -40.42 19.12 -47.76
CA PHE C 121 -39.05 19.60 -47.85
C PHE C 121 -38.90 21.00 -47.27
N VAL C 122 -39.56 21.23 -46.13
CA VAL C 122 -39.49 22.52 -45.46
C VAL C 122 -38.62 22.39 -44.22
N PRO C 123 -37.72 23.33 -43.95
CA PRO C 123 -36.93 23.28 -42.72
C PRO C 123 -37.83 23.33 -41.48
N ILE C 124 -37.45 22.58 -40.46
CA ILE C 124 -38.22 22.45 -39.23
C ILE C 124 -37.37 22.93 -38.07
N LEU C 125 -37.92 23.84 -37.28
CA LEU C 125 -37.27 24.38 -36.08
C LEU C 125 -38.22 24.27 -34.90
N GLY C 126 -37.71 24.58 -33.72
CA GLY C 126 -38.52 24.53 -32.52
C GLY C 126 -37.79 25.13 -31.34
N ILE C 127 -38.55 25.41 -30.29
CA ILE C 127 -38.00 26.03 -29.09
C ILE C 127 -38.22 25.12 -27.89
N HIS C 128 -39.48 24.85 -27.58
CA HIS C 128 -39.85 24.01 -26.45
C HIS C 128 -40.71 22.85 -26.92
N GLY C 129 -41.22 22.08 -25.97
CA GLY C 129 -42.08 20.95 -26.31
C GLY C 129 -41.28 19.80 -26.87
N GLY C 130 -41.64 19.36 -28.07
CA GLY C 130 -40.92 18.27 -28.70
C GLY C 130 -39.47 18.60 -29.03
N ALA C 131 -39.20 19.87 -29.36
CA ALA C 131 -37.85 20.29 -29.70
C ALA C 131 -36.97 20.51 -28.47
N SER C 132 -37.55 20.56 -27.27
CA SER C 132 -36.75 20.76 -26.06
C SER C 132 -35.78 19.60 -25.85
N MET C 133 -36.25 18.37 -26.04
CA MET C 133 -35.41 17.18 -25.99
C MET C 133 -35.47 16.46 -27.33
N ILE C 134 -34.31 16.18 -27.90
CA ILE C 134 -34.21 15.54 -29.21
C ILE C 134 -33.54 14.18 -29.04
N MET C 135 -34.24 13.13 -29.44
CA MET C 135 -33.68 11.78 -29.41
C MET C 135 -34.05 10.94 -30.63
N ALA C 136 -34.73 11.52 -31.61
CA ALA C 136 -35.22 10.77 -32.77
C ALA C 136 -34.17 10.80 -33.87
N ASP C 137 -33.68 9.63 -34.26
CA ASP C 137 -32.75 9.49 -35.37
C ASP C 137 -33.41 8.69 -36.48
N LYS C 138 -33.38 9.23 -37.69
CA LYS C 138 -34.05 8.61 -38.82
C LYS C 138 -33.26 8.94 -40.08
N ASP C 139 -33.88 8.73 -41.25
CA ASP C 139 -33.22 9.00 -42.51
C ASP C 139 -32.95 10.50 -42.65
N PRO C 140 -31.89 10.88 -43.37
CA PRO C 140 -31.55 12.30 -43.48
C PRO C 140 -32.49 13.10 -44.38
N THR C 141 -33.56 12.44 -44.88
CA THR C 141 -34.54 13.14 -45.71
C THR C 141 -35.37 14.15 -44.92
N SER C 142 -35.35 14.09 -43.60
CA SER C 142 -36.08 15.02 -42.76
C SER C 142 -35.26 16.28 -42.53
N THR C 143 -35.94 17.36 -42.13
CA THR C 143 -35.31 18.65 -41.91
C THR C 143 -35.39 19.07 -40.44
N PHE C 144 -35.19 18.13 -39.52
CA PHE C 144 -35.24 18.43 -38.11
C PHE C 144 -33.91 19.02 -37.65
N PHE C 145 -33.96 20.21 -37.06
CA PHE C 145 -32.78 20.88 -36.52
C PHE C 145 -33.22 21.58 -35.24
N GLN C 146 -33.06 20.89 -34.11
CA GLN C 146 -33.47 21.41 -32.82
C GLN C 146 -32.31 22.08 -32.10
N PHE C 147 -32.65 22.98 -31.18
CA PHE C 147 -31.67 23.69 -30.37
C PHE C 147 -31.39 22.98 -29.05
N GLY C 148 -32.01 21.82 -28.82
CA GLY C 148 -31.79 21.08 -27.59
C GLY C 148 -30.42 20.43 -27.55
N ALA C 149 -30.05 19.98 -26.35
CA ALA C 149 -28.76 19.34 -26.16
C ALA C 149 -28.74 17.97 -26.81
N SER C 150 -27.65 17.67 -27.51
CA SER C 150 -27.49 16.34 -28.11
C SER C 150 -27.35 15.30 -27.02
N ILE C 151 -27.93 14.12 -27.27
CA ILE C 151 -27.94 13.07 -26.25
C ILE C 151 -26.54 12.53 -26.01
N GLN C 152 -25.73 12.41 -27.08
CA GLN C 152 -24.36 11.95 -26.91
C GLN C 152 -23.46 13.05 -26.36
N GLN C 153 -23.71 14.30 -26.75
CA GLN C 153 -22.85 15.41 -26.34
C GLN C 153 -22.96 15.72 -24.85
N GLN C 154 -24.04 15.29 -24.20
CA GLN C 154 -24.19 15.57 -22.77
C GLN C 154 -23.13 14.85 -21.94
N ALA C 155 -22.72 13.66 -22.38
CA ALA C 155 -21.71 12.90 -21.66
C ALA C 155 -20.36 13.63 -21.64
N THR C 156 -20.06 14.38 -22.70
CA THR C 156 -18.82 15.14 -22.74
C THR C 156 -18.77 16.16 -21.60
N VAL C 157 -19.85 16.90 -21.40
CA VAL C 157 -19.91 17.86 -20.29
C VAL C 157 -19.95 17.12 -18.96
N MET C 158 -20.66 15.99 -18.91
CA MET C 158 -20.75 15.22 -17.67
C MET C 158 -19.39 14.71 -17.22
N LEU C 159 -18.49 14.42 -18.17
CA LEU C 159 -17.14 14.01 -17.82
C LEU C 159 -16.20 15.18 -17.62
N LYS C 160 -16.42 16.30 -18.34
CA LYS C 160 -15.57 17.46 -18.15
C LYS C 160 -15.78 18.11 -16.79
N ILE C 161 -17.01 18.09 -16.27
CA ILE C 161 -17.23 18.61 -14.92
C ILE C 161 -16.52 17.75 -13.89
N MET C 162 -16.52 16.42 -14.09
CA MET C 162 -15.76 15.54 -13.22
C MET C 162 -14.27 15.83 -13.30
N GLN C 163 -13.77 16.07 -14.51
CA GLN C 163 -12.36 16.42 -14.67
C GLN C 163 -12.03 17.72 -13.95
N ASP C 164 -12.91 18.72 -14.06
CA ASP C 164 -12.66 20.00 -13.41
C ASP C 164 -12.71 19.85 -11.89
N TYR C 165 -13.59 18.99 -11.38
CA TYR C 165 -13.73 18.78 -9.94
C TYR C 165 -12.74 17.77 -9.38
N ASP C 166 -11.84 17.23 -10.21
CA ASP C 166 -10.76 16.36 -9.77
C ASP C 166 -11.30 15.10 -9.07
N TRP C 167 -12.04 14.30 -9.84
CA TRP C 167 -12.49 12.98 -9.40
C TRP C 167 -12.42 12.06 -10.60
N HIS C 168 -11.36 11.24 -10.66
CA HIS C 168 -11.12 10.37 -11.81
C HIS C 168 -11.79 9.01 -11.68
N VAL C 169 -12.41 8.71 -10.55
CA VAL C 169 -13.09 7.43 -10.35
C VAL C 169 -14.56 7.58 -10.71
N PHE C 170 -15.11 6.56 -11.36
CA PHE C 170 -16.49 6.58 -11.82
C PHE C 170 -17.17 5.26 -11.48
N SER C 171 -18.49 5.31 -11.39
CA SER C 171 -19.32 4.12 -11.19
C SER C 171 -20.50 4.22 -12.16
N LEU C 172 -20.36 3.58 -13.31
CA LEU C 172 -21.35 3.69 -14.38
C LEU C 172 -22.51 2.74 -14.08
N VAL C 173 -23.65 3.31 -13.70
CA VAL C 173 -24.86 2.54 -13.40
C VAL C 173 -25.90 2.87 -14.46
N THR C 174 -26.36 1.86 -15.18
CA THR C 174 -27.34 2.01 -16.24
C THR C 174 -28.54 1.10 -15.97
N THR C 175 -29.50 1.14 -16.88
CA THR C 175 -30.72 0.35 -16.76
C THR C 175 -31.07 -0.19 -18.15
N ILE C 176 -32.17 -0.97 -18.22
CA ILE C 176 -32.63 -1.53 -19.48
C ILE C 176 -33.37 -0.50 -20.33
N PHE C 177 -33.52 0.72 -19.85
CA PHE C 177 -34.21 1.75 -20.62
C PHE C 177 -33.44 2.04 -21.89
N PRO C 178 -34.12 2.21 -23.03
CA PRO C 178 -33.41 2.39 -24.30
C PRO C 178 -32.64 3.70 -24.34
N GLY C 179 -31.61 3.73 -25.16
CA GLY C 179 -30.79 4.92 -25.32
C GLY C 179 -29.64 5.02 -24.33
N TYR C 180 -29.32 3.92 -23.65
CA TYR C 180 -28.22 3.89 -22.69
C TYR C 180 -27.09 2.96 -23.07
N ARG C 181 -27.33 1.97 -23.94
CA ARG C 181 -26.22 1.20 -24.49
C ARG C 181 -25.30 2.09 -25.32
N GLU C 182 -25.87 3.06 -26.04
CA GLU C 182 -25.04 4.05 -26.72
C GLU C 182 -24.22 4.86 -25.72
N PHE C 183 -24.81 5.20 -24.57
CA PHE C 183 -24.07 5.90 -23.54
C PHE C 183 -22.89 5.06 -23.04
N ILE C 184 -23.13 3.76 -22.81
CA ILE C 184 -22.06 2.88 -22.35
C ILE C 184 -20.95 2.79 -23.38
N SER C 185 -21.32 2.62 -24.66
CA SER C 185 -20.32 2.54 -25.71
C SER C 185 -19.52 3.83 -25.81
N PHE C 186 -20.20 4.99 -25.72
CA PHE C 186 -19.52 6.27 -25.82
C PHE C 186 -18.56 6.49 -24.65
N VAL C 187 -18.99 6.16 -23.43
CA VAL C 187 -18.11 6.38 -22.29
C VAL C 187 -16.92 5.42 -22.33
N LYS C 188 -17.15 4.17 -22.75
CA LYS C 188 -16.03 3.25 -22.90
C LYS C 188 -15.05 3.73 -23.94
N THR C 189 -15.55 4.23 -25.08
CA THR C 189 -14.67 4.74 -26.13
C THR C 189 -13.88 5.94 -25.64
N THR C 190 -14.52 6.85 -24.92
CA THR C 190 -13.85 8.08 -24.50
C THR C 190 -12.93 7.87 -23.29
N VAL C 191 -13.08 6.77 -22.55
CA VAL C 191 -12.12 6.47 -21.50
C VAL C 191 -10.97 5.60 -22.02
N ASP C 192 -11.22 4.80 -23.06
CA ASP C 192 -10.13 4.03 -23.67
C ASP C 192 -9.18 4.95 -24.45
N ASN C 193 -9.71 5.99 -25.08
CA ASN C 193 -8.92 6.93 -25.85
C ASN C 193 -8.37 8.08 -25.00
N SER C 194 -8.77 8.16 -23.73
CA SER C 194 -8.30 9.22 -22.85
C SER C 194 -6.91 8.90 -22.32
N PHE C 195 -6.14 9.96 -22.04
CA PHE C 195 -4.79 9.83 -21.49
C PHE C 195 -4.69 10.39 -20.08
N VAL C 196 -5.80 10.80 -19.48
CA VAL C 196 -5.77 11.33 -18.13
C VAL C 196 -5.45 10.22 -17.13
N GLY C 197 -6.01 9.05 -17.32
CA GLY C 197 -5.80 7.95 -16.40
C GLY C 197 -6.98 7.72 -15.47
N TRP C 198 -8.19 7.77 -16.02
CA TRP C 198 -9.39 7.61 -15.22
C TRP C 198 -9.45 6.20 -14.63
N ASP C 199 -9.85 6.12 -13.36
CA ASP C 199 -10.02 4.83 -12.68
C ASP C 199 -11.45 4.34 -12.94
N MET C 200 -11.61 3.73 -14.11
CA MET C 200 -12.93 3.25 -14.56
C MET C 200 -13.27 1.99 -13.80
N GLN C 201 -14.00 2.13 -12.70
CA GLN C 201 -14.41 0.99 -11.90
C GLN C 201 -15.45 0.16 -12.67
N ASN C 202 -15.51 -1.13 -12.35
CA ASN C 202 -16.39 -2.05 -13.06
C ASN C 202 -17.83 -1.58 -12.98
N VAL C 203 -18.52 -1.60 -14.12
CA VAL C 203 -19.87 -1.07 -14.18
C VAL C 203 -20.86 -2.04 -13.55
N ILE C 204 -22.00 -1.51 -13.12
CA ILE C 204 -23.09 -2.29 -12.57
C ILE C 204 -24.33 -1.94 -13.39
N THR C 205 -24.86 -2.90 -14.14
CA THR C 205 -26.01 -2.68 -15.01
C THR C 205 -27.26 -3.25 -14.34
N LEU C 206 -28.10 -2.36 -13.80
CA LEU C 206 -29.36 -2.78 -13.22
C LEU C 206 -30.31 -3.26 -14.31
N ASP C 207 -31.05 -4.34 -14.01
CA ASP C 207 -31.93 -4.93 -15.01
C ASP C 207 -33.29 -4.23 -15.02
N THR C 208 -34.00 -4.25 -13.89
CA THR C 208 -35.31 -3.64 -13.80
C THR C 208 -35.60 -3.32 -12.34
N SER C 209 -36.61 -2.47 -12.12
CA SER C 209 -37.00 -2.07 -10.78
C SER C 209 -38.02 -3.06 -10.23
N PHE C 210 -38.59 -2.74 -9.06
CA PHE C 210 -39.59 -3.58 -8.40
C PHE C 210 -39.07 -4.98 -8.12
N GLU C 211 -37.77 -5.09 -7.85
CA GLU C 211 -37.16 -6.39 -7.52
C GLU C 211 -37.09 -6.60 -6.01
N ASP C 212 -36.41 -5.68 -5.31
CA ASP C 212 -36.27 -5.71 -3.85
C ASP C 212 -35.50 -6.94 -3.37
N ALA C 213 -34.98 -7.74 -4.29
CA ALA C 213 -34.19 -8.92 -3.97
C ALA C 213 -32.85 -8.94 -4.67
N LYS C 214 -32.78 -8.49 -5.92
CA LYS C 214 -31.55 -8.48 -6.70
C LYS C 214 -30.91 -7.10 -6.79
N THR C 215 -31.68 -6.03 -6.57
CA THR C 215 -31.11 -4.69 -6.63
C THR C 215 -30.04 -4.49 -5.57
N GLN C 216 -30.28 -4.97 -4.35
CA GLN C 216 -29.27 -4.87 -3.30
C GLN C 216 -28.04 -5.70 -3.65
N VAL C 217 -28.24 -6.89 -4.23
CA VAL C 217 -27.12 -7.72 -4.64
C VAL C 217 -26.27 -7.00 -5.67
N GLN C 218 -26.91 -6.35 -6.64
CA GLN C 218 -26.17 -5.62 -7.66
C GLN C 218 -25.46 -4.41 -7.09
N LEU C 219 -26.10 -3.69 -6.17
CA LEU C 219 -25.58 -2.42 -5.67
C LEU C 219 -24.65 -2.58 -4.47
N LYS C 220 -24.49 -3.79 -3.93
CA LYS C 220 -23.58 -3.97 -2.80
C LYS C 220 -22.12 -3.85 -3.19
N LYS C 221 -21.80 -3.79 -4.48
CA LYS C 221 -20.42 -3.76 -4.95
C LYS C 221 -19.87 -2.34 -5.09
N ILE C 222 -20.63 -1.33 -4.68
CA ILE C 222 -20.17 0.04 -4.83
C ILE C 222 -19.09 0.34 -3.80
N HIS C 223 -17.98 0.94 -4.25
CA HIS C 223 -16.92 1.35 -3.35
C HIS C 223 -16.34 2.71 -3.71
N SER C 224 -16.91 3.40 -4.70
CA SER C 224 -16.44 4.71 -5.11
C SER C 224 -17.26 5.80 -4.43
N SER C 225 -17.03 7.05 -4.84
CA SER C 225 -17.74 8.19 -4.28
C SER C 225 -18.72 8.85 -5.25
N VAL C 226 -18.62 8.55 -6.54
CA VAL C 226 -19.49 9.14 -7.56
C VAL C 226 -20.26 8.01 -8.24
N ILE C 227 -21.59 8.14 -8.27
CA ILE C 227 -22.47 7.13 -8.85
C ILE C 227 -23.38 7.82 -9.86
N LEU C 228 -23.45 7.26 -11.06
CA LEU C 228 -24.34 7.76 -12.09
C LEU C 228 -25.70 7.08 -12.02
N LEU C 229 -26.67 7.65 -12.74
CA LEU C 229 -28.02 7.11 -12.74
C LEU C 229 -28.67 7.42 -14.08
N TYR C 230 -29.07 6.38 -14.81
CA TYR C 230 -29.72 6.50 -16.11
C TYR C 230 -31.06 5.76 -16.04
N CYS C 231 -32.12 6.47 -15.65
CA CYS C 231 -33.45 5.89 -15.54
C CYS C 231 -34.47 6.97 -15.89
N SER C 232 -35.74 6.70 -15.58
CA SER C 232 -36.79 7.67 -15.75
C SER C 232 -37.02 8.41 -14.43
N LYS C 233 -37.98 9.34 -14.42
CA LYS C 233 -38.24 10.12 -13.22
C LYS C 233 -38.77 9.23 -12.09
N ASP C 234 -39.80 8.42 -12.38
CA ASP C 234 -40.38 7.57 -11.36
C ASP C 234 -39.38 6.51 -10.90
N GLU C 235 -38.63 5.93 -11.84
CA GLU C 235 -37.64 4.92 -11.47
C GLU C 235 -36.53 5.52 -10.62
N ALA C 236 -36.10 6.74 -10.95
CA ALA C 236 -35.08 7.41 -10.14
C ALA C 236 -35.60 7.71 -8.74
N VAL C 237 -36.86 8.17 -8.64
CA VAL C 237 -37.44 8.42 -7.32
C VAL C 237 -37.50 7.13 -6.51
N LEU C 238 -37.92 6.03 -7.15
CA LEU C 238 -38.02 4.75 -6.44
C LEU C 238 -36.65 4.26 -5.98
N ILE C 239 -35.63 4.35 -6.85
CA ILE C 239 -34.32 3.85 -6.48
C ILE C 239 -33.68 4.71 -5.40
N LEU C 240 -33.93 6.03 -5.43
CA LEU C 240 -33.41 6.89 -4.36
C LEU C 240 -34.13 6.62 -3.05
N SER C 241 -35.44 6.36 -3.09
CA SER C 241 -36.16 6.00 -1.88
C SER C 241 -35.63 4.69 -1.30
N GLU C 242 -35.34 3.72 -2.17
CA GLU C 242 -34.75 2.46 -1.70
C GLU C 242 -33.37 2.70 -1.09
N ALA C 243 -32.55 3.52 -1.75
CA ALA C 243 -31.20 3.81 -1.24
C ALA C 243 -31.26 4.56 0.09
N ARG C 244 -32.33 5.32 0.33
CA ARG C 244 -32.50 5.96 1.63
C ARG C 244 -32.53 4.94 2.75
N SER C 245 -33.27 3.84 2.55
CA SER C 245 -33.28 2.77 3.54
C SER C 245 -32.00 1.93 3.49
N LEU C 246 -31.38 1.84 2.31
CA LEU C 246 -30.15 1.05 2.16
C LEU C 246 -28.90 1.81 2.59
N GLY C 247 -29.02 3.09 2.96
CA GLY C 247 -27.88 3.85 3.41
C GLY C 247 -26.93 4.30 2.32
N LEU C 248 -27.39 4.38 1.07
CA LEU C 248 -26.56 4.85 -0.03
C LEU C 248 -26.68 6.35 -0.28
N THR C 249 -27.45 7.06 0.55
CA THR C 249 -27.65 8.50 0.41
C THR C 249 -26.79 9.30 1.38
N GLY C 250 -25.57 8.84 1.65
CA GLY C 250 -24.71 9.51 2.60
C GLY C 250 -24.19 10.84 2.09
N TYR C 251 -23.54 11.56 3.00
CA TYR C 251 -23.02 12.89 2.70
C TYR C 251 -21.73 12.87 1.90
N ASP C 252 -21.14 11.70 1.68
CA ASP C 252 -19.89 11.59 0.94
C ASP C 252 -20.07 11.14 -0.50
N PHE C 253 -21.16 10.45 -0.81
CA PHE C 253 -21.39 9.96 -2.16
C PHE C 253 -21.81 11.12 -3.09
N PHE C 254 -21.60 10.91 -4.38
CA PHE C 254 -21.95 11.89 -5.40
C PHE C 254 -22.93 11.26 -6.39
N TRP C 255 -23.86 12.07 -6.87
CA TRP C 255 -24.86 11.61 -7.82
C TRP C 255 -24.92 12.58 -8.98
N ILE C 256 -24.81 12.05 -10.21
CA ILE C 256 -24.90 12.84 -11.43
C ILE C 256 -26.14 12.36 -12.19
N VAL C 257 -27.00 13.31 -12.56
CA VAL C 257 -28.27 12.98 -13.21
C VAL C 257 -28.37 13.73 -14.53
N PRO C 258 -28.71 13.06 -15.63
CA PRO C 258 -28.85 13.77 -16.91
C PRO C 258 -30.12 14.59 -16.98
N SER C 259 -30.37 15.22 -18.14
CA SER C 259 -31.53 16.08 -18.31
C SER C 259 -32.84 15.32 -18.41
N LEU C 260 -32.79 14.01 -18.63
CA LEU C 260 -34.02 13.24 -18.79
C LEU C 260 -34.82 13.19 -17.50
N VAL C 261 -34.16 12.86 -16.39
CA VAL C 261 -34.86 12.76 -15.11
C VAL C 261 -35.29 14.13 -14.61
N SER C 262 -34.41 15.13 -14.75
CA SER C 262 -34.72 16.47 -14.26
C SER C 262 -35.93 17.05 -14.98
N GLY C 263 -35.83 17.23 -16.30
CA GLY C 263 -36.93 17.76 -17.06
C GLY C 263 -37.31 19.16 -16.59
N ASN C 264 -38.59 19.35 -16.32
CA ASN C 264 -39.07 20.63 -15.83
C ASN C 264 -38.54 20.89 -14.43
N THR C 265 -38.22 22.16 -14.14
CA THR C 265 -37.58 22.55 -12.89
C THR C 265 -38.56 23.15 -11.89
N GLU C 266 -39.80 22.67 -11.86
CA GLU C 266 -40.80 23.13 -10.91
C GLU C 266 -41.30 22.03 -9.97
N LEU C 267 -41.08 20.76 -10.29
CA LEU C 267 -41.48 19.65 -9.44
C LEU C 267 -40.23 19.05 -8.80
N ILE C 268 -40.18 19.07 -7.48
CA ILE C 268 -39.05 18.56 -6.72
C ILE C 268 -39.57 17.51 -5.74
N PRO C 269 -39.48 16.23 -6.10
CA PRO C 269 -39.89 15.18 -5.16
C PRO C 269 -39.01 15.16 -3.92
N LYS C 270 -39.61 14.75 -2.80
CA LYS C 270 -38.90 14.70 -1.53
C LYS C 270 -37.82 13.62 -1.49
N GLU C 271 -37.79 12.71 -2.47
CA GLU C 271 -36.80 11.65 -2.50
C GLU C 271 -35.50 12.08 -3.16
N PHE C 272 -35.39 13.31 -3.65
CA PHE C 272 -34.16 13.80 -4.26
C PHE C 272 -33.29 14.44 -3.20
N PRO C 273 -32.13 13.87 -2.88
CA PRO C 273 -31.25 14.50 -1.90
C PRO C 273 -30.63 15.78 -2.45
N SER C 274 -30.30 16.68 -1.52
CA SER C 274 -29.66 17.94 -1.91
C SER C 274 -28.23 17.69 -2.37
N GLY C 275 -27.68 18.67 -3.08
CA GLY C 275 -26.34 18.56 -3.63
C GLY C 275 -26.24 17.76 -4.92
N LEU C 276 -27.36 17.32 -5.47
CA LEU C 276 -27.33 16.57 -6.72
C LEU C 276 -26.86 17.45 -7.86
N ILE C 277 -26.06 16.88 -8.76
CA ILE C 277 -25.51 17.60 -9.90
C ILE C 277 -26.25 17.15 -11.15
N SER C 278 -26.82 18.11 -11.88
CA SER C 278 -27.56 17.81 -13.10
C SER C 278 -27.19 18.82 -14.18
N VAL C 279 -27.33 18.39 -15.43
CA VAL C 279 -27.07 19.23 -16.59
C VAL C 279 -28.28 19.16 -17.51
N SER C 280 -28.73 20.30 -18.01
CA SER C 280 -29.89 20.36 -18.88
C SER C 280 -29.79 21.60 -19.75
N TYR C 281 -30.83 21.88 -20.52
CA TYR C 281 -30.91 23.03 -21.41
C TYR C 281 -32.06 23.91 -20.93
N ASP C 282 -31.75 24.82 -20.01
CA ASP C 282 -32.76 25.68 -19.41
C ASP C 282 -32.71 27.08 -20.02
N ASP C 283 -33.80 27.81 -19.84
CA ASP C 283 -33.97 29.14 -20.42
C ASP C 283 -33.98 30.22 -19.34
N TRP C 284 -33.10 30.10 -18.35
CA TRP C 284 -33.02 31.10 -17.31
C TRP C 284 -32.64 32.47 -17.87
N ASP C 285 -31.66 32.51 -18.79
CA ASP C 285 -31.19 33.75 -19.36
C ASP C 285 -31.69 34.00 -20.77
N TYR C 286 -31.69 32.97 -21.62
CA TYR C 286 -32.14 33.10 -23.00
C TYR C 286 -33.66 33.00 -23.06
N SER C 287 -34.28 33.96 -23.73
CA SER C 287 -35.74 34.03 -23.79
C SER C 287 -36.26 33.38 -25.08
N LEU C 288 -37.55 33.09 -25.06
CA LEU C 288 -38.19 32.49 -26.25
C LEU C 288 -38.14 33.44 -27.43
N GLU C 289 -38.35 34.74 -27.20
CA GLU C 289 -38.25 35.71 -28.28
C GLU C 289 -36.84 35.76 -28.85
N ALA C 290 -35.83 35.71 -27.98
CA ALA C 290 -34.44 35.70 -28.45
C ALA C 290 -34.15 34.46 -29.27
N ARG C 291 -34.64 33.29 -28.82
CA ARG C 291 -34.43 32.06 -29.57
C ARG C 291 -35.14 32.12 -30.93
N VAL C 292 -36.35 32.70 -30.98
CA VAL C 292 -37.05 32.85 -32.24
C VAL C 292 -36.27 33.76 -33.18
N ARG C 293 -35.74 34.87 -32.65
CA ARG C 293 -34.92 35.76 -33.47
C ARG C 293 -33.68 35.05 -34.00
N ASP C 294 -33.03 34.25 -33.16
CA ASP C 294 -31.86 33.50 -33.60
C ASP C 294 -32.22 32.50 -34.71
N GLY C 295 -33.36 31.81 -34.55
CA GLY C 295 -33.79 30.88 -35.58
C GLY C 295 -34.11 31.59 -36.89
N ILE C 296 -34.76 32.74 -36.81
CA ILE C 296 -35.05 33.51 -38.02
C ILE C 296 -33.76 33.96 -38.70
N GLY C 297 -32.78 34.41 -37.91
CA GLY C 297 -31.50 34.78 -38.48
C GLY C 297 -30.79 33.62 -39.14
N ILE C 298 -30.84 32.44 -38.51
CA ILE C 298 -30.25 31.25 -39.09
C ILE C 298 -30.92 30.90 -40.41
N LEU C 299 -32.25 30.98 -40.45
CA LEU C 299 -32.99 30.67 -41.67
C LEU C 299 -32.65 31.67 -42.78
N THR C 300 -32.55 32.95 -42.44
CA THR C 300 -32.19 33.96 -43.44
C THR C 300 -30.78 33.74 -43.96
N THR C 301 -29.84 33.39 -43.08
CA THR C 301 -28.48 33.10 -43.52
C THR C 301 -28.45 31.88 -44.43
N ALA C 302 -29.23 30.85 -44.10
CA ALA C 302 -29.31 29.67 -44.96
C ALA C 302 -29.89 30.01 -46.33
N ALA C 303 -30.93 30.86 -46.36
CA ALA C 303 -31.50 31.29 -47.63
C ALA C 303 -30.48 32.08 -48.44
N SER C 304 -29.72 32.97 -47.79
CA SER C 304 -28.71 33.74 -48.49
C SER C 304 -27.62 32.82 -49.06
N SER C 305 -27.21 31.81 -48.30
CA SER C 305 -26.23 30.85 -48.80
C SER C 305 -26.79 30.05 -49.97
N MET C 306 -28.07 29.67 -49.91
CA MET C 306 -28.70 28.97 -51.02
C MET C 306 -28.73 29.84 -52.27
N LEU C 307 -28.98 31.13 -52.10
CA LEU C 307 -29.03 32.06 -53.22
C LEU C 307 -27.68 32.29 -53.89
N GLU C 308 -26.59 31.79 -53.30
CA GLU C 308 -25.27 31.95 -53.89
C GLU C 308 -25.03 30.94 -55.02
N LYS C 309 -25.22 29.65 -54.74
CA LYS C 309 -25.00 28.61 -55.73
C LYS C 309 -26.17 28.42 -56.69
N PHE C 310 -27.31 29.06 -56.42
CA PHE C 310 -28.49 28.95 -57.28
C PHE C 310 -29.06 30.34 -57.49
N SER C 311 -30.24 30.40 -58.11
CA SER C 311 -30.87 31.69 -58.38
C SER C 311 -32.37 31.71 -58.08
N TYR C 312 -32.95 30.61 -57.60
CA TYR C 312 -34.38 30.56 -57.32
C TYR C 312 -34.60 29.79 -56.02
N ILE C 313 -35.72 30.09 -55.37
CA ILE C 313 -36.14 29.42 -54.15
C ILE C 313 -37.14 28.33 -54.53
N PRO C 314 -36.86 27.06 -54.24
CA PRO C 314 -37.81 26.01 -54.62
C PRO C 314 -39.10 26.09 -53.83
N GLU C 315 -40.17 25.60 -54.45
CA GLU C 315 -41.50 25.59 -53.84
C GLU C 315 -41.96 24.15 -53.66
N ALA C 316 -42.77 23.93 -52.63
CA ALA C 316 -43.30 22.60 -52.33
C ALA C 316 -44.49 22.31 -53.23
N LYS C 317 -45.22 21.24 -52.90
CA LYS C 317 -46.39 20.86 -53.69
C LYS C 317 -47.48 21.92 -53.60
N ALA C 318 -48.24 22.07 -54.68
CA ALA C 318 -49.27 23.09 -54.75
C ALA C 318 -50.50 22.75 -53.92
N SER C 319 -50.80 21.47 -53.71
CA SER C 319 -51.98 21.05 -52.98
C SER C 319 -51.62 19.96 -51.98
N CYS C 320 -52.40 19.86 -50.92
CA CYS C 320 -52.21 18.86 -49.88
C CYS C 320 -52.96 17.57 -50.17
N TYR C 321 -53.78 17.53 -51.22
CA TYR C 321 -54.62 16.37 -51.49
C TYR C 321 -54.31 15.68 -52.81
N GLY C 322 -53.39 16.20 -53.61
CA GLY C 322 -53.05 15.63 -54.91
C GLY C 322 -51.62 15.12 -54.93
N GLN C 323 -51.42 13.98 -55.60
CA GLN C 323 -50.11 13.37 -55.77
C GLN C 323 -49.96 13.05 -57.27
N MET C 324 -49.49 14.03 -58.03
CA MET C 324 -49.34 13.88 -59.48
C MET C 324 -47.90 13.60 -59.90
N GLU C 325 -46.97 13.49 -58.96
CA GLU C 325 -45.57 13.25 -59.30
C GLU C 325 -44.88 12.54 -58.14
N ARG C 326 -43.76 11.91 -58.45
CA ARG C 326 -42.97 11.24 -57.43
C ARG C 326 -42.30 12.28 -56.53
N PRO C 327 -42.50 12.21 -55.22
CA PRO C 327 -41.90 13.22 -54.33
C PRO C 327 -40.39 13.05 -54.19
N GLU C 328 -39.65 13.40 -55.25
CA GLU C 328 -38.19 13.34 -55.22
C GLU C 328 -37.64 14.66 -54.67
N VAL C 329 -36.31 14.74 -54.60
CA VAL C 329 -35.65 15.96 -54.12
C VAL C 329 -34.59 16.36 -55.14
N PRO C 330 -34.97 17.01 -56.24
CA PRO C 330 -34.00 17.49 -57.22
C PRO C 330 -33.57 18.93 -57.05
N MET C 331 -34.13 19.66 -56.09
CA MET C 331 -33.86 21.08 -55.93
C MET C 331 -32.63 21.37 -55.07
N HIS C 332 -31.99 20.35 -54.52
CA HIS C 332 -30.79 20.50 -53.69
C HIS C 332 -31.11 21.40 -52.49
N THR C 333 -31.91 20.84 -51.59
CA THR C 333 -32.42 21.58 -50.43
C THR C 333 -31.28 21.89 -49.46
N LEU C 334 -31.63 22.57 -48.37
CA LEU C 334 -30.68 23.06 -47.38
C LEU C 334 -30.15 21.97 -46.45
N HIS C 335 -30.34 20.69 -46.77
CA HIS C 335 -29.84 19.62 -45.93
C HIS C 335 -28.32 19.68 -45.73
N PRO C 336 -27.50 19.83 -46.77
CA PRO C 336 -26.05 19.96 -46.54
C PRO C 336 -25.55 21.38 -46.31
N PHE C 337 -26.44 22.36 -46.27
CA PHE C 337 -26.06 23.77 -46.13
C PHE C 337 -26.17 24.28 -44.70
N MET C 338 -26.37 23.39 -43.73
CA MET C 338 -26.51 23.78 -42.33
C MET C 338 -25.19 23.89 -41.60
N VAL C 339 -24.07 23.64 -42.29
CA VAL C 339 -22.76 23.66 -41.63
C VAL C 339 -22.15 25.05 -41.62
N ASN C 340 -22.30 25.80 -42.71
CA ASN C 340 -21.65 27.10 -42.87
C ASN C 340 -22.60 28.25 -42.58
N VAL C 341 -23.48 28.10 -41.59
CA VAL C 341 -24.45 29.13 -41.22
C VAL C 341 -24.00 29.75 -39.91
N THR C 342 -23.77 31.06 -39.93
CA THR C 342 -23.39 31.82 -38.74
C THR C 342 -24.29 33.04 -38.61
N TRP C 343 -24.71 33.33 -37.38
CA TRP C 343 -25.61 34.45 -37.13
C TRP C 343 -25.16 35.19 -35.88
N ASP C 344 -25.17 36.53 -35.97
CA ASP C 344 -24.80 37.41 -34.86
C ASP C 344 -23.40 37.12 -34.34
N GLY C 345 -22.49 36.74 -35.24
CA GLY C 345 -21.12 36.45 -34.84
C GLY C 345 -20.96 35.21 -33.99
N LYS C 346 -21.99 34.38 -33.88
CA LYS C 346 -21.95 33.15 -33.09
C LYS C 346 -22.04 31.95 -34.02
N ASP C 347 -21.12 31.00 -33.85
CA ASP C 347 -21.10 29.82 -34.68
C ASP C 347 -22.23 28.87 -34.28
N LEU C 348 -23.37 28.99 -34.95
CA LEU C 348 -24.54 28.15 -34.70
C LEU C 348 -24.71 27.23 -35.89
N SER C 349 -24.04 26.09 -35.86
CA SER C 349 -24.08 25.10 -36.92
C SER C 349 -24.79 23.84 -36.45
N PHE C 350 -25.06 22.94 -37.40
CA PHE C 350 -25.72 21.68 -37.13
C PHE C 350 -24.95 20.55 -37.77
N THR C 351 -24.89 19.41 -37.09
CA THR C 351 -24.19 18.24 -37.59
C THR C 351 -25.05 17.50 -38.61
N GLU C 352 -24.63 16.30 -38.99
CA GLU C 352 -25.41 15.52 -39.94
C GLU C 352 -26.73 15.07 -39.35
N GLU C 353 -26.79 14.88 -38.03
CA GLU C 353 -28.00 14.47 -37.35
C GLU C 353 -28.81 15.65 -36.83
N GLY C 354 -28.40 16.88 -37.13
CA GLY C 354 -29.11 18.06 -36.66
C GLY C 354 -28.75 18.51 -35.27
N TYR C 355 -27.77 17.88 -34.63
CA TYR C 355 -27.35 18.27 -33.30
C TYR C 355 -26.63 19.61 -33.33
N GLN C 356 -26.87 20.43 -32.31
CA GLN C 356 -26.23 21.73 -32.24
C GLN C 356 -24.76 21.59 -31.90
N VAL C 357 -23.91 22.30 -32.66
CA VAL C 357 -22.47 22.20 -32.44
C VAL C 357 -22.08 22.86 -31.12
N HIS C 358 -22.69 24.01 -30.81
CA HIS C 358 -22.37 24.78 -29.60
C HIS C 358 -23.66 25.03 -28.82
N PRO C 359 -24.13 24.04 -28.06
CA PRO C 359 -25.30 24.23 -27.21
C PRO C 359 -24.92 25.01 -25.94
N ARG C 360 -25.91 25.16 -25.06
CA ARG C 360 -25.72 25.93 -23.82
C ARG C 360 -25.27 25.04 -22.68
N LEU C 361 -26.06 24.01 -22.36
CA LEU C 361 -25.75 23.06 -21.29
C LEU C 361 -25.57 23.77 -19.95
N VAL C 362 -26.67 24.37 -19.48
CA VAL C 362 -26.65 25.05 -18.19
C VAL C 362 -26.65 24.01 -17.09
N VAL C 363 -25.71 24.14 -16.16
CA VAL C 363 -25.56 23.20 -15.04
C VAL C 363 -26.44 23.67 -13.89
N ILE C 364 -27.25 22.76 -13.36
CA ILE C 364 -28.16 23.05 -12.26
C ILE C 364 -27.84 22.10 -11.11
N VAL C 365 -27.77 22.64 -9.90
CA VAL C 365 -27.46 21.88 -8.70
C VAL C 365 -28.61 22.07 -7.71
N LEU C 366 -29.11 20.96 -7.17
CA LEU C 366 -30.22 21.01 -6.22
C LEU C 366 -29.69 21.48 -4.86
N ASN C 367 -30.15 22.64 -4.43
CA ASN C 367 -29.73 23.21 -3.16
C ASN C 367 -30.56 22.62 -2.02
N LYS C 368 -30.15 22.93 -0.78
CA LYS C 368 -30.84 22.42 0.40
C LYS C 368 -32.27 22.94 0.51
N ASP C 369 -32.60 24.03 -0.16
CA ASP C 369 -33.94 24.59 -0.13
C ASP C 369 -34.82 24.08 -1.28
N ARG C 370 -34.39 23.00 -1.94
CA ARG C 370 -35.16 22.36 -3.01
C ARG C 370 -35.38 23.32 -4.18
N GLU C 371 -34.28 23.78 -4.76
CA GLU C 371 -34.33 24.63 -5.96
C GLU C 371 -33.06 24.40 -6.76
N TRP C 372 -33.12 24.79 -8.03
CA TRP C 372 -32.02 24.60 -8.96
C TRP C 372 -31.31 25.94 -9.17
N GLU C 373 -29.98 25.92 -9.07
CA GLU C 373 -29.16 27.12 -9.22
C GLU C 373 -28.14 26.90 -10.34
N LYS C 374 -27.97 27.92 -11.17
CA LYS C 374 -26.99 27.85 -12.25
C LYS C 374 -25.58 27.89 -11.68
N VAL C 375 -24.71 27.01 -12.19
CA VAL C 375 -23.34 26.92 -11.72
C VAL C 375 -22.38 27.06 -12.89
N GLY C 376 -22.56 26.24 -13.91
CA GLY C 376 -21.64 26.19 -15.04
C GLY C 376 -22.31 26.54 -16.35
N LYS C 377 -21.55 27.17 -17.24
CA LYS C 377 -21.99 27.51 -18.58
C LYS C 377 -21.02 26.91 -19.59
N TRP C 378 -21.56 26.35 -20.67
CA TRP C 378 -20.79 25.63 -21.67
C TRP C 378 -21.04 26.21 -23.05
N GLU C 379 -20.96 27.54 -23.16
CA GLU C 379 -21.25 28.23 -24.41
C GLU C 379 -19.97 28.62 -25.16
N ASN C 380 -18.96 29.12 -24.46
CA ASN C 380 -17.79 29.70 -25.09
C ASN C 380 -16.78 28.60 -25.43
N HIS C 381 -16.58 28.36 -26.74
CA HIS C 381 -15.53 27.48 -27.24
C HIS C 381 -15.62 26.08 -26.63
N THR C 382 -16.85 25.63 -26.37
CA THR C 382 -17.10 24.32 -25.77
C THR C 382 -16.31 24.13 -24.48
N LEU C 383 -16.21 25.20 -23.69
CA LEU C 383 -15.49 25.20 -22.43
C LEU C 383 -16.43 25.61 -21.31
N SER C 384 -16.32 24.94 -20.16
CA SER C 384 -17.20 25.17 -19.04
C SER C 384 -16.41 25.60 -17.82
N LEU C 385 -16.94 26.58 -17.09
CA LEU C 385 -16.36 27.07 -15.85
C LEU C 385 -17.40 27.03 -14.75
N ARG C 386 -16.96 26.80 -13.53
CA ARG C 386 -17.85 26.63 -12.39
C ARG C 386 -17.50 27.64 -11.30
N HIS C 387 -18.47 27.89 -10.43
CA HIS C 387 -18.30 28.80 -9.30
C HIS C 387 -17.54 28.16 -8.15
N ALA C 388 -17.23 26.86 -8.22
CA ALA C 388 -16.45 26.15 -7.21
C ALA C 388 -17.13 26.20 -5.84
N VAL C 389 -18.33 25.65 -5.79
CA VAL C 389 -19.11 25.54 -4.56
C VAL C 389 -19.22 24.04 -4.26
N TRP C 390 -18.31 23.54 -3.43
CA TRP C 390 -18.26 22.11 -3.12
C TRP C 390 -19.25 21.70 -2.03
N PRO C 391 -19.26 22.35 -0.84
CA PRO C 391 -20.11 21.84 0.24
C PRO C 391 -21.60 22.06 0.00
N ARG C 392 -22.32 20.99 -0.34
CA ARG C 392 -23.76 21.04 -0.53
C ARG C 392 -24.47 19.94 0.23
N TYR C 393 -23.78 19.22 1.11
CA TYR C 393 -24.35 18.10 1.85
C TYR C 393 -24.72 18.57 3.25
N LYS C 394 -26.03 18.63 3.53
CA LYS C 394 -26.50 19.05 4.83
C LYS C 394 -27.97 18.67 4.98
N SER C 395 -28.32 18.11 6.14
CA SER C 395 -29.71 17.81 6.50
C SER C 395 -30.35 16.85 5.48
N PHE C 396 -29.80 15.64 5.41
CA PHE C 396 -30.36 14.58 4.57
C PHE C 396 -31.25 13.65 5.37
N SER C 397 -30.71 13.05 6.44
CA SER C 397 -31.47 12.16 7.31
C SER C 397 -31.43 12.61 8.77
N ASP C 398 -30.99 13.84 9.03
CA ASP C 398 -30.89 14.39 10.38
C ASP C 398 -29.98 13.56 11.27
N CYS C 399 -29.01 12.86 10.66
CA CYS C 399 -28.07 12.02 11.39
C CYS C 399 -26.70 12.13 10.72
N GLU C 400 -25.75 11.35 11.25
CA GLU C 400 -24.36 11.26 10.81
C GLU C 400 -23.78 12.61 10.37
N PRO C 401 -23.58 13.55 11.29
CA PRO C 401 -22.99 14.84 10.89
C PRO C 401 -21.51 14.72 10.58
N ASP C 402 -21.20 14.24 9.39
CA ASP C 402 -19.81 14.00 9.01
C ASP C 402 -19.03 15.31 8.93
N ASP C 403 -17.77 15.27 9.35
CA ASP C 403 -16.88 16.42 9.29
C ASP C 403 -15.49 16.02 8.81
N ASN C 404 -15.41 15.01 7.95
CA ASN C 404 -14.13 14.50 7.47
C ASN C 404 -13.42 15.46 6.52
N HIS C 405 -14.11 16.50 6.04
CA HIS C 405 -13.49 17.48 5.14
C HIS C 405 -12.64 18.44 5.95
N LEU C 406 -11.51 17.93 6.44
CA LEU C 406 -10.59 18.71 7.26
C LEU C 406 -9.76 19.61 6.36
N SER C 407 -9.90 20.92 6.53
CA SER C 407 -9.16 21.88 5.73
C SER C 407 -7.67 21.80 6.06
N ILE C 408 -6.84 21.88 5.02
CA ILE C 408 -5.39 21.83 5.16
C ILE C 408 -4.83 23.15 4.67
N VAL C 409 -4.06 23.82 5.52
CA VAL C 409 -3.46 25.11 5.20
C VAL C 409 -1.98 24.91 4.94
N THR C 410 -1.48 25.51 3.86
CA THR C 410 -0.10 25.36 3.44
C THR C 410 0.55 26.73 3.28
N LEU C 411 1.86 26.76 3.41
CA LEU C 411 2.64 27.99 3.26
C LEU C 411 3.60 27.84 2.10
N GLU C 412 3.73 28.91 1.31
CA GLU C 412 4.64 28.92 0.17
C GLU C 412 6.08 28.85 0.66
N GLU C 413 6.71 27.69 0.53
CA GLU C 413 8.09 27.47 0.97
C GLU C 413 8.76 26.62 -0.12
N ALA C 414 9.39 27.30 -1.08
CA ALA C 414 9.94 26.62 -2.24
C ALA C 414 10.90 25.47 -1.90
N PRO C 415 11.80 25.59 -0.93
CA PRO C 415 12.63 24.41 -0.58
C PRO C 415 11.82 23.18 -0.19
N PHE C 416 10.67 23.36 0.45
CA PHE C 416 9.85 22.25 0.91
C PHE C 416 8.57 22.08 0.10
N VAL C 417 7.76 23.13 -0.01
CA VAL C 417 6.49 23.08 -0.74
C VAL C 417 6.54 24.16 -1.82
N ILE C 418 6.81 23.75 -3.05
CA ILE C 418 6.93 24.66 -4.19
C ILE C 418 5.75 24.44 -5.12
N VAL C 419 5.08 25.53 -5.50
CA VAL C 419 3.95 25.48 -6.42
C VAL C 419 4.34 26.15 -7.72
N GLU C 420 3.62 25.80 -8.78
CA GLU C 420 3.87 26.37 -10.10
C GLU C 420 2.57 26.31 -10.91
N ASP C 421 2.65 26.78 -12.15
CA ASP C 421 1.50 26.79 -13.03
C ASP C 421 1.25 25.39 -13.59
N ILE C 422 0.23 25.26 -14.42
CA ILE C 422 -0.17 23.98 -15.01
C ILE C 422 0.04 24.07 -16.52
N ASP C 423 0.84 23.16 -17.06
CA ASP C 423 1.01 23.09 -18.50
C ASP C 423 -0.31 22.69 -19.15
N PRO C 424 -0.68 23.31 -20.26
CA PRO C 424 -1.96 22.96 -20.91
C PRO C 424 -1.91 21.60 -21.58
N LEU C 425 -2.50 20.59 -20.93
CA LEU C 425 -2.64 19.27 -21.55
C LEU C 425 -4.02 18.67 -21.26
N THR C 426 -5.02 19.53 -20.99
CA THR C 426 -6.37 19.09 -20.63
C THR C 426 -6.34 18.19 -19.40
N GLU C 427 -5.49 18.54 -18.44
CA GLU C 427 -5.38 17.81 -17.18
C GLU C 427 -5.16 18.78 -16.04
N THR C 428 -5.47 18.33 -14.83
CA THR C 428 -5.25 19.11 -13.61
C THR C 428 -4.08 18.59 -12.80
N CYS C 429 -4.05 17.30 -12.49
CA CYS C 429 -2.93 16.67 -11.82
C CYS C 429 -2.15 15.83 -12.80
N VAL C 430 -0.82 15.79 -12.62
CA VAL C 430 0.05 15.11 -13.55
C VAL C 430 0.11 13.62 -13.21
N ARG C 431 0.57 13.29 -12.00
CA ARG C 431 0.64 11.90 -11.58
C ARG C 431 -0.10 11.69 -10.26
N ASN C 432 0.35 12.31 -9.18
CA ASN C 432 -0.24 12.08 -7.87
C ASN C 432 -0.41 13.36 -7.05
N THR C 433 -0.12 14.52 -7.60
CA THR C 433 -0.19 15.76 -6.84
C THR C 433 -1.63 16.08 -6.44
N VAL C 434 -1.80 16.50 -5.20
CA VAL C 434 -3.10 17.02 -4.75
C VAL C 434 -3.35 18.37 -5.39
N PRO C 435 -4.55 18.65 -5.90
CA PRO C 435 -4.81 19.97 -6.49
C PRO C 435 -4.76 21.06 -5.44
N CYS C 436 -3.97 22.10 -5.72
CA CYS C 436 -3.82 23.25 -4.84
C CYS C 436 -4.66 24.40 -5.37
N ARG C 437 -5.63 24.85 -4.58
CA ARG C 437 -6.49 25.97 -4.96
C ARG C 437 -5.97 27.23 -4.26
N LYS C 438 -5.44 28.15 -5.06
CA LYS C 438 -4.84 29.37 -4.54
C LYS C 438 -5.68 30.58 -4.94
N PHE C 439 -5.95 31.45 -3.97
CA PHE C 439 -6.67 32.69 -4.25
C PHE C 439 -5.74 33.70 -4.92
N VAL C 440 -6.18 34.28 -6.03
CA VAL C 440 -5.40 35.22 -6.81
C VAL C 440 -6.16 36.54 -6.88
N LYS C 441 -5.47 37.63 -6.54
CA LYS C 441 -6.06 38.96 -6.62
C LYS C 441 -5.91 39.52 -8.04
N ILE C 442 -6.92 40.26 -8.48
CA ILE C 442 -6.93 40.77 -9.85
C ILE C 442 -5.89 41.87 -10.02
N ASN C 443 -6.04 42.95 -9.27
CA ASN C 443 -5.12 44.09 -9.35
C ASN C 443 -4.93 44.66 -7.95
N ASN C 444 -4.36 45.86 -7.88
CA ASN C 444 -4.08 46.52 -6.61
C ASN C 444 -5.24 47.36 -6.11
N SER C 445 -6.37 47.37 -6.81
CA SER C 445 -7.53 48.17 -6.43
C SER C 445 -8.68 47.31 -5.92
N THR C 446 -9.13 46.34 -6.70
CA THR C 446 -10.21 45.47 -6.27
C THR C 446 -9.67 44.35 -5.38
N ASN C 447 -10.59 43.70 -4.66
CA ASN C 447 -10.25 42.64 -3.71
C ASN C 447 -11.19 41.46 -3.94
N GLU C 448 -10.80 40.57 -4.85
CA GLU C 448 -11.53 39.33 -5.09
C GLU C 448 -10.52 38.19 -5.23
N GLY C 449 -10.80 37.08 -4.55
CA GLY C 449 -9.92 35.92 -4.61
C GLY C 449 -10.29 34.97 -5.72
N MET C 450 -9.56 35.04 -6.83
CA MET C 450 -9.83 34.16 -7.97
C MET C 450 -9.41 32.73 -7.62
N ASN C 451 -10.31 31.78 -7.89
CA ASN C 451 -10.06 30.37 -7.59
C ASN C 451 -9.43 29.72 -8.82
N VAL C 452 -8.11 29.64 -8.83
CA VAL C 452 -7.35 29.07 -9.93
C VAL C 452 -6.54 27.90 -9.40
N LYS C 453 -6.71 26.74 -10.03
CA LYS C 453 -5.94 25.56 -9.65
C LYS C 453 -4.50 25.69 -10.14
N LYS C 454 -3.56 25.26 -9.30
CA LYS C 454 -2.14 25.30 -9.63
C LYS C 454 -1.49 23.99 -9.20
N CYS C 455 -0.60 23.47 -10.04
CA CYS C 455 0.12 22.25 -9.71
C CYS C 455 1.11 22.51 -8.58
N CYS C 456 1.25 21.54 -7.68
CA CYS C 456 2.08 21.71 -6.50
C CYS C 456 2.71 20.39 -6.12
N LYS C 457 4.02 20.41 -5.90
CA LYS C 457 4.78 19.25 -5.44
C LYS C 457 5.59 19.65 -4.21
N GLY C 458 5.65 18.74 -3.23
CA GLY C 458 6.39 19.03 -2.01
C GLY C 458 6.52 17.80 -1.14
N PHE C 459 7.49 17.88 -0.22
CA PHE C 459 7.69 16.81 0.75
C PHE C 459 6.48 16.69 1.68
N CYS C 460 5.93 17.81 2.11
CA CYS C 460 4.74 17.79 2.95
C CYS C 460 3.55 17.17 2.23
N ILE C 461 3.48 17.37 0.91
CA ILE C 461 2.42 16.72 0.13
C ILE C 461 2.57 15.20 0.18
N ASP C 462 3.79 14.71 0.06
CA ASP C 462 4.01 13.26 0.16
C ASP C 462 3.69 12.76 1.56
N ILE C 463 4.04 13.54 2.59
CA ILE C 463 3.71 13.14 3.96
C ILE C 463 2.21 13.04 4.14
N LEU C 464 1.46 14.03 3.64
CA LEU C 464 0.00 14.00 3.74
C LEU C 464 -0.58 12.82 2.97
N LYS C 465 -0.04 12.53 1.79
CA LYS C 465 -0.53 11.39 1.00
C LYS C 465 -0.29 10.08 1.74
N LYS C 466 0.89 9.93 2.36
CA LYS C 466 1.16 8.72 3.13
C LYS C 466 0.26 8.61 4.35
N LEU C 467 0.00 9.73 5.04
CA LEU C 467 -0.86 9.70 6.20
C LEU C 467 -2.32 9.43 5.83
N SER C 468 -2.72 9.80 4.62
CA SER C 468 -4.10 9.58 4.19
C SER C 468 -4.44 8.10 4.13
N ARG C 469 -3.51 7.28 3.63
CA ARG C 469 -3.76 5.84 3.54
C ARG C 469 -3.89 5.18 4.91
N THR C 470 -3.36 5.80 5.95
CA THR C 470 -3.47 5.26 7.31
C THR C 470 -4.67 5.80 8.07
N VAL C 471 -4.98 7.10 7.91
CA VAL C 471 -6.14 7.66 8.59
C VAL C 471 -7.44 7.35 7.86
N LYS C 472 -7.38 7.05 6.57
CA LYS C 472 -8.56 6.72 5.76
C LYS C 472 -9.57 7.87 5.77
N PHE C 473 -9.08 9.07 5.47
CA PHE C 473 -9.94 10.24 5.35
C PHE C 473 -9.38 11.16 4.28
N THR C 474 -10.24 12.00 3.73
CA THR C 474 -9.87 12.94 2.69
C THR C 474 -9.40 14.26 3.27
N TYR C 475 -8.52 14.94 2.55
CA TYR C 475 -7.98 16.22 2.98
C TYR C 475 -7.89 17.14 1.77
N ASP C 476 -8.68 18.21 1.78
CA ASP C 476 -8.66 19.20 0.70
C ASP C 476 -7.74 20.36 1.08
N LEU C 477 -6.74 20.62 0.25
CA LEU C 477 -5.78 21.67 0.55
C LEU C 477 -6.43 23.04 0.39
N TYR C 478 -6.02 23.97 1.25
CA TYR C 478 -6.54 25.35 1.25
C TYR C 478 -5.36 26.29 1.44
N LEU C 479 -4.81 26.74 0.31
CA LEU C 479 -3.68 27.66 0.36
C LEU C 479 -4.14 29.06 0.78
N VAL C 480 -3.27 29.76 1.51
CA VAL C 480 -3.57 31.09 2.01
C VAL C 480 -2.48 32.05 1.56
N THR C 481 -2.84 33.34 1.53
CA THR C 481 -1.92 34.40 1.13
C THR C 481 -1.79 35.53 2.13
N ASN C 482 -2.63 35.59 3.15
CA ASN C 482 -2.56 36.65 4.15
C ASN C 482 -1.46 36.34 5.15
N GLY C 483 -0.33 37.05 5.05
CA GLY C 483 0.79 36.83 5.93
C GLY C 483 1.63 35.64 5.51
N LYS C 484 2.77 35.49 6.19
CA LYS C 484 3.67 34.38 5.93
C LYS C 484 3.77 33.43 7.12
N HIS C 485 4.13 33.93 8.30
CA HIS C 485 4.18 33.12 9.51
C HIS C 485 3.22 33.59 10.57
N GLY C 486 3.26 34.87 10.93
CA GLY C 486 2.37 35.40 11.95
C GLY C 486 3.11 36.10 13.08
N LYS C 487 2.54 37.20 13.57
CA LYS C 487 3.14 37.96 14.65
C LYS C 487 2.03 38.32 15.65
N LYS C 488 2.37 39.19 16.60
CA LYS C 488 1.43 39.68 17.60
C LYS C 488 1.37 41.20 17.48
N VAL C 489 0.51 41.69 16.60
CA VAL C 489 0.35 43.13 16.37
C VAL C 489 -0.89 43.55 17.15
N ASN C 490 -0.68 44.01 18.38
CA ASN C 490 -1.76 44.42 19.28
C ASN C 490 -2.75 43.27 19.50
N ASN C 491 -2.19 42.12 19.90
CA ASN C 491 -2.97 40.92 20.20
C ASN C 491 -3.83 40.50 19.00
N VAL C 492 -3.23 40.53 17.82
CA VAL C 492 -3.88 40.10 16.59
C VAL C 492 -2.99 39.06 15.93
N TRP C 493 -3.58 37.91 15.58
CA TRP C 493 -2.86 36.81 14.97
C TRP C 493 -3.05 36.84 13.45
N ASN C 494 -1.96 36.64 12.72
CA ASN C 494 -1.97 36.66 11.27
C ASN C 494 -1.27 35.39 10.76
N GLY C 495 -1.24 35.22 9.45
CA GLY C 495 -0.59 34.07 8.85
C GLY C 495 -1.41 32.80 9.01
N MET C 496 -0.72 31.68 8.81
CA MET C 496 -1.37 30.38 8.94
C MET C 496 -1.82 30.12 10.37
N ILE C 497 -0.98 30.49 11.35
CA ILE C 497 -1.37 30.33 12.74
C ILE C 497 -2.58 31.19 13.06
N GLY C 498 -2.59 32.44 12.58
CA GLY C 498 -3.74 33.31 12.77
C GLY C 498 -5.00 32.78 12.13
N GLU C 499 -4.90 32.20 10.93
CA GLU C 499 -6.06 31.62 10.29
C GLU C 499 -6.58 30.40 11.04
N VAL C 500 -5.67 29.56 11.57
CA VAL C 500 -6.11 28.35 12.27
C VAL C 500 -6.55 28.61 13.70
N VAL C 501 -6.20 29.77 14.26
CA VAL C 501 -6.60 30.06 15.65
C VAL C 501 -8.10 30.29 15.75
N TYR C 502 -8.68 30.97 14.75
CA TYR C 502 -10.07 31.42 14.83
C TYR C 502 -11.06 30.41 14.27
N GLN C 503 -10.76 29.12 14.37
CA GLN C 503 -11.66 28.04 13.95
C GLN C 503 -12.01 28.15 12.47
N ARG C 504 -11.04 28.60 11.67
CA ARG C 504 -11.20 28.70 10.23
C ARG C 504 -10.57 27.53 9.48
N ALA C 505 -9.96 26.58 10.18
CA ALA C 505 -9.34 25.41 9.57
C ALA C 505 -9.27 24.31 10.62
N VAL C 506 -8.60 23.22 10.28
CA VAL C 506 -8.47 22.08 11.18
C VAL C 506 -7.00 21.80 11.43
N MET C 507 -6.26 21.49 10.35
CA MET C 507 -4.86 21.12 10.43
C MET C 507 -4.02 22.06 9.59
N ALA C 508 -2.86 22.44 10.12
CA ALA C 508 -1.92 23.32 9.44
C ALA C 508 -0.65 22.53 9.12
N VAL C 509 -0.26 22.55 7.85
CA VAL C 509 0.91 21.82 7.37
C VAL C 509 1.88 22.82 6.75
N GLY C 510 3.13 22.80 7.21
CA GLY C 510 4.14 23.68 6.69
C GLY C 510 5.38 23.76 7.56
N SER C 511 6.14 24.85 7.44
CA SER C 511 7.35 25.06 8.21
C SER C 511 7.01 26.06 9.33
N LEU C 512 6.56 25.52 10.46
CA LEU C 512 6.16 26.32 11.62
C LEU C 512 6.99 25.84 12.82
N THR C 513 8.10 26.53 13.08
CA THR C 513 8.97 26.14 14.18
C THR C 513 8.23 26.24 15.51
N ILE C 514 8.49 25.28 16.38
CA ILE C 514 7.81 25.23 17.67
C ILE C 514 8.32 26.36 18.55
N ASN C 515 7.40 27.20 19.02
CA ASN C 515 7.73 28.33 19.88
C ASN C 515 6.72 28.42 21.01
N GLU C 516 7.17 28.98 22.14
CA GLU C 516 6.28 29.18 23.28
C GLU C 516 5.17 30.16 22.95
N GLU C 517 5.50 31.23 22.21
CA GLU C 517 4.51 32.24 21.85
C GLU C 517 3.44 31.72 20.92
N ARG C 518 3.63 30.56 20.30
CA ARG C 518 2.63 29.94 19.45
C ARG C 518 1.96 28.72 20.05
N SER C 519 2.55 28.12 21.08
CA SER C 519 2.04 26.87 21.63
C SER C 519 0.81 27.07 22.50
N GLU C 520 0.57 28.28 23.01
CA GLU C 520 -0.58 28.50 23.88
C GLU C 520 -1.87 28.70 23.12
N VAL C 521 -1.82 28.89 21.80
CA VAL C 521 -3.02 29.08 20.99
C VAL C 521 -3.25 27.93 20.01
N VAL C 522 -2.26 27.09 19.76
CA VAL C 522 -2.41 25.96 18.84
C VAL C 522 -1.46 24.85 19.29
N ASP C 523 -1.91 23.61 19.13
CA ASP C 523 -1.11 22.45 19.50
C ASP C 523 -0.23 22.01 18.34
N PHE C 524 0.67 21.08 18.63
CA PHE C 524 1.57 20.52 17.63
C PHE C 524 1.76 19.03 17.91
N SER C 525 2.13 18.31 16.86
CA SER C 525 2.36 16.88 16.94
C SER C 525 3.84 16.60 17.15
N VAL C 526 4.22 15.33 17.12
CA VAL C 526 5.62 14.96 17.28
C VAL C 526 6.41 15.40 16.05
N PRO C 527 7.48 16.17 16.23
CA PRO C 527 8.26 16.62 15.05
C PRO C 527 8.89 15.44 14.32
N PHE C 528 8.95 15.57 13.00
CA PHE C 528 9.54 14.54 12.15
C PHE C 528 10.84 14.97 11.49
N VAL C 529 11.08 16.27 11.35
CA VAL C 529 12.31 16.81 10.77
C VAL C 529 12.95 17.74 11.78
N GLU C 530 14.25 17.59 11.98
CA GLU C 530 15.01 18.40 12.93
C GLU C 530 15.75 19.49 12.17
N THR C 531 15.77 20.70 12.73
CA THR C 531 16.44 21.84 12.11
C THR C 531 16.89 22.78 13.23
N GLY C 532 17.29 23.98 12.84
CA GLY C 532 17.74 24.96 13.80
C GLY C 532 18.08 26.27 13.13
N ILE C 533 18.82 27.10 13.87
CA ILE C 533 19.27 28.40 13.38
C ILE C 533 20.76 28.31 13.09
N SER C 534 21.16 28.81 11.92
CA SER C 534 22.54 28.73 11.48
C SER C 534 22.81 29.85 10.48
N VAL C 535 24.09 30.09 10.23
CA VAL C 535 24.54 31.10 9.30
C VAL C 535 25.40 30.45 8.23
N MET C 536 25.47 31.10 7.07
CA MET C 536 26.25 30.62 5.94
C MET C 536 27.21 31.71 5.49
N VAL C 537 28.50 31.38 5.45
CA VAL C 537 29.55 32.32 5.07
C VAL C 537 30.37 31.71 3.95
N SER C 538 30.63 32.51 2.91
CA SER C 538 31.44 32.04 1.79
C SER C 538 32.90 31.95 2.19
N ARG C 539 33.68 31.24 1.38
CA ARG C 539 35.10 31.08 1.61
C ARG C 539 35.91 32.21 0.98
N SER C 540 35.74 32.44 -0.32
CA SER C 540 36.46 33.49 -1.00
C SER C 540 35.62 34.09 -2.12
N SER C 556 58.58 9.91 20.07
CA SER C 556 59.85 10.10 20.74
C SER C 556 61.02 9.89 19.79
N VAL C 557 60.78 10.16 18.50
CA VAL C 557 61.82 10.01 17.50
C VAL C 557 62.91 11.07 17.70
N TRP C 558 62.52 12.28 18.10
CA TRP C 558 63.49 13.36 18.25
C TRP C 558 64.51 13.04 19.35
N VAL C 559 64.02 12.65 20.53
CA VAL C 559 64.93 12.30 21.62
C VAL C 559 65.71 11.04 21.28
N MET C 560 65.09 10.10 20.55
CA MET C 560 65.79 8.88 20.17
C MET C 560 66.99 9.21 19.27
N MET C 561 66.80 10.05 18.27
CA MET C 561 67.91 10.41 17.40
C MET C 561 68.92 11.29 18.13
N PHE C 562 68.47 12.14 19.05
CA PHE C 562 69.39 12.95 19.83
C PHE C 562 70.31 12.09 20.69
N VAL C 563 69.78 11.04 21.31
CA VAL C 563 70.62 10.15 22.12
C VAL C 563 71.38 9.15 21.27
N MET C 564 70.93 8.86 20.05
CA MET C 564 71.67 7.95 19.17
C MET C 564 72.87 8.64 18.52
N LEU C 565 72.74 9.93 18.18
CA LEU C 565 73.87 10.62 17.58
C LEU C 565 75.03 10.75 18.55
N LEU C 566 74.74 10.95 19.84
CA LEU C 566 75.81 11.00 20.83
C LEU C 566 76.53 9.67 20.93
N ILE C 567 75.79 8.56 20.88
CA ILE C 567 76.41 7.24 20.96
C ILE C 567 77.26 6.98 19.72
N VAL C 568 76.75 7.30 18.54
CA VAL C 568 77.50 7.03 17.30
C VAL C 568 78.61 8.04 17.06
N SER C 569 78.64 9.14 17.81
CA SER C 569 79.76 10.08 17.74
C SER C 569 80.94 9.64 18.58
N ALA C 570 80.83 8.52 19.30
CA ALA C 570 81.94 7.96 20.04
C ALA C 570 82.16 6.47 19.80
N ILE C 571 81.17 5.75 19.25
CA ILE C 571 81.33 4.31 19.02
C ILE C 571 82.48 4.04 18.05
N ALA C 572 82.78 5.00 17.17
CA ALA C 572 83.93 4.89 16.28
C ALA C 572 85.14 5.65 16.78
N VAL C 573 84.93 6.69 17.59
CA VAL C 573 86.06 7.44 18.17
C VAL C 573 86.85 6.55 19.12
N PHE C 574 86.16 5.72 19.90
CA PHE C 574 86.86 4.80 20.78
C PHE C 574 87.73 3.82 19.99
N VAL C 575 87.19 3.29 18.89
CA VAL C 575 87.96 2.37 18.05
C VAL C 575 89.16 3.08 17.44
N PHE C 576 88.97 4.30 16.95
CA PHE C 576 90.07 5.06 16.36
C PHE C 576 91.15 5.34 17.39
N GLU C 577 90.76 5.70 18.62
CA GLU C 577 91.73 5.94 19.67
C GLU C 577 92.47 4.65 20.04
N TYR C 578 91.77 3.52 20.05
CA TYR C 578 92.43 2.25 20.32
C TYR C 578 93.40 1.87 19.20
N PHE C 579 93.12 2.29 17.97
CA PHE C 579 94.01 2.02 16.85
C PHE C 579 95.24 2.93 16.83
N SER C 580 95.20 4.06 17.54
CA SER C 580 96.33 4.99 17.50
C SER C 580 97.63 4.39 18.02
N PRO C 581 97.68 3.70 19.17
CA PRO C 581 98.98 3.16 19.57
C PRO C 581 99.20 1.73 19.10
N SER C 598 95.23 9.82 10.98
CA SER C 598 94.11 10.12 11.86
C SER C 598 94.44 11.29 12.79
N PHE C 599 93.42 12.02 13.21
CA PHE C 599 93.60 13.16 14.10
C PHE C 599 92.37 13.26 14.98
N THR C 600 92.19 14.42 15.62
CA THR C 600 91.23 14.57 16.71
C THR C 600 89.80 14.58 16.18
N ILE C 601 88.86 14.93 17.07
CA ILE C 601 87.43 14.77 16.87
C ILE C 601 86.95 15.42 15.57
N GLY C 602 87.74 16.33 15.01
CA GLY C 602 87.37 16.95 13.75
C GLY C 602 87.16 15.93 12.64
N LYS C 603 88.03 14.93 12.56
CA LYS C 603 87.87 13.88 11.56
C LYS C 603 86.58 13.11 11.77
N ALA C 604 86.26 12.79 13.03
CA ALA C 604 85.02 12.08 13.32
C ALA C 604 83.81 12.93 12.95
N ILE C 605 83.86 14.23 13.24
CA ILE C 605 82.74 15.12 12.91
C ILE C 605 82.55 15.19 11.41
N TRP C 606 83.64 15.34 10.66
CA TRP C 606 83.54 15.39 9.21
C TRP C 606 83.01 14.08 8.64
N LEU C 607 83.47 12.94 9.15
CA LEU C 607 82.98 11.65 8.69
C LEU C 607 81.50 11.49 9.00
N LEU C 608 81.07 11.90 10.19
CA LEU C 608 79.66 11.79 10.54
C LEU C 608 78.78 12.65 9.65
N TRP C 609 79.21 13.89 9.37
CA TRP C 609 78.40 14.77 8.53
C TRP C 609 78.46 14.40 7.06
N GLY C 610 79.52 13.74 6.60
CA GLY C 610 79.55 13.22 5.25
C GLY C 610 78.98 11.85 5.07
N LEU C 611 78.64 11.17 6.17
CA LEU C 611 78.08 9.84 6.09
C LEU C 611 76.68 9.85 5.48
N VAL C 612 75.91 10.90 5.76
CA VAL C 612 74.55 10.97 5.23
C VAL C 612 74.59 11.15 3.72
N PHE C 613 73.54 10.66 3.06
CA PHE C 613 73.40 10.71 1.59
C PHE C 613 74.58 9.98 0.97
N ASN C 614 75.41 10.61 0.16
CA ASN C 614 76.56 9.95 -0.45
C ASN C 614 77.82 10.17 0.36
N THR C 625 92.01 0.50 6.90
CA THR C 625 91.00 0.56 7.95
C THR C 625 89.82 -0.36 7.63
N THR C 626 89.70 -1.44 8.39
CA THR C 626 88.62 -2.40 8.21
C THR C 626 87.42 -2.12 9.09
N SER C 627 87.46 -1.05 9.88
CA SER C 627 86.35 -0.72 10.77
C SER C 627 85.26 0.09 10.07
N LYS C 628 85.45 0.48 8.82
CA LYS C 628 84.46 1.27 8.11
C LYS C 628 83.31 0.44 7.56
N ILE C 629 83.42 -0.88 7.57
CA ILE C 629 82.30 -1.73 7.13
C ILE C 629 81.11 -1.57 8.07
N MET C 630 81.36 -1.57 9.38
CA MET C 630 80.28 -1.51 10.35
C MET C 630 79.62 -0.14 10.39
N VAL C 631 80.28 0.91 9.94
CA VAL C 631 79.64 2.21 9.82
C VAL C 631 78.99 2.39 8.44
N SER C 632 79.53 1.73 7.41
CA SER C 632 78.89 1.79 6.09
C SER C 632 77.56 1.05 6.09
N VAL C 633 77.49 -0.10 6.77
CA VAL C 633 76.22 -0.82 6.86
C VAL C 633 75.20 0.01 7.64
N TRP C 634 75.65 0.69 8.70
CA TRP C 634 74.75 1.56 9.45
C TRP C 634 74.29 2.74 8.61
N ALA C 635 75.18 3.28 7.77
CA ALA C 635 74.79 4.34 6.86
C ALA C 635 73.74 3.87 5.87
N PHE C 636 73.91 2.67 5.32
CA PHE C 636 72.92 2.13 4.40
C PHE C 636 71.59 1.91 5.09
N PHE C 637 71.62 1.40 6.33
CA PHE C 637 70.39 1.21 7.09
C PHE C 637 69.70 2.55 7.36
N ALA C 638 70.48 3.57 7.68
CA ALA C 638 69.91 4.90 7.91
C ALA C 638 69.33 5.49 6.63
N VAL C 639 69.97 5.21 5.48
CA VAL C 639 69.43 5.65 4.20
C VAL C 639 68.09 4.99 3.94
N ILE C 640 68.00 3.68 4.21
CA ILE C 640 66.73 2.98 4.05
C ILE C 640 65.67 3.57 4.99
N PHE C 641 66.06 3.85 6.23
CA PHE C 641 65.13 4.41 7.20
C PHE C 641 64.62 5.78 6.76
N LEU C 642 65.51 6.64 6.27
CA LEU C 642 65.07 7.96 5.84
C LEU C 642 64.24 7.89 4.57
N ALA C 643 64.54 6.95 3.67
CA ALA C 643 63.69 6.76 2.50
C ALA C 643 62.29 6.32 2.92
N SER C 644 62.20 5.40 3.88
CA SER C 644 60.88 4.98 4.38
C SER C 644 60.16 6.14 5.04
N TYR C 645 60.88 6.96 5.80
CA TYR C 645 60.26 8.12 6.45
C TYR C 645 59.73 9.11 5.41
N THR C 646 60.50 9.36 4.36
CA THR C 646 60.06 10.27 3.31
C THR C 646 58.84 9.71 2.59
N ALA C 647 58.83 8.40 2.33
CA ALA C 647 57.67 7.78 1.69
C ALA C 647 56.43 7.90 2.58
N ASN C 648 56.59 7.67 3.88
CA ASN C 648 55.46 7.79 4.81
C ASN C 648 54.95 9.23 4.87
N LEU C 649 55.87 10.21 4.88
CA LEU C 649 55.47 11.61 4.89
C LEU C 649 54.74 11.97 3.60
N ALA C 650 55.21 11.47 2.45
CA ALA C 650 54.54 11.74 1.20
C ALA C 650 53.14 11.14 1.18
N ALA C 651 52.99 9.91 1.70
CA ALA C 651 51.69 9.26 1.73
C ALA C 651 50.75 9.86 2.77
N PHE C 652 51.28 10.51 3.81
CA PHE C 652 50.44 11.13 4.82
C PHE C 652 49.69 12.36 4.30
N MET C 653 50.16 12.99 3.24
CA MET C 653 49.57 14.21 2.73
C MET C 653 48.27 13.97 1.96
N ILE C 654 47.90 12.72 1.69
CA ILE C 654 46.68 12.45 0.96
C ILE C 654 45.45 12.83 1.79
N GLN C 655 45.55 12.74 3.11
CA GLN C 655 44.44 13.07 3.98
C GLN C 655 44.87 14.03 5.09
N ASP C 660 39.09 27.98 11.35
CA ASP C 660 38.96 28.53 10.00
C ASP C 660 38.03 29.74 10.00
N GLN C 661 36.82 29.55 10.53
CA GLN C 661 35.84 30.62 10.59
C GLN C 661 35.28 30.76 12.00
N VAL C 662 34.21 31.56 12.15
CA VAL C 662 33.60 31.77 13.45
C VAL C 662 33.06 30.45 13.99
N THR C 663 33.19 30.26 15.30
CA THR C 663 32.75 29.03 15.95
C THR C 663 31.27 29.02 16.31
N GLY C 664 30.56 30.11 16.08
CA GLY C 664 29.15 30.17 16.38
C GLY C 664 28.76 31.57 16.80
N LEU C 665 27.73 31.64 17.65
CA LEU C 665 27.21 32.91 18.14
C LEU C 665 27.89 33.38 19.42
N SER C 666 28.89 32.66 19.90
CA SER C 666 29.61 33.02 21.13
C SER C 666 30.92 33.75 20.84
N ASP C 667 30.95 34.57 19.80
CA ASP C 667 32.12 35.33 19.42
C ASP C 667 31.87 36.82 19.69
N LYS C 668 32.93 37.52 20.11
CA LYS C 668 32.80 38.93 20.43
C LYS C 668 32.51 39.79 19.21
N LYS C 669 32.78 39.28 18.01
CA LYS C 669 32.53 40.06 16.79
C LYS C 669 31.05 40.36 16.62
N PHE C 670 30.19 39.39 16.93
CA PHE C 670 28.76 39.62 16.83
C PHE C 670 28.30 40.71 17.79
N GLN C 671 28.81 40.68 19.03
CA GLN C 671 28.44 41.71 20.01
C GLN C 671 28.93 43.09 19.58
N ARG C 672 30.15 43.17 19.06
CA ARG C 672 30.77 44.44 18.67
C ARG C 672 31.24 44.34 17.23
N PRO C 673 30.33 44.50 16.27
CA PRO C 673 30.73 44.44 14.86
C PRO C 673 31.52 45.65 14.39
N HIS C 674 31.58 46.72 15.18
CA HIS C 674 32.29 47.93 14.79
C HIS C 674 33.77 47.91 15.16
N ASP C 675 34.26 46.82 15.77
CA ASP C 675 35.67 46.73 16.12
C ASP C 675 36.55 46.74 14.88
N TYR C 676 36.14 46.03 13.84
CA TYR C 676 36.89 45.98 12.59
C TYR C 676 36.39 47.05 11.63
N SER C 677 37.27 47.47 10.72
CA SER C 677 36.90 48.48 9.74
C SER C 677 35.75 48.04 8.83
N PRO C 678 35.73 46.83 8.27
CA PRO C 678 34.55 46.40 7.50
C PRO C 678 33.44 45.96 8.42
N PRO C 679 32.30 46.68 8.43
CA PRO C 679 31.20 46.29 9.31
C PRO C 679 30.59 44.97 8.89
N PHE C 680 30.13 44.21 9.88
CA PHE C 680 29.47 42.93 9.60
C PHE C 680 28.06 43.18 9.06
N ARG C 681 27.72 42.50 7.97
CA ARG C 681 26.43 42.67 7.30
C ARG C 681 25.58 41.42 7.56
N PHE C 682 24.74 41.49 8.59
CA PHE C 682 23.86 40.40 8.97
C PHE C 682 22.41 40.87 8.92
N GLY C 683 21.53 39.98 8.51
CA GLY C 683 20.12 40.32 8.42
C GLY C 683 19.29 39.10 8.11
N THR C 684 17.98 39.29 8.11
CA THR C 684 17.02 38.22 7.84
C THR C 684 15.73 38.85 7.37
N VAL C 685 14.88 38.01 6.77
CA VAL C 685 13.58 38.48 6.27
C VAL C 685 12.70 38.88 7.45
N PRO C 686 11.91 39.95 7.34
CA PRO C 686 11.05 40.36 8.45
C PRO C 686 9.81 39.46 8.56
N ASN C 687 9.11 39.63 9.68
CA ASN C 687 7.86 38.90 9.96
C ASN C 687 8.08 37.38 9.95
N GLY C 688 9.25 36.95 10.38
CA GLY C 688 9.59 35.54 10.45
C GLY C 688 9.39 34.96 11.83
N SER C 689 10.13 33.89 12.10
CA SER C 689 10.06 33.21 13.40
C SER C 689 11.35 33.30 14.20
N THR C 690 12.51 33.32 13.54
CA THR C 690 13.78 33.40 14.25
C THR C 690 14.02 34.79 14.82
N GLU C 691 13.38 35.82 14.28
CA GLU C 691 13.56 37.18 14.80
C GLU C 691 13.10 37.29 16.24
N ARG C 692 11.94 36.70 16.57
CA ARG C 692 11.45 36.75 17.93
C ARG C 692 12.34 35.95 18.87
N ASN C 693 12.87 34.82 18.41
CA ASN C 693 13.79 34.03 19.22
C ASN C 693 15.07 34.81 19.50
N ILE C 694 15.59 35.52 18.49
CA ILE C 694 16.77 36.36 18.71
C ILE C 694 16.45 37.49 19.68
N ARG C 695 15.27 38.09 19.55
CA ARG C 695 14.86 39.16 20.45
C ARG C 695 14.79 38.68 21.89
N ASN C 696 14.27 37.47 22.11
CA ASN C 696 14.18 36.91 23.45
C ASN C 696 15.56 36.62 24.05
N ASN C 697 16.60 36.60 23.24
CA ASN C 697 17.97 36.34 23.72
C ASN C 697 18.90 37.52 23.52
N TYR C 698 18.89 38.14 22.34
CA TYR C 698 19.75 39.28 22.02
C TYR C 698 18.89 40.40 21.47
N PRO C 699 18.22 41.16 22.34
CA PRO C 699 17.33 42.24 21.86
C PRO C 699 18.08 43.42 21.25
N TYR C 700 19.39 43.51 21.42
CA TYR C 700 20.16 44.63 20.90
C TYR C 700 20.61 44.43 19.46
N MET C 701 20.30 43.29 18.85
CA MET C 701 20.70 43.02 17.47
C MET C 701 19.75 43.63 16.45
N HIS C 702 18.60 44.16 16.88
CA HIS C 702 17.66 44.74 15.93
C HIS C 702 18.23 45.97 15.24
N GLN C 703 19.07 46.74 15.94
CA GLN C 703 19.67 47.92 15.33
C GLN C 703 20.49 47.57 14.10
N TYR C 704 21.09 46.38 14.07
CA TYR C 704 21.82 45.93 12.88
C TYR C 704 20.94 45.12 11.94
N MET C 705 19.94 44.42 12.46
CA MET C 705 19.04 43.66 11.60
C MET C 705 18.23 44.57 10.69
N THR C 706 17.77 45.70 11.22
CA THR C 706 16.92 46.59 10.44
C THR C 706 17.64 47.20 9.24
N LYS C 707 18.95 47.42 9.37
CA LYS C 707 19.73 48.03 8.29
C LYS C 707 20.05 47.07 7.17
N PHE C 708 19.78 45.77 7.33
CA PHE C 708 20.10 44.78 6.31
C PHE C 708 18.91 43.86 6.04
N ASN C 709 17.69 44.35 6.24
CA ASN C 709 16.51 43.57 5.94
C ASN C 709 16.32 43.43 4.44
N GLN C 710 15.75 42.29 4.04
CA GLN C 710 15.47 41.98 2.64
C GLN C 710 13.99 41.68 2.47
N LYS C 711 13.60 41.40 1.23
CA LYS C 711 12.22 41.07 0.90
C LYS C 711 12.09 39.65 0.34
N GLY C 712 13.10 38.82 0.54
CA GLY C 712 13.06 37.45 0.04
C GLY C 712 14.27 36.64 0.43
N VAL C 713 14.09 35.33 0.59
CA VAL C 713 15.19 34.45 0.96
C VAL C 713 16.21 34.36 -0.17
N GLU C 714 15.75 34.39 -1.42
CA GLU C 714 16.65 34.29 -2.57
C GLU C 714 17.49 35.55 -2.75
N ASP C 715 17.08 36.67 -2.16
CA ASP C 715 17.87 37.90 -2.28
C ASP C 715 19.17 37.79 -1.51
N ALA C 716 19.21 36.99 -0.45
CA ALA C 716 20.43 36.84 0.34
C ALA C 716 21.56 36.24 -0.48
N LEU C 717 21.24 35.26 -1.33
CA LEU C 717 22.27 34.63 -2.16
C LEU C 717 22.92 35.64 -3.10
N VAL C 718 22.10 36.42 -3.81
CA VAL C 718 22.65 37.39 -4.74
C VAL C 718 23.37 38.52 -4.00
N SER C 719 22.88 38.90 -2.82
CA SER C 719 23.57 39.90 -2.02
C SER C 719 24.94 39.42 -1.60
N LEU C 720 25.05 38.16 -1.17
CA LEU C 720 26.34 37.60 -0.80
C LEU C 720 27.26 37.48 -2.01
N LYS C 721 26.71 37.09 -3.16
CA LYS C 721 27.52 36.99 -4.37
C LYS C 721 28.06 38.36 -4.78
N THR C 722 27.24 39.40 -4.67
CA THR C 722 27.64 40.75 -5.02
C THR C 722 28.31 41.48 -3.87
N GLY C 723 28.45 40.84 -2.70
CA GLY C 723 29.09 41.46 -1.56
C GLY C 723 28.21 42.37 -0.74
N LYS C 724 26.90 42.43 -1.04
CA LYS C 724 26.00 43.28 -0.27
C LYS C 724 25.76 42.76 1.14
N LEU C 725 26.06 41.48 1.41
CA LEU C 725 25.91 40.90 2.72
C LEU C 725 27.09 39.99 3.01
N ASP C 726 27.32 39.74 4.30
CA ASP C 726 28.39 38.86 4.75
C ASP C 726 27.90 37.47 5.12
N ALA C 727 26.75 37.37 5.77
CA ALA C 727 26.18 36.07 6.14
C ALA C 727 24.67 36.20 6.18
N PHE C 728 24.00 35.05 6.08
CA PHE C 728 22.55 34.97 6.10
C PHE C 728 22.10 34.22 7.35
N ILE C 729 21.16 34.80 8.08
CA ILE C 729 20.61 34.19 9.29
C ILE C 729 19.22 33.67 8.94
N TYR C 730 19.06 32.35 8.94
CA TYR C 730 17.80 31.72 8.58
C TYR C 730 17.82 30.28 9.09
N ASP C 731 16.74 29.56 8.78
CA ASP C 731 16.62 28.18 9.23
C ASP C 731 17.69 27.31 8.58
N ALA C 732 18.23 26.37 9.37
CA ALA C 732 19.31 25.53 8.88
C ALA C 732 18.86 24.63 7.74
N ALA C 733 17.65 24.07 7.84
CA ALA C 733 17.16 23.17 6.81
C ALA C 733 17.03 23.87 5.46
N VAL C 734 16.54 25.12 5.48
CA VAL C 734 16.43 25.88 4.25
C VAL C 734 17.80 26.16 3.65
N LEU C 735 18.77 26.53 4.50
CA LEU C 735 20.12 26.79 4.03
C LEU C 735 20.82 25.54 3.51
N ASN C 736 20.42 24.36 3.99
CA ASN C 736 21.03 23.12 3.48
C ASN C 736 20.75 22.94 1.99
N TYR C 737 19.52 23.22 1.56
CA TYR C 737 19.20 23.11 0.14
C TYR C 737 19.99 24.11 -0.69
N LYS C 738 20.12 25.34 -0.19
CA LYS C 738 20.90 26.35 -0.91
C LYS C 738 22.37 25.93 -1.03
N ALA C 739 22.93 25.39 0.05
CA ALA C 739 24.31 24.91 0.00
C ALA C 739 24.47 23.75 -0.96
N GLY C 740 23.50 22.82 -0.98
CA GLY C 740 23.60 21.67 -1.85
C GLY C 740 23.36 21.95 -3.32
N ARG C 741 22.55 22.96 -3.63
CA ARG C 741 22.26 23.32 -5.02
C ARG C 741 23.07 24.53 -5.49
N ASP C 742 24.03 24.99 -4.69
CA ASP C 742 24.85 26.13 -5.08
C ASP C 742 25.77 25.75 -6.23
N GLU C 743 25.95 26.67 -7.17
CA GLU C 743 26.84 26.45 -8.31
C GLU C 743 28.28 26.65 -7.85
N GLY C 744 29.11 25.63 -8.05
CA GLY C 744 30.49 25.67 -7.64
C GLY C 744 30.75 25.29 -6.20
N CYS C 745 29.71 25.04 -5.42
CA CYS C 745 29.82 24.63 -4.01
C CYS C 745 30.59 25.66 -3.19
N LYS C 746 30.47 26.94 -3.54
CA LYS C 746 31.14 27.98 -2.77
C LYS C 746 30.40 28.28 -1.47
N LEU C 747 29.09 28.03 -1.42
CA LEU C 747 28.31 28.26 -0.22
C LEU C 747 28.27 26.99 0.63
N VAL C 748 28.55 27.14 1.92
CA VAL C 748 28.57 26.00 2.84
C VAL C 748 28.19 26.50 4.23
N THR C 749 27.49 25.65 4.98
CA THR C 749 27.08 26.00 6.33
C THR C 749 28.31 26.13 7.24
N ILE C 750 28.17 26.95 8.28
CA ILE C 750 29.28 27.21 9.18
C ILE C 750 29.61 25.96 9.98
N GLY C 751 30.90 25.62 10.05
CA GLY C 751 31.32 24.47 10.80
C GLY C 751 30.81 23.16 10.22
N SER C 752 30.73 22.15 11.08
CA SER C 752 30.19 20.84 10.71
C SER C 752 28.69 20.77 11.00
N GLY C 753 27.93 21.72 10.46
CA GLY C 753 26.51 21.78 10.68
C GLY C 753 26.14 22.12 12.11
N TYR C 754 26.59 23.27 12.59
CA TYR C 754 26.27 23.70 13.95
C TYR C 754 24.79 24.03 14.08
N ILE C 755 24.15 23.47 15.10
CA ILE C 755 22.73 23.67 15.34
C ILE C 755 22.56 24.18 16.77
N PHE C 756 21.83 25.29 16.90
CA PHE C 756 21.51 25.88 18.20
C PHE C 756 20.00 26.07 18.28
N ALA C 757 19.43 25.75 19.44
CA ALA C 757 17.98 25.87 19.67
C ALA C 757 17.21 25.10 18.61
N THR C 758 17.38 23.77 18.66
CA THR C 758 16.86 22.89 17.62
C THR C 758 15.36 23.09 17.41
N THR C 759 14.57 22.79 18.43
CA THR C 759 13.10 22.91 18.43
C THR C 759 12.50 22.56 17.07
N GLY C 760 12.77 21.33 16.65
CA GLY C 760 12.32 20.88 15.33
C GLY C 760 10.81 20.97 15.21
N TYR C 761 10.36 21.38 14.02
CA TYR C 761 8.95 21.60 13.76
C TYR C 761 8.27 20.32 13.27
N GLY C 762 6.96 20.36 13.23
CA GLY C 762 6.18 19.24 12.76
C GLY C 762 4.81 19.68 12.29
N ILE C 763 3.89 18.72 12.25
CA ILE C 763 2.52 18.99 11.80
C ILE C 763 1.75 19.63 12.94
N ALA C 764 1.15 20.78 12.67
CA ALA C 764 0.36 21.50 13.66
C ALA C 764 -1.08 20.99 13.67
N LEU C 765 -1.77 21.26 14.78
CA LEU C 765 -3.15 20.87 14.94
C LEU C 765 -3.83 21.80 15.93
N GLN C 766 -5.09 22.14 15.64
CA GLN C 766 -5.81 23.12 16.45
C GLN C 766 -6.16 22.54 17.82
N LYS C 767 -6.42 23.45 18.76
CA LYS C 767 -6.77 23.04 20.13
C LYS C 767 -8.07 22.25 20.14
N GLY C 768 -8.09 21.21 20.97
CA GLY C 768 -9.30 20.42 21.15
C GLY C 768 -9.57 19.39 20.08
N SER C 769 -8.69 19.26 19.08
CA SER C 769 -8.91 18.30 18.02
C SER C 769 -8.56 16.89 18.52
N PRO C 770 -9.48 15.93 18.43
CA PRO C 770 -9.18 14.57 18.89
C PRO C 770 -8.33 13.76 17.92
N TRP C 771 -7.92 14.34 16.80
CA TRP C 771 -7.14 13.62 15.80
C TRP C 771 -5.65 13.56 16.13
N LYS C 772 -5.21 14.24 17.20
CA LYS C 772 -3.79 14.21 17.56
C LYS C 772 -3.33 12.80 17.92
N ARG C 773 -4.13 12.08 18.71
CA ARG C 773 -3.77 10.73 19.10
C ARG C 773 -3.78 9.77 17.90
N GLN C 774 -4.50 10.12 16.84
CA GLN C 774 -4.52 9.30 15.64
C GLN C 774 -3.38 9.63 14.68
N ILE C 775 -2.94 10.89 14.66
CA ILE C 775 -1.91 11.30 13.71
C ILE C 775 -0.51 11.12 14.26
N ASP C 776 -0.31 11.30 15.58
CA ASP C 776 1.03 11.17 16.14
C ASP C 776 1.52 9.73 16.04
N LEU C 777 0.66 8.75 16.31
CA LEU C 777 1.04 7.36 16.20
C LEU C 777 1.40 6.99 14.78
N ALA C 778 0.62 7.46 13.81
CA ALA C 778 0.91 7.17 12.40
C ALA C 778 2.23 7.81 11.97
N LEU C 779 2.48 9.05 12.39
CA LEU C 779 3.73 9.71 12.03
C LEU C 779 4.92 9.00 12.67
N LEU C 780 4.78 8.59 13.93
CA LEU C 780 5.86 7.85 14.60
C LEU C 780 6.12 6.52 13.91
N GLN C 781 5.06 5.82 13.51
CA GLN C 781 5.23 4.56 12.79
C GLN C 781 5.93 4.78 11.46
N PHE C 782 5.56 5.85 10.74
CA PHE C 782 6.23 6.15 9.48
C PHE C 782 7.70 6.47 9.69
N VAL C 783 8.02 7.23 10.74
CA VAL C 783 9.42 7.57 11.02
C VAL C 783 10.21 6.32 11.37
N GLY C 784 9.65 5.46 12.22
CA GLY C 784 10.37 4.28 12.68
C GLY C 784 10.45 3.15 11.68
N ASP C 785 9.54 3.11 10.71
CA ASP C 785 9.50 2.02 9.73
C ASP C 785 10.36 2.28 8.51
N GLY C 786 10.94 3.46 8.39
CA GLY C 786 11.84 3.77 7.29
C GLY C 786 11.26 4.58 6.16
N GLU C 787 10.03 5.08 6.30
CA GLU C 787 9.46 5.92 5.25
C GLU C 787 10.25 7.22 5.09
N MET C 788 10.68 7.80 6.20
CA MET C 788 11.49 9.02 6.14
C MET C 788 12.82 8.76 5.44
N GLU C 789 13.46 7.63 5.73
CA GLU C 789 14.77 7.34 5.15
C GLU C 789 14.69 7.18 3.64
N GLU C 790 13.68 6.46 3.14
CA GLU C 790 13.56 6.25 1.70
C GLU C 790 13.13 7.53 0.98
N LEU C 791 12.31 8.35 1.62
CA LEU C 791 11.87 9.60 1.02
C LEU C 791 12.90 10.72 1.17
N GLU C 792 13.94 10.51 1.98
CA GLU C 792 14.97 11.53 2.14
C GLU C 792 15.70 11.80 0.83
N THR C 793 16.03 10.73 0.08
CA THR C 793 16.72 10.91 -1.19
C THR C 793 15.86 11.56 -2.25
N CYS C 794 14.53 11.53 -2.09
CA CYS C 794 13.64 12.13 -3.08
C CYS C 794 13.83 13.65 -3.13
N TRP C 795 13.98 14.29 -1.98
CA TRP C 795 14.08 15.75 -1.90
C TRP C 795 15.42 16.22 -1.34
N LEU C 796 15.87 15.64 -0.22
CA LEU C 796 17.10 16.07 0.44
C LEU C 796 18.29 15.57 -0.37
N THR C 797 18.62 16.32 -1.41
CA THR C 797 19.76 16.01 -2.28
C THR C 797 20.79 17.13 -2.15
N GLY C 798 22.04 16.74 -1.90
CA GLY C 798 23.11 17.72 -1.77
C GLY C 798 24.45 17.10 -2.07
N ILE C 799 25.42 17.97 -2.36
CA ILE C 799 26.77 17.56 -2.70
C ILE C 799 27.64 17.75 -1.46
N CYS C 800 28.31 16.68 -1.03
CA CYS C 800 29.17 16.73 0.14
C CYS C 800 30.55 16.15 -0.18
N ASP C 815 52.28 24.00 7.40
CA ASP C 815 52.23 24.04 5.94
C ASP C 815 53.64 23.98 5.36
N ASN C 816 53.73 23.64 4.06
CA ASN C 816 55.03 23.54 3.41
C ASN C 816 55.73 24.89 3.38
N MET C 817 54.99 25.96 3.08
CA MET C 817 55.60 27.29 3.05
C MET C 817 56.08 27.70 4.42
N ALA C 818 55.30 27.42 5.46
CA ALA C 818 55.71 27.75 6.82
C ALA C 818 56.95 26.96 7.22
N GLY C 819 57.01 25.68 6.86
CA GLY C 819 58.19 24.88 7.16
C GLY C 819 59.43 25.39 6.44
N VAL C 820 59.27 25.77 5.17
CA VAL C 820 60.40 26.31 4.41
C VAL C 820 60.87 27.62 5.04
N PHE C 821 59.94 28.49 5.43
CA PHE C 821 60.32 29.75 6.06
C PHE C 821 61.05 29.52 7.39
N TYR C 822 60.55 28.57 8.20
CA TYR C 822 61.21 28.26 9.47
C TYR C 822 62.60 27.70 9.25
N MET C 823 62.75 26.81 8.26
CA MET C 823 64.06 26.25 7.98
C MET C 823 65.03 27.32 7.47
N LEU C 824 64.54 28.24 6.63
CA LEU C 824 65.39 29.31 6.15
C LEU C 824 65.82 30.23 7.29
N ALA C 825 64.89 30.54 8.21
CA ALA C 825 65.24 31.37 9.36
C ALA C 825 66.27 30.67 10.25
N ALA C 826 66.10 29.37 10.48
CA ALA C 826 67.07 28.62 11.27
C ALA C 826 68.43 28.60 10.60
N ALA C 827 68.47 28.42 9.28
CA ALA C 827 69.74 28.42 8.56
C ALA C 827 70.41 29.78 8.64
N MET C 828 69.63 30.86 8.49
CA MET C 828 70.19 32.20 8.60
C MET C 828 70.74 32.46 10.00
N ALA C 829 70.02 32.02 11.03
CA ALA C 829 70.50 32.18 12.40
C ALA C 829 71.80 31.41 12.62
N LEU C 830 71.86 30.17 12.12
CA LEU C 830 73.08 29.38 12.25
C LEU C 830 74.25 30.04 11.53
N SER C 831 74.00 30.56 10.32
CA SER C 831 75.06 31.21 9.57
C SER C 831 75.57 32.46 10.30
N LEU C 832 74.65 33.27 10.84
CA LEU C 832 75.08 34.49 11.51
C LEU C 832 75.80 34.19 12.81
N ILE C 833 75.34 33.19 13.56
CA ILE C 833 76.04 32.86 14.81
C ILE C 833 77.40 32.25 14.51
N THR C 834 77.53 31.47 13.43
CA THR C 834 78.82 30.96 13.03
C THR C 834 79.77 32.09 12.62
N PHE C 835 79.25 33.07 11.87
CA PHE C 835 80.07 34.21 11.47
C PHE C 835 80.53 35.01 12.68
N ILE C 836 79.63 35.21 13.65
CA ILE C 836 80.01 35.93 14.87
C ILE C 836 81.07 35.14 15.63
N TRP C 837 80.88 33.83 15.78
CA TRP C 837 81.85 32.99 16.48
C TRP C 837 82.95 32.52 15.55
N LYS D 25 -64.03 -15.84 29.51
CA LYS D 25 -64.29 -14.42 29.72
C LYS D 25 -63.70 -13.95 31.05
N ILE D 26 -63.78 -14.80 32.06
CA ILE D 26 -63.27 -14.45 33.39
C ILE D 26 -61.75 -14.59 33.40
N VAL D 27 -61.06 -13.52 33.79
CA VAL D 27 -59.61 -13.50 33.91
C VAL D 27 -59.27 -13.24 35.37
N ASN D 28 -58.45 -14.13 35.94
CA ASN D 28 -58.08 -14.05 37.35
C ASN D 28 -56.72 -13.35 37.50
N ILE D 29 -56.64 -12.44 38.46
CA ILE D 29 -55.41 -11.75 38.79
C ILE D 29 -55.05 -12.08 40.23
N GLY D 30 -53.83 -12.55 40.45
CA GLY D 30 -53.41 -13.00 41.76
C GLY D 30 -52.42 -12.09 42.44
N ALA D 31 -52.35 -12.18 43.77
CA ALA D 31 -51.43 -11.38 44.56
C ALA D 31 -51.17 -12.08 45.88
N VAL D 32 -49.93 -11.98 46.35
CA VAL D 32 -49.53 -12.57 47.62
C VAL D 32 -49.33 -11.41 48.60
N LEU D 33 -50.35 -11.13 49.40
CA LEU D 33 -50.34 -10.02 50.34
C LEU D 33 -50.76 -10.52 51.72
N SER D 34 -50.30 -9.80 52.75
CA SER D 34 -50.53 -10.21 54.12
C SER D 34 -51.78 -9.56 54.71
N THR D 35 -51.83 -8.23 54.74
CA THR D 35 -52.95 -7.53 55.34
C THR D 35 -54.19 -7.62 54.45
N ARG D 36 -55.36 -7.69 55.10
CA ARG D 36 -56.61 -7.74 54.36
C ARG D 36 -56.98 -6.40 53.74
N LYS D 37 -56.42 -5.31 54.26
CA LYS D 37 -56.65 -4.00 53.66
C LYS D 37 -56.09 -3.95 52.24
N HIS D 38 -54.92 -4.57 52.03
CA HIS D 38 -54.36 -4.63 50.69
C HIS D 38 -55.26 -5.42 49.74
N GLU D 39 -55.83 -6.53 50.21
CA GLU D 39 -56.75 -7.28 49.38
C GLU D 39 -58.00 -6.47 49.05
N GLN D 40 -58.53 -5.75 50.05
CA GLN D 40 -59.72 -4.94 49.81
C GLN D 40 -59.44 -3.82 48.81
N MET D 41 -58.29 -3.16 48.94
CA MET D 41 -57.96 -2.09 48.00
C MET D 41 -57.67 -2.64 46.61
N PHE D 42 -57.09 -3.84 46.51
CA PHE D 42 -56.91 -4.46 45.21
C PHE D 42 -58.24 -4.79 44.56
N ARG D 43 -59.20 -5.30 45.34
CA ARG D 43 -60.52 -5.57 44.80
C ARG D 43 -61.20 -4.28 44.34
N GLU D 44 -61.08 -3.22 45.13
CA GLU D 44 -61.65 -1.93 44.72
C GLU D 44 -61.00 -1.42 43.44
N ALA D 45 -59.67 -1.56 43.33
CA ALA D 45 -58.97 -1.10 42.15
C ALA D 45 -59.38 -1.88 40.90
N VAL D 46 -59.50 -3.21 41.02
CA VAL D 46 -59.89 -3.98 39.85
C VAL D 46 -61.35 -3.71 39.47
N ASN D 47 -62.21 -3.47 40.48
CA ASN D 47 -63.59 -3.09 40.17
C ASN D 47 -63.64 -1.76 39.45
N GLN D 48 -62.84 -0.79 39.89
CA GLN D 48 -62.80 0.50 39.21
C GLN D 48 -62.26 0.36 37.79
N ALA D 49 -61.24 -0.49 37.60
CA ALA D 49 -60.69 -0.72 36.27
C ALA D 49 -61.74 -1.35 35.36
N ASN D 50 -62.54 -2.27 35.89
CA ASN D 50 -63.66 -2.81 35.11
C ASN D 50 -64.66 -1.72 34.78
N LYS D 51 -64.96 -0.84 35.74
CA LYS D 51 -65.85 0.28 35.47
C LYS D 51 -65.26 1.23 34.43
N ARG D 52 -63.96 1.51 34.52
CA ARG D 52 -63.30 2.41 33.59
C ARG D 52 -62.86 1.74 32.31
N HIS D 53 -63.05 0.42 32.20
CA HIS D 53 -62.65 -0.35 31.01
C HIS D 53 -61.16 -0.18 30.70
N TRP D 56 -67.02 -3.93 28.95
CA TRP D 56 -68.46 -4.02 29.14
C TRP D 56 -68.80 -5.09 30.17
N LYS D 57 -68.75 -6.35 29.74
CA LYS D 57 -69.04 -7.46 30.64
C LYS D 57 -67.90 -7.64 31.64
N ILE D 58 -68.24 -8.23 32.79
CA ILE D 58 -67.24 -8.47 33.83
C ILE D 58 -66.23 -9.51 33.35
N GLN D 59 -64.95 -9.18 33.46
CA GLN D 59 -63.90 -10.07 32.99
C GLN D 59 -62.74 -10.22 33.97
N LEU D 60 -62.79 -9.60 35.14
CA LEU D 60 -61.69 -9.64 36.10
C LEU D 60 -62.17 -10.24 37.42
N ASN D 61 -61.37 -11.14 37.97
CA ASN D 61 -61.65 -11.77 39.26
C ASN D 61 -60.44 -11.60 40.17
N ALA D 62 -60.71 -11.36 41.44
CA ALA D 62 -59.67 -11.11 42.44
C ALA D 62 -59.48 -12.33 43.31
N THR D 63 -58.23 -12.76 43.49
CA THR D 63 -57.90 -13.89 44.34
C THR D 63 -56.53 -13.64 44.94
N SER D 64 -56.44 -13.64 46.27
CA SER D 64 -55.20 -13.34 46.97
C SER D 64 -54.90 -14.43 48.00
N VAL D 65 -53.62 -14.55 48.34
CA VAL D 65 -53.15 -15.51 49.33
C VAL D 65 -52.24 -14.78 50.31
N THR D 66 -52.06 -15.38 51.48
CA THR D 66 -51.28 -14.79 52.56
C THR D 66 -49.86 -15.32 52.56
N HIS D 67 -48.93 -14.48 53.01
CA HIS D 67 -47.55 -14.87 53.16
C HIS D 67 -47.39 -15.81 54.36
N LYS D 68 -46.33 -16.61 54.32
CA LYS D 68 -46.03 -17.54 55.38
C LYS D 68 -44.57 -17.41 55.80
N PRO D 69 -44.25 -17.68 57.07
CA PRO D 69 -42.86 -17.61 57.51
C PRO D 69 -41.98 -18.70 56.90
N ASN D 70 -42.56 -19.74 56.34
CA ASN D 70 -41.79 -20.83 55.75
C ASN D 70 -41.11 -20.37 54.46
N ALA D 71 -40.38 -21.29 53.84
CA ALA D 71 -39.64 -21.03 52.62
C ALA D 71 -40.11 -21.86 51.44
N ILE D 72 -40.21 -23.18 51.61
CA ILE D 72 -40.60 -24.06 50.51
C ILE D 72 -42.08 -24.40 50.65
N GLN D 73 -42.57 -24.48 51.88
CA GLN D 73 -43.98 -24.77 52.10
C GLN D 73 -44.86 -23.67 51.53
N MET D 74 -44.49 -22.40 51.78
CA MET D 74 -45.25 -21.29 51.23
C MET D 74 -45.21 -21.28 49.71
N ALA D 75 -44.05 -21.59 49.14
CA ALA D 75 -43.93 -21.63 47.68
C ALA D 75 -44.83 -22.71 47.10
N LEU D 76 -44.84 -23.89 47.71
CA LEU D 76 -45.71 -24.97 47.24
C LEU D 76 -47.18 -24.57 47.36
N SER D 77 -47.56 -23.95 48.48
CA SER D 77 -48.95 -23.56 48.68
C SER D 77 -49.38 -22.53 47.64
N VAL D 78 -48.54 -21.51 47.40
CA VAL D 78 -48.92 -20.46 46.47
C VAL D 78 -48.94 -20.99 45.03
N CYS D 79 -48.00 -21.88 44.69
CA CYS D 79 -48.02 -22.45 43.35
C CYS D 79 -49.27 -23.32 43.14
N GLU D 80 -49.63 -24.12 44.14
CA GLU D 80 -50.84 -24.93 44.02
C GLU D 80 -52.09 -24.08 43.90
N ASP D 81 -52.16 -22.99 44.68
CA ASP D 81 -53.33 -22.11 44.64
C ASP D 81 -53.35 -21.21 43.41
N LEU D 82 -52.21 -21.01 42.74
CA LEU D 82 -52.10 -20.10 41.62
C LEU D 82 -52.25 -20.79 40.28
N ILE D 83 -51.55 -21.91 40.07
CA ILE D 83 -51.60 -22.59 38.77
C ILE D 83 -53.00 -23.12 38.51
N SER D 84 -53.67 -23.63 39.55
CA SER D 84 -55.01 -24.18 39.42
C SER D 84 -56.11 -23.11 39.42
N SER D 85 -55.74 -21.84 39.23
CA SER D 85 -56.72 -20.75 39.24
C SER D 85 -56.72 -19.92 37.98
N GLN D 86 -55.88 -20.24 36.99
CA GLN D 86 -55.84 -19.53 35.71
C GLN D 86 -55.58 -18.04 35.90
N VAL D 87 -54.40 -17.73 36.42
CA VAL D 87 -54.01 -16.36 36.72
C VAL D 87 -52.99 -15.89 35.69
N TYR D 88 -53.23 -14.69 35.14
CA TYR D 88 -52.37 -14.11 34.12
C TYR D 88 -51.34 -13.12 34.67
N ALA D 89 -51.71 -12.32 35.68
CA ALA D 89 -50.84 -11.28 36.20
C ALA D 89 -50.55 -11.52 37.67
N ILE D 90 -49.31 -11.23 38.07
CA ILE D 90 -48.85 -11.43 39.43
C ILE D 90 -48.36 -10.10 39.98
N LEU D 91 -48.85 -9.72 41.16
CA LEU D 91 -48.46 -8.49 41.83
C LEU D 91 -48.12 -8.82 43.28
N VAL D 92 -46.83 -9.00 43.57
CA VAL D 92 -46.35 -9.36 44.88
C VAL D 92 -45.33 -8.34 45.34
N SER D 93 -45.51 -7.79 46.54
CA SER D 93 -44.54 -6.88 47.11
C SER D 93 -43.29 -7.65 47.53
N HIS D 94 -42.13 -7.01 47.38
CA HIS D 94 -40.86 -7.66 47.71
C HIS D 94 -40.76 -8.06 49.17
N PRO D 95 -41.00 -7.19 50.15
CA PRO D 95 -40.92 -7.62 51.54
C PRO D 95 -42.28 -8.01 52.08
N PRO D 96 -42.36 -9.09 52.85
CA PRO D 96 -43.60 -9.39 53.59
C PRO D 96 -43.69 -8.68 54.93
N THR D 97 -42.56 -8.19 55.45
CA THR D 97 -42.48 -7.47 56.72
C THR D 97 -41.74 -6.16 56.47
N PRO D 98 -41.64 -5.26 57.46
CA PRO D 98 -40.84 -4.05 57.23
C PRO D 98 -39.40 -4.32 56.84
N ASN D 99 -38.79 -5.40 57.32
CA ASN D 99 -37.42 -5.72 56.96
C ASN D 99 -37.20 -7.22 57.11
N ASP D 100 -36.99 -7.90 55.98
CA ASP D 100 -36.68 -9.33 55.98
C ASP D 100 -36.01 -9.67 54.66
N HIS D 101 -35.47 -10.89 54.61
CA HIS D 101 -34.78 -11.40 53.43
C HIS D 101 -35.68 -12.23 52.52
N PHE D 102 -36.98 -12.28 52.81
CA PHE D 102 -37.90 -13.11 52.04
C PHE D 102 -38.19 -12.48 50.67
N THR D 103 -37.23 -12.58 49.76
CA THR D 103 -37.43 -12.06 48.42
C THR D 103 -38.46 -12.92 47.67
N PRO D 104 -39.26 -12.31 46.78
CA PRO D 104 -40.27 -13.08 46.06
C PRO D 104 -39.68 -13.86 44.89
N THR D 105 -38.55 -14.53 45.11
CA THR D 105 -38.02 -15.45 44.10
C THR D 105 -38.90 -16.68 43.91
N PRO D 106 -39.36 -17.38 44.96
CA PRO D 106 -40.11 -18.62 44.70
C PRO D 106 -41.39 -18.43 43.92
N VAL D 107 -42.13 -17.35 44.15
CA VAL D 107 -43.38 -17.14 43.42
C VAL D 107 -43.09 -16.92 41.95
N SER D 108 -42.08 -16.10 41.63
CA SER D 108 -41.72 -15.87 40.24
C SER D 108 -41.24 -17.16 39.58
N TYR D 109 -40.42 -17.94 40.27
CA TYR D 109 -39.93 -19.18 39.68
C TYR D 109 -41.04 -20.19 39.46
N THR D 110 -42.01 -20.27 40.37
CA THR D 110 -43.15 -21.15 40.15
C THR D 110 -44.01 -20.67 39.00
N ALA D 111 -44.20 -19.35 38.88
CA ALA D 111 -44.97 -18.81 37.76
C ALA D 111 -44.23 -18.89 36.43
N GLY D 112 -42.92 -19.10 36.45
CA GLY D 112 -42.14 -19.19 35.24
C GLY D 112 -42.21 -20.53 34.52
N PHE D 113 -42.92 -21.51 35.08
CA PHE D 113 -43.07 -22.79 34.42
C PHE D 113 -43.81 -22.65 33.10
N TYR D 114 -44.89 -21.85 33.09
CA TYR D 114 -45.64 -21.56 31.89
C TYR D 114 -45.30 -20.19 31.30
N ARG D 115 -44.25 -19.54 31.80
CA ARG D 115 -43.85 -18.19 31.37
C ARG D 115 -45.01 -17.21 31.55
N ILE D 116 -45.43 -17.07 32.81
CA ILE D 116 -46.52 -16.17 33.18
C ILE D 116 -45.93 -14.79 33.49
N PRO D 117 -46.42 -13.73 32.86
CA PRO D 117 -45.89 -12.40 33.14
C PRO D 117 -46.12 -12.00 34.61
N VAL D 118 -45.06 -11.49 35.23
CA VAL D 118 -45.09 -11.09 36.63
C VAL D 118 -44.57 -9.67 36.74
N LEU D 119 -45.30 -8.82 37.46
CA LEU D 119 -44.90 -7.45 37.71
C LEU D 119 -44.60 -7.27 39.19
N GLY D 120 -43.39 -6.80 39.50
CA GLY D 120 -42.99 -6.59 40.89
C GLY D 120 -43.51 -5.27 41.42
N LEU D 121 -43.97 -5.31 42.68
CA LEU D 121 -44.52 -4.11 43.30
C LEU D 121 -43.42 -3.24 43.89
N THR D 122 -42.61 -3.80 44.77
CA THR D 122 -41.53 -3.06 45.43
C THR D 122 -40.19 -3.78 45.31
N THR D 123 -40.01 -4.63 44.30
CA THR D 123 -38.75 -5.32 44.10
C THR D 123 -37.68 -4.34 43.62
N ARG D 124 -36.52 -4.37 44.28
CA ARG D 124 -35.44 -3.46 43.94
C ARG D 124 -34.08 -4.12 43.81
N MET D 125 -33.91 -5.36 44.27
CA MET D 125 -32.64 -6.05 44.15
C MET D 125 -32.35 -6.39 42.69
N SER D 126 -31.07 -6.33 42.33
CA SER D 126 -30.66 -6.53 40.94
C SER D 126 -30.75 -7.99 40.50
N ILE D 127 -31.14 -8.90 41.40
CA ILE D 127 -31.27 -10.30 41.01
C ILE D 127 -32.33 -10.46 39.92
N TYR D 128 -33.40 -9.67 40.00
CA TYR D 128 -34.46 -9.70 38.99
C TYR D 128 -34.16 -8.82 37.79
N SER D 129 -33.05 -8.07 37.81
CA SER D 129 -32.80 -7.09 36.76
C SER D 129 -32.41 -7.77 35.45
N ASP D 130 -31.53 -8.76 35.50
CA ASP D 130 -31.06 -9.41 34.29
C ASP D 130 -32.18 -10.20 33.63
N LYS D 131 -32.25 -10.08 32.29
CA LYS D 131 -33.28 -10.76 31.51
C LYS D 131 -32.87 -12.17 31.11
N SER D 132 -31.61 -12.55 31.31
CA SER D 132 -31.16 -13.89 30.92
C SER D 132 -31.81 -14.96 31.80
N ILE D 133 -31.88 -14.72 33.11
CA ILE D 133 -32.47 -15.69 34.03
C ILE D 133 -33.97 -15.49 34.14
N HIS D 134 -34.41 -14.25 34.34
CA HIS D 134 -35.82 -13.93 34.47
C HIS D 134 -36.41 -13.65 33.10
N LEU D 135 -37.46 -14.38 32.73
CA LEU D 135 -38.04 -14.29 31.40
C LEU D 135 -39.23 -13.33 31.35
N SER D 136 -40.17 -13.47 32.28
CA SER D 136 -41.38 -12.66 32.28
C SER D 136 -41.66 -12.11 33.68
N PHE D 137 -40.64 -11.54 34.32
CA PHE D 137 -40.76 -11.02 35.67
C PHE D 137 -40.20 -9.60 35.69
N LEU D 138 -41.10 -8.63 35.60
CA LEU D 138 -40.74 -7.21 35.57
C LEU D 138 -41.09 -6.56 36.90
N ARG D 139 -40.87 -5.25 36.97
CA ARG D 139 -41.11 -4.48 38.19
C ARG D 139 -41.88 -3.21 37.85
N THR D 140 -42.57 -2.69 38.87
CA THR D 140 -43.27 -1.41 38.76
C THR D 140 -42.46 -0.26 39.37
N VAL D 141 -41.27 -0.52 39.89
CA VAL D 141 -40.43 0.51 40.48
C VAL D 141 -39.04 0.40 39.91
N PRO D 142 -38.32 1.51 39.79
CA PRO D 142 -36.96 1.48 39.26
C PRO D 142 -36.02 0.76 40.22
N PRO D 143 -35.00 0.09 39.70
CA PRO D 143 -34.03 -0.59 40.57
C PRO D 143 -32.94 0.34 41.07
N TYR D 144 -31.95 -0.22 41.78
CA TYR D 144 -30.81 0.56 42.25
C TYR D 144 -29.88 0.98 41.12
N SER D 145 -30.06 0.43 39.91
CA SER D 145 -29.20 0.78 38.79
C SER D 145 -29.34 2.24 38.43
N HIS D 146 -30.53 2.82 38.65
CA HIS D 146 -30.74 4.24 38.37
C HIS D 146 -29.88 5.13 39.26
N GLN D 147 -29.48 4.63 40.44
CA GLN D 147 -28.55 5.40 41.27
C GLN D 147 -27.19 5.56 40.57
N SER D 148 -26.79 4.57 39.77
CA SER D 148 -25.56 4.71 39.00
C SER D 148 -25.71 5.79 37.93
N SER D 149 -26.87 5.86 37.29
CA SER D 149 -27.09 6.86 36.24
C SER D 149 -27.21 8.26 36.83
N VAL D 150 -27.82 8.39 38.01
CA VAL D 150 -27.99 9.71 38.61
C VAL D 150 -26.66 10.33 39.02
N TRP D 151 -25.60 9.52 39.13
CA TRP D 151 -24.29 10.09 39.43
C TRP D 151 -23.83 11.00 38.31
N PHE D 152 -24.16 10.66 37.05
CA PHE D 152 -23.83 11.53 35.94
C PHE D 152 -24.57 12.87 36.04
N GLU D 153 -25.84 12.83 36.44
CA GLU D 153 -26.59 14.07 36.65
C GLU D 153 -25.98 14.90 37.77
N MET D 154 -25.52 14.26 38.84
CA MET D 154 -24.84 15.00 39.90
C MET D 154 -23.54 15.62 39.40
N MET D 155 -22.76 14.86 38.63
CA MET D 155 -21.46 15.34 38.16
C MET D 155 -21.59 16.48 37.17
N ARG D 156 -22.57 16.41 36.26
CA ARG D 156 -22.75 17.49 35.28
C ARG D 156 -23.17 18.80 35.94
N VAL D 157 -23.68 18.75 37.17
CA VAL D 157 -24.03 19.95 37.92
C VAL D 157 -22.88 20.43 38.79
N TYR D 158 -22.21 19.50 39.47
CA TYR D 158 -21.08 19.87 40.33
C TYR D 158 -19.78 20.06 39.56
N SER D 159 -19.74 19.68 38.27
CA SER D 159 -18.57 19.88 37.41
C SER D 159 -17.33 19.20 37.99
N TRP D 160 -17.43 17.89 38.18
CA TRP D 160 -16.33 17.08 38.66
C TRP D 160 -15.94 16.05 37.61
N ASN D 161 -14.74 15.49 37.78
CA ASN D 161 -14.22 14.51 36.82
C ASN D 161 -13.55 13.30 37.47
N HIS D 162 -13.56 13.18 38.78
CA HIS D 162 -12.91 12.07 39.48
C HIS D 162 -13.93 11.34 40.34
N ILE D 163 -13.94 10.00 40.24
CA ILE D 163 -14.86 9.16 40.98
C ILE D 163 -14.09 8.00 41.58
N ILE D 164 -14.29 7.75 42.87
CA ILE D 164 -13.74 6.59 43.57
C ILE D 164 -14.90 5.74 44.06
N LEU D 165 -14.88 4.46 43.74
CA LEU D 165 -16.00 3.56 43.99
C LEU D 165 -15.70 2.66 45.19
N LEU D 166 -16.65 2.58 46.11
CA LEU D 166 -16.59 1.69 47.27
C LEU D 166 -17.85 0.82 47.20
N VAL D 167 -17.77 -0.28 46.46
CA VAL D 167 -18.91 -1.15 46.19
C VAL D 167 -18.59 -2.56 46.66
N SER D 168 -19.55 -3.20 47.32
CA SER D 168 -19.37 -4.55 47.80
C SER D 168 -19.37 -5.55 46.64
N ASP D 169 -19.13 -6.81 46.96
CA ASP D 169 -19.05 -7.88 45.96
C ASP D 169 -20.37 -8.65 45.97
N ASP D 170 -21.22 -8.36 44.98
CA ASP D 170 -22.50 -9.03 44.82
C ASP D 170 -22.98 -8.81 43.39
N HIS D 171 -24.12 -9.43 43.06
CA HIS D 171 -24.69 -9.24 41.73
C HIS D 171 -25.08 -7.78 41.50
N GLU D 172 -25.66 -7.14 42.51
CA GLU D 172 -26.00 -5.73 42.42
C GLU D 172 -24.76 -4.88 42.20
N GLY D 173 -23.68 -5.18 42.93
CA GLY D 173 -22.45 -4.43 42.75
C GLY D 173 -21.86 -4.59 41.37
N ARG D 174 -21.85 -5.84 40.86
CA ARG D 174 -21.32 -6.08 39.52
C ARG D 174 -22.16 -5.37 38.47
N ALA D 175 -23.49 -5.42 38.60
CA ALA D 175 -24.34 -4.73 37.64
C ALA D 175 -24.13 -3.22 37.68
N ALA D 176 -24.01 -2.65 38.88
CA ALA D 176 -23.77 -1.23 39.01
C ALA D 176 -22.43 -0.85 38.40
N GLN D 177 -21.39 -1.64 38.64
CA GLN D 177 -20.08 -1.37 38.06
C GLN D 177 -20.13 -1.41 36.54
N LYS D 178 -20.78 -2.43 35.98
CA LYS D 178 -20.86 -2.55 34.52
C LYS D 178 -21.63 -1.38 33.93
N ARG D 179 -22.77 -1.03 34.53
CA ARG D 179 -23.56 0.08 34.02
C ARG D 179 -22.80 1.39 34.09
N LEU D 180 -22.11 1.64 35.21
CA LEU D 180 -21.34 2.87 35.36
C LEU D 180 -20.22 2.94 34.35
N GLU D 181 -19.51 1.82 34.12
CA GLU D 181 -18.45 1.81 33.13
C GLU D 181 -18.99 2.07 31.74
N THR D 182 -20.13 1.45 31.39
CA THR D 182 -20.71 1.66 30.07
C THR D 182 -21.14 3.11 29.87
N LEU D 183 -21.73 3.73 30.88
CA LEU D 183 -22.19 5.11 30.73
C LEU D 183 -21.09 6.13 30.93
N LEU D 184 -19.93 5.73 31.45
CA LEU D 184 -18.82 6.64 31.67
C LEU D 184 -17.77 6.58 30.57
N GLU D 185 -17.64 5.44 29.88
CA GLU D 185 -16.63 5.32 28.84
C GLU D 185 -16.89 6.25 27.66
N GLU D 186 -18.11 6.76 27.51
CA GLU D 186 -18.46 7.65 26.41
C GLU D 186 -18.20 9.12 26.72
N ARG D 187 -17.83 9.46 27.95
CA ARG D 187 -17.58 10.84 28.34
C ARG D 187 -16.10 11.16 28.43
N GLU D 188 -15.24 10.30 27.90
CA GLU D 188 -13.78 10.46 27.90
C GLU D 188 -13.20 10.47 29.30
N SER D 189 -13.93 9.98 30.30
CA SER D 189 -13.44 9.92 31.67
C SER D 189 -13.32 8.47 32.12
N LYS D 190 -12.26 8.18 32.88
CA LYS D 190 -12.00 6.84 33.37
C LYS D 190 -11.90 6.85 34.89
N ALA D 191 -12.48 5.83 35.52
CA ALA D 191 -12.40 5.71 36.97
C ALA D 191 -10.97 5.49 37.41
N GLU D 192 -10.60 6.11 38.54
CA GLU D 192 -9.23 6.01 39.02
C GLU D 192 -8.95 4.66 39.67
N LYS D 193 -9.68 4.34 40.74
CA LYS D 193 -9.50 3.08 41.45
C LYS D 193 -10.86 2.49 41.80
N VAL D 194 -10.92 1.16 41.79
CA VAL D 194 -12.11 0.41 42.17
C VAL D 194 -11.74 -0.53 43.31
N LEU D 195 -12.48 -0.46 44.41
CA LEU D 195 -12.22 -1.27 45.58
C LEU D 195 -13.40 -2.19 45.86
N GLN D 196 -13.09 -3.36 46.41
CA GLN D 196 -14.09 -4.40 46.66
C GLN D 196 -14.27 -4.60 48.16
N PHE D 197 -15.52 -4.70 48.60
CA PHE D 197 -15.86 -4.93 49.99
C PHE D 197 -16.33 -6.37 50.14
N ASP D 198 -15.56 -7.19 50.83
CA ASP D 198 -15.95 -8.57 51.11
C ASP D 198 -16.95 -8.58 52.27
N PRO D 199 -18.12 -9.17 52.10
CA PRO D 199 -19.10 -9.19 53.21
C PRO D 199 -18.56 -9.94 54.41
N GLY D 200 -18.89 -9.44 55.60
CA GLY D 200 -18.44 -10.04 56.84
C GLY D 200 -17.13 -9.50 57.38
N THR D 201 -16.37 -8.78 56.57
CA THR D 201 -15.10 -8.23 57.03
C THR D 201 -15.33 -7.07 57.99
N LYS D 202 -14.40 -6.92 58.94
CA LYS D 202 -14.47 -5.87 59.94
C LYS D 202 -13.33 -4.86 59.81
N ASN D 203 -12.10 -5.33 59.65
CA ASN D 203 -10.94 -4.45 59.55
C ASN D 203 -10.61 -4.28 58.07
N VAL D 204 -11.09 -3.18 57.49
CA VAL D 204 -10.87 -2.88 56.07
C VAL D 204 -10.17 -1.54 55.94
N THR D 205 -9.35 -1.19 56.94
CA THR D 205 -8.67 0.10 56.94
C THR D 205 -7.66 0.23 55.80
N ALA D 206 -7.22 -0.87 55.21
CA ALA D 206 -6.27 -0.80 54.11
C ALA D 206 -6.87 -0.08 52.91
N LEU D 207 -8.12 -0.38 52.58
CA LEU D 207 -8.77 0.30 51.46
C LEU D 207 -8.96 1.78 51.74
N LEU D 208 -9.31 2.14 52.98
CA LEU D 208 -9.44 3.55 53.32
C LEU D 208 -8.10 4.27 53.24
N MET D 209 -7.02 3.61 53.66
CA MET D 209 -5.69 4.20 53.53
C MET D 209 -5.32 4.39 52.06
N GLU D 210 -5.65 3.41 51.22
CA GLU D 210 -5.38 3.54 49.79
C GLU D 210 -6.17 4.70 49.19
N ALA D 211 -7.43 4.86 49.60
CA ALA D 211 -8.22 5.99 49.11
C ALA D 211 -7.64 7.31 49.59
N LYS D 212 -7.17 7.36 50.84
CA LYS D 212 -6.53 8.57 51.35
C LYS D 212 -5.27 8.90 50.56
N GLU D 213 -4.51 7.88 50.15
CA GLU D 213 -3.28 8.07 49.41
C GLU D 213 -3.50 8.46 47.95
N LEU D 214 -4.73 8.83 47.58
CA LEU D 214 -5.05 9.26 46.23
C LEU D 214 -5.33 10.76 46.22
N GLU D 215 -4.94 11.43 45.13
CA GLU D 215 -5.13 12.87 45.03
C GLU D 215 -6.60 13.25 45.03
N ALA D 216 -7.42 12.47 44.34
CA ALA D 216 -8.85 12.76 44.29
C ALA D 216 -9.51 12.44 45.63
N ARG D 217 -10.51 13.26 45.97
CA ARG D 217 -11.21 13.14 47.24
C ARG D 217 -12.72 13.10 47.03
N VAL D 218 -13.17 12.31 46.05
CA VAL D 218 -14.59 12.09 45.80
C VAL D 218 -14.89 10.63 46.11
N ILE D 219 -15.85 10.40 47.00
CA ILE D 219 -16.15 9.07 47.52
C ILE D 219 -17.55 8.68 47.08
N ILE D 220 -17.66 7.51 46.45
CA ILE D 220 -18.95 6.92 46.07
C ILE D 220 -19.04 5.56 46.74
N LEU D 221 -20.13 5.34 47.47
CA LEU D 221 -20.31 4.11 48.24
C LEU D 221 -21.67 3.50 47.91
N SER D 222 -21.70 2.18 47.79
CA SER D 222 -22.94 1.44 47.54
C SER D 222 -22.75 0.04 48.09
N ALA D 223 -23.31 -0.23 49.26
CA ALA D 223 -23.16 -1.51 49.92
C ALA D 223 -24.37 -1.75 50.82
N SER D 224 -24.28 -2.76 51.69
CA SER D 224 -25.37 -3.10 52.59
C SER D 224 -25.26 -2.27 53.87
N GLU D 225 -26.24 -2.43 54.76
CA GLU D 225 -26.27 -1.65 55.99
C GLU D 225 -25.09 -1.98 56.89
N ASP D 226 -24.77 -3.27 57.04
CA ASP D 226 -23.66 -3.67 57.89
C ASP D 226 -22.33 -3.17 57.32
N ASP D 227 -22.14 -3.25 56.00
CA ASP D 227 -20.93 -2.75 55.39
C ASP D 227 -20.81 -1.24 55.55
N ALA D 228 -21.93 -0.52 55.39
CA ALA D 228 -21.92 0.93 55.58
C ALA D 228 -21.56 1.28 57.01
N ALA D 229 -22.13 0.57 57.98
CA ALA D 229 -21.79 0.82 59.38
C ALA D 229 -20.32 0.54 59.67
N THR D 230 -19.79 -0.56 59.09
CA THR D 230 -18.38 -0.87 59.28
C THR D 230 -17.48 0.21 58.69
N VAL D 231 -17.84 0.71 57.50
CA VAL D 231 -17.05 1.78 56.89
C VAL D 231 -17.13 3.06 57.73
N TYR D 232 -18.32 3.40 58.23
CA TYR D 232 -18.48 4.61 59.02
C TYR D 232 -17.72 4.51 60.34
N ARG D 233 -17.65 3.32 60.92
CA ARG D 233 -16.90 3.16 62.17
C ARG D 233 -15.43 3.51 62.00
N ALA D 234 -14.82 3.07 60.90
CA ALA D 234 -13.44 3.43 60.61
C ALA D 234 -13.29 4.89 60.20
N ALA D 235 -14.24 5.41 59.41
CA ALA D 235 -14.18 6.80 58.96
C ALA D 235 -14.37 7.78 60.11
N ALA D 236 -14.98 7.34 61.22
CA ALA D 236 -15.11 8.22 62.38
C ALA D 236 -13.74 8.57 62.95
N MET D 237 -12.88 7.56 63.16
CA MET D 237 -11.55 7.83 63.67
C MET D 237 -10.64 8.41 62.57
N LEU D 238 -10.72 7.88 61.36
CA LEU D 238 -9.86 8.34 60.28
C LEU D 238 -10.32 9.72 59.78
N ASN D 239 -9.40 10.45 59.17
CA ASN D 239 -9.68 11.78 58.64
C ASN D 239 -10.24 11.64 57.23
N MET D 240 -11.44 11.08 57.15
CA MET D 240 -12.14 10.88 55.89
C MET D 240 -13.39 11.73 55.75
N THR D 241 -13.77 12.50 56.78
CA THR D 241 -14.96 13.33 56.74
C THR D 241 -14.71 14.73 57.31
N GLY D 242 -13.46 15.09 57.57
CA GLY D 242 -13.15 16.39 58.12
C GLY D 242 -13.49 17.53 57.18
N SER D 243 -12.77 17.63 56.07
CA SER D 243 -13.02 18.66 55.08
C SER D 243 -12.48 18.21 53.74
N GLY D 244 -13.04 18.78 52.67
CA GLY D 244 -12.59 18.44 51.34
C GLY D 244 -13.03 17.09 50.83
N TYR D 245 -14.08 16.51 51.40
CA TYR D 245 -14.59 15.22 50.98
C TYR D 245 -16.09 15.30 50.77
N VAL D 246 -16.58 14.48 49.84
CA VAL D 246 -18.00 14.40 49.53
C VAL D 246 -18.44 12.93 49.63
N TRP D 247 -19.54 12.68 50.33
CA TRP D 247 -20.06 11.34 50.54
C TRP D 247 -21.40 11.21 49.83
N LEU D 248 -21.39 10.57 48.67
CA LEU D 248 -22.59 10.29 47.89
C LEU D 248 -22.91 8.80 48.03
N VAL D 249 -24.02 8.48 48.67
CA VAL D 249 -24.41 7.11 48.95
C VAL D 249 -25.81 6.85 48.40
N GLY D 250 -26.22 5.59 48.46
CA GLY D 250 -27.50 5.17 47.91
C GLY D 250 -28.61 5.17 48.94
N GLU D 251 -29.71 4.50 48.56
CA GLU D 251 -30.89 4.47 49.43
C GLU D 251 -30.66 3.64 50.68
N ARG D 252 -29.93 2.54 50.56
CA ARG D 252 -29.77 1.61 51.68
C ARG D 252 -29.00 2.21 52.85
N GLU D 253 -28.32 3.34 52.66
CA GLU D 253 -27.54 3.96 53.71
C GLU D 253 -28.24 5.16 54.32
N ILE D 254 -29.54 5.30 54.09
CA ILE D 254 -30.32 6.40 54.67
C ILE D 254 -31.40 5.79 55.57
N SER D 255 -31.11 4.63 56.15
CA SER D 255 -32.05 3.96 57.03
C SER D 255 -31.28 3.06 57.99
N GLY D 256 -31.97 2.64 59.05
CA GLY D 256 -31.35 1.75 60.02
C GLY D 256 -30.27 2.47 60.82
N ASN D 257 -29.22 1.73 61.18
CA ASN D 257 -28.13 2.29 61.95
C ASN D 257 -27.31 3.30 61.15
N ALA D 258 -27.49 3.35 59.83
CA ALA D 258 -26.75 4.32 59.02
C ALA D 258 -27.12 5.74 59.39
N LEU D 259 -28.40 6.00 59.67
CA LEU D 259 -28.81 7.34 60.05
C LEU D 259 -28.15 7.79 61.35
N ARG D 260 -28.07 6.90 62.33
CA ARG D 260 -27.51 7.27 63.63
C ARG D 260 -25.99 7.17 63.68
N TYR D 261 -25.34 6.52 62.71
CA TYR D 261 -23.89 6.45 62.66
C TYR D 261 -23.31 7.13 61.42
N ALA D 262 -24.09 7.99 60.77
CA ALA D 262 -23.62 8.68 59.57
C ALA D 262 -23.28 10.14 59.90
N PRO D 263 -22.08 10.60 59.56
CA PRO D 263 -21.74 12.00 59.81
C PRO D 263 -22.57 12.94 58.96
N ASP D 264 -22.74 14.16 59.47
CA ASP D 264 -23.54 15.16 58.76
C ASP D 264 -22.87 15.59 57.47
N GLY D 265 -23.68 16.17 56.58
CA GLY D 265 -23.21 16.59 55.28
C GLY D 265 -23.33 15.56 54.18
N ILE D 266 -23.78 14.36 54.49
CA ILE D 266 -23.92 13.31 53.49
C ILE D 266 -25.15 13.59 52.63
N LEU D 267 -24.96 13.57 51.31
CA LEU D 267 -26.05 13.80 50.37
C LEU D 267 -26.69 12.45 50.04
N GLY D 268 -27.91 12.23 50.55
CA GLY D 268 -28.62 11.00 50.31
C GLY D 268 -29.49 11.06 49.07
N LEU D 269 -30.08 9.91 48.73
CA LEU D 269 -30.95 9.77 47.59
C LEU D 269 -32.22 9.01 47.99
N GLN D 270 -33.37 9.52 47.55
CA GLN D 270 -34.64 8.87 47.82
C GLN D 270 -35.55 9.07 46.60
N LEU D 271 -36.54 8.20 46.49
CA LEU D 271 -37.51 8.24 45.40
C LEU D 271 -38.86 8.65 45.94
N ILE D 272 -39.46 9.66 45.32
CA ILE D 272 -40.76 10.17 45.75
C ILE D 272 -41.85 9.21 45.28
N ASN D 273 -42.88 9.04 46.11
CA ASN D 273 -44.03 8.19 45.83
C ASN D 273 -43.63 6.73 45.61
N GLY D 274 -42.45 6.33 46.10
CA GLY D 274 -41.97 4.98 45.97
C GLY D 274 -42.18 4.10 47.18
N LYS D 275 -43.00 4.54 48.14
CA LYS D 275 -43.24 3.78 49.36
C LYS D 275 -44.69 3.37 49.57
N ASN D 276 -45.65 4.10 49.00
CA ASN D 276 -47.06 3.81 49.23
C ASN D 276 -47.45 2.53 48.50
N GLU D 277 -47.69 1.47 49.26
CA GLU D 277 -48.11 0.20 48.66
C GLU D 277 -49.45 0.35 47.96
N SER D 278 -50.36 1.14 48.53
CA SER D 278 -51.65 1.38 47.88
C SER D 278 -51.46 2.07 46.54
N ALA D 279 -50.59 3.08 46.48
CA ALA D 279 -50.33 3.76 45.22
C ALA D 279 -49.70 2.82 44.20
N HIS D 280 -48.77 1.97 44.65
CA HIS D 280 -48.15 1.00 43.75
C HIS D 280 -49.17 0.03 43.20
N ILE D 281 -50.07 -0.46 44.06
CA ILE D 281 -51.11 -1.38 43.61
C ILE D 281 -52.05 -0.70 42.62
N SER D 282 -52.42 0.55 42.90
CA SER D 282 -53.29 1.28 41.98
C SER D 282 -52.63 1.47 40.63
N ASP D 283 -51.35 1.83 40.63
CA ASP D 283 -50.63 2.00 39.37
C ASP D 283 -50.54 0.68 38.60
N ALA D 284 -50.27 -0.42 39.31
CA ALA D 284 -50.20 -1.72 38.65
C ALA D 284 -51.55 -2.11 38.05
N VAL D 285 -52.64 -1.87 38.79
CA VAL D 285 -53.97 -2.17 38.28
C VAL D 285 -54.26 -1.32 37.04
N GLY D 286 -53.91 -0.05 37.09
CA GLY D 286 -54.11 0.81 35.92
C GLY D 286 -53.33 0.33 34.71
N VAL D 287 -52.09 -0.12 34.93
CA VAL D 287 -51.28 -0.64 33.83
C VAL D 287 -51.90 -1.90 33.25
N VAL D 288 -52.33 -2.83 34.12
CA VAL D 288 -52.89 -4.09 33.65
C VAL D 288 -54.27 -3.91 33.03
N ALA D 289 -54.96 -2.80 33.34
CA ALA D 289 -56.29 -2.59 32.77
C ALA D 289 -56.23 -2.49 31.25
N GLN D 290 -55.27 -1.76 30.71
CA GLN D 290 -55.12 -1.66 29.26
C GLN D 290 -54.69 -3.00 28.66
N ALA D 291 -53.81 -3.72 29.35
CA ALA D 291 -53.31 -5.00 28.84
C ALA D 291 -54.43 -6.03 28.76
N VAL D 292 -55.35 -6.04 29.73
CA VAL D 292 -56.44 -7.00 29.71
C VAL D 292 -57.31 -6.78 28.46
N HIS D 293 -57.64 -5.52 28.16
CA HIS D 293 -58.42 -5.21 26.98
C HIS D 293 -57.66 -5.46 25.69
N GLU D 294 -56.36 -5.21 25.65
CA GLU D 294 -55.56 -5.43 24.45
C GLU D 294 -55.23 -6.90 24.23
N LEU D 295 -55.40 -7.75 25.24
CA LEU D 295 -55.12 -9.17 25.07
C LEU D 295 -56.04 -9.80 24.02
N LEU D 296 -57.32 -9.44 24.06
CA LEU D 296 -58.29 -10.02 23.12
C LEU D 296 -58.19 -9.44 21.73
N GLU D 297 -57.44 -8.35 21.54
CA GLU D 297 -57.30 -7.76 20.21
C GLU D 297 -56.59 -8.71 19.25
N LYS D 298 -55.53 -9.36 19.72
CA LYS D 298 -54.79 -10.29 18.89
C LYS D 298 -55.45 -11.65 18.87
N GLU D 299 -55.31 -12.35 17.74
CA GLU D 299 -55.88 -13.68 17.57
C GLU D 299 -54.90 -14.73 18.12
N ASN D 300 -55.18 -16.00 17.83
CA ASN D 300 -54.34 -17.11 18.27
C ASN D 300 -54.18 -17.13 19.80
N ILE D 301 -55.28 -16.87 20.49
CA ILE D 301 -55.29 -16.86 21.96
C ILE D 301 -55.68 -18.24 22.46
N THR D 302 -54.93 -18.75 23.43
CA THR D 302 -55.15 -20.08 23.98
C THR D 302 -55.77 -19.96 25.37
N ASP D 303 -56.56 -20.98 25.73
CA ASP D 303 -57.20 -21.00 27.03
C ASP D 303 -56.16 -21.16 28.14
N PRO D 304 -56.37 -20.53 29.29
CA PRO D 304 -55.41 -20.67 30.38
C PRO D 304 -55.42 -22.10 30.93
N PRO D 305 -54.28 -22.59 31.42
CA PRO D 305 -54.25 -23.96 31.96
C PRO D 305 -54.95 -24.03 33.30
N ARG D 306 -55.84 -25.03 33.43
CA ARG D 306 -56.57 -25.23 34.67
C ARG D 306 -55.87 -26.25 35.57
N GLY D 307 -55.64 -27.45 35.07
CA GLY D 307 -54.99 -28.49 35.86
C GLY D 307 -53.49 -28.29 35.89
N CYS D 308 -52.93 -28.23 37.10
CA CYS D 308 -51.48 -28.09 37.24
C CYS D 308 -50.76 -29.32 36.70
N VAL D 309 -51.31 -30.51 36.97
CA VAL D 309 -50.73 -31.76 36.50
C VAL D 309 -51.43 -32.18 35.22
N GLY D 310 -50.65 -32.50 34.19
CA GLY D 310 -51.17 -32.91 32.90
C GLY D 310 -50.94 -31.93 31.77
N ASN D 311 -50.20 -30.85 32.00
CA ASN D 311 -49.94 -29.86 30.97
C ASN D 311 -48.55 -29.29 31.16
N THR D 312 -47.69 -29.46 30.14
CA THR D 312 -46.34 -28.91 30.14
C THR D 312 -46.09 -28.06 28.90
N ASN D 313 -47.15 -27.46 28.36
CA ASN D 313 -47.03 -26.68 27.14
C ASN D 313 -46.47 -25.28 27.44
N ILE D 314 -46.22 -24.52 26.38
CA ILE D 314 -45.65 -23.18 26.48
C ILE D 314 -46.62 -22.23 25.78
N TRP D 315 -46.92 -21.11 26.46
CA TRP D 315 -47.83 -20.11 25.89
C TRP D 315 -47.29 -19.59 24.57
N LYS D 316 -48.16 -19.53 23.56
CA LYS D 316 -47.75 -19.01 22.26
C LYS D 316 -47.61 -17.50 22.29
N THR D 317 -48.35 -16.82 23.17
CA THR D 317 -48.34 -15.38 23.29
C THR D 317 -47.46 -14.88 24.43
N GLY D 318 -46.52 -15.71 24.89
CA GLY D 318 -45.61 -15.32 25.95
C GLY D 318 -44.81 -14.08 25.62
N PRO D 319 -43.94 -14.16 24.62
CA PRO D 319 -43.21 -12.96 24.17
C PRO D 319 -44.13 -11.88 23.61
N LEU D 320 -45.31 -12.27 23.11
CA LEU D 320 -46.25 -11.27 22.62
C LEU D 320 -46.75 -10.36 23.73
N PHE D 321 -46.99 -10.92 24.92
CA PHE D 321 -47.39 -10.08 26.06
C PHE D 321 -46.31 -9.06 26.40
N LYS D 322 -45.05 -9.49 26.41
CA LYS D 322 -43.95 -8.57 26.70
C LYS D 322 -43.84 -7.51 25.63
N ARG D 323 -44.00 -7.88 24.36
CA ARG D 323 -43.95 -6.90 23.28
C ARG D 323 -45.07 -5.87 23.41
N VAL D 324 -46.28 -6.33 23.74
CA VAL D 324 -47.40 -5.42 23.91
C VAL D 324 -47.15 -4.48 25.09
N LEU D 325 -46.66 -5.01 26.21
CA LEU D 325 -46.38 -4.18 27.37
C LEU D 325 -45.30 -3.14 27.07
N MET D 326 -44.26 -3.55 26.34
CA MET D 326 -43.18 -2.61 26.00
C MET D 326 -43.66 -1.55 25.03
N SER D 327 -44.53 -1.91 24.07
CA SER D 327 -45.04 -0.95 23.10
C SER D 327 -46.18 -0.11 23.64
N SER D 328 -46.69 -0.42 24.84
CA SER D 328 -47.77 0.35 25.42
C SER D 328 -47.24 1.61 26.11
N LYS D 329 -48.06 2.66 26.08
CA LYS D 329 -47.72 3.93 26.70
C LYS D 329 -48.80 4.31 27.69
N TYR D 330 -48.38 4.79 28.86
CA TYR D 330 -49.29 5.18 29.93
C TYR D 330 -49.02 6.63 30.32
N ALA D 331 -50.09 7.42 30.42
CA ALA D 331 -49.99 8.82 30.78
C ALA D 331 -50.81 9.17 32.02
N ASP D 332 -51.29 8.18 32.76
CA ASP D 332 -52.10 8.39 33.95
C ASP D 332 -51.59 7.53 35.09
N GLY D 333 -51.85 7.99 36.30
CA GLY D 333 -51.41 7.28 37.49
C GLY D 333 -51.04 8.24 38.60
N VAL D 334 -50.88 7.68 39.80
CA VAL D 334 -50.50 8.49 40.95
C VAL D 334 -49.10 9.07 40.76
N THR D 335 -48.16 8.23 40.33
CA THR D 335 -46.80 8.71 40.08
C THR D 335 -46.75 9.64 38.87
N GLY D 336 -47.46 9.28 37.81
CA GLY D 336 -47.45 10.08 36.60
C GLY D 336 -47.27 9.24 35.34
N ARG D 337 -46.50 9.76 34.39
CA ARG D 337 -46.24 9.01 33.16
C ARG D 337 -45.35 7.81 33.46
N VAL D 338 -45.74 6.65 32.92
CA VAL D 338 -45.01 5.40 33.12
C VAL D 338 -44.57 4.88 31.76
N GLU D 339 -43.28 4.63 31.62
CA GLU D 339 -42.71 4.08 30.39
C GLU D 339 -41.80 2.91 30.75
N PHE D 340 -41.80 1.90 29.88
CA PHE D 340 -41.01 0.68 30.10
C PHE D 340 -39.82 0.66 29.15
N ASN D 341 -38.64 0.44 29.71
CA ASN D 341 -37.42 0.32 28.92
C ASN D 341 -37.18 -1.15 28.58
N GLU D 342 -36.01 -1.45 28.01
CA GLU D 342 -35.70 -2.84 27.67
C GLU D 342 -35.64 -3.73 28.91
N ASP D 343 -35.22 -3.18 30.05
CA ASP D 343 -35.18 -3.96 31.27
C ASP D 343 -36.58 -4.26 31.82
N GLY D 344 -37.58 -3.48 31.43
CA GLY D 344 -38.94 -3.70 31.88
C GLY D 344 -39.35 -2.89 33.10
N ASP D 345 -38.57 -1.90 33.49
CA ASP D 345 -38.87 -1.06 34.64
C ASP D 345 -39.28 0.33 34.18
N ARG D 346 -39.53 1.21 35.16
CA ARG D 346 -39.92 2.58 34.85
C ARG D 346 -38.79 3.34 34.18
N LYS D 347 -39.16 4.31 33.35
CA LYS D 347 -38.22 5.11 32.58
C LYS D 347 -38.34 6.56 33.00
N PHE D 348 -37.19 7.22 33.17
CA PHE D 348 -37.13 8.62 33.59
C PHE D 348 -37.87 8.84 34.92
N ALA D 349 -37.43 8.10 35.93
CA ALA D 349 -38.00 8.23 37.26
C ALA D 349 -37.53 9.51 37.92
N ASN D 350 -38.32 10.00 38.88
CA ASN D 350 -37.99 11.21 39.61
C ASN D 350 -37.02 10.89 40.74
N TYR D 351 -36.01 11.76 40.90
CA TYR D 351 -35.00 11.61 41.92
C TYR D 351 -35.06 12.78 42.88
N SER D 352 -34.76 12.51 44.16
CA SER D 352 -34.74 13.52 45.20
C SER D 352 -33.46 13.42 46.00
N ILE D 353 -32.87 14.57 46.30
CA ILE D 353 -31.64 14.64 47.10
C ILE D 353 -32.04 14.90 48.55
N MET D 354 -31.58 14.05 49.45
CA MET D 354 -31.89 14.16 50.88
C MET D 354 -30.60 14.48 51.62
N ASN D 355 -30.32 15.78 51.76
CA ASN D 355 -29.13 16.21 52.48
C ASN D 355 -29.26 15.89 53.96
N LEU D 356 -28.14 15.53 54.58
CA LEU D 356 -28.09 15.21 56.00
C LEU D 356 -27.50 16.40 56.75
N GLN D 357 -28.35 17.14 57.46
CA GLN D 357 -27.95 18.32 58.22
C GLN D 357 -28.37 18.13 59.67
N ASN D 358 -27.39 18.01 60.56
CA ASN D 358 -27.64 17.76 61.98
C ASN D 358 -28.51 16.52 62.18
N ARG D 359 -28.18 15.46 61.43
CA ARG D 359 -28.92 14.19 61.47
C ARG D 359 -30.39 14.40 61.14
N LYS D 360 -30.67 15.29 60.20
CA LYS D 360 -32.02 15.56 59.72
C LYS D 360 -32.03 15.58 58.20
N LEU D 361 -33.03 14.93 57.61
CA LEU D 361 -33.14 14.87 56.16
C LEU D 361 -33.64 16.21 55.62
N VAL D 362 -32.95 16.72 54.61
CA VAL D 362 -33.30 18.00 53.98
C VAL D 362 -33.38 17.78 52.47
N GLN D 363 -34.49 18.20 51.86
CA GLN D 363 -34.66 18.09 50.42
C GLN D 363 -33.97 19.25 49.72
N VAL D 364 -33.09 18.93 48.77
CA VAL D 364 -32.31 19.94 48.08
C VAL D 364 -32.55 19.86 46.58
N GLY D 365 -32.21 18.73 45.98
CA GLY D 365 -32.25 18.57 44.52
C GLY D 365 -33.38 17.66 44.09
N ILE D 366 -34.07 18.05 43.01
CA ILE D 366 -35.12 17.25 42.40
C ILE D 366 -34.79 17.10 40.92
N TYR D 367 -34.74 15.86 40.45
CA TYR D 367 -34.40 15.56 39.07
C TYR D 367 -35.51 14.76 38.42
N ASN D 368 -35.92 15.18 37.22
CA ASN D 368 -36.91 14.46 36.43
C ASN D 368 -36.26 13.64 35.32
N GLY D 369 -34.93 13.55 35.31
CA GLY D 369 -34.23 12.82 34.27
C GLY D 369 -33.32 13.70 33.45
N THR D 370 -33.80 14.88 33.10
CA THR D 370 -33.01 15.86 32.35
C THR D 370 -32.99 17.23 33.01
N HIS D 371 -34.09 17.64 33.63
CA HIS D 371 -34.15 18.96 34.26
C HIS D 371 -33.57 18.93 35.66
N VAL D 372 -33.04 20.06 36.09
CA VAL D 372 -32.46 20.22 37.42
C VAL D 372 -33.27 21.28 38.16
N ILE D 373 -33.81 20.91 39.32
CA ILE D 373 -34.61 21.82 40.13
C ILE D 373 -34.06 21.83 41.56
N PRO D 374 -33.01 22.60 41.83
CA PRO D 374 -32.47 22.65 43.20
C PRO D 374 -33.29 23.56 44.09
N ASN D 375 -33.44 23.15 45.34
CA ASN D 375 -34.15 23.96 46.32
C ASN D 375 -33.31 25.16 46.75
N ASP D 376 -33.99 26.21 47.20
CA ASP D 376 -33.31 27.43 47.59
C ASP D 376 -32.47 27.28 48.85
N ARG D 377 -32.65 26.20 49.61
CA ARG D 377 -31.84 25.98 50.80
C ARG D 377 -30.38 25.71 50.42
N LYS D 378 -29.47 26.32 51.17
CA LYS D 378 -28.05 26.15 50.89
C LYS D 378 -27.61 24.73 51.24
N ILE D 379 -26.69 24.19 50.43
CA ILE D 379 -26.17 22.86 50.66
C ILE D 379 -25.10 22.93 51.74
N ILE D 380 -25.25 22.10 52.77
CA ILE D 380 -24.31 22.04 53.88
C ILE D 380 -23.39 20.86 53.67
N TRP D 381 -22.14 21.13 53.29
CA TRP D 381 -21.16 20.08 53.09
C TRP D 381 -20.68 19.54 54.43
N PRO D 382 -20.16 18.31 54.45
CA PRO D 382 -19.62 17.77 55.71
C PRO D 382 -18.50 18.61 56.28
N GLY D 383 -17.71 19.27 55.44
CA GLY D 383 -16.66 20.14 55.93
C GLY D 383 -17.23 21.42 56.53
N GLY D 384 -16.36 22.16 57.21
CA GLY D 384 -16.78 23.40 57.84
C GLY D 384 -17.20 24.45 56.83
N GLU D 385 -16.44 24.59 55.75
CA GLU D 385 -16.78 25.56 54.73
C GLU D 385 -17.98 25.10 53.92
N THR D 386 -18.86 26.05 53.58
CA THR D 386 -20.06 25.78 52.80
C THR D 386 -19.81 25.81 51.30
N GLU D 387 -18.60 26.15 50.86
CA GLU D 387 -18.29 26.18 49.44
C GLU D 387 -18.15 24.76 48.90
N LYS D 388 -18.30 24.64 47.59
CA LYS D 388 -18.18 23.34 46.94
C LYS D 388 -16.75 22.84 47.02
N PRO D 389 -16.51 21.63 47.53
CA PRO D 389 -15.14 21.12 47.61
C PRO D 389 -14.58 20.79 46.24
N ARG D 390 -13.25 20.81 46.15
CA ARG D 390 -12.52 20.51 44.92
C ARG D 390 -11.89 19.14 45.04
N GLY D 391 -12.11 18.30 44.03
CA GLY D 391 -11.53 16.97 44.02
C GLY D 391 -10.18 16.91 43.36
N TYR D 392 -9.37 17.95 43.56
CA TYR D 392 -8.03 18.04 42.98
C TYR D 392 -7.07 18.50 44.08
N GLN D 393 -6.42 17.55 44.75
CA GLN D 393 -5.46 17.83 45.80
C GLN D 393 -4.12 17.23 45.39
N MET D 394 -3.32 18.01 44.68
CA MET D 394 -2.01 17.54 44.22
C MET D 394 -1.04 17.48 45.38
N SER D 395 -0.64 16.27 45.76
CA SER D 395 0.31 16.10 46.85
C SER D 395 1.72 16.50 46.46
N THR D 396 1.98 16.67 45.16
CA THR D 396 3.28 17.09 44.62
C THR D 396 4.41 16.13 44.98
N ARG D 397 4.07 14.90 45.38
CA ARG D 397 5.07 13.88 45.69
C ARG D 397 5.29 12.97 44.48
N LEU D 398 5.79 13.57 43.41
CA LEU D 398 6.00 12.87 42.15
C LEU D 398 7.23 11.98 42.25
N LYS D 399 6.99 10.69 42.50
CA LYS D 399 8.09 9.74 42.56
C LYS D 399 8.62 9.46 41.16
N ILE D 400 9.93 9.57 40.99
CA ILE D 400 10.59 9.42 39.70
C ILE D 400 11.64 8.32 39.81
N VAL D 401 11.60 7.38 38.86
CA VAL D 401 12.58 6.30 38.78
C VAL D 401 13.42 6.50 37.53
N THR D 402 14.74 6.47 37.70
CA THR D 402 15.68 6.71 36.61
C THR D 402 16.50 5.46 36.36
N ILE D 403 16.61 5.06 35.09
CA ILE D 403 17.41 3.90 34.74
C ILE D 403 18.88 4.23 34.92
N HIS D 404 19.64 3.25 35.43
CA HIS D 404 21.07 3.43 35.68
C HIS D 404 21.82 3.44 34.36
N GLN D 405 22.10 4.62 33.84
CA GLN D 405 22.89 4.79 32.62
C GLN D 405 24.15 5.57 32.97
N GLU D 406 25.30 5.01 32.61
CA GLU D 406 26.58 5.65 32.94
C GLU D 406 26.73 7.05 32.35
N PRO D 407 26.48 7.29 31.06
CA PRO D 407 26.69 8.65 30.52
C PRO D 407 25.63 9.65 30.93
N PHE D 408 24.53 9.21 31.54
CA PHE D 408 23.43 10.10 31.88
C PHE D 408 23.28 10.32 33.39
N VAL D 409 23.53 9.31 34.21
CA VAL D 409 23.44 9.43 35.66
C VAL D 409 24.63 8.74 36.29
N TYR D 410 25.45 9.49 37.01
CA TYR D 410 26.57 8.91 37.74
C TYR D 410 26.08 8.39 39.09
N VAL D 411 26.06 7.07 39.25
CA VAL D 411 25.57 6.43 40.46
C VAL D 411 26.78 5.91 41.23
N LYS D 412 27.01 6.44 42.43
CA LYS D 412 28.11 6.05 43.29
C LYS D 412 27.59 5.87 44.71
N PRO D 413 28.22 4.99 45.49
CA PRO D 413 27.80 4.82 46.88
C PRO D 413 28.00 6.10 47.70
N THR D 414 27.08 6.34 48.61
CA THR D 414 27.15 7.53 49.46
C THR D 414 28.12 7.32 50.61
N LEU D 415 28.56 8.43 51.19
CA LEU D 415 29.48 8.37 52.32
C LEU D 415 28.76 7.88 53.57
N SER D 416 29.54 7.29 54.48
CA SER D 416 28.98 6.73 55.71
C SER D 416 28.56 7.80 56.72
N ASP D 417 28.99 9.05 56.54
CA ASP D 417 28.64 10.08 57.51
C ASP D 417 27.16 10.43 57.46
N GLY D 418 26.51 10.21 56.32
CA GLY D 418 25.10 10.50 56.19
C GLY D 418 24.75 11.26 54.93
N THR D 419 25.75 11.90 54.32
CA THR D 419 25.52 12.67 53.10
C THR D 419 26.47 12.22 52.00
N CYS D 420 26.47 12.94 50.88
CA CYS D 420 27.30 12.63 49.74
C CYS D 420 28.30 13.75 49.50
N LYS D 421 29.52 13.39 49.10
CA LYS D 421 30.56 14.37 48.85
C LYS D 421 30.21 15.24 47.65
N GLU D 422 30.63 16.50 47.72
CA GLU D 422 30.36 17.48 46.67
C GLU D 422 31.65 17.74 45.91
N GLU D 423 31.62 17.55 44.59
CA GLU D 423 32.76 17.79 43.73
C GLU D 423 32.53 19.04 42.89
N PHE D 424 33.51 19.37 42.06
CA PHE D 424 33.45 20.55 41.21
C PHE D 424 33.89 20.18 39.79
N THR D 425 33.40 20.94 38.82
CA THR D 425 33.71 20.72 37.42
C THR D 425 34.97 21.50 37.06
N VAL D 426 35.28 21.57 35.76
CA VAL D 426 36.45 22.31 35.30
C VAL D 426 36.27 23.81 35.54
N ASN D 427 35.04 24.30 35.51
CA ASN D 427 34.76 25.71 35.73
C ASN D 427 34.67 26.08 37.20
N GLY D 428 34.76 25.10 38.10
CA GLY D 428 34.68 25.36 39.53
C GLY D 428 33.28 25.45 40.09
N ASP D 429 32.25 25.30 39.26
CA ASP D 429 30.89 25.36 39.76
C ASP D 429 30.57 24.08 40.55
N PRO D 430 29.81 24.19 41.64
CA PRO D 430 29.46 22.99 42.40
C PRO D 430 28.57 22.05 41.61
N VAL D 431 28.74 20.76 41.87
CA VAL D 431 27.96 19.73 41.20
C VAL D 431 26.77 19.38 42.11
N LYS D 432 25.60 19.88 41.74
CA LYS D 432 24.41 19.61 42.53
C LYS D 432 24.00 18.14 42.40
N LYS D 433 23.47 17.59 43.49
CA LYS D 433 23.09 16.18 43.53
C LYS D 433 21.93 15.99 44.48
N VAL D 434 21.20 14.90 44.30
CA VAL D 434 20.04 14.57 45.11
C VAL D 434 20.22 13.16 45.66
N ILE D 435 19.60 12.89 46.81
CA ILE D 435 19.66 11.56 47.41
C ILE D 435 18.78 10.61 46.62
N CYS D 436 19.34 9.45 46.28
CA CYS D 436 18.65 8.45 45.48
C CYS D 436 18.58 7.13 46.24
N THR D 437 17.43 6.46 46.16
CA THR D 437 17.21 5.19 46.84
C THR D 437 17.05 4.09 45.82
N GLY D 438 17.83 3.02 45.96
CA GLY D 438 17.79 1.91 45.06
C GLY D 438 18.53 0.69 45.58
N PRO D 439 18.33 -0.46 44.92
CA PRO D 439 19.01 -1.68 45.35
C PRO D 439 20.51 -1.59 45.13
N ASN D 440 21.25 -2.33 45.95
CA ASN D 440 22.70 -2.37 45.89
C ASN D 440 23.24 -3.55 45.09
N ASP D 441 22.82 -4.78 45.44
CA ASP D 441 23.31 -5.96 44.75
C ASP D 441 22.88 -5.96 43.29
N THR D 442 21.60 -5.69 43.03
CA THR D 442 21.04 -5.66 41.68
C THR D 442 21.34 -6.96 40.92
N SER D 443 21.21 -8.09 41.63
CA SER D 443 21.49 -9.39 41.06
C SER D 443 20.33 -10.35 41.36
N PRO D 444 20.02 -11.25 40.43
CA PRO D 444 18.96 -12.23 40.71
C PRO D 444 19.33 -13.17 41.84
N GLY D 445 18.32 -13.60 42.58
CA GLY D 445 18.54 -14.49 43.71
C GLY D 445 19.38 -13.88 44.82
N SER D 446 19.23 -12.58 45.06
CA SER D 446 19.98 -11.89 46.09
C SER D 446 19.04 -10.94 46.83
N PRO D 447 19.27 -10.72 48.13
CA PRO D 447 18.42 -9.77 48.86
C PRO D 447 18.70 -8.33 48.45
N ARG D 448 17.76 -7.73 47.73
CA ARG D 448 17.90 -6.36 47.24
C ARG D 448 17.42 -5.39 48.32
N HIS D 449 18.30 -5.15 49.29
CA HIS D 449 17.98 -4.22 50.37
C HIS D 449 17.91 -2.79 49.84
N THR D 450 16.92 -2.05 50.34
CA THR D 450 16.74 -0.65 49.93
C THR D 450 17.70 0.22 50.73
N VAL D 451 18.81 0.60 50.11
CA VAL D 451 19.84 1.43 50.73
C VAL D 451 19.97 2.71 49.91
N PRO D 452 19.87 3.88 50.52
CA PRO D 452 20.01 5.12 49.76
C PRO D 452 21.40 5.24 49.14
N GLN D 453 21.45 5.83 47.94
CA GLN D 453 22.69 6.00 47.20
C GLN D 453 22.81 7.46 46.77
N CYS D 454 23.92 7.76 46.10
CA CYS D 454 24.20 9.10 45.60
C CYS D 454 24.27 9.05 44.08
N CYS D 455 23.23 9.54 43.42
CA CYS D 455 23.15 9.55 41.96
C CYS D 455 22.93 10.97 41.46
N TYR D 456 23.62 11.31 40.36
CA TYR D 456 23.51 12.62 39.76
C TYR D 456 23.90 12.51 38.30
N GLY D 457 23.48 13.52 37.52
CA GLY D 457 23.80 13.51 36.10
C GLY D 457 23.01 14.55 35.33
N PHE D 458 22.77 14.23 34.06
CA PHE D 458 22.12 15.19 33.16
C PHE D 458 20.69 15.49 33.61
N CYS D 459 19.95 14.45 34.01
CA CYS D 459 18.55 14.64 34.37
C CYS D 459 18.39 15.35 35.72
N ILE D 460 19.42 15.33 36.56
CA ILE D 460 19.35 16.02 37.85
C ILE D 460 19.20 17.52 37.65
N ASP D 461 19.95 18.07 36.70
CA ASP D 461 19.83 19.50 36.40
C ASP D 461 18.44 19.85 35.89
N LEU D 462 17.87 18.99 35.03
CA LEU D 462 16.52 19.21 34.54
C LEU D 462 15.50 19.16 35.67
N LEU D 463 15.67 18.20 36.59
CA LEU D 463 14.77 18.12 37.73
C LEU D 463 14.88 19.37 38.61
N ILE D 464 16.10 19.86 38.82
CA ILE D 464 16.28 21.08 39.61
C ILE D 464 15.63 22.27 38.94
N LYS D 465 15.77 22.38 37.61
CA LYS D 465 15.12 23.45 36.88
C LYS D 465 13.60 23.36 36.98
N LEU D 466 13.07 22.14 36.90
CA LEU D 466 11.62 21.96 37.05
C LEU D 466 11.17 22.36 38.46
N ALA D 467 11.96 22.02 39.48
CA ALA D 467 11.62 22.42 40.84
C ALA D 467 11.65 23.93 41.00
N ARG D 468 12.64 24.59 40.37
CA ARG D 468 12.69 26.05 40.42
C ARG D 468 11.50 26.67 39.73
N THR D 469 11.09 26.13 38.59
CA THR D 469 9.98 26.71 37.84
C THR D 469 8.65 26.50 38.56
N MET D 470 8.38 25.26 39.01
CA MET D 470 7.15 24.94 39.72
C MET D 470 7.48 24.08 40.94
N ASN D 471 6.62 24.16 41.94
CA ASN D 471 6.83 23.43 43.20
C ASN D 471 6.78 21.92 42.96
N PHE D 472 7.93 21.27 43.04
CA PHE D 472 8.06 19.84 42.82
C PHE D 472 8.89 19.20 43.92
N THR D 473 8.51 17.99 44.33
CA THR D 473 9.28 17.18 45.26
C THR D 473 9.59 15.86 44.58
N TYR D 474 10.85 15.43 44.65
CA TYR D 474 11.34 14.29 43.90
C TYR D 474 11.73 13.16 44.85
N GLU D 475 11.27 11.95 44.55
CA GLU D 475 11.70 10.73 45.22
C GLU D 475 12.42 9.88 44.18
N VAL D 476 13.74 9.93 44.18
CA VAL D 476 14.54 9.33 43.13
C VAL D 476 14.66 7.82 43.37
N HIS D 477 13.76 7.06 42.76
CA HIS D 477 13.81 5.60 42.83
C HIS D 477 14.73 5.05 41.74
N LEU D 478 15.05 3.77 41.85
CA LEU D 478 15.88 3.08 40.88
C LEU D 478 15.10 1.94 40.25
N VAL D 479 15.64 1.41 39.16
CA VAL D 479 14.99 0.33 38.43
C VAL D 479 15.03 -0.95 39.28
N ALA D 480 13.90 -1.67 39.29
CA ALA D 480 13.79 -2.86 40.13
C ALA D 480 14.74 -3.96 39.65
N ASP D 481 14.75 -4.24 38.35
CA ASP D 481 15.55 -5.33 37.79
C ASP D 481 16.81 -4.83 37.09
N GLY D 482 16.69 -3.83 36.23
CA GLY D 482 17.84 -3.31 35.50
C GLY D 482 17.60 -3.13 34.03
N LYS D 483 16.35 -3.32 33.60
CA LYS D 483 15.98 -3.20 32.20
C LYS D 483 14.84 -2.21 32.05
N PHE D 484 14.74 -1.62 30.86
CA PHE D 484 13.67 -0.67 30.58
C PHE D 484 12.30 -1.35 30.67
N GLY D 485 12.18 -2.55 30.12
CA GLY D 485 10.93 -3.29 30.20
C GLY D 485 10.17 -3.32 28.89
N THR D 486 9.73 -4.51 28.49
CA THR D 486 8.94 -4.69 27.28
C THR D 486 7.78 -5.63 27.60
N GLN D 487 7.09 -6.08 26.57
CA GLN D 487 5.98 -7.01 26.75
C GLN D 487 6.49 -8.37 27.24
N GLU D 488 5.83 -8.90 28.26
CA GLU D 488 6.20 -10.19 28.84
C GLU D 488 5.08 -11.19 28.61
N ARG D 489 5.44 -12.37 28.11
CA ARG D 489 4.47 -13.43 27.81
C ARG D 489 4.99 -14.71 28.48
N VAL D 490 4.61 -14.91 29.74
CA VAL D 490 5.07 -16.06 30.53
C VAL D 490 4.00 -16.39 31.56
N ASN D 491 4.15 -17.55 32.20
CA ASN D 491 3.33 -18.05 33.31
C ASN D 491 1.92 -18.47 32.89
N ASN D 492 1.54 -18.28 31.63
CA ASN D 492 0.22 -18.71 31.16
C ASN D 492 0.26 -18.78 29.63
N SER D 493 -0.91 -18.97 29.03
CA SER D 493 -1.00 -19.04 27.57
C SER D 493 -0.89 -17.66 26.93
N ASN D 494 -1.44 -16.63 27.57
CA ASN D 494 -1.49 -15.31 26.95
C ASN D 494 -1.64 -14.25 28.04
N LYS D 495 -0.64 -13.37 28.15
CA LYS D 495 -0.74 -12.21 29.03
C LYS D 495 0.28 -11.17 28.54
N LYS D 496 0.00 -9.89 28.86
CA LYS D 496 0.88 -8.79 28.51
C LYS D 496 0.95 -7.84 29.68
N GLU D 497 2.09 -7.80 30.36
CA GLU D 497 2.34 -6.86 31.44
C GLU D 497 3.69 -6.18 31.20
N TRP D 498 3.69 -4.85 31.23
CA TRP D 498 4.92 -4.11 31.03
C TRP D 498 5.87 -4.33 32.20
N ASN D 499 7.16 -4.39 31.91
CA ASN D 499 8.20 -4.56 32.91
C ASN D 499 8.94 -3.24 33.09
N GLY D 500 9.95 -3.26 33.96
CA GLY D 500 10.84 -2.13 34.11
C GLY D 500 10.13 -0.84 34.48
N MET D 501 10.58 0.25 33.86
CA MET D 501 10.08 1.58 34.22
C MET D 501 8.63 1.75 33.81
N MET D 502 8.26 1.30 32.61
CA MET D 502 6.88 1.41 32.16
C MET D 502 5.95 0.60 33.05
N GLY D 503 6.38 -0.61 33.44
CA GLY D 503 5.57 -1.41 34.35
C GLY D 503 5.43 -0.77 35.71
N GLU D 504 6.52 -0.18 36.23
CA GLU D 504 6.42 0.52 37.51
C GLU D 504 5.48 1.71 37.43
N LEU D 505 5.53 2.46 36.31
CA LEU D 505 4.61 3.59 36.14
C LEU D 505 3.17 3.11 36.06
N LEU D 506 2.90 2.03 35.33
CA LEU D 506 1.54 1.54 35.20
C LEU D 506 1.03 0.94 36.49
N SER D 507 1.92 0.40 37.33
CA SER D 507 1.52 -0.20 38.59
C SER D 507 1.27 0.84 39.69
N GLY D 508 1.55 2.11 39.43
CA GLY D 508 1.38 3.15 40.42
C GLY D 508 2.58 3.41 41.29
N GLN D 509 3.66 2.65 41.13
CA GLN D 509 4.86 2.90 41.91
C GLN D 509 5.58 4.18 41.51
N ALA D 510 5.27 4.73 40.33
CA ALA D 510 5.88 5.97 39.89
C ALA D 510 4.88 6.72 39.01
N ASP D 511 5.09 8.02 38.89
CA ASP D 511 4.22 8.89 38.12
C ASP D 511 4.94 9.66 37.02
N MET D 512 6.17 10.10 37.25
CA MET D 512 6.94 10.86 36.28
C MET D 512 8.21 10.09 35.93
N ILE D 513 8.49 9.98 34.63
CA ILE D 513 9.67 9.29 34.13
C ILE D 513 10.63 10.34 33.58
N VAL D 514 11.81 10.43 34.18
CA VAL D 514 12.86 11.36 33.74
C VAL D 514 14.12 10.51 33.57
N ALA D 515 14.34 10.01 32.35
CA ALA D 515 15.47 9.14 32.06
C ALA D 515 15.70 9.15 30.56
N PRO D 516 16.89 8.76 30.09
CA PRO D 516 17.12 8.68 28.64
C PRO D 516 16.34 7.54 28.00
N LEU D 517 15.04 7.73 27.84
CA LEU D 517 14.16 6.72 27.27
C LEU D 517 13.79 7.11 25.84
N THR D 518 13.93 6.16 24.91
CA THR D 518 13.63 6.43 23.52
C THR D 518 12.11 6.49 23.30
N ILE D 519 11.72 6.74 22.05
CA ILE D 519 10.32 6.87 21.68
C ILE D 519 10.00 5.75 20.70
N ASN D 520 9.00 4.94 21.04
CA ASN D 520 8.54 3.84 20.19
C ASN D 520 7.03 3.90 20.08
N ASN D 521 6.51 3.30 19.00
CA ASN D 521 5.06 3.30 18.79
C ASN D 521 4.34 2.56 19.89
N GLU D 522 4.85 1.39 20.29
CA GLU D 522 4.22 0.62 21.36
C GLU D 522 4.22 1.39 22.68
N ARG D 523 5.34 2.04 23.00
CA ARG D 523 5.40 2.83 24.23
C ARG D 523 4.45 4.03 24.16
N ALA D 524 4.35 4.66 22.99
CA ALA D 524 3.45 5.80 22.84
C ALA D 524 1.98 5.41 22.88
N GLN D 525 1.66 4.17 22.52
CA GLN D 525 0.28 3.72 22.58
C GLN D 525 -0.24 3.62 24.01
N TYR D 526 0.65 3.58 25.00
CA TYR D 526 0.27 3.49 26.41
C TYR D 526 0.83 4.59 27.29
N ILE D 527 2.03 5.09 27.00
CA ILE D 527 2.67 6.11 27.81
C ILE D 527 2.91 7.33 26.93
N GLU D 528 2.45 8.49 27.39
CA GLU D 528 2.64 9.73 26.64
C GLU D 528 4.05 10.26 26.82
N PHE D 529 4.63 10.76 25.74
CA PHE D 529 5.98 11.29 25.75
C PHE D 529 5.96 12.80 25.48
N SER D 530 6.83 13.52 26.18
CA SER D 530 6.93 14.96 26.02
C SER D 530 7.86 15.29 24.85
N LYS D 531 8.23 16.55 24.72
CA LYS D 531 9.11 16.97 23.64
C LYS D 531 10.49 16.34 23.81
N PRO D 532 11.13 15.92 22.72
CA PRO D 532 12.45 15.27 22.84
C PRO D 532 13.52 16.25 23.27
N PHE D 533 14.57 15.70 23.90
CA PHE D 533 15.71 16.50 24.31
C PHE D 533 16.67 16.73 23.16
N LYS D 534 17.21 15.64 22.60
CA LYS D 534 18.15 15.72 21.50
C LYS D 534 17.80 14.66 20.47
N TYR D 535 18.20 14.90 19.22
CA TYR D 535 17.92 14.00 18.11
C TYR D 535 19.16 13.15 17.87
N GLN D 536 19.07 11.86 18.20
CA GLN D 536 20.18 10.93 18.06
C GLN D 536 19.67 9.61 17.48
N GLY D 537 20.61 8.79 17.04
CA GLY D 537 20.27 7.50 16.45
C GLY D 537 21.06 6.34 17.03
N LEU D 538 21.20 5.27 16.26
CA LEU D 538 21.92 4.08 16.69
C LEU D 538 23.18 3.92 15.84
N THR D 539 24.29 3.61 16.50
CA THR D 539 25.57 3.43 15.83
C THR D 539 26.20 2.12 16.30
N ILE D 540 27.27 1.72 15.60
CA ILE D 540 27.97 0.46 15.87
C ILE D 540 29.27 0.78 16.60
N LEU D 541 29.53 0.04 17.67
CA LEU D 541 30.74 0.23 18.47
C LEU D 541 31.72 -0.90 18.19
N VAL D 542 32.95 -0.54 17.83
CA VAL D 542 34.00 -1.50 17.53
C VAL D 542 35.24 -1.13 18.34
N LYS D 543 35.84 -2.12 18.99
CA LYS D 543 37.05 -1.90 19.78
C LYS D 543 38.20 -1.46 18.88
N LYS D 544 39.06 -0.60 19.41
CA LYS D 544 40.19 -0.09 18.66
C LYS D 544 41.13 -1.23 18.26
N GLU D 545 41.66 -1.16 17.04
CA GLU D 545 42.58 -2.15 16.53
C GLU D 545 43.95 -1.51 16.34
N ILE D 546 44.97 -2.11 16.94
CA ILE D 546 46.35 -1.60 16.83
C ILE D 546 46.85 -1.82 15.41
N PRO D 547 47.70 -0.92 14.88
CA PRO D 547 48.24 -1.07 13.53
C PRO D 547 49.30 -2.17 13.44
N GLN D 556 60.66 -7.82 9.22
CA GLN D 556 60.21 -7.54 7.86
C GLN D 556 59.39 -8.70 7.30
N PRO D 557 58.08 -8.70 7.59
CA PRO D 557 57.20 -9.76 7.09
C PRO D 557 56.79 -9.62 5.64
N PHE D 558 57.42 -8.72 4.88
CA PHE D 558 57.08 -8.50 3.47
C PHE D 558 57.76 -9.58 2.63
N GLN D 559 57.10 -10.74 2.55
CA GLN D 559 57.59 -11.89 1.78
C GLN D 559 58.98 -12.31 2.27
N SER D 560 59.00 -12.78 3.53
CA SER D 560 60.25 -13.14 4.18
C SER D 560 61.01 -14.22 3.42
N THR D 561 60.31 -15.06 2.66
CA THR D 561 60.97 -16.12 1.91
C THR D 561 61.80 -15.56 0.76
N LEU D 562 61.52 -14.35 0.29
CA LEU D 562 62.23 -13.76 -0.83
C LEU D 562 63.41 -12.88 -0.41
N TRP D 563 63.58 -12.62 0.88
CA TRP D 563 64.69 -11.78 1.32
C TRP D 563 66.04 -12.49 1.20
N LEU D 564 66.05 -13.83 1.28
CA LEU D 564 67.30 -14.57 1.08
C LEU D 564 67.79 -14.47 -0.35
N LEU D 565 66.89 -14.22 -1.32
CA LEU D 565 67.31 -14.09 -2.71
C LEU D 565 68.22 -12.90 -2.91
N VAL D 566 67.93 -11.78 -2.24
CA VAL D 566 68.78 -10.60 -2.34
C VAL D 566 70.17 -10.89 -1.79
N GLY D 567 70.24 -11.58 -0.64
CA GLY D 567 71.53 -11.94 -0.09
C GLY D 567 72.32 -12.87 -0.99
N LEU D 568 71.65 -13.87 -1.56
CA LEU D 568 72.32 -14.78 -2.49
C LEU D 568 72.82 -14.02 -3.71
N SER D 569 72.03 -13.08 -4.22
CA SER D 569 72.43 -12.30 -5.39
C SER D 569 73.65 -11.43 -5.09
N VAL D 570 73.67 -10.79 -3.91
CA VAL D 570 74.76 -9.89 -3.58
C VAL D 570 76.00 -10.69 -3.16
N HIS D 571 75.82 -11.96 -2.84
CA HIS D 571 76.94 -12.83 -2.51
C HIS D 571 77.57 -13.52 -3.71
N VAL D 572 76.78 -13.90 -4.73
CA VAL D 572 77.35 -14.62 -5.86
C VAL D 572 78.17 -13.69 -6.75
N VAL D 573 77.95 -12.37 -6.66
CA VAL D 573 78.69 -11.44 -7.50
C VAL D 573 80.14 -11.33 -7.03
N ALA D 574 80.38 -11.48 -5.73
CA ALA D 574 81.71 -11.28 -5.18
C ALA D 574 82.70 -12.30 -5.73
N VAL D 575 82.31 -13.58 -5.77
CA VAL D 575 83.22 -14.61 -6.26
C VAL D 575 83.51 -14.44 -7.75
N MET D 576 82.48 -14.07 -8.52
CA MET D 576 82.68 -13.80 -9.94
C MET D 576 83.63 -12.63 -10.15
N LEU D 577 83.46 -11.57 -9.36
CA LEU D 577 84.36 -10.42 -9.46
C LEU D 577 85.79 -10.80 -9.11
N TYR D 578 85.97 -11.61 -8.06
CA TYR D 578 87.32 -12.03 -7.69
C TYR D 578 87.95 -12.90 -8.77
N LEU D 579 87.17 -13.81 -9.35
CA LEU D 579 87.70 -14.63 -10.45
C LEU D 579 88.07 -13.77 -11.65
N LEU D 580 87.24 -12.79 -11.99
CA LEU D 580 87.55 -11.91 -13.11
C LEU D 580 88.80 -11.09 -12.84
N ASP D 581 88.97 -10.61 -11.60
CA ASP D 581 90.18 -9.89 -11.25
C ASP D 581 91.42 -10.78 -11.33
N ARG D 582 91.31 -12.02 -10.88
CA ARG D 582 92.41 -12.97 -10.98
C ARG D 582 92.73 -13.34 -12.43
N PHE D 583 91.74 -13.31 -13.32
CA PHE D 583 91.95 -13.57 -14.74
C PHE D 583 92.22 -12.28 -15.51
N SER D 584 92.73 -11.26 -14.83
CA SER D 584 93.05 -9.97 -15.42
C SER D 584 91.85 -9.35 -16.14
N LEU D 601 93.68 -7.50 -2.98
CA LEU D 601 92.69 -8.06 -3.88
C LEU D 601 92.68 -9.59 -3.78
N THR D 602 92.63 -10.08 -2.54
CA THR D 602 92.65 -11.51 -2.28
C THR D 602 91.44 -12.00 -1.50
N LEU D 603 91.11 -11.34 -0.39
CA LEU D 603 90.07 -11.83 0.51
C LEU D 603 88.86 -10.91 0.59
N SER D 604 89.08 -9.62 0.88
CA SER D 604 87.97 -8.70 1.14
C SER D 604 87.98 -7.45 0.28
N SER D 605 88.96 -7.27 -0.60
CA SER D 605 88.98 -6.08 -1.44
C SER D 605 87.79 -6.03 -2.40
N ALA D 606 87.44 -7.18 -2.99
CA ALA D 606 86.29 -7.23 -3.88
C ALA D 606 85.01 -6.89 -3.13
N MET D 607 84.85 -7.43 -1.92
CA MET D 607 83.67 -7.11 -1.12
C MET D 607 83.64 -5.62 -0.76
N TRP D 608 84.79 -5.05 -0.42
CA TRP D 608 84.86 -3.63 -0.11
C TRP D 608 84.44 -2.79 -1.31
N PHE D 609 84.96 -3.11 -2.49
CA PHE D 609 84.60 -2.36 -3.69
C PHE D 609 83.11 -2.52 -4.02
N SER D 610 82.58 -3.75 -3.89
CA SER D 610 81.17 -3.97 -4.17
C SER D 610 80.27 -3.18 -3.23
N TRP D 611 80.60 -3.19 -1.93
CA TRP D 611 79.78 -2.44 -0.99
C TRP D 611 79.94 -0.93 -1.18
N GLY D 612 81.14 -0.48 -1.57
CA GLY D 612 81.32 0.94 -1.84
C GLY D 612 80.52 1.41 -3.04
N VAL D 613 80.50 0.63 -4.13
CA VAL D 613 79.73 1.01 -5.29
C VAL D 613 78.23 0.79 -5.07
N LEU D 614 77.85 -0.09 -4.14
CA LEU D 614 76.43 -0.25 -3.80
C LEU D 614 75.94 0.89 -2.92
N LEU D 615 76.80 1.42 -2.05
CA LEU D 615 76.43 2.52 -1.17
C LEU D 615 76.11 3.77 -1.96
N SER D 626 85.64 0.92 -18.83
CA SER D 626 86.60 -0.02 -18.27
C SER D 626 86.19 -1.46 -18.57
N PHE D 627 85.75 -1.68 -19.82
CA PHE D 627 85.29 -2.97 -20.34
C PHE D 627 84.53 -3.79 -19.30
N SER D 628 85.15 -4.86 -18.79
CA SER D 628 84.46 -5.73 -17.85
C SER D 628 84.09 -5.00 -16.56
N ALA D 629 85.00 -4.17 -16.04
CA ALA D 629 84.71 -3.42 -14.82
C ALA D 629 83.55 -2.44 -15.05
N ARG D 630 83.49 -1.83 -16.22
CA ARG D 630 82.37 -0.94 -16.54
C ARG D 630 81.05 -1.69 -16.55
N ILE D 631 81.05 -2.90 -17.12
CA ILE D 631 79.83 -3.70 -17.15
C ILE D 631 79.43 -4.11 -15.73
N LEU D 632 80.42 -4.45 -14.89
CA LEU D 632 80.11 -4.78 -13.50
C LEU D 632 79.52 -3.60 -12.76
N GLY D 633 80.07 -2.40 -12.97
CA GLY D 633 79.49 -1.21 -12.37
C GLY D 633 78.08 -0.94 -12.86
N MET D 634 77.84 -1.15 -14.16
CA MET D 634 76.50 -0.95 -14.71
C MET D 634 75.51 -1.92 -14.10
N VAL D 635 75.88 -3.19 -13.97
CA VAL D 635 74.95 -4.17 -13.42
C VAL D 635 74.74 -3.93 -11.93
N TRP D 636 75.77 -3.45 -11.21
CA TRP D 636 75.58 -3.09 -9.81
C TRP D 636 74.62 -1.92 -9.67
N ALA D 637 74.75 -0.92 -10.54
CA ALA D 637 73.81 0.21 -10.50
C ALA D 637 72.40 -0.25 -10.83
N GLY D 638 72.26 -1.16 -11.80
CA GLY D 638 70.94 -1.70 -12.11
C GLY D 638 70.35 -2.48 -10.95
N PHE D 639 71.17 -3.27 -10.26
CA PHE D 639 70.71 -3.99 -9.08
C PHE D 639 70.23 -3.03 -8.00
N ALA D 640 71.00 -1.96 -7.75
CA ALA D 640 70.61 -0.99 -6.74
C ALA D 640 69.30 -0.30 -7.13
N MET D 641 69.16 0.07 -8.39
CA MET D 641 67.93 0.72 -8.85
C MET D 641 66.74 -0.22 -8.71
N ILE D 642 66.90 -1.49 -9.09
CA ILE D 642 65.82 -2.45 -8.95
C ILE D 642 65.44 -2.64 -7.50
N ILE D 643 66.43 -2.73 -6.61
CA ILE D 643 66.15 -2.94 -5.19
C ILE D 643 65.39 -1.75 -4.62
N VAL D 644 65.84 -0.53 -4.92
CA VAL D 644 65.18 0.64 -4.34
C VAL D 644 63.78 0.81 -4.91
N ALA D 645 63.61 0.55 -6.22
CA ALA D 645 62.28 0.64 -6.82
C ALA D 645 61.33 -0.39 -6.23
N SER D 646 61.81 -1.62 -6.03
CA SER D 646 60.97 -2.65 -5.44
C SER D 646 60.60 -2.30 -4.00
N TYR D 647 61.55 -1.77 -3.24
CA TYR D 647 61.26 -1.37 -1.86
C TYR D 647 60.22 -0.27 -1.82
N THR D 648 60.36 0.74 -2.67
CA THR D 648 59.39 1.84 -2.70
C THR D 648 58.01 1.34 -3.12
N ALA D 649 57.96 0.47 -4.13
CA ALA D 649 56.68 -0.06 -4.59
C ALA D 649 56.02 -0.90 -3.50
N ASN D 650 56.80 -1.74 -2.83
CA ASN D 650 56.23 -2.57 -1.76
C ASN D 650 55.71 -1.71 -0.61
N LEU D 651 56.47 -0.67 -0.23
CA LEU D 651 56.01 0.20 0.84
C LEU D 651 54.72 0.92 0.44
N ALA D 652 54.67 1.44 -0.78
CA ALA D 652 53.48 2.14 -1.25
C ALA D 652 52.27 1.22 -1.30
N ALA D 653 52.46 -0.02 -1.76
CA ALA D 653 51.36 -0.97 -1.83
C ALA D 653 50.88 -1.34 -0.43
N PHE D 654 51.81 -1.65 0.47
CA PHE D 654 51.44 -2.09 1.81
C PHE D 654 50.82 -0.97 2.65
N LEU D 655 51.16 0.29 2.36
CA LEU D 655 50.58 1.38 3.12
C LEU D 655 49.08 1.53 2.89
N VAL D 656 48.57 0.99 1.78
CA VAL D 656 47.15 1.18 1.44
C VAL D 656 46.42 -0.15 1.48
N LEU D 657 47.12 -1.25 1.21
CA LEU D 657 46.44 -2.55 1.19
C LEU D 657 46.16 -3.08 2.59
N ASP D 658 47.04 -2.77 3.55
CA ASP D 658 46.88 -3.25 4.93
C ASP D 658 47.08 -2.09 5.89
N ARG D 659 46.46 -2.21 7.06
CA ARG D 659 46.54 -1.20 8.12
C ARG D 659 46.11 0.18 7.60
N PRO D 660 44.87 0.31 7.09
CA PRO D 660 44.36 1.57 6.57
C PRO D 660 43.80 2.47 7.67
N ARG D 663 36.82 -2.18 6.81
CA ARG D 663 36.22 -1.47 7.93
C ARG D 663 34.82 -1.99 8.23
N ILE D 664 34.05 -1.21 8.99
CA ILE D 664 32.69 -1.56 9.38
C ILE D 664 31.76 -0.48 8.83
N THR D 665 30.74 -0.90 8.07
CA THR D 665 29.78 0.00 7.47
C THR D 665 28.47 0.05 8.25
N GLY D 666 27.85 -1.11 8.50
CA GLY D 666 26.61 -1.15 9.24
C GLY D 666 25.64 -2.20 8.73
N ILE D 667 24.35 -1.84 8.66
CA ILE D 667 23.34 -2.78 8.20
C ILE D 667 23.56 -3.15 6.74
N ASN D 668 24.03 -2.20 5.93
CA ASN D 668 24.26 -2.47 4.52
C ASN D 668 25.32 -3.54 4.29
N ASP D 669 26.15 -3.83 5.28
CA ASP D 669 27.15 -4.87 5.16
C ASP D 669 26.46 -6.23 5.11
N PRO D 670 26.66 -7.04 4.06
CA PRO D 670 25.96 -8.33 4.00
C PRO D 670 26.36 -9.31 5.08
N ARG D 671 27.51 -9.13 5.74
CA ARG D 671 27.93 -10.08 6.76
C ARG D 671 27.01 -10.03 7.98
N LEU D 672 26.34 -8.92 8.21
CA LEU D 672 25.40 -8.84 9.33
C LEU D 672 24.19 -9.73 9.10
N ARG D 673 23.69 -9.78 7.86
CA ARG D 673 22.55 -10.63 7.54
C ARG D 673 22.89 -12.11 7.65
N ASN D 674 24.17 -12.48 7.57
CA ASN D 674 24.61 -13.86 7.72
C ASN D 674 25.76 -13.89 8.72
N PRO D 675 25.45 -13.72 10.02
CA PRO D 675 26.53 -13.65 11.01
C PRO D 675 26.97 -15.01 11.50
N SER D 676 28.27 -15.27 11.43
CA SER D 676 28.85 -16.51 11.92
C SER D 676 29.27 -16.34 13.38
N ASP D 677 30.00 -17.32 13.92
CA ASP D 677 30.46 -17.26 15.29
C ASP D 677 31.70 -16.38 15.46
N LYS D 678 32.35 -15.98 14.38
CA LYS D 678 33.53 -15.11 14.49
C LYS D 678 33.14 -13.74 15.06
N PHE D 679 32.03 -13.19 14.62
CA PHE D 679 31.51 -11.91 15.12
C PHE D 679 30.27 -12.17 15.95
N ILE D 680 30.23 -11.58 17.15
CA ILE D 680 29.11 -11.75 18.07
C ILE D 680 28.42 -10.41 18.21
N TYR D 681 27.13 -10.37 17.88
CA TYR D 681 26.32 -9.17 18.05
C TYR D 681 25.41 -9.36 19.25
N ALA D 682 25.47 -8.41 20.19
CA ALA D 682 24.70 -8.53 21.43
C ALA D 682 24.30 -7.14 21.92
N THR D 683 23.26 -7.11 22.74
CA THR D 683 22.77 -5.88 23.34
C THR D 683 22.14 -6.23 24.69
N VAL D 684 21.38 -5.30 25.24
CA VAL D 684 20.68 -5.50 26.50
C VAL D 684 19.23 -5.84 26.23
N LYS D 685 18.72 -6.86 26.91
CA LYS D 685 17.35 -7.31 26.69
C LYS D 685 16.35 -6.28 27.21
N GLN D 686 15.13 -6.34 26.65
CA GLN D 686 14.04 -5.44 27.00
C GLN D 686 14.43 -3.98 26.79
N SER D 687 14.74 -3.65 25.53
CA SER D 687 15.14 -2.31 25.14
C SER D 687 14.52 -1.99 23.79
N SER D 688 14.77 -0.77 23.31
CA SER D 688 14.23 -0.35 22.03
C SER D 688 14.88 -1.09 20.87
N VAL D 689 16.10 -1.60 21.05
CA VAL D 689 16.77 -2.33 19.99
C VAL D 689 16.02 -3.61 19.65
N ASP D 690 15.53 -4.32 20.67
CA ASP D 690 14.77 -5.54 20.43
C ASP D 690 13.49 -5.24 19.67
N ILE D 691 12.79 -4.16 20.05
CA ILE D 691 11.56 -3.78 19.36
C ILE D 691 11.83 -3.42 17.92
N TYR D 692 12.91 -2.66 17.68
CA TYR D 692 13.27 -2.28 16.32
C TYR D 692 13.61 -3.50 15.48
N PHE D 693 14.36 -4.45 16.04
CA PHE D 693 14.71 -5.66 15.31
C PHE D 693 13.47 -6.49 15.00
N ARG D 694 12.55 -6.60 15.97
CA ARG D 694 11.33 -7.36 15.75
C ARG D 694 10.45 -6.72 14.67
N ARG D 695 10.35 -5.39 14.68
CA ARG D 695 9.48 -4.71 13.72
C ARG D 695 10.09 -4.70 12.32
N GLN D 696 11.41 -4.52 12.23
CA GLN D 696 12.06 -4.43 10.93
C GLN D 696 12.03 -5.76 10.20
N VAL D 697 11.85 -5.71 8.89
CA VAL D 697 11.80 -6.89 8.06
C VAL D 697 13.19 -7.18 7.50
N CYS D 698 13.37 -8.41 7.02
CA CYS D 698 14.63 -8.85 6.40
C CYS D 698 15.79 -8.83 7.39
N LEU D 699 15.49 -8.97 8.69
CA LEU D 699 16.52 -9.01 9.71
C LEU D 699 16.26 -10.09 10.76
N SER D 700 15.50 -11.15 10.40
CA SER D 700 15.21 -12.21 11.35
C SER D 700 16.44 -13.01 11.74
N THR D 701 17.49 -12.98 10.92
CA THR D 701 18.71 -13.74 11.22
C THR D 701 19.44 -13.18 12.44
N MET D 702 19.18 -11.92 12.82
CA MET D 702 19.84 -11.35 13.99
C MET D 702 19.43 -12.07 15.26
N TYR D 703 18.15 -12.44 15.38
CA TYR D 703 17.66 -13.13 16.58
C TYR D 703 18.26 -14.52 16.75
N ARG D 704 18.88 -15.08 15.70
CA ARG D 704 19.55 -16.36 15.85
C ARG D 704 20.75 -16.27 16.79
N HIS D 705 21.32 -15.08 16.96
CA HIS D 705 22.42 -14.86 17.88
C HIS D 705 22.09 -13.91 19.02
N MET D 706 21.13 -13.00 18.83
CA MET D 706 20.76 -12.08 19.91
C MET D 706 20.14 -12.82 21.08
N GLU D 707 19.28 -13.81 20.81
CA GLU D 707 18.58 -14.53 21.87
C GLU D 707 19.49 -15.47 22.67
N LYS D 708 20.81 -15.50 22.41
CA LYS D 708 21.71 -16.37 23.15
C LYS D 708 22.99 -15.70 23.62
N HIS D 709 23.22 -14.43 23.30
CA HIS D 709 24.43 -13.73 23.72
C HIS D 709 24.14 -12.36 24.32
N ASN D 710 22.87 -11.97 24.44
CA ASN D 710 22.55 -10.65 24.98
C ASN D 710 22.86 -10.61 26.48
N TYR D 711 23.20 -9.41 26.95
CA TYR D 711 23.51 -9.16 28.35
C TYR D 711 22.34 -8.41 28.99
N GLU D 712 22.52 -8.03 30.25
CA GLU D 712 21.48 -7.36 31.02
C GLU D 712 21.82 -5.94 31.42
N SER D 713 23.08 -5.52 31.33
CA SER D 713 23.48 -4.19 31.74
C SER D 713 24.51 -3.62 30.77
N ALA D 714 24.37 -2.34 30.46
CA ALA D 714 25.35 -1.68 29.61
C ALA D 714 26.72 -1.63 30.28
N ALA D 715 26.75 -1.53 31.61
CA ALA D 715 28.01 -1.49 32.33
C ALA D 715 28.82 -2.76 32.11
N GLU D 716 28.18 -3.92 32.23
CA GLU D 716 28.88 -5.18 31.99
C GLU D 716 29.07 -5.43 30.49
N ALA D 717 28.18 -4.88 29.65
CA ALA D 717 28.38 -5.00 28.21
C ALA D 717 29.65 -4.28 27.76
N ILE D 718 29.94 -3.13 28.36
CA ILE D 718 31.17 -2.41 28.04
C ILE D 718 32.39 -3.24 28.43
N GLN D 719 32.36 -3.86 29.61
CA GLN D 719 33.46 -4.72 30.01
C GLN D 719 33.63 -5.89 29.05
N ALA D 720 32.52 -6.53 28.66
CA ALA D 720 32.59 -7.66 27.76
C ALA D 720 33.15 -7.27 26.40
N VAL D 721 32.72 -6.12 25.87
CA VAL D 721 33.24 -5.67 24.58
C VAL D 721 34.68 -5.17 24.70
N ARG D 722 35.13 -4.83 25.91
CA ARG D 722 36.52 -4.45 26.09
C ARG D 722 37.46 -5.63 26.27
N ASP D 723 36.95 -6.77 26.78
CA ASP D 723 37.77 -7.97 26.93
C ASP D 723 37.61 -8.92 25.75
N ASN D 724 37.30 -8.40 24.57
CA ASN D 724 37.22 -9.13 23.31
C ASN D 724 36.13 -10.19 23.30
N LYS D 725 35.18 -10.15 24.24
CA LYS D 725 34.08 -11.11 24.21
C LYS D 725 33.08 -10.75 23.12
N LEU D 726 32.80 -9.47 22.93
CA LEU D 726 31.86 -8.99 21.94
C LEU D 726 32.61 -8.25 20.84
N HIS D 727 32.35 -8.61 19.59
CA HIS D 727 32.96 -7.95 18.45
C HIS D 727 32.17 -6.74 17.96
N ALA D 728 30.96 -6.53 18.49
CA ALA D 728 30.14 -5.39 18.10
C ALA D 728 29.13 -5.12 19.20
N PHE D 729 28.58 -3.91 19.17
CA PHE D 729 27.60 -3.49 20.16
C PHE D 729 26.72 -2.42 19.55
N ILE D 730 25.41 -2.53 19.76
CA ILE D 730 24.42 -1.62 19.19
C ILE D 730 23.71 -0.92 20.33
N TRP D 731 23.74 0.41 20.33
CA TRP D 731 23.08 1.21 21.35
C TRP D 731 22.93 2.63 20.82
N ASP D 732 22.49 3.54 21.67
CA ASP D 732 22.28 4.93 21.27
C ASP D 732 23.61 5.58 20.87
N SER D 733 23.53 6.49 19.90
CA SER D 733 24.74 7.16 19.42
C SER D 733 25.38 8.02 20.50
N ALA D 734 24.55 8.72 21.28
CA ALA D 734 25.08 9.61 22.31
C ALA D 734 25.85 8.83 23.38
N VAL D 735 25.33 7.67 23.79
CA VAL D 735 26.00 6.87 24.80
C VAL D 735 27.35 6.39 24.30
N LEU D 736 27.40 5.92 23.05
CA LEU D 736 28.66 5.45 22.49
C LEU D 736 29.66 6.60 22.32
N GLU D 737 29.18 7.76 21.91
CA GLU D 737 30.07 8.92 21.79
C GLU D 737 30.64 9.33 23.14
N PHE D 738 29.80 9.33 24.19
CA PHE D 738 30.29 9.65 25.53
C PHE D 738 31.30 8.62 26.02
N GLU D 739 31.04 7.34 25.76
CA GLU D 739 31.97 6.30 26.17
C GLU D 739 33.30 6.44 25.43
N ALA D 740 33.26 6.74 24.13
CA ALA D 740 34.49 6.95 23.39
C ALA D 740 35.25 8.17 23.86
N SER D 741 34.54 9.24 24.23
CA SER D 741 35.21 10.44 24.74
C SER D 741 35.86 10.16 26.08
N GLN D 742 35.18 9.42 26.96
CA GLN D 742 35.72 9.17 28.30
C GLN D 742 36.85 8.14 28.25
N LYS D 743 36.54 6.93 27.81
CA LYS D 743 37.53 5.86 27.72
C LYS D 743 38.15 5.84 26.33
N CYS D 744 39.46 5.63 26.29
CA CYS D 744 40.25 5.76 25.07
C CYS D 744 40.60 4.38 24.47
N ASP D 745 39.67 3.43 24.55
CA ASP D 745 39.89 2.11 23.97
C ASP D 745 38.67 1.64 23.18
N LEU D 746 37.98 2.58 22.52
CA LEU D 746 36.81 2.23 21.72
C LEU D 746 36.55 3.37 20.73
N VAL D 747 36.12 3.00 19.53
CA VAL D 747 35.84 3.96 18.47
C VAL D 747 34.50 3.60 17.82
N THR D 748 33.70 4.62 17.54
CA THR D 748 32.43 4.40 16.84
C THR D 748 32.66 4.27 15.34
N THR D 749 31.65 3.73 14.66
CA THR D 749 31.75 3.50 13.22
C THR D 749 30.33 3.46 12.65
N GLY D 750 30.24 3.57 11.33
CA GLY D 750 28.97 3.52 10.64
C GLY D 750 28.22 4.83 10.71
N GLU D 751 26.95 4.76 10.32
CA GLU D 751 26.07 5.92 10.30
C GLU D 751 24.85 5.66 11.17
N LEU D 752 24.23 6.75 11.62
CA LEU D 752 23.08 6.66 12.52
C LEU D 752 21.90 6.00 11.83
N PHE D 753 21.26 5.06 12.53
CA PHE D 753 20.08 4.36 12.04
C PHE D 753 18.98 4.42 13.09
N PHE D 754 17.74 4.45 12.62
CA PHE D 754 16.56 4.55 13.47
C PHE D 754 16.67 5.73 14.42
N ARG D 755 16.93 6.90 13.83
CA ARG D 755 17.17 8.12 14.61
C ARG D 755 15.88 8.57 15.28
N SER D 756 15.79 8.34 16.58
CA SER D 756 14.63 8.76 17.38
C SER D 756 15.13 9.45 18.64
N GLY D 757 14.49 10.56 18.99
CA GLY D 757 14.89 11.32 20.16
C GLY D 757 14.37 10.72 21.45
N PHE D 758 14.82 11.29 22.56
CA PHE D 758 14.39 10.87 23.89
C PHE D 758 13.04 11.52 24.22
N GLY D 759 12.63 11.41 25.47
CA GLY D 759 11.37 12.02 25.89
C GLY D 759 11.15 11.79 27.37
N ILE D 760 10.09 12.42 27.86
CA ILE D 760 9.70 12.31 29.27
C ILE D 760 8.44 11.47 29.34
N GLY D 761 8.52 10.35 30.07
CA GLY D 761 7.36 9.49 30.23
C GLY D 761 6.36 10.08 31.21
N MET D 762 5.09 10.04 30.84
CA MET D 762 4.00 10.57 31.65
C MET D 762 2.83 9.61 31.56
N ARG D 763 1.66 10.08 32.03
CA ARG D 763 0.44 9.29 31.99
C ARG D 763 -0.66 10.13 31.37
N LYS D 764 -1.65 9.44 30.80
CA LYS D 764 -2.72 10.13 30.07
C LYS D 764 -3.55 11.05 30.96
N ASP D 765 -3.68 10.74 32.24
CA ASP D 765 -4.45 11.56 33.16
C ASP D 765 -3.61 12.58 33.90
N SER D 766 -2.31 12.64 33.63
CA SER D 766 -1.45 13.59 34.32
C SER D 766 -1.70 15.01 33.79
N PRO D 767 -2.04 15.96 34.66
CA PRO D 767 -2.28 17.33 34.21
C PRO D 767 -1.03 18.19 34.05
N TRP D 768 0.16 17.58 34.07
CA TRP D 768 1.42 18.32 33.98
C TRP D 768 2.01 18.28 32.57
N LYS D 769 1.16 18.32 31.54
CA LYS D 769 1.65 18.26 30.17
C LYS D 769 2.19 19.61 29.71
N GLN D 770 1.34 20.64 29.74
CA GLN D 770 1.75 21.96 29.28
C GLN D 770 2.85 22.55 30.15
N ASN D 771 2.75 22.38 31.47
CA ASN D 771 3.75 22.93 32.38
C ASN D 771 5.12 22.31 32.19
N VAL D 772 5.19 21.10 31.65
CA VAL D 772 6.48 20.48 31.34
C VAL D 772 6.94 20.84 29.94
N SER D 773 6.02 20.88 28.98
CA SER D 773 6.38 21.24 27.61
C SER D 773 6.92 22.66 27.54
N LEU D 774 6.30 23.60 28.26
CA LEU D 774 6.79 24.96 28.28
C LEU D 774 8.17 25.06 28.92
N SER D 775 8.41 24.29 29.98
CA SER D 775 9.73 24.26 30.60
C SER D 775 10.78 23.72 29.63
N ILE D 776 10.44 22.66 28.89
CA ILE D 776 11.37 22.11 27.91
CA ILE D 776 11.37 22.11 27.91
C ILE D 776 11.67 23.13 26.83
N LEU D 777 10.65 23.83 26.34
CA LEU D 777 10.86 24.86 25.32
C LEU D 777 11.74 25.99 25.87
N LYS D 778 11.51 26.39 27.12
CA LYS D 778 12.35 27.41 27.74
C LYS D 778 13.81 26.95 27.82
N SER D 779 14.03 25.71 28.23
CA SER D 779 15.39 25.19 28.32
C SER D 779 16.05 25.14 26.95
N HIS D 780 15.28 24.78 25.92
CA HIS D 780 15.84 24.68 24.57
C HIS D 780 16.18 26.06 24.01
N GLU D 781 15.27 27.01 24.13
CA GLU D 781 15.44 28.30 23.47
C GLU D 781 16.19 29.34 24.30
N ASN D 782 16.45 29.06 25.58
CA ASN D 782 17.17 29.99 26.44
C ASN D 782 18.63 29.60 26.66
N GLY D 783 19.12 28.59 25.93
CA GLY D 783 20.50 28.18 26.03
C GLY D 783 20.81 27.24 27.17
N PHE D 784 19.81 26.85 27.96
CA PHE D 784 20.06 25.90 29.05
C PHE D 784 20.54 24.55 28.51
N MET D 785 19.91 24.07 27.43
CA MET D 785 20.36 22.83 26.81
C MET D 785 21.77 22.97 26.25
N GLU D 786 22.07 24.13 25.66
CA GLU D 786 23.42 24.37 25.14
C GLU D 786 24.44 24.37 26.27
N ASP D 787 24.11 25.00 27.40
CA ASP D 787 25.02 24.99 28.54
C ASP D 787 25.22 23.59 29.08
N LEU D 788 24.15 22.81 29.17
CA LEU D 788 24.27 21.43 29.65
C LEU D 788 25.14 20.61 28.71
N ASP D 789 24.98 20.79 27.40
CA ASP D 789 25.82 20.09 26.44
C ASP D 789 27.28 20.49 26.60
N LYS D 790 27.54 21.80 26.68
CA LYS D 790 28.92 22.27 26.82
C LYS D 790 29.56 21.77 28.10
N THR D 791 28.76 21.59 29.16
CA THR D 791 29.28 21.05 30.41
C THR D 791 29.27 19.53 30.46
N TRP D 792 28.71 18.86 29.44
CA TRP D 792 28.66 17.40 29.45
C TRP D 792 29.05 16.77 28.11
N VAL D 793 29.56 17.54 27.15
CA VAL D 793 30.04 17.00 25.89
C VAL D 793 31.39 17.62 25.56
N ARG D 794 32.13 16.95 24.67
CA ARG D 794 33.44 17.40 24.20
C ARG D 794 34.41 17.59 25.37
N TYR D 795 34.57 16.52 26.17
CA TYR D 795 35.51 16.58 27.28
C TYR D 795 36.94 16.76 26.79
N GLN D 796 37.32 16.06 25.72
CA GLN D 796 38.65 16.20 25.15
C GLN D 796 38.58 16.69 23.72
N THR D 809 59.29 5.61 17.45
CA THR D 809 57.86 5.80 17.66
C THR D 809 57.06 4.72 16.96
N PHE D 810 57.19 4.65 15.63
CA PHE D 810 56.48 3.65 14.86
C PHE D 810 57.12 2.28 15.06
N GLU D 811 56.44 1.25 14.54
CA GLU D 811 56.93 -0.12 14.67
C GLU D 811 58.27 -0.28 13.96
N ASN D 812 58.38 0.25 12.74
CA ASN D 812 59.65 0.19 12.02
C ASN D 812 60.73 0.99 12.73
N MET D 813 60.38 2.17 13.23
CA MET D 813 61.35 2.98 13.97
C MET D 813 61.82 2.28 15.24
N ALA D 814 60.87 1.67 15.97
CA ALA D 814 61.23 0.93 17.18
C ALA D 814 62.13 -0.27 16.84
N GLY D 815 61.82 -0.98 15.75
CA GLY D 815 62.65 -2.09 15.34
C GLY D 815 64.06 -1.66 14.98
N VAL D 816 64.19 -0.56 14.25
CA VAL D 816 65.50 -0.04 13.90
C VAL D 816 66.26 0.38 15.15
N PHE D 817 65.58 1.05 16.07
CA PHE D 817 66.23 1.48 17.32
C PHE D 817 66.71 0.29 18.14
N MET D 818 65.91 -0.77 18.23
CA MET D 818 66.34 -1.97 18.92
C MET D 818 67.46 -2.71 18.21
N LEU D 819 67.47 -2.70 16.88
CA LEU D 819 68.46 -3.44 16.11
C LEU D 819 69.83 -2.75 16.08
N VAL D 820 69.86 -1.41 16.04
CA VAL D 820 71.14 -0.73 15.90
C VAL D 820 72.00 -0.92 17.15
N ALA D 821 71.38 -0.92 18.33
CA ALA D 821 72.13 -1.10 19.56
C ALA D 821 72.77 -2.49 19.60
N GLY D 822 72.00 -3.53 19.28
CA GLY D 822 72.57 -4.86 19.21
C GLY D 822 73.65 -4.98 18.16
N GLY D 823 73.45 -4.31 17.02
CA GLY D 823 74.45 -4.36 15.97
C GLY D 823 75.77 -3.74 16.39
N ILE D 824 75.72 -2.57 17.02
CA ILE D 824 76.96 -1.92 17.45
C ILE D 824 77.61 -2.70 18.59
N VAL D 825 76.79 -3.27 19.49
CA VAL D 825 77.34 -4.07 20.58
C VAL D 825 78.08 -5.29 20.03
N ALA D 826 77.48 -5.98 19.06
CA ALA D 826 78.16 -7.11 18.44
C ALA D 826 79.39 -6.66 17.67
N GLY D 827 79.31 -5.52 16.98
CA GLY D 827 80.43 -5.04 16.20
C GLY D 827 81.63 -4.66 17.03
N ILE D 828 81.41 -4.14 18.24
CA ILE D 828 82.53 -3.80 19.11
C ILE D 828 83.34 -5.06 19.44
N PHE D 829 82.66 -6.13 19.85
CA PHE D 829 83.34 -7.38 20.15
C PHE D 829 83.98 -7.98 18.90
N LEU D 830 83.29 -7.85 17.76
CA LEU D 830 83.85 -8.35 16.50
C LEU D 830 85.16 -7.65 16.15
N ILE D 831 85.20 -6.32 16.32
CA ILE D 831 86.43 -5.58 16.07
C ILE D 831 87.51 -5.98 17.07
N PHE D 832 87.14 -6.12 18.34
CA PHE D 832 88.12 -6.48 19.36
C PHE D 832 88.75 -7.84 19.09
N ILE D 833 87.96 -8.82 18.64
CA ILE D 833 88.51 -10.13 18.35
C ILE D 833 89.23 -10.14 16.99
N GLU D 834 88.77 -9.35 16.03
CA GLU D 834 89.41 -9.32 14.71
C GLU D 834 90.78 -8.67 14.75
N ILE D 835 90.96 -7.66 15.62
CA ILE D 835 92.28 -7.06 15.78
C ILE D 835 93.27 -8.11 16.27
N ALA D 836 92.88 -8.89 17.28
CA ALA D 836 93.75 -9.93 17.80
C ALA D 836 94.00 -11.01 16.76
N TYR D 837 92.97 -11.39 16.00
CA TYR D 837 93.17 -12.40 14.95
C TYR D 837 94.14 -11.91 13.88
N LYS D 838 94.00 -10.65 13.46
CA LYS D 838 94.92 -10.10 12.46
C LYS D 838 96.34 -10.02 12.99
N ARG D 839 96.50 -9.62 14.26
CA ARG D 839 97.83 -9.56 14.85
C ARG D 839 98.46 -10.95 14.92
N HIS D 840 97.68 -11.96 15.31
CA HIS D 840 98.20 -13.33 15.36
C HIS D 840 98.58 -13.84 13.97
N LYS D 841 97.74 -13.54 12.96
CA LYS D 841 98.04 -13.97 11.61
C LYS D 841 99.31 -13.29 11.08
N ASP D 842 99.47 -12.00 11.38
CA ASP D 842 100.68 -11.29 10.94
C ASP D 842 101.91 -11.82 11.66
N ALA D 843 101.78 -12.17 12.94
CA ALA D 843 102.91 -12.72 13.68
C ALA D 843 103.37 -14.05 13.10
N ARG D 844 102.42 -14.91 12.72
CA ARG D 844 102.76 -16.20 12.14
C ARG D 844 103.33 -16.05 10.74
C1 NAG E . 15.59 -39.90 -8.53
C2 NAG E . 15.69 -40.20 -7.05
C3 NAG E . 15.91 -41.69 -6.83
C4 NAG E . 14.82 -42.50 -7.54
C5 NAG E . 14.75 -42.10 -9.01
C6 NAG E . 13.61 -42.76 -9.75
C7 NAG E . 16.57 -38.29 -5.77
C8 NAG E . 17.79 -37.65 -5.20
N2 NAG E . 16.77 -39.44 -6.43
O3 NAG E . 15.89 -41.98 -5.43
O4 NAG E . 15.10 -43.89 -7.45
O5 NAG E . 14.54 -40.67 -9.12
O6 NAG E . 13.84 -44.14 -9.93
O7 NAG E . 15.45 -37.81 -5.64
C4 6RM F . 15.19 -11.54 -19.38
C14 6RM F . 12.43 -8.76 -17.36
C5 6RM F . 15.89 -12.33 -18.53
C6 6RM F . 14.94 -11.36 -16.71
C11 6RM F . 13.78 -16.62 -20.86
C7 6RM F . 16.95 -13.27 -18.97
C8 6RM F . 15.69 -14.74 -20.42
C9 6RM F . 15.60 -15.36 -21.65
C10 6RM F . 14.63 -16.30 -21.87
C12 6RM F . 13.84 -16.02 -19.63
C13 6RM F . 14.81 -15.05 -19.41
N1 6RM F . 15.76 -12.25 -17.17
C3 6RM F . 14.28 -10.57 -18.88
F 6RM F . 12.83 -17.55 -21.06
O1 6RM F . 16.71 -13.86 -20.23
O 6RM F . 13.65 -9.82 -19.55
S 6RM F . 14.70 -11.08 -15.02
C1 6RM F . 13.58 -9.83 -15.38
C 6RM F . 12.97 -9.06 -14.25
N 6RM F . 14.18 -10.51 -17.47
C2 6RM F . 13.41 -9.68 -16.69
C16 6RM F . 11.18 -9.42 -17.86
C15 6RM F . 11.12 -8.48 -16.73
C17 6RM F . 10.58 -9.06 -19.20
O2 6RM F . 10.62 -10.15 -20.10
H1 6RM F . 15.34 -11.65 -20.44
H4 6RM F . 17.05 -14.07 -18.23
H5 6RM F . 17.90 -12.74 -19.03
H6 6RM F . 16.29 -15.08 -22.44
H7 6RM F . 14.56 -16.81 -22.83
H8 6RM F . 13.14 -16.28 -18.84
H9 6RM F . 14.88 -14.57 -18.45
H10 6RM F . 11.96 -9.42 -14.07
H11 6RM F . 13.57 -9.20 -13.36
H12 6RM F . 12.93 -8.00 -14.51
H14 6RM F . 10.53 -7.95 -15.98
H16 6RM F . 9.55 -8.76 -19.06
H17 6RM F . 11.13 -8.22 -19.63
H18 6RM F . 9.82 -10.16 -20.62
C1 NAG G . -68.56 -0.83 -34.65
C2 NAG G . -70.09 -0.89 -34.62
C3 NAG G . -70.67 -0.19 -35.85
C4 NAG G . -70.12 1.23 -35.96
C5 NAG G . -68.60 1.21 -35.93
C6 NAG G . -67.99 2.59 -35.91
C7 NAG G . -71.64 -2.65 -33.88
C8 NAG G . -71.97 -4.11 -33.93
N2 NAG G . -70.55 -2.27 -34.57
O3 NAG G . -72.10 -0.15 -35.75
O4 NAG G . -70.57 1.84 -37.17
O5 NAG G . -68.14 0.55 -34.75
O6 NAG G . -68.19 3.23 -34.65
O7 NAG G . -72.33 -1.85 -33.26
C1 NAG H . -51.04 -20.43 -43.48
C2 NAG H . -50.01 -20.93 -44.50
C3 NAG H . -49.39 -22.25 -44.03
C4 NAG H . -48.84 -22.10 -42.61
C5 NAG H . -49.92 -21.55 -41.68
C6 NAG H . -49.41 -21.28 -40.28
C7 NAG H . -50.16 -20.47 -46.91
C8 NAG H . -50.89 -20.75 -48.17
N2 NAG H . -50.60 -21.10 -45.81
O3 NAG H . -48.36 -22.64 -44.92
O4 NAG H . -48.40 -23.37 -42.13
O5 NAG H . -50.43 -20.31 -42.18
O6 NAG H . -50.43 -21.46 -39.31
O7 NAG H . -49.19 -19.71 -46.86
C1 NAG I . -9.53 -14.44 -60.94
C2 NAG I . -8.36 -15.40 -61.15
C3 NAG I . -7.90 -15.34 -62.61
C4 NAG I . -9.07 -15.60 -63.54
C5 NAG I . -10.21 -14.64 -63.24
C6 NAG I . -11.45 -14.92 -64.06
C7 NAG I . -6.81 -15.92 -59.32
C8 NAG I . -5.67 -15.43 -58.48
N2 NAG I . -7.26 -15.07 -60.25
O3 NAG I . -6.88 -16.32 -62.81
O4 NAG I . -8.66 -15.42 -64.89
O5 NAG I . -10.59 -14.76 -61.86
O6 NAG I . -12.48 -13.98 -63.78
O7 NAG I . -7.31 -17.03 -59.15
C1 NAG J . -13.39 0.96 -60.05
C2 NAG J . -13.24 0.67 -61.55
C3 NAG J . -11.86 0.09 -61.84
C4 NAG J . -10.77 0.99 -61.28
C5 NAG J . -11.02 1.26 -59.79
C6 NAG J . -10.05 2.26 -59.20
C7 NAG J . -15.39 0.21 -62.63
C8 NAG J . -16.37 -0.86 -63.05
N2 NAG J . -14.28 -0.22 -62.02
O3 NAG J . -11.69 -0.05 -63.24
O4 NAG J . -9.50 0.37 -61.42
O5 NAG J . -12.34 1.82 -59.62
O6 NAG J . -10.69 3.14 -58.29
O7 NAG J . -15.61 1.40 -62.82
C1 NAG K . 3.48 -24.49 -35.93
C2 NAG K . 2.84 -25.38 -34.86
C3 NAG K . 1.37 -25.62 -35.16
C4 NAG K . 0.71 -24.32 -35.58
C5 NAG K . 1.27 -23.89 -36.93
C6 NAG K . 1.34 -22.39 -37.11
C7 NAG K . 3.70 -27.31 -33.60
C8 NAG K . 4.44 -28.61 -33.66
N2 NAG K . 3.54 -26.65 -34.75
O3 NAG K . 0.72 -26.14 -34.01
O4 NAG K . -0.70 -24.48 -35.69
O5 NAG K . 2.60 -24.41 -37.12
O6 NAG K . 1.55 -21.73 -35.87
O7 NAG K . 3.24 -26.88 -32.53
C1 NAG L . 6.90 -25.61 -46.66
C2 NAG L . 6.19 -26.69 -45.83
C3 NAG L . 6.51 -28.08 -46.38
C4 NAG L . 6.18 -28.13 -47.88
C5 NAG L . 6.89 -27.00 -48.62
C6 NAG L . 6.52 -26.93 -50.08
C7 NAG L . 5.72 -26.88 -43.43
C8 NAG L . 6.27 -26.73 -42.05
N2 NAG L . 6.56 -26.60 -44.43
O3 NAG L . 5.75 -29.06 -45.69
O4 NAG L . 6.62 -29.38 -48.41
O5 NAG L . 6.53 -25.74 -48.04
O6 NAG L . 5.51 -25.96 -50.31
O7 NAG L . 4.56 -27.22 -43.64
C1 NAG M . 5.89 42.64 7.45
C2 NAG M . 5.77 42.94 5.97
C3 NAG M . 5.57 44.44 5.75
C4 NAG M . 4.40 44.95 6.59
C5 NAG M . 4.58 44.56 8.05
C6 NAG M . 3.39 44.92 8.91
C7 NAG M . 6.95 41.31 4.58
C8 NAG M . 8.23 40.97 3.87
N2 NAG M . 6.93 42.47 5.23
O3 NAG M . 5.33 44.69 4.37
O4 NAG M . 4.30 46.36 6.49
O5 NAG M . 4.75 43.13 8.16
O6 NAG M . 3.30 46.33 9.10
O7 NAG M . 5.99 40.56 4.56
C4 6RM N . 13.78 15.23 17.81
C14 6RM N . 11.62 11.82 16.06
C5 6RM N . 14.16 16.16 16.90
C6 6RM N . 13.31 14.96 15.17
C11 6RM N . 11.31 19.81 19.49
C7 6RM N . 15.00 17.34 17.24
C8 6RM N . 13.57 18.47 18.84
C9 6RM N . 13.46 19.06 20.08
C10 6RM N . 12.31 19.74 20.42
C12 6RM N . 11.39 19.23 18.26
C13 6RM N . 12.53 18.54 17.94
N1 6RM N . 13.92 16.03 15.56
C3 6RM N . 13.10 14.05 17.40
F 6RM N . 10.17 20.47 19.82
O1 6RM N . 14.75 17.87 18.52
O 6RM N . 12.75 13.18 18.13
S 6RM N . 12.97 14.61 13.52
C1 6RM N . 12.23 13.11 13.98
C 6RM N . 11.72 12.21 12.91
N 6RM N . 12.86 13.96 16.01
C2 6RM N . 12.25 12.96 15.31
C16 6RM N . 10.29 12.16 16.70
C15 6RM N . 10.35 11.20 15.56
C17 6RM N . 9.95 11.68 18.08
O2 6RM N . 9.81 12.75 19.00
H1 6RM N . 14.00 15.39 18.86
H4 6RM N . 16.05 17.07 17.19
H5 6RM N . 14.81 18.13 16.51
H6 6RM N . 14.28 18.98 20.79
H7 6RM N . 12.21 20.22 21.39
H8 6RM N . 10.56 19.31 17.56
H9 6RM N . 12.62 18.07 16.97
H10 6RM N . 12.17 12.47 11.96
H11 6RM N . 11.99 11.18 13.16
H12 6RM N . 10.64 12.30 12.84
H14 6RM N . 9.84 10.55 14.88
H16 6RM N . 9.01 11.12 18.05
H17 6RM N . 10.74 11.01 18.44
H18 6RM N . 9.09 12.57 19.58
C1 NAG O . -62.53 -16.03 41.61
C2 NAG O . -64.02 -16.35 41.76
C3 NAG O . -64.27 -17.16 43.02
C4 NAG O . -63.37 -18.39 43.04
C5 NAG O . -61.92 -17.99 42.86
C6 NAG O . -60.99 -19.18 42.75
C7 NAG O . -66.03 -15.04 41.22
C8 NAG O . -66.71 -13.71 41.32
N2 NAG O . -64.82 -15.13 41.77
O3 NAG O . -65.64 -17.54 43.08
O4 NAG O . -63.52 -19.08 44.28
O5 NAG O . -61.77 -17.24 41.63
O6 NAG O . -61.13 -19.84 41.49
O7 NAG O . -66.55 -16.00 40.65
C1 NAG P . -49.66 7.42 48.94
C2 NAG P . -48.68 8.18 49.85
C3 NAG P . -48.47 9.59 49.35
C4 NAG P . -48.06 9.58 47.87
C5 NAG P . -49.06 8.78 47.05
C6 NAG P . -48.64 8.64 45.61
C7 NAG P . -48.46 7.67 52.25
C8 NAG P . -49.10 7.77 53.60
N2 NAG P . -49.15 8.19 51.22
O3 NAG P . -47.47 10.24 50.13
O4 NAG P . -47.99 10.91 47.38
O5 NAG P . -49.18 7.45 47.58
O6 NAG P . -49.78 8.55 44.74
O7 NAG P . -47.37 7.14 52.08
C1 NAG Q . -6.36 12.20 61.81
C2 NAG Q . -5.44 13.43 61.92
C3 NAG Q . -4.83 13.50 63.32
C4 NAG Q . -5.92 13.45 64.39
C5 NAG Q . -6.81 12.24 64.17
C6 NAG Q . -7.99 12.20 65.12
C7 NAG Q . -4.30 14.30 59.94
C8 NAG Q . -3.16 14.11 58.98
N2 NAG Q . -4.40 13.39 60.91
O3 NAG Q . -4.07 14.70 63.45
O4 NAG Q . -5.34 13.39 65.68
O5 NAG Q . -7.36 12.26 62.84
O6 NAG Q . -8.77 11.02 64.94
O7 NAG Q . -5.08 15.25 59.84
C1 NAG R . -6.29 -3.67 61.01
C2 NAG R . -6.05 -3.34 62.49
C3 NAG R . -4.84 -2.44 62.63
C4 NAG R . -3.63 -3.04 61.94
C5 NAG R . -3.97 -3.38 60.49
C6 NAG R . -2.85 -4.10 59.78
C7 NAG R . -8.13 -3.42 63.80
C8 NAG R . -9.29 -2.63 64.34
N2 NAG R . -7.23 -2.74 63.08
O3 NAG R . -4.57 -2.24 64.01
O4 NAG R . -2.54 -2.12 61.97
O5 NAG R . -5.11 -4.25 60.45
O6 NAG R . -3.35 -5.13 58.92
O7 NAG R . -8.02 -4.63 63.99
C1 NAG S . 0.96 25.02 35.78
C2 NAG S . 0.00 25.72 34.80
C3 NAG S . -1.44 25.58 35.26
C4 NAG S . -1.68 24.15 35.73
C5 NAG S . -0.90 23.90 37.01
C6 NAG S . -0.43 22.47 37.15
C7 NAG S . 0.20 27.78 33.49
C8 NAG S . 0.62 29.23 33.50
N2 NAG S . 0.35 27.12 34.64
O3 NAG S . -2.31 25.90 34.19
O4 NAG S . -3.07 23.95 35.98
O5 NAG S . 0.27 24.74 37.05
O6 NAG S . -0.19 21.87 35.88
O7 NAG S . -0.22 27.24 32.47
C1 NAG T . 5.13 27.04 46.12
C2 NAG T . 4.09 27.90 45.39
C3 NAG T . 4.11 29.32 45.94
C4 NAG T . 3.94 29.32 47.45
C5 NAG T . 4.99 28.41 48.09
C6 NAG T . 4.80 28.26 49.58
C7 NAG T . 3.33 27.94 43.05
C8 NAG T . 3.75 27.93 41.62
N2 NAG T . 4.32 27.90 43.96
O3 NAG T . 3.06 30.08 45.34
O4 NAG T . 4.10 30.64 47.96
O5 NAG T . 4.88 27.09 47.53
O6 NAG T . 4.08 27.07 49.91
O7 NAG T . 2.15 27.99 43.39
#